data_3ETG
#
_entry.id   3ETG
#
_cell.length_a   122.3
_cell.length_b   102.2
_cell.length_c   167.7
_cell.angle_alpha   90
_cell.angle_beta   102.5
_cell.angle_gamma   90
#
_symmetry.space_group_name_H-M   'P 1 21 1'
#
loop_
_entity.id
_entity.type
_entity.pdbx_description
1 polymer 'Glutamate dehydrogenase'
2 non-polymer 'GLUTAMIC ACID'
3 non-polymer 'NADPH DIHYDRO-NICOTINAMIDE-ADENINE-DINUCLEOTIDE PHOSPHATE'
4 non-polymer "GUANOSINE-5'-TRIPHOSPHATE"
5 non-polymer (3E)-3-[(3,5-dibromo-4-hydroxyphenyl)methylidene]-5-iodo-1,3-dihydro-2H-indol-2-one
6 water water
#
_entity_poly.entity_id   1
_entity_poly.type   'polypeptide(L)'
_entity_poly.pdbx_seq_one_letter_code
;ADREDDPNFFKMVEGFFDRGASIVEDKLVEDLKTRETEEQKRNRVRGILRIIKPCNHVLSLSFPIRRDDGSWEVIEGYRA
QHSQHRTPCKGGIRYSTDVSVDEVKALASLMTYKCAVVDVPFGGAKAGVKINPKNYTDNELEKITRRFTMELAKKGFIGP
GVDVPAPDMSTGEREMSWIADTYASTIGHYDINAHACVTGKPISQGGIHGRISATGRGVFHGIENFINEASYMSILGMTP
GFGDKTFAVQGFGNVGLHSMRYLHRFGAKCVAVGESDGSIWNPDGIDPKELEDFKLQHGTILGFPKAKIYEGSILEVDCD
ILIPAASEKQLTKSNAPRVKAKIIAEGANGPTTPEADKIFLERNIMVIPDLYLNAGGVTVSYFEWLKNLNHVSYGRLTFK
YERDSNYHLLMSVQESLERKFGKHGGTIPIVPTAEFQDRISGASEKDIVHSGLAYTMERSARQIMRTAMKYNLGLDLRTA
AYVNAIEKVFRVYNEAGVTFT
;
_entity_poly.pdbx_strand_id   A,B,C,D,E,F
#
loop_
_chem_comp.id
_chem_comp.type
_chem_comp.name
_chem_comp.formula
GTP non-polymer GUANOSINE-5'-TRIPHOSPHATE 'C10 H16 N5 O14 P3'
GWD non-polymer (3E)-3-[(3,5-dibromo-4-hydroxyphenyl)methylidene]-5-iodo-1,3-dihydro-2H-indol-2-one 'C15 H8 Br2 I N O2'
NDP non-polymer 'NADPH DIHYDRO-NICOTINAMIDE-ADENINE-DINUCLEOTIDE PHOSPHATE' 'C21 H30 N7 O17 P3'
#
# COMPACT_ATOMS: atom_id res chain seq x y z
N ALA A 1 -12.99 25.16 -36.29
CA ALA A 1 -13.58 25.02 -37.66
C ALA A 1 -13.48 26.37 -38.40
N ASP A 2 -12.70 26.36 -39.47
CA ASP A 2 -12.42 27.51 -40.35
C ASP A 2 -11.22 26.97 -41.11
N ARG A 3 -11.40 26.58 -42.37
CA ARG A 3 -10.27 26.04 -43.14
C ARG A 3 -9.40 27.27 -43.43
N GLU A 4 -8.41 27.15 -44.30
CA GLU A 4 -7.50 28.30 -44.58
C GLU A 4 -6.52 28.46 -43.40
N ASP A 5 -7.08 28.79 -42.24
CA ASP A 5 -6.32 28.97 -41.00
C ASP A 5 -6.90 28.07 -39.87
N ASP A 6 -6.76 26.75 -40.01
CA ASP A 6 -7.25 25.78 -39.00
C ASP A 6 -6.03 24.98 -38.50
N PRO A 7 -5.08 25.64 -37.84
CA PRO A 7 -3.91 24.88 -37.38
C PRO A 7 -4.09 23.87 -36.23
N ASN A 8 -3.08 23.02 -36.07
CA ASN A 8 -3.02 22.01 -35.00
C ASN A 8 -2.78 22.72 -33.67
N PHE A 9 -3.84 22.77 -32.88
CA PHE A 9 -3.79 23.42 -31.59
C PHE A 9 -2.45 23.16 -30.89
N PHE A 10 -2.05 21.89 -30.84
CA PHE A 10 -0.79 21.52 -30.20
C PHE A 10 0.42 22.17 -30.84
N LYS A 11 0.53 22.09 -32.18
CA LYS A 11 1.68 22.70 -32.87
C LYS A 11 1.59 24.21 -32.72
N MET A 12 0.37 24.72 -32.71
CA MET A 12 0.12 26.15 -32.57
C MET A 12 0.76 26.65 -31.26
N VAL A 13 0.47 25.95 -30.17
CA VAL A 13 1.02 26.29 -28.88
C VAL A 13 2.53 26.09 -28.92
N GLU A 14 2.96 24.99 -29.52
CA GLU A 14 4.39 24.69 -29.65
C GLU A 14 5.10 25.82 -30.39
N GLY A 15 4.34 26.54 -31.21
CA GLY A 15 4.91 27.65 -31.94
C GLY A 15 5.13 28.82 -31.00
N PHE A 16 4.11 29.17 -30.22
CA PHE A 16 4.23 30.26 -29.26
C PHE A 16 5.45 30.00 -28.38
N PHE A 17 5.59 28.76 -27.91
CA PHE A 17 6.73 28.36 -27.08
C PHE A 17 8.03 28.68 -27.79
N ASP A 18 8.16 28.20 -29.03
CA ASP A 18 9.35 28.45 -29.83
C ASP A 18 9.65 29.93 -30.03
N ARG A 19 8.60 30.70 -30.26
CA ARG A 19 8.73 32.12 -30.47
C ARG A 19 9.41 32.72 -29.23
N GLY A 20 8.94 32.32 -28.06
CA GLY A 20 9.52 32.81 -26.82
C GLY A 20 10.87 32.19 -26.54
N ALA A 21 11.03 30.92 -26.87
CA ALA A 21 12.28 30.23 -26.63
C ALA A 21 13.46 30.86 -27.37
N SER A 22 13.25 31.33 -28.60
CA SER A 22 14.35 31.92 -29.34
C SER A 22 14.74 33.27 -28.71
N ILE A 23 13.74 33.97 -28.17
CA ILE A 23 13.99 35.26 -27.54
C ILE A 23 14.84 35.13 -26.25
N VAL A 24 14.56 34.13 -25.42
CA VAL A 24 15.32 33.93 -24.17
C VAL A 24 16.52 33.00 -24.24
N GLU A 25 16.70 32.31 -25.37
CA GLU A 25 17.81 31.34 -25.51
C GLU A 25 19.15 31.90 -25.03
N ASP A 26 19.41 33.16 -25.32
CA ASP A 26 20.66 33.78 -24.93
C ASP A 26 20.80 33.85 -23.41
N LYS A 27 19.74 34.32 -22.75
CA LYS A 27 19.76 34.41 -21.31
C LYS A 27 19.82 33.02 -20.67
N LEU A 28 19.28 32.00 -21.34
CA LEU A 28 19.33 30.68 -20.75
C LEU A 28 20.75 30.13 -20.81
N VAL A 29 21.52 30.57 -21.79
CA VAL A 29 22.91 30.11 -21.91
C VAL A 29 23.74 30.98 -20.98
N GLU A 30 23.24 32.20 -20.79
CA GLU A 30 23.87 33.20 -19.93
C GLU A 30 24.06 32.62 -18.54
N ASP A 31 22.97 32.56 -17.78
CA ASP A 31 23.00 32.03 -16.44
C ASP A 31 22.92 30.50 -16.40
N LEU A 32 23.60 29.83 -17.33
CA LEU A 32 23.58 28.37 -17.32
C LEU A 32 24.73 27.86 -16.45
N LYS A 33 24.42 26.93 -15.56
CA LYS A 33 25.41 26.37 -14.63
C LYS A 33 26.44 25.38 -15.22
N THR A 34 26.63 25.36 -16.54
CA THR A 34 27.62 24.44 -17.10
C THR A 34 29.01 25.00 -16.80
N ARG A 35 29.94 24.08 -16.57
CA ARG A 35 31.31 24.43 -16.29
C ARG A 35 32.00 24.64 -17.64
N GLU A 36 31.76 23.69 -18.55
CA GLU A 36 32.36 23.71 -19.88
C GLU A 36 31.68 24.69 -20.84
N THR A 37 31.65 25.97 -20.46
CA THR A 37 31.04 27.01 -21.28
C THR A 37 31.63 27.11 -22.70
N GLU A 38 30.89 26.66 -23.71
CA GLU A 38 31.37 26.74 -25.10
C GLU A 38 30.31 26.46 -26.16
N GLU A 39 29.16 27.12 -26.03
CA GLU A 39 28.05 26.95 -26.96
C GLU A 39 27.51 25.51 -27.00
N GLN A 40 28.14 24.59 -26.26
CA GLN A 40 27.60 23.24 -26.18
C GLN A 40 26.55 23.49 -25.09
N LYS A 41 26.75 24.59 -24.38
CA LYS A 41 25.84 25.07 -23.35
C LYS A 41 24.58 25.43 -24.10
N ARG A 42 24.77 26.11 -25.23
CA ARG A 42 23.64 26.52 -26.06
C ARG A 42 22.87 25.26 -26.47
N ASN A 43 23.59 24.16 -26.69
CA ASN A 43 22.98 22.89 -27.10
C ASN A 43 22.29 22.19 -25.94
N ARG A 44 22.84 22.35 -24.73
CA ARG A 44 22.24 21.76 -23.55
C ARG A 44 20.92 22.47 -23.24
N VAL A 45 20.86 23.76 -23.54
CA VAL A 45 19.66 24.55 -23.33
C VAL A 45 18.59 24.04 -24.28
N ARG A 46 18.99 23.81 -25.52
CA ARG A 46 18.07 23.32 -26.55
C ARG A 46 17.60 21.93 -26.19
N GLY A 47 18.51 21.15 -25.60
CA GLY A 47 18.17 19.80 -25.20
C GLY A 47 17.07 19.83 -24.15
N ILE A 48 17.14 20.78 -23.23
CA ILE A 48 16.15 20.93 -22.17
C ILE A 48 14.83 21.41 -22.76
N LEU A 49 14.88 22.37 -23.68
CA LEU A 49 13.65 22.89 -24.29
C LEU A 49 12.92 21.80 -25.06
N ARG A 50 13.65 20.86 -25.63
CA ARG A 50 13.03 19.77 -26.37
C ARG A 50 12.37 18.77 -25.43
N ILE A 51 12.72 18.83 -24.17
CA ILE A 51 12.13 17.93 -23.18
C ILE A 51 10.81 18.52 -22.70
N ILE A 52 10.80 19.82 -22.50
CA ILE A 52 9.64 20.53 -22.01
C ILE A 52 8.46 20.56 -22.97
N LYS A 53 8.73 20.77 -24.25
CA LYS A 53 7.65 20.87 -25.23
C LYS A 53 6.64 19.74 -25.34
N PRO A 54 7.10 18.49 -25.48
CA PRO A 54 6.10 17.42 -25.59
C PRO A 54 5.52 16.98 -24.25
N CYS A 55 4.31 16.41 -24.32
CA CYS A 55 3.63 15.89 -23.15
C CYS A 55 4.33 14.61 -22.75
N ASN A 56 4.48 14.40 -21.45
CA ASN A 56 5.14 13.20 -20.96
C ASN A 56 4.21 12.00 -21.05
N HIS A 57 2.94 12.20 -20.71
CA HIS A 57 1.98 11.12 -20.75
C HIS A 57 0.63 11.48 -21.33
N VAL A 58 0.06 10.54 -22.07
CA VAL A 58 -1.27 10.76 -22.58
C VAL A 58 -2.00 9.44 -22.44
N LEU A 59 -3.10 9.47 -21.72
CA LEU A 59 -3.91 8.28 -21.54
C LEU A 59 -5.20 8.41 -22.36
N SER A 60 -5.44 7.43 -23.23
CA SER A 60 -6.63 7.41 -24.08
C SER A 60 -7.53 6.30 -23.54
N LEU A 61 -8.79 6.62 -23.31
CA LEU A 61 -9.69 5.61 -22.78
C LEU A 61 -10.91 5.39 -23.66
N SER A 62 -11.41 4.18 -23.60
CA SER A 62 -12.61 3.80 -24.32
C SER A 62 -13.33 2.91 -23.31
N PHE A 63 -14.44 3.38 -22.77
CA PHE A 63 -15.16 2.62 -21.77
C PHE A 63 -16.68 2.58 -22.01
N PRO A 64 -17.35 1.49 -21.57
CA PRO A 64 -18.78 1.42 -21.80
C PRO A 64 -19.65 1.96 -20.65
N ILE A 65 -20.77 2.59 -21.01
CA ILE A 65 -21.73 3.06 -20.01
C ILE A 65 -23.10 2.56 -20.46
N ARG A 66 -23.99 2.34 -19.50
CA ARG A 66 -25.33 1.87 -19.81
C ARG A 66 -26.29 3.06 -19.83
N ARG A 67 -26.93 3.29 -20.97
CA ARG A 67 -27.89 4.40 -21.10
C ARG A 67 -29.14 4.13 -20.27
N ASP A 68 -29.91 5.20 -20.05
CA ASP A 68 -31.13 5.05 -19.28
C ASP A 68 -32.13 4.17 -20.03
N ASP A 69 -31.92 3.98 -21.34
CA ASP A 69 -32.82 3.13 -22.12
C ASP A 69 -32.48 1.65 -21.93
N GLY A 70 -31.20 1.37 -21.65
CA GLY A 70 -30.76 0.00 -21.43
C GLY A 70 -29.60 -0.42 -22.30
N SER A 71 -29.43 0.27 -23.42
CA SER A 71 -28.36 -0.03 -24.36
C SER A 71 -26.99 0.39 -23.85
N TRP A 72 -25.94 -0.29 -24.33
CA TRP A 72 -24.58 0.06 -23.94
C TRP A 72 -24.02 1.01 -24.99
N GLU A 73 -23.22 1.95 -24.53
CA GLU A 73 -22.59 2.93 -25.40
C GLU A 73 -21.11 3.10 -25.00
N VAL A 74 -20.24 3.00 -25.98
CA VAL A 74 -18.81 3.16 -25.74
C VAL A 74 -18.50 4.65 -25.83
N ILE A 75 -17.82 5.15 -24.81
CA ILE A 75 -17.47 6.56 -24.82
C ILE A 75 -15.96 6.72 -24.68
N GLU A 76 -15.42 7.70 -25.37
CA GLU A 76 -13.99 7.98 -25.39
C GLU A 76 -13.60 9.17 -24.52
N GLY A 77 -12.43 9.06 -23.93
CA GLY A 77 -11.92 10.14 -23.09
C GLY A 77 -10.41 10.16 -23.12
N TYR A 78 -9.85 11.31 -22.75
CA TYR A 78 -8.41 11.45 -22.74
C TYR A 78 -7.97 12.28 -21.54
N ARG A 79 -6.74 12.04 -21.10
CA ARG A 79 -6.15 12.79 -20.02
C ARG A 79 -4.68 12.94 -20.37
N ALA A 80 -4.25 14.15 -20.64
CA ALA A 80 -2.84 14.34 -20.95
C ALA A 80 -2.13 15.01 -19.79
N GLN A 81 -0.95 14.50 -19.47
CA GLN A 81 -0.13 15.10 -18.41
C GLN A 81 1.10 15.59 -19.17
N HIS A 82 1.18 16.90 -19.34
CA HIS A 82 2.26 17.56 -20.07
C HIS A 82 3.62 17.58 -19.34
N SER A 83 3.61 17.98 -18.09
CA SER A 83 4.83 18.06 -17.31
C SER A 83 4.68 17.65 -15.84
N GLN A 84 5.76 17.14 -15.28
CA GLN A 84 5.78 16.70 -13.90
C GLN A 84 6.96 17.34 -13.16
N HIS A 85 7.45 18.46 -13.68
CA HIS A 85 8.56 19.18 -13.07
C HIS A 85 8.09 19.75 -11.72
N ARG A 86 6.78 19.74 -11.53
CA ARG A 86 6.11 20.14 -10.30
C ARG A 86 5.14 19.00 -10.09
N THR A 87 5.35 18.28 -8.99
CA THR A 87 4.60 17.08 -8.66
C THR A 87 3.12 17.01 -8.90
N PRO A 88 2.28 17.80 -8.20
CA PRO A 88 0.89 17.54 -8.60
C PRO A 88 0.58 18.15 -9.96
N CYS A 89 0.18 17.32 -10.92
CA CYS A 89 -0.20 17.83 -12.21
C CYS A 89 -1.54 18.50 -11.97
N LYS A 90 -1.87 19.50 -12.78
CA LYS A 90 -3.13 20.22 -12.61
C LYS A 90 -3.79 20.53 -13.95
N GLY A 91 -5.11 20.39 -14.01
CA GLY A 91 -5.82 20.67 -15.24
C GLY A 91 -7.27 20.23 -15.22
N GLY A 92 -8.14 20.99 -15.87
CA GLY A 92 -9.55 20.66 -15.89
C GLY A 92 -9.99 19.57 -16.83
N ILE A 93 -11.31 19.32 -16.83
CA ILE A 93 -11.91 18.32 -17.68
C ILE A 93 -12.99 18.93 -18.58
N ARG A 94 -12.82 18.73 -19.88
CA ARG A 94 -13.77 19.25 -20.85
C ARG A 94 -14.70 18.17 -21.42
N TYR A 95 -16.01 18.46 -21.46
CA TYR A 95 -16.99 17.54 -22.05
C TYR A 95 -17.51 18.17 -23.33
N SER A 96 -17.03 17.69 -24.48
CA SER A 96 -17.47 18.20 -25.77
C SER A 96 -17.00 17.31 -26.92
N THR A 97 -17.77 17.31 -28.00
CA THR A 97 -17.48 16.50 -29.18
C THR A 97 -16.21 16.92 -29.90
N ASP A 98 -15.64 18.04 -29.47
CA ASP A 98 -14.42 18.55 -30.07
C ASP A 98 -13.14 18.00 -29.43
N VAL A 99 -13.25 17.32 -28.30
CA VAL A 99 -12.03 16.82 -27.68
C VAL A 99 -11.39 15.72 -28.51
N SER A 100 -10.06 15.72 -28.51
CA SER A 100 -9.26 14.75 -29.23
C SER A 100 -7.91 14.76 -28.54
N VAL A 101 -7.03 13.84 -28.92
CA VAL A 101 -5.71 13.79 -28.32
C VAL A 101 -4.94 15.12 -28.47
N ASP A 102 -4.90 15.67 -29.69
CA ASP A 102 -4.17 16.91 -29.92
C ASP A 102 -4.71 18.12 -29.14
N GLU A 103 -6.03 18.18 -28.95
CA GLU A 103 -6.62 19.29 -28.23
C GLU A 103 -6.29 19.20 -26.74
N VAL A 104 -6.39 17.99 -26.20
CA VAL A 104 -6.11 17.77 -24.79
C VAL A 104 -4.63 18.02 -24.49
N LYS A 105 -3.73 17.68 -25.41
CA LYS A 105 -2.31 17.91 -25.20
C LYS A 105 -1.97 19.39 -25.32
N ALA A 106 -2.62 20.10 -26.23
CA ALA A 106 -2.31 21.52 -26.38
C ALA A 106 -2.73 22.23 -25.11
N LEU A 107 -3.92 21.87 -24.63
CA LEU A 107 -4.50 22.43 -23.42
C LEU A 107 -3.66 22.06 -22.21
N ALA A 108 -3.17 20.83 -22.18
CA ALA A 108 -2.36 20.35 -21.09
C ALA A 108 -1.09 21.20 -21.03
N SER A 109 -0.47 21.44 -22.18
CA SER A 109 0.76 22.24 -22.21
C SER A 109 0.48 23.71 -21.83
N LEU A 110 -0.71 24.21 -22.14
CA LEU A 110 -1.03 25.58 -21.78
C LEU A 110 -1.12 25.71 -20.25
N MET A 111 -1.53 24.61 -19.62
CA MET A 111 -1.64 24.58 -18.17
C MET A 111 -0.29 24.74 -17.48
N THR A 112 0.76 24.05 -17.94
CA THR A 112 2.06 24.19 -17.26
C THR A 112 2.62 25.59 -17.44
N TYR A 113 2.50 26.15 -18.63
CA TYR A 113 3.01 27.49 -18.91
C TYR A 113 2.25 28.57 -18.16
N LYS A 114 0.94 28.39 -18.03
CA LYS A 114 0.10 29.35 -17.32
C LYS A 114 0.39 29.26 -15.81
N CYS A 115 0.56 28.04 -15.31
CA CYS A 115 0.88 27.86 -13.89
C CYS A 115 2.25 28.50 -13.63
N ALA A 116 3.16 28.35 -14.58
CA ALA A 116 4.48 28.95 -14.42
C ALA A 116 4.40 30.48 -14.42
N VAL A 117 3.62 31.04 -15.32
CA VAL A 117 3.49 32.48 -15.40
C VAL A 117 2.98 33.08 -14.08
N VAL A 118 2.00 32.39 -13.51
CA VAL A 118 1.34 32.84 -12.29
C VAL A 118 1.85 32.25 -10.96
N ASP A 119 2.99 31.53 -11.04
CA ASP A 119 3.67 30.90 -9.89
C ASP A 119 2.89 29.89 -9.04
N VAL A 120 2.16 29.03 -9.72
CA VAL A 120 1.38 27.96 -9.08
C VAL A 120 2.28 26.72 -9.28
N PRO A 121 2.67 26.06 -8.17
CA PRO A 121 3.53 24.86 -8.23
C PRO A 121 2.92 23.58 -8.77
N PHE A 122 2.35 23.66 -9.98
CA PHE A 122 1.73 22.50 -10.62
C PHE A 122 2.21 22.25 -12.04
N GLY A 123 2.34 20.97 -12.42
CA GLY A 123 2.70 20.65 -13.78
C GLY A 123 1.35 20.65 -14.48
N GLY A 124 1.33 20.93 -15.78
CA GLY A 124 0.05 20.98 -16.47
C GLY A 124 -0.53 19.65 -16.94
N ALA A 125 -1.85 19.56 -16.89
CA ALA A 125 -2.59 18.38 -17.31
C ALA A 125 -3.95 18.83 -17.86
N LYS A 126 -4.65 17.94 -18.53
CA LYS A 126 -5.95 18.27 -19.11
C LYS A 126 -6.67 17.02 -19.59
N ALA A 127 -7.98 16.97 -19.34
CA ALA A 127 -8.79 15.82 -19.74
C ALA A 127 -9.97 16.28 -20.57
N GLY A 128 -10.47 15.36 -21.38
CA GLY A 128 -11.62 15.65 -22.21
C GLY A 128 -12.39 14.38 -22.45
N VAL A 129 -13.70 14.44 -22.36
CA VAL A 129 -14.54 13.29 -22.65
C VAL A 129 -15.32 13.70 -23.89
N LYS A 130 -15.19 12.92 -24.96
CA LYS A 130 -15.85 13.21 -26.24
C LYS A 130 -17.34 12.91 -26.33
N ILE A 131 -18.14 13.76 -25.70
CA ILE A 131 -19.59 13.60 -25.73
C ILE A 131 -20.18 15.00 -25.78
N ASN A 132 -21.49 15.08 -26.02
CA ASN A 132 -22.16 16.37 -26.03
C ASN A 132 -23.10 16.27 -24.82
N PRO A 133 -22.72 16.93 -23.72
CA PRO A 133 -23.52 16.91 -22.49
C PRO A 133 -25.03 17.05 -22.68
N LYS A 134 -25.45 17.95 -23.57
CA LYS A 134 -26.87 18.18 -23.82
C LYS A 134 -27.66 16.95 -24.20
N ASN A 135 -26.99 15.99 -24.84
CA ASN A 135 -27.62 14.76 -25.27
C ASN A 135 -27.59 13.66 -24.23
N TYR A 136 -27.40 14.02 -22.96
CA TYR A 136 -27.37 13.00 -21.91
C TYR A 136 -28.14 13.43 -20.68
N THR A 137 -28.75 12.46 -20.01
CA THR A 137 -29.48 12.76 -18.79
C THR A 137 -28.46 13.01 -17.69
N ASP A 138 -28.90 13.55 -16.56
CA ASP A 138 -27.98 13.81 -15.48
C ASP A 138 -27.50 12.48 -14.92
N ASN A 139 -28.38 11.49 -14.90
CA ASN A 139 -28.05 10.16 -14.40
C ASN A 139 -26.93 9.57 -15.26
N GLU A 140 -27.01 9.78 -16.58
CA GLU A 140 -25.98 9.26 -17.46
C GLU A 140 -24.66 10.00 -17.33
N LEU A 141 -24.72 11.32 -17.16
CA LEU A 141 -23.50 12.11 -17.04
C LEU A 141 -22.73 11.67 -15.79
N GLU A 142 -23.46 11.37 -14.73
CA GLU A 142 -22.83 10.90 -13.49
C GLU A 142 -22.09 9.59 -13.70
N LYS A 143 -22.75 8.64 -14.35
CA LYS A 143 -22.14 7.34 -14.64
C LYS A 143 -20.84 7.59 -15.40
N ILE A 144 -20.93 8.50 -16.37
CA ILE A 144 -19.81 8.87 -17.20
C ILE A 144 -18.66 9.49 -16.42
N THR A 145 -18.92 10.51 -15.60
CA THR A 145 -17.83 11.14 -14.88
C THR A 145 -17.26 10.17 -13.84
N ARG A 146 -18.13 9.47 -13.12
CA ARG A 146 -17.64 8.52 -12.10
C ARG A 146 -16.80 7.37 -12.66
N ARG A 147 -17.19 6.84 -13.81
CA ARG A 147 -16.46 5.76 -14.44
C ARG A 147 -15.13 6.27 -15.00
N PHE A 148 -15.17 7.48 -15.53
CA PHE A 148 -13.99 8.12 -16.08
C PHE A 148 -12.99 8.30 -14.93
N THR A 149 -13.49 8.70 -13.76
CA THR A 149 -12.65 8.90 -12.59
C THR A 149 -11.93 7.62 -12.19
N MET A 150 -12.67 6.53 -12.12
CA MET A 150 -12.11 5.24 -11.76
C MET A 150 -11.04 4.78 -12.72
N GLU A 151 -11.26 5.01 -14.01
CA GLU A 151 -10.28 4.59 -15.00
C GLU A 151 -9.02 5.43 -14.92
N LEU A 152 -9.16 6.70 -14.57
CA LEU A 152 -7.99 7.55 -14.45
C LEU A 152 -7.23 7.20 -13.17
N ALA A 153 -7.98 6.97 -12.08
CA ALA A 153 -7.40 6.62 -10.79
C ALA A 153 -6.62 5.32 -10.83
N LYS A 154 -7.07 4.34 -11.61
CA LYS A 154 -6.33 3.10 -11.69
C LYS A 154 -5.07 3.19 -12.53
N LYS A 155 -4.95 4.25 -13.33
CA LYS A 155 -3.78 4.41 -14.16
C LYS A 155 -2.91 5.58 -13.73
N GLY A 156 -3.20 6.11 -12.55
CA GLY A 156 -2.45 7.21 -11.99
C GLY A 156 -2.67 8.56 -12.64
N PHE A 157 -3.90 8.86 -12.99
CA PHE A 157 -4.21 10.14 -13.61
C PHE A 157 -5.12 11.03 -12.77
N ILE A 158 -5.20 10.72 -11.48
CA ILE A 158 -5.93 11.53 -10.50
C ILE A 158 -5.47 11.08 -9.13
N GLY A 159 -5.21 12.05 -8.26
CA GLY A 159 -4.76 11.78 -6.91
C GLY A 159 -4.28 13.10 -6.35
N PRO A 160 -4.41 13.35 -5.04
CA PRO A 160 -3.97 14.62 -4.44
C PRO A 160 -2.53 15.02 -4.75
N GLY A 161 -1.68 14.01 -4.92
CA GLY A 161 -0.29 14.28 -5.18
C GLY A 161 0.18 13.93 -6.57
N VAL A 162 -0.66 13.31 -7.39
CA VAL A 162 -0.23 12.96 -8.74
C VAL A 162 -0.87 13.85 -9.80
N ASP A 163 -2.19 14.03 -9.74
CA ASP A 163 -2.89 14.81 -10.74
C ASP A 163 -4.26 15.27 -10.21
N VAL A 164 -4.46 16.57 -10.16
CA VAL A 164 -5.70 17.14 -9.64
C VAL A 164 -6.54 17.86 -10.69
N PRO A 165 -7.68 17.26 -11.09
CA PRO A 165 -8.55 17.89 -12.09
C PRO A 165 -9.35 19.09 -11.58
N ALA A 166 -10.18 19.64 -12.46
CA ALA A 166 -11.01 20.81 -12.16
C ALA A 166 -12.02 20.99 -13.30
N PRO A 167 -12.88 22.01 -13.21
CA PRO A 167 -13.85 22.18 -14.31
C PRO A 167 -13.26 22.80 -15.57
N ASP A 168 -14.03 22.75 -16.66
CA ASP A 168 -13.68 23.33 -17.94
C ASP A 168 -15.00 23.35 -18.73
N MET A 169 -14.93 23.19 -20.05
CA MET A 169 -16.14 23.22 -20.85
C MET A 169 -17.14 22.11 -20.57
N SER A 170 -18.35 22.56 -20.21
CA SER A 170 -19.49 21.74 -19.89
C SER A 170 -19.36 20.89 -18.62
N THR A 171 -18.58 21.37 -17.65
CA THR A 171 -18.39 20.71 -16.36
C THR A 171 -18.28 21.77 -15.28
N GLY A 172 -18.65 21.42 -14.05
CA GLY A 172 -18.57 22.38 -12.97
C GLY A 172 -18.57 21.73 -11.60
N GLU A 173 -19.13 22.43 -10.62
CA GLU A 173 -19.22 21.93 -9.26
C GLU A 173 -19.73 20.50 -9.18
N ARG A 174 -20.80 20.24 -9.92
CA ARG A 174 -21.45 18.95 -9.94
C ARG A 174 -20.52 17.80 -10.32
N GLU A 175 -19.86 17.91 -11.47
CA GLU A 175 -18.95 16.87 -11.91
C GLU A 175 -17.80 16.70 -10.94
N MET A 176 -17.26 17.82 -10.47
CA MET A 176 -16.15 17.80 -9.53
C MET A 176 -16.57 17.07 -8.28
N SER A 177 -17.86 17.13 -7.97
CA SER A 177 -18.39 16.48 -6.79
C SER A 177 -18.41 14.97 -6.95
N TRP A 178 -18.87 14.52 -8.11
CA TRP A 178 -18.93 13.09 -8.43
C TRP A 178 -17.51 12.56 -8.47
N ILE A 179 -16.60 13.33 -9.04
CA ILE A 179 -15.20 12.93 -9.13
C ILE A 179 -14.59 12.70 -7.75
N ALA A 180 -14.74 13.68 -6.86
CA ALA A 180 -14.18 13.58 -5.51
C ALA A 180 -14.77 12.41 -4.74
N ASP A 181 -16.10 12.28 -4.82
CA ASP A 181 -16.78 11.23 -4.12
C ASP A 181 -16.30 9.85 -4.59
N THR A 182 -16.18 9.67 -5.90
CA THR A 182 -15.74 8.40 -6.46
C THR A 182 -14.33 8.07 -5.98
N TYR A 183 -13.44 9.05 -6.03
CA TYR A 183 -12.07 8.81 -5.59
C TYR A 183 -12.04 8.52 -4.09
N ALA A 184 -12.68 9.36 -3.28
CA ALA A 184 -12.69 9.15 -1.85
C ALA A 184 -13.38 7.85 -1.42
N SER A 185 -14.44 7.45 -2.13
CA SER A 185 -15.17 6.22 -1.77
C SER A 185 -14.42 4.95 -2.11
N THR A 186 -13.39 5.06 -2.94
CA THR A 186 -12.64 3.89 -3.33
C THR A 186 -11.15 3.95 -3.02
N ILE A 187 -10.35 4.17 -4.06
CA ILE A 187 -8.92 4.25 -3.97
C ILE A 187 -8.38 5.13 -2.82
N GLY A 188 -9.01 6.27 -2.57
CA GLY A 188 -8.53 7.14 -1.50
C GLY A 188 -9.31 7.09 -0.20
N HIS A 189 -9.94 5.95 0.09
CA HIS A 189 -10.74 5.84 1.31
C HIS A 189 -9.96 5.94 2.61
N TYR A 190 -8.64 5.79 2.54
CA TYR A 190 -7.79 5.87 3.73
C TYR A 190 -6.95 7.16 3.73
N ASP A 191 -6.94 7.86 2.58
CA ASP A 191 -6.15 9.08 2.41
C ASP A 191 -6.72 10.31 3.12
N ILE A 192 -5.95 10.83 4.07
CA ILE A 192 -6.39 12.00 4.81
C ILE A 192 -6.59 13.19 3.86
N ASN A 193 -5.96 13.15 2.68
CA ASN A 193 -6.10 14.25 1.72
C ASN A 193 -6.91 13.84 0.50
N ALA A 194 -7.71 12.79 0.63
CA ALA A 194 -8.52 12.29 -0.47
C ALA A 194 -9.35 13.36 -1.22
N HIS A 195 -9.87 14.35 -0.50
CA HIS A 195 -10.67 15.37 -1.15
C HIS A 195 -9.90 16.46 -1.85
N ALA A 196 -8.58 16.39 -1.82
CA ALA A 196 -7.75 17.37 -2.50
C ALA A 196 -7.41 16.77 -3.87
N CYS A 197 -8.11 15.69 -4.22
CA CYS A 197 -7.87 15.03 -5.50
C CYS A 197 -8.45 15.80 -6.68
N VAL A 198 -9.30 16.77 -6.42
CA VAL A 198 -9.92 17.54 -7.49
C VAL A 198 -10.32 18.92 -6.95
N THR A 199 -10.26 19.95 -7.79
CA THR A 199 -10.68 21.29 -7.35
C THR A 199 -11.94 21.77 -8.10
N GLY A 200 -12.47 22.91 -7.66
CA GLY A 200 -13.69 23.45 -8.25
C GLY A 200 -14.88 22.71 -7.64
N LYS A 201 -14.64 22.10 -6.48
CA LYS A 201 -15.66 21.35 -5.77
C LYS A 201 -16.68 22.33 -5.17
N PRO A 202 -17.88 21.84 -4.79
CA PRO A 202 -18.88 22.72 -4.20
C PRO A 202 -18.32 23.12 -2.84
N ILE A 203 -18.57 24.33 -2.38
CA ILE A 203 -18.06 24.76 -1.09
C ILE A 203 -18.44 23.81 0.06
N SER A 204 -19.59 23.16 -0.04
CA SER A 204 -20.03 22.23 0.99
C SER A 204 -19.23 20.92 0.95
N GLN A 205 -18.67 20.59 -0.22
CA GLN A 205 -17.89 19.37 -0.34
C GLN A 205 -16.37 19.63 -0.24
N GLY A 206 -15.98 20.77 0.33
CA GLY A 206 -14.58 21.07 0.47
C GLY A 206 -14.07 22.07 -0.53
N GLY A 207 -14.99 22.71 -1.24
CA GLY A 207 -14.63 23.72 -2.24
C GLY A 207 -14.23 25.02 -1.59
N ILE A 208 -13.76 25.97 -2.40
CA ILE A 208 -13.35 27.24 -1.86
C ILE A 208 -14.16 28.43 -2.37
N HIS A 209 -14.29 29.44 -1.51
CA HIS A 209 -15.02 30.65 -1.84
C HIS A 209 -14.54 31.23 -3.16
N GLY A 210 -15.51 31.69 -3.95
CA GLY A 210 -15.23 32.33 -5.23
C GLY A 210 -14.45 31.54 -6.27
N ARG A 211 -14.47 30.22 -6.24
CA ARG A 211 -13.74 29.48 -7.26
C ARG A 211 -14.44 29.57 -8.62
N ILE A 212 -15.77 29.57 -8.61
CA ILE A 212 -16.54 29.66 -9.84
C ILE A 212 -16.32 30.98 -10.58
N SER A 213 -16.30 32.08 -9.84
CA SER A 213 -16.10 33.39 -10.41
C SER A 213 -14.63 33.80 -10.45
N ALA A 214 -13.74 32.91 -9.99
CA ALA A 214 -12.32 33.19 -9.95
C ALA A 214 -11.69 33.53 -11.31
N THR A 215 -12.13 32.86 -12.36
CA THR A 215 -11.55 33.11 -13.68
C THR A 215 -11.97 34.49 -14.23
N GLY A 216 -13.27 34.78 -14.16
CA GLY A 216 -13.74 36.06 -14.64
C GLY A 216 -13.12 37.19 -13.83
N ARG A 217 -12.92 36.91 -12.54
CA ARG A 217 -12.32 37.89 -11.63
C ARG A 217 -10.86 38.11 -11.99
N GLY A 218 -10.20 37.02 -12.39
CA GLY A 218 -8.82 37.13 -12.79
C GLY A 218 -8.77 37.86 -14.13
N VAL A 219 -9.79 37.65 -14.95
CA VAL A 219 -9.84 38.34 -16.24
C VAL A 219 -9.94 39.83 -15.98
N PHE A 220 -10.79 40.21 -15.03
CA PHE A 220 -10.94 41.60 -14.65
C PHE A 220 -9.59 42.18 -14.22
N HIS A 221 -8.89 41.45 -13.35
CA HIS A 221 -7.59 41.94 -12.85
C HIS A 221 -6.53 42.03 -13.93
N GLY A 222 -6.47 41.01 -14.78
CA GLY A 222 -5.50 41.00 -15.84
C GLY A 222 -5.70 42.21 -16.72
N ILE A 223 -6.95 42.50 -17.05
CA ILE A 223 -7.27 43.65 -17.87
C ILE A 223 -6.95 44.92 -17.12
N GLU A 224 -7.41 45.01 -15.88
CA GLU A 224 -7.18 46.17 -15.04
C GLU A 224 -5.70 46.56 -14.98
N ASN A 225 -4.82 45.57 -14.87
CA ASN A 225 -3.40 45.87 -14.80
C ASN A 225 -2.89 46.63 -16.02
N PHE A 226 -3.28 46.21 -17.22
CA PHE A 226 -2.85 46.91 -18.42
C PHE A 226 -3.69 48.15 -18.77
N ILE A 227 -4.97 48.13 -18.45
CA ILE A 227 -5.83 49.26 -18.79
C ILE A 227 -5.54 50.55 -17.98
N ASN A 228 -4.62 50.46 -17.01
CA ASN A 228 -4.25 51.61 -16.19
C ASN A 228 -2.76 51.96 -16.37
N GLU A 229 -2.14 51.47 -17.44
CA GLU A 229 -0.73 51.74 -17.66
C GLU A 229 -0.38 53.06 -18.35
N ALA A 230 -1.31 53.63 -19.12
CA ALA A 230 -1.08 54.89 -19.84
C ALA A 230 -0.10 54.65 -20.98
N SER A 231 1.05 54.09 -20.64
CA SER A 231 2.06 53.77 -21.63
C SER A 231 1.45 52.87 -22.70
N TYR A 232 0.87 51.73 -22.27
CA TYR A 232 0.26 50.83 -23.22
C TYR A 232 -0.99 51.46 -23.84
N MET A 233 -1.86 52.00 -22.99
CA MET A 233 -3.10 52.65 -23.43
C MET A 233 -2.90 53.80 -24.41
N SER A 234 -1.73 54.44 -24.37
CA SER A 234 -1.46 55.52 -25.29
C SER A 234 -1.14 54.93 -26.67
N ILE A 235 -0.37 53.84 -26.71
CA ILE A 235 -0.05 53.20 -27.98
C ILE A 235 -1.34 52.76 -28.65
N LEU A 236 -2.35 52.44 -27.84
CA LEU A 236 -3.65 52.00 -28.34
C LEU A 236 -4.55 53.21 -28.51
N GLY A 237 -4.07 54.35 -28.03
CA GLY A 237 -4.84 55.57 -28.13
C GLY A 237 -6.15 55.46 -27.38
N MET A 238 -6.06 55.18 -26.09
CA MET A 238 -7.24 55.05 -25.23
C MET A 238 -6.89 55.71 -23.93
N THR A 239 -7.91 55.98 -23.12
CA THR A 239 -7.68 56.59 -21.82
C THR A 239 -7.70 55.44 -20.82
N PRO A 240 -6.91 55.53 -19.76
CA PRO A 240 -6.92 54.44 -18.77
C PRO A 240 -8.26 54.33 -18.08
N GLY A 241 -8.50 53.18 -17.44
CA GLY A 241 -9.76 52.96 -16.73
C GLY A 241 -10.82 52.24 -17.53
N PHE A 242 -11.87 51.77 -16.84
CA PHE A 242 -12.98 51.07 -17.49
C PHE A 242 -14.18 52.01 -17.71
N GLY A 243 -14.30 53.00 -16.82
CA GLY A 243 -15.41 53.95 -16.85
C GLY A 243 -16.05 54.38 -18.17
N ASP A 244 -15.24 54.51 -19.22
CA ASP A 244 -15.74 54.91 -20.52
C ASP A 244 -15.38 53.86 -21.56
N LYS A 245 -15.43 52.60 -21.18
CA LYS A 245 -15.08 51.52 -22.08
C LYS A 245 -16.25 50.57 -22.35
N THR A 246 -16.32 50.08 -23.58
CA THR A 246 -17.36 49.13 -23.96
C THR A 246 -16.64 47.81 -24.23
N PHE A 247 -17.35 46.71 -24.06
CA PHE A 247 -16.76 45.42 -24.29
C PHE A 247 -17.84 44.44 -24.70
N ALA A 248 -17.42 43.37 -25.38
CA ALA A 248 -18.34 42.33 -25.82
C ALA A 248 -17.64 41.03 -25.47
N VAL A 249 -18.41 40.09 -24.95
CA VAL A 249 -17.85 38.81 -24.57
C VAL A 249 -18.45 37.66 -25.36
N GLN A 250 -17.58 36.80 -25.90
CA GLN A 250 -18.06 35.63 -26.63
C GLN A 250 -18.01 34.47 -25.65
N GLY A 251 -19.18 34.15 -25.09
CA GLY A 251 -19.27 33.07 -24.13
C GLY A 251 -19.96 33.60 -22.91
N PHE A 252 -21.03 32.94 -22.49
CA PHE A 252 -21.79 33.36 -21.31
C PHE A 252 -21.81 32.29 -20.26
N GLY A 253 -20.70 31.56 -20.14
CA GLY A 253 -20.61 30.51 -19.13
C GLY A 253 -19.84 30.96 -17.91
N ASN A 254 -19.18 30.02 -17.25
CA ASN A 254 -18.43 30.34 -16.04
C ASN A 254 -17.43 31.48 -16.20
N VAL A 255 -16.72 31.53 -17.32
CA VAL A 255 -15.77 32.60 -17.53
C VAL A 255 -16.41 33.91 -18.02
N GLY A 256 -17.16 33.82 -19.12
CA GLY A 256 -17.81 35.00 -19.69
C GLY A 256 -18.78 35.72 -18.78
N LEU A 257 -19.70 34.99 -18.17
CA LEU A 257 -20.69 35.61 -17.27
C LEU A 257 -20.02 36.45 -16.21
N HIS A 258 -19.06 35.85 -15.52
CA HIS A 258 -18.37 36.52 -14.46
C HIS A 258 -17.41 37.61 -14.90
N SER A 259 -16.80 37.45 -16.06
CA SER A 259 -15.91 38.48 -16.58
C SER A 259 -16.82 39.69 -16.80
N MET A 260 -17.99 39.41 -17.34
CA MET A 260 -18.98 40.43 -17.62
C MET A 260 -19.43 41.10 -16.32
N ARG A 261 -19.75 40.29 -15.30
CA ARG A 261 -20.19 40.82 -14.03
C ARG A 261 -19.17 41.82 -13.45
N TYR A 262 -17.91 41.43 -13.48
CA TYR A 262 -16.86 42.26 -12.91
C TYR A 262 -16.54 43.55 -13.66
N LEU A 263 -16.43 43.49 -14.98
CA LEU A 263 -16.12 44.70 -15.75
C LEU A 263 -17.24 45.71 -15.58
N HIS A 264 -18.47 45.21 -15.58
CA HIS A 264 -19.65 46.03 -15.42
C HIS A 264 -19.64 46.71 -14.05
N ARG A 265 -19.08 46.03 -13.06
CA ARG A 265 -19.00 46.58 -11.72
C ARG A 265 -18.12 47.80 -11.70
N PHE A 266 -17.08 47.82 -12.54
CA PHE A 266 -16.20 48.98 -12.56
C PHE A 266 -16.47 49.97 -13.69
N GLY A 267 -17.75 50.17 -13.99
CA GLY A 267 -18.13 51.13 -14.99
C GLY A 267 -18.17 50.74 -16.46
N ALA A 268 -17.37 49.77 -16.88
CA ALA A 268 -17.41 49.38 -18.29
C ALA A 268 -18.78 48.82 -18.59
N LYS A 269 -19.22 48.91 -19.84
CA LYS A 269 -20.54 48.37 -20.19
C LYS A 269 -20.45 47.39 -21.34
N CYS A 270 -21.16 46.28 -21.17
CA CYS A 270 -21.21 45.21 -22.15
C CYS A 270 -22.19 45.58 -23.24
N VAL A 271 -21.67 45.72 -24.45
CA VAL A 271 -22.49 46.10 -25.56
C VAL A 271 -22.99 44.84 -26.29
N ALA A 272 -22.30 43.71 -26.08
CA ALA A 272 -22.68 42.46 -26.74
C ALA A 272 -22.27 41.16 -26.01
N VAL A 273 -23.12 40.15 -26.13
CA VAL A 273 -22.90 38.84 -25.55
C VAL A 273 -23.20 37.78 -26.60
N GLY A 274 -22.36 36.77 -26.71
CA GLY A 274 -22.58 35.73 -27.70
C GLY A 274 -22.63 34.33 -27.12
N GLU A 275 -23.22 33.40 -27.87
CA GLU A 275 -23.33 32.01 -27.49
C GLU A 275 -23.29 31.20 -28.78
N SER A 276 -23.43 29.89 -28.68
CA SER A 276 -23.39 29.04 -29.86
C SER A 276 -24.57 29.24 -30.81
N ASP A 277 -25.74 29.58 -30.28
CA ASP A 277 -26.91 29.78 -31.12
C ASP A 277 -26.97 31.19 -31.74
N GLY A 278 -26.28 32.14 -31.13
CA GLY A 278 -26.29 33.49 -31.65
C GLY A 278 -25.74 34.51 -30.69
N SER A 279 -26.02 35.78 -30.97
CA SER A 279 -25.54 36.87 -30.13
C SER A 279 -26.62 37.92 -29.95
N ILE A 280 -26.50 38.73 -28.89
CA ILE A 280 -27.45 39.82 -28.67
C ILE A 280 -26.65 41.10 -28.65
N TRP A 281 -27.29 42.25 -28.83
CA TRP A 281 -26.56 43.51 -28.88
C TRP A 281 -27.33 44.75 -28.44
N ASN A 282 -26.60 45.67 -27.78
CA ASN A 282 -27.17 46.92 -27.32
C ASN A 282 -26.08 47.96 -27.02
N PRO A 283 -26.03 49.03 -27.82
CA PRO A 283 -25.05 50.11 -27.67
C PRO A 283 -25.08 50.77 -26.30
N ASP A 284 -26.24 50.77 -25.65
CA ASP A 284 -26.39 51.37 -24.34
C ASP A 284 -26.00 50.39 -23.24
N GLY A 285 -25.59 49.18 -23.64
CA GLY A 285 -25.17 48.21 -22.66
C GLY A 285 -26.21 47.17 -22.26
N ILE A 286 -25.72 46.14 -21.57
CA ILE A 286 -26.55 45.05 -21.09
C ILE A 286 -26.19 44.78 -19.63
N ASP A 287 -27.19 44.54 -18.80
CA ASP A 287 -26.95 44.24 -17.40
C ASP A 287 -26.69 42.75 -17.22
N PRO A 288 -25.50 42.39 -16.71
CA PRO A 288 -25.13 40.99 -16.51
C PRO A 288 -26.13 40.19 -15.68
N LYS A 289 -26.75 40.85 -14.71
CA LYS A 289 -27.71 40.19 -13.82
C LYS A 289 -29.07 39.84 -14.41
N GLU A 290 -29.64 40.75 -15.18
CA GLU A 290 -30.94 40.46 -15.76
C GLU A 290 -30.79 39.50 -16.92
N LEU A 291 -29.58 39.45 -17.46
CA LEU A 291 -29.24 38.58 -18.58
C LEU A 291 -29.02 37.16 -18.04
N GLU A 292 -28.52 37.08 -16.81
CA GLU A 292 -28.29 35.78 -16.20
C GLU A 292 -29.65 35.19 -15.87
N ASP A 293 -30.53 36.00 -15.29
CA ASP A 293 -31.86 35.53 -14.96
C ASP A 293 -32.63 35.08 -16.21
N PHE A 294 -32.47 35.81 -17.31
CA PHE A 294 -33.16 35.44 -18.54
C PHE A 294 -32.58 34.13 -19.06
N LYS A 295 -31.27 33.99 -18.96
CA LYS A 295 -30.62 32.76 -19.41
C LYS A 295 -31.08 31.58 -18.58
N LEU A 296 -31.06 31.74 -17.25
CA LEU A 296 -31.49 30.67 -16.36
C LEU A 296 -32.96 30.30 -16.61
N GLN A 297 -33.75 31.29 -17.00
CA GLN A 297 -35.19 31.15 -17.26
C GLN A 297 -35.53 30.52 -18.60
N HIS A 298 -34.87 30.98 -19.66
CA HIS A 298 -35.17 30.48 -21.00
C HIS A 298 -34.07 29.62 -21.65
N GLY A 299 -33.04 29.28 -20.89
CA GLY A 299 -31.98 28.45 -21.42
C GLY A 299 -31.26 29.05 -22.63
N THR A 300 -31.37 30.35 -22.79
CA THR A 300 -30.71 31.05 -23.88
C THR A 300 -30.73 32.55 -23.67
N ILE A 301 -29.90 33.26 -24.45
CA ILE A 301 -29.83 34.72 -24.37
C ILE A 301 -30.66 35.32 -25.51
N LEU A 302 -30.72 34.62 -26.63
CA LEU A 302 -31.46 35.08 -27.78
C LEU A 302 -32.90 35.37 -27.43
N GLY A 303 -33.32 36.61 -27.66
CA GLY A 303 -34.68 36.98 -27.36
C GLY A 303 -34.76 37.75 -26.05
N PHE A 304 -33.62 38.13 -25.50
CA PHE A 304 -33.58 38.91 -24.27
C PHE A 304 -34.24 40.23 -24.60
N PRO A 305 -35.28 40.62 -23.84
CA PRO A 305 -35.95 41.89 -24.16
C PRO A 305 -35.08 43.16 -24.31
N LYS A 306 -34.21 43.43 -23.36
CA LYS A 306 -33.41 44.65 -23.42
C LYS A 306 -32.20 44.68 -24.34
N ALA A 307 -32.23 43.87 -25.38
CA ALA A 307 -31.15 43.85 -26.36
C ALA A 307 -31.71 43.24 -27.63
N LYS A 308 -31.01 43.44 -28.74
CA LYS A 308 -31.47 42.92 -30.02
C LYS A 308 -30.62 41.77 -30.51
N ILE A 309 -31.26 40.77 -31.11
CA ILE A 309 -30.50 39.65 -31.62
C ILE A 309 -29.50 40.16 -32.67
N TYR A 310 -28.27 40.41 -32.24
CA TYR A 310 -27.23 40.89 -33.14
C TYR A 310 -27.10 39.95 -34.30
N GLU A 311 -26.82 40.51 -35.45
CA GLU A 311 -26.71 39.74 -36.67
C GLU A 311 -25.32 39.95 -37.27
N GLY A 312 -24.46 38.94 -37.21
CA GLY A 312 -23.15 39.10 -37.80
C GLY A 312 -21.87 39.01 -36.97
N SER A 313 -21.70 37.93 -36.23
CA SER A 313 -20.49 37.69 -35.42
C SER A 313 -20.16 38.63 -34.28
N ILE A 314 -20.21 38.07 -33.06
CA ILE A 314 -19.92 38.80 -31.84
C ILE A 314 -18.49 39.33 -31.87
N LEU A 315 -17.59 38.60 -32.52
CA LEU A 315 -16.19 38.97 -32.59
C LEU A 315 -15.87 40.23 -33.39
N GLU A 316 -16.79 40.62 -34.26
CA GLU A 316 -16.56 41.79 -35.10
C GLU A 316 -17.37 42.99 -34.63
N VAL A 317 -18.06 42.83 -33.51
CA VAL A 317 -18.88 43.88 -32.94
C VAL A 317 -18.02 45.10 -32.65
N ASP A 318 -18.64 46.26 -32.52
CA ASP A 318 -17.92 47.50 -32.25
C ASP A 318 -17.78 47.72 -30.74
N CYS A 319 -16.53 47.68 -30.25
CA CYS A 319 -16.25 47.85 -28.84
C CYS A 319 -14.78 48.13 -28.59
N ASP A 320 -14.44 48.49 -27.36
CA ASP A 320 -13.05 48.75 -27.01
C ASP A 320 -12.39 47.42 -26.67
N ILE A 321 -13.08 46.60 -25.89
CA ILE A 321 -12.56 45.33 -25.44
C ILE A 321 -13.32 44.09 -25.92
N LEU A 322 -12.60 43.15 -26.51
CA LEU A 322 -13.22 41.92 -26.97
C LEU A 322 -12.74 40.78 -26.07
N ILE A 323 -13.69 40.12 -25.41
CA ILE A 323 -13.32 39.01 -24.53
C ILE A 323 -13.74 37.65 -25.06
N PRO A 324 -12.86 36.94 -25.78
CA PRO A 324 -13.29 35.62 -26.25
C PRO A 324 -13.23 34.65 -25.06
N ALA A 325 -14.39 34.19 -24.60
CA ALA A 325 -14.49 33.28 -23.48
C ALA A 325 -15.26 32.02 -23.83
N ALA A 326 -14.95 31.45 -24.98
CA ALA A 326 -15.61 30.23 -25.41
C ALA A 326 -14.54 29.18 -25.71
N SER A 327 -14.47 28.71 -26.95
CA SER A 327 -13.47 27.70 -27.28
C SER A 327 -12.29 28.26 -28.06
N GLU A 328 -11.35 27.39 -28.42
CA GLU A 328 -10.14 27.78 -29.14
C GLU A 328 -10.33 28.21 -30.60
N LYS A 329 -9.31 28.89 -31.13
CA LYS A 329 -9.30 29.33 -32.52
C LYS A 329 -10.57 30.03 -33.04
N GLN A 330 -11.03 31.03 -32.29
CA GLN A 330 -12.21 31.79 -32.70
C GLN A 330 -11.78 32.98 -33.54
N LEU A 331 -10.54 33.40 -33.33
CA LEU A 331 -9.93 34.49 -34.04
C LEU A 331 -8.87 33.93 -34.96
N THR A 332 -9.12 33.99 -36.26
CA THR A 332 -8.18 33.46 -37.22
C THR A 332 -7.70 34.52 -38.21
N LYS A 333 -6.93 34.09 -39.20
CA LYS A 333 -6.41 35.00 -40.22
C LYS A 333 -7.54 35.69 -40.99
N SER A 334 -8.65 34.99 -41.23
CA SER A 334 -9.76 35.57 -41.99
C SER A 334 -10.67 36.60 -41.32
N ASN A 335 -10.72 36.64 -39.98
CA ASN A 335 -11.58 37.63 -39.35
C ASN A 335 -10.81 38.64 -38.51
N ALA A 336 -9.52 38.42 -38.33
CA ALA A 336 -8.70 39.33 -37.54
C ALA A 336 -8.77 40.78 -38.03
N PRO A 337 -8.62 40.99 -39.36
CA PRO A 337 -8.69 42.38 -39.87
C PRO A 337 -10.00 43.08 -39.63
N ARG A 338 -10.98 42.39 -39.04
CA ARG A 338 -12.28 42.98 -38.80
C ARG A 338 -12.71 43.00 -37.34
N VAL A 339 -11.78 42.87 -36.40
CA VAL A 339 -12.20 42.80 -34.99
C VAL A 339 -12.71 44.06 -34.30
N LYS A 340 -12.43 45.22 -34.89
CA LYS A 340 -12.89 46.49 -34.33
C LYS A 340 -12.24 46.86 -32.97
N ALA A 341 -12.35 45.98 -31.99
CA ALA A 341 -11.81 46.21 -30.65
C ALA A 341 -10.30 46.47 -30.61
N LYS A 342 -9.84 47.17 -29.57
CA LYS A 342 -8.43 47.51 -29.39
C LYS A 342 -7.69 46.55 -28.46
N ILE A 343 -8.43 45.95 -27.53
CA ILE A 343 -7.89 45.00 -26.56
C ILE A 343 -8.63 43.68 -26.66
N ILE A 344 -7.87 42.59 -26.81
CA ILE A 344 -8.42 41.24 -26.87
C ILE A 344 -8.04 40.59 -25.53
N ALA A 345 -9.03 40.36 -24.69
CA ALA A 345 -8.84 39.73 -23.38
C ALA A 345 -9.07 38.25 -23.52
N GLU A 346 -8.01 37.47 -23.67
CA GLU A 346 -8.15 36.02 -23.84
C GLU A 346 -8.62 35.24 -22.60
N GLY A 347 -9.93 35.15 -22.44
CA GLY A 347 -10.46 34.40 -21.31
C GLY A 347 -10.37 32.91 -21.57
N ALA A 348 -10.64 32.51 -22.80
CA ALA A 348 -10.59 31.13 -23.20
C ALA A 348 -9.14 30.74 -23.45
N ASN A 349 -8.89 29.44 -23.60
CA ASN A 349 -7.54 28.99 -23.89
C ASN A 349 -7.44 28.88 -25.40
N GLY A 350 -6.36 29.43 -25.96
CA GLY A 350 -6.14 29.40 -27.39
C GLY A 350 -7.19 30.00 -28.30
N PRO A 351 -7.78 31.16 -27.95
CA PRO A 351 -8.80 31.74 -28.84
C PRO A 351 -8.30 32.34 -30.14
N THR A 352 -7.03 32.73 -30.21
CA THR A 352 -6.50 33.32 -31.45
C THR A 352 -5.35 32.51 -31.99
N THR A 353 -5.33 32.36 -33.32
CA THR A 353 -4.28 31.60 -33.99
C THR A 353 -3.07 32.51 -34.15
N PRO A 354 -1.91 31.91 -34.44
CA PRO A 354 -0.70 32.72 -34.61
C PRO A 354 -0.86 33.73 -35.76
N GLU A 355 -1.72 33.41 -36.72
CA GLU A 355 -1.97 34.29 -37.86
C GLU A 355 -2.77 35.53 -37.50
N ALA A 356 -3.77 35.36 -36.64
CA ALA A 356 -4.56 36.50 -36.21
C ALA A 356 -3.64 37.35 -35.36
N ASP A 357 -2.78 36.68 -34.60
CA ASP A 357 -1.81 37.34 -33.73
C ASP A 357 -0.95 38.30 -34.53
N LYS A 358 -0.47 37.85 -35.68
CA LYS A 358 0.36 38.69 -36.53
C LYS A 358 -0.48 39.88 -36.98
N ILE A 359 -1.66 39.59 -37.53
CA ILE A 359 -2.53 40.67 -37.99
C ILE A 359 -2.81 41.63 -36.84
N PHE A 360 -3.15 41.09 -35.67
CA PHE A 360 -3.46 41.91 -34.50
C PHE A 360 -2.34 42.88 -34.13
N LEU A 361 -1.09 42.42 -34.19
CA LEU A 361 0.04 43.26 -33.87
C LEU A 361 0.14 44.42 -34.86
N GLU A 362 0.08 44.08 -36.14
CA GLU A 362 0.17 45.06 -37.20
C GLU A 362 -0.93 46.13 -37.14
N ARG A 363 -2.10 45.77 -36.63
CA ARG A 363 -3.19 46.71 -36.52
C ARG A 363 -3.17 47.41 -35.17
N ASN A 364 -2.06 47.22 -34.44
CA ASN A 364 -1.89 47.79 -33.12
C ASN A 364 -3.00 47.39 -32.15
N ILE A 365 -3.27 46.09 -32.09
CA ILE A 365 -4.28 45.58 -31.17
C ILE A 365 -3.54 44.91 -30.02
N MET A 366 -3.91 45.22 -28.78
CA MET A 366 -3.26 44.58 -27.65
C MET A 366 -3.98 43.28 -27.30
N VAL A 367 -3.26 42.16 -27.39
CA VAL A 367 -3.82 40.87 -27.03
C VAL A 367 -3.23 40.40 -25.70
N ILE A 368 -4.02 40.48 -24.63
CA ILE A 368 -3.58 40.04 -23.31
C ILE A 368 -3.71 38.52 -23.38
N PRO A 369 -2.58 37.81 -23.46
CA PRO A 369 -2.52 36.36 -23.56
C PRO A 369 -3.19 35.53 -22.49
N ASP A 370 -3.78 34.42 -22.94
CA ASP A 370 -4.50 33.50 -22.09
C ASP A 370 -3.66 32.89 -20.96
N LEU A 371 -2.42 32.53 -21.22
CA LEU A 371 -1.61 31.92 -20.19
C LEU A 371 -1.39 32.84 -18.98
N TYR A 372 -1.86 34.08 -19.08
CA TYR A 372 -1.77 35.03 -17.98
C TYR A 372 -3.17 35.42 -17.56
N LEU A 373 -3.93 35.94 -18.52
CA LEU A 373 -5.27 36.45 -18.30
C LEU A 373 -6.30 35.51 -17.69
N ASN A 374 -6.27 34.23 -18.04
CA ASN A 374 -7.26 33.33 -17.48
C ASN A 374 -6.73 32.46 -16.34
N ALA A 375 -5.50 32.75 -15.91
CA ALA A 375 -4.86 31.98 -14.83
C ALA A 375 -5.57 32.11 -13.49
N GLY A 376 -6.61 32.92 -13.43
CA GLY A 376 -7.34 33.09 -12.19
C GLY A 376 -7.96 31.79 -11.68
N GLY A 377 -8.33 30.91 -12.60
CA GLY A 377 -8.91 29.62 -12.23
C GLY A 377 -7.98 28.75 -11.41
N VAL A 378 -6.81 28.37 -11.98
CA VAL A 378 -5.85 27.54 -11.26
C VAL A 378 -5.33 28.22 -10.01
N THR A 379 -5.20 29.55 -10.06
CA THR A 379 -4.68 30.24 -8.90
C THR A 379 -5.57 29.98 -7.70
N VAL A 380 -6.88 30.06 -7.90
CA VAL A 380 -7.80 29.82 -6.79
C VAL A 380 -8.00 28.31 -6.58
N SER A 381 -7.83 27.52 -7.63
CA SER A 381 -7.93 26.07 -7.46
C SER A 381 -6.79 25.66 -6.52
N TYR A 382 -5.63 26.29 -6.71
CA TYR A 382 -4.44 26.06 -5.89
C TYR A 382 -4.76 26.42 -4.44
N PHE A 383 -5.46 27.53 -4.23
CA PHE A 383 -5.82 27.92 -2.86
C PHE A 383 -6.77 26.83 -2.27
N GLU A 384 -7.67 26.27 -3.08
CA GLU A 384 -8.61 25.24 -2.64
C GLU A 384 -7.87 23.97 -2.20
N TRP A 385 -6.95 23.55 -3.07
CA TRP A 385 -6.14 22.37 -2.85
C TRP A 385 -5.40 22.56 -1.51
N LEU A 386 -4.86 23.76 -1.32
CA LEU A 386 -4.13 24.11 -0.11
C LEU A 386 -5.08 24.05 1.09
N LYS A 387 -6.31 24.51 0.90
CA LYS A 387 -7.26 24.49 1.99
C LYS A 387 -7.59 23.04 2.41
N ASN A 388 -7.73 22.16 1.44
CA ASN A 388 -8.01 20.76 1.72
C ASN A 388 -6.88 20.12 2.51
N LEU A 389 -5.63 20.44 2.13
CA LEU A 389 -4.46 19.88 2.82
C LEU A 389 -4.34 20.41 4.24
N ASN A 390 -4.82 21.62 4.50
CA ASN A 390 -4.70 22.18 5.84
C ASN A 390 -5.83 21.82 6.80
N HIS A 391 -6.91 21.28 6.27
CA HIS A 391 -8.05 20.89 7.10
C HIS A 391 -8.64 21.92 8.06
N VAL A 392 -8.52 23.21 7.75
CA VAL A 392 -9.10 24.29 8.60
C VAL A 392 -9.55 25.43 7.68
N SER A 393 -10.63 26.13 8.03
CA SER A 393 -11.04 27.27 7.19
C SER A 393 -10.20 28.43 7.67
N TYR A 394 -9.72 29.23 6.74
CA TYR A 394 -8.86 30.36 7.08
C TYR A 394 -9.27 31.28 8.22
N GLY A 395 -8.33 31.51 9.15
CA GLY A 395 -8.59 32.39 10.27
C GLY A 395 -9.38 31.85 11.45
N ARG A 396 -10.00 30.69 11.28
CA ARG A 396 -10.77 30.08 12.33
C ARG A 396 -10.05 30.04 13.69
N LEU A 397 -8.77 29.66 13.70
CA LEU A 397 -8.01 29.58 14.94
C LEU A 397 -7.48 30.91 15.47
N THR A 398 -7.51 31.95 14.65
CA THR A 398 -6.94 33.25 15.01
C THR A 398 -7.80 34.51 15.02
N PHE A 399 -9.04 34.44 14.55
CA PHE A 399 -9.89 35.64 14.53
C PHE A 399 -9.88 36.38 15.87
N LYS A 400 -10.23 35.68 16.95
CA LYS A 400 -10.28 36.33 18.25
C LYS A 400 -8.92 36.83 18.73
N TYR A 401 -7.88 36.03 18.56
CA TYR A 401 -6.58 36.45 19.02
C TYR A 401 -6.11 37.73 18.34
N GLU A 402 -6.30 37.80 17.03
CA GLU A 402 -5.88 38.98 16.28
C GLU A 402 -6.70 40.20 16.68
N ARG A 403 -8.00 40.00 16.80
CA ARG A 403 -8.89 41.09 17.18
C ARG A 403 -8.41 41.73 18.49
N ASP A 404 -8.22 40.92 19.52
CA ASP A 404 -7.78 41.42 20.81
C ASP A 404 -6.43 42.10 20.70
N SER A 405 -5.52 41.49 19.94
CA SER A 405 -4.18 42.05 19.77
C SER A 405 -4.22 43.44 19.14
N ASN A 406 -5.03 43.60 18.11
CA ASN A 406 -5.13 44.89 17.44
C ASN A 406 -5.65 45.96 18.35
N TYR A 407 -6.58 45.61 19.22
CA TYR A 407 -7.12 46.59 20.14
C TYR A 407 -6.08 46.94 21.21
N HIS A 408 -5.31 45.96 21.67
CA HIS A 408 -4.27 46.22 22.66
C HIS A 408 -3.12 47.01 22.05
N LEU A 409 -2.91 46.86 20.74
CA LEU A 409 -1.85 47.57 20.04
C LEU A 409 -2.23 49.05 19.95
N LEU A 410 -3.48 49.28 19.58
CA LEU A 410 -4.02 50.62 19.46
C LEU A 410 -4.05 51.25 20.85
N MET A 411 -4.40 50.45 21.84
CA MET A 411 -4.45 50.92 23.19
C MET A 411 -3.03 51.31 23.62
N SER A 412 -2.02 50.65 23.06
CA SER A 412 -0.66 50.98 23.39
C SER A 412 -0.26 52.39 22.93
N VAL A 413 -0.70 52.80 21.75
CA VAL A 413 -0.32 54.14 21.31
C VAL A 413 -1.21 55.16 22.04
N GLN A 414 -2.42 54.74 22.39
CA GLN A 414 -3.34 55.61 23.11
C GLN A 414 -2.80 55.93 24.50
N GLU A 415 -2.43 54.91 25.25
CA GLU A 415 -1.91 55.13 26.58
C GLU A 415 -0.59 55.86 26.57
N SER A 416 0.26 55.57 25.59
CA SER A 416 1.57 56.25 25.48
C SER A 416 1.39 57.74 25.28
N LEU A 417 0.45 58.11 24.40
CA LEU A 417 0.19 59.52 24.12
C LEU A 417 -0.47 60.25 25.29
N GLU A 418 -1.46 59.62 25.92
CA GLU A 418 -2.13 60.24 27.05
C GLU A 418 -1.20 60.44 28.23
N ARG A 419 -0.28 59.50 28.45
CA ARG A 419 0.64 59.63 29.58
C ARG A 419 1.70 60.68 29.24
N LYS A 420 1.98 60.84 27.96
CA LYS A 420 2.96 61.82 27.50
C LYS A 420 2.39 63.23 27.49
N PHE A 421 1.10 63.35 27.21
CA PHE A 421 0.43 64.65 27.17
C PHE A 421 -0.46 64.88 28.40
N GLY A 422 -0.35 64.01 29.40
CA GLY A 422 -1.12 64.12 30.64
C GLY A 422 -2.58 64.53 30.52
N LYS A 423 -3.11 65.13 31.60
CA LYS A 423 -4.50 65.60 31.65
C LYS A 423 -4.67 66.90 30.85
N HIS A 424 -3.55 67.39 30.32
CA HIS A 424 -3.50 68.60 29.51
C HIS A 424 -4.07 68.24 28.11
N GLY A 425 -3.91 66.97 27.72
CA GLY A 425 -4.41 66.52 26.42
C GLY A 425 -5.72 65.69 26.49
N GLY A 426 -6.12 65.32 27.71
CA GLY A 426 -7.33 64.53 27.89
C GLY A 426 -7.16 63.13 27.33
N THR A 427 -8.28 62.47 27.02
CA THR A 427 -8.20 61.14 26.43
C THR A 427 -7.95 61.34 24.94
N ILE A 428 -7.05 60.53 24.40
CA ILE A 428 -6.71 60.56 22.99
C ILE A 428 -7.13 59.20 22.42
N PRO A 429 -8.42 59.04 22.08
CA PRO A 429 -8.92 57.77 21.54
C PRO A 429 -8.30 57.38 20.21
N ILE A 430 -7.70 56.19 20.18
CA ILE A 430 -7.09 55.65 18.98
C ILE A 430 -8.04 54.53 18.64
N VAL A 431 -8.82 54.77 17.59
CA VAL A 431 -9.86 53.86 17.16
C VAL A 431 -9.64 53.37 15.74
N PRO A 432 -10.15 52.18 15.40
CA PRO A 432 -9.94 51.72 14.02
C PRO A 432 -10.74 52.55 13.01
N THR A 433 -10.23 52.72 11.79
CA THR A 433 -10.99 53.44 10.78
C THR A 433 -12.11 52.46 10.43
N ALA A 434 -13.06 52.86 9.59
CA ALA A 434 -14.14 51.94 9.23
C ALA A 434 -13.53 50.75 8.49
N GLU A 435 -12.58 51.08 7.61
CA GLU A 435 -11.89 50.09 6.81
C GLU A 435 -11.14 49.05 7.66
N PHE A 436 -10.34 49.55 8.59
CA PHE A 436 -9.57 48.68 9.45
C PHE A 436 -10.48 47.87 10.35
N GLN A 437 -11.67 48.40 10.64
CA GLN A 437 -12.61 47.69 11.48
C GLN A 437 -13.02 46.39 10.81
N ASP A 438 -13.09 46.41 9.48
CA ASP A 438 -13.44 45.24 8.68
C ASP A 438 -12.32 44.22 8.68
N ARG A 439 -11.11 44.64 9.02
CA ARG A 439 -9.96 43.76 9.00
C ARG A 439 -9.39 43.49 10.38
N ILE A 440 -10.05 44.01 11.41
CA ILE A 440 -9.58 43.87 12.79
C ILE A 440 -9.31 42.44 13.26
N SER A 441 -10.02 41.47 12.73
CA SER A 441 -9.84 40.08 13.12
C SER A 441 -8.91 39.28 12.22
N GLY A 442 -8.42 39.92 11.16
CA GLY A 442 -7.53 39.21 10.24
C GLY A 442 -8.30 38.65 9.07
N ALA A 443 -7.57 38.06 8.15
CA ALA A 443 -8.15 37.52 6.93
C ALA A 443 -9.00 36.26 7.08
N SER A 444 -10.06 36.18 6.28
CA SER A 444 -10.94 35.03 6.26
C SER A 444 -10.61 34.31 4.94
N GLU A 445 -11.25 33.17 4.69
CA GLU A 445 -11.03 32.43 3.44
C GLU A 445 -11.24 33.35 2.25
N LYS A 446 -12.32 34.11 2.31
CA LYS A 446 -12.68 35.04 1.26
C LYS A 446 -11.63 36.14 1.06
N ASP A 447 -11.09 36.64 2.16
CA ASP A 447 -10.07 37.68 2.11
C ASP A 447 -8.84 37.19 1.35
N ILE A 448 -8.35 36.01 1.70
CA ILE A 448 -7.17 35.45 1.08
C ILE A 448 -7.39 35.18 -0.40
N VAL A 449 -8.55 34.63 -0.74
CA VAL A 449 -8.86 34.34 -2.12
C VAL A 449 -8.87 35.62 -2.94
N HIS A 450 -9.52 36.65 -2.43
CA HIS A 450 -9.58 37.92 -3.13
C HIS A 450 -8.21 38.61 -3.18
N SER A 451 -7.59 38.85 -2.02
CA SER A 451 -6.29 39.52 -2.02
C SER A 451 -5.18 38.69 -2.65
N GLY A 452 -5.24 37.37 -2.48
CA GLY A 452 -4.24 36.49 -3.06
C GLY A 452 -4.27 36.47 -4.58
N LEU A 453 -5.47 36.45 -5.16
CA LEU A 453 -5.57 36.44 -6.61
C LEU A 453 -5.10 37.79 -7.16
N ALA A 454 -5.55 38.87 -6.53
CA ALA A 454 -5.18 40.22 -6.98
C ALA A 454 -3.67 40.37 -6.96
N TYR A 455 -3.06 39.88 -5.88
CA TYR A 455 -1.62 39.94 -5.72
C TYR A 455 -0.93 39.18 -6.86
N THR A 456 -1.45 37.99 -7.13
CA THR A 456 -0.90 37.15 -8.17
C THR A 456 -1.03 37.78 -9.57
N MET A 457 -2.23 38.22 -9.93
CA MET A 457 -2.45 38.81 -11.24
C MET A 457 -1.58 40.05 -11.47
N GLU A 458 -1.43 40.87 -10.42
CA GLU A 458 -0.63 42.08 -10.52
C GLU A 458 0.86 41.75 -10.62
N ARG A 459 1.31 40.82 -9.79
CA ARG A 459 2.72 40.44 -9.81
C ARG A 459 3.13 39.84 -11.16
N SER A 460 2.27 38.99 -11.72
CA SER A 460 2.56 38.38 -13.02
C SER A 460 2.45 39.43 -14.13
N ALA A 461 1.57 40.42 -13.94
CA ALA A 461 1.39 41.47 -14.95
C ALA A 461 2.69 42.26 -15.05
N ARG A 462 3.32 42.52 -13.91
CA ARG A 462 4.56 43.26 -13.86
C ARG A 462 5.69 42.54 -14.58
N GLN A 463 5.82 41.26 -14.29
CA GLN A 463 6.87 40.45 -14.89
C GLN A 463 6.69 40.40 -16.40
N ILE A 464 5.45 40.36 -16.87
CA ILE A 464 5.20 40.33 -18.30
C ILE A 464 5.55 41.68 -18.90
N MET A 465 5.23 42.75 -18.18
CA MET A 465 5.57 44.07 -18.67
C MET A 465 7.07 44.29 -18.69
N ARG A 466 7.76 43.87 -17.62
CA ARG A 466 9.20 44.04 -17.51
C ARG A 466 9.94 43.27 -18.60
N THR A 467 9.40 42.10 -18.97
CA THR A 467 10.02 41.29 -20.01
C THR A 467 9.76 41.84 -21.40
N ALA A 468 8.55 42.36 -21.63
CA ALA A 468 8.24 42.93 -22.93
C ALA A 468 9.12 44.16 -23.19
N MET A 469 9.54 44.83 -22.12
CA MET A 469 10.42 46.00 -22.24
C MET A 469 11.80 45.52 -22.62
N LYS A 470 12.36 44.68 -21.77
CA LYS A 470 13.70 44.15 -21.95
C LYS A 470 13.94 43.56 -23.34
N TYR A 471 12.88 43.09 -23.98
CA TYR A 471 13.02 42.50 -25.31
C TYR A 471 12.29 43.27 -26.41
N ASN A 472 11.83 44.47 -26.06
CA ASN A 472 11.12 45.31 -27.02
C ASN A 472 10.10 44.49 -27.79
N LEU A 473 9.08 44.03 -27.07
CA LEU A 473 8.05 43.22 -27.69
C LEU A 473 6.76 44.01 -27.99
N GLY A 474 6.77 45.30 -27.67
CA GLY A 474 5.59 46.12 -27.91
C GLY A 474 4.29 45.58 -27.36
N LEU A 475 3.33 45.25 -28.22
CA LEU A 475 2.05 44.69 -27.78
C LEU A 475 2.03 43.17 -27.88
N ASP A 476 3.21 42.57 -28.05
CA ASP A 476 3.30 41.13 -28.15
C ASP A 476 3.44 40.55 -26.75
N LEU A 477 2.45 40.79 -25.90
CA LEU A 477 2.48 40.29 -24.53
C LEU A 477 2.57 38.76 -24.46
N ARG A 478 2.03 38.07 -25.47
CA ARG A 478 2.06 36.61 -25.49
C ARG A 478 3.50 36.08 -25.51
N THR A 479 4.34 36.65 -26.37
CA THR A 479 5.72 36.22 -26.42
C THR A 479 6.43 36.52 -25.09
N ALA A 480 6.11 37.66 -24.49
CA ALA A 480 6.71 38.02 -23.20
C ALA A 480 6.34 36.98 -22.14
N ALA A 481 5.06 36.59 -22.14
CA ALA A 481 4.55 35.58 -21.22
C ALA A 481 5.27 34.23 -21.33
N TYR A 482 5.39 33.70 -22.55
CA TYR A 482 6.07 32.41 -22.73
C TYR A 482 7.53 32.49 -22.31
N VAL A 483 8.14 33.65 -22.49
CA VAL A 483 9.53 33.84 -22.09
C VAL A 483 9.62 33.61 -20.59
N ASN A 484 8.69 34.23 -19.87
CA ASN A 484 8.63 34.10 -18.42
C ASN A 484 8.40 32.63 -17.99
N ALA A 485 7.42 31.97 -18.61
CA ALA A 485 7.13 30.57 -18.28
C ALA A 485 8.32 29.67 -18.54
N ILE A 486 8.98 29.89 -19.67
CA ILE A 486 10.13 29.07 -20.05
C ILE A 486 11.27 29.27 -19.08
N GLU A 487 11.52 30.53 -18.71
CA GLU A 487 12.59 30.84 -17.79
C GLU A 487 12.40 30.03 -16.50
N LYS A 488 11.16 29.99 -16.03
CA LYS A 488 10.84 29.27 -14.81
C LYS A 488 10.93 27.76 -14.91
N VAL A 489 10.33 27.18 -15.94
CA VAL A 489 10.40 25.75 -16.09
C VAL A 489 11.85 25.30 -16.32
N PHE A 490 12.60 26.03 -17.14
CA PHE A 490 13.99 25.68 -17.45
C PHE A 490 14.77 25.65 -16.15
N ARG A 491 14.41 26.59 -15.29
CA ARG A 491 15.01 26.73 -13.99
C ARG A 491 14.96 25.41 -13.20
N VAL A 492 13.81 24.74 -13.23
CA VAL A 492 13.68 23.49 -12.49
C VAL A 492 14.53 22.49 -13.22
N TYR A 493 14.63 22.65 -14.51
CA TYR A 493 15.43 21.72 -15.30
C TYR A 493 16.92 21.94 -15.14
N ASN A 494 17.37 23.20 -15.07
CA ASN A 494 18.80 23.46 -14.95
C ASN A 494 19.43 22.59 -13.84
N GLU A 495 18.81 22.51 -12.67
CA GLU A 495 19.32 21.62 -11.61
C GLU A 495 18.74 20.24 -11.94
N ALA A 496 18.01 19.67 -10.98
CA ALA A 496 17.35 18.37 -11.15
C ALA A 496 18.32 17.18 -11.24
N GLY A 497 18.74 16.86 -12.46
CA GLY A 497 19.69 15.77 -12.67
C GLY A 497 21.00 16.49 -12.38
N VAL A 498 20.77 17.76 -12.01
CA VAL A 498 21.74 18.79 -11.65
C VAL A 498 22.79 19.16 -12.70
N THR A 499 23.52 20.25 -12.46
CA THR A 499 24.50 20.69 -13.46
C THR A 499 25.18 19.50 -14.18
N PHE A 500 24.56 19.14 -15.32
CA PHE A 500 24.98 18.06 -16.20
C PHE A 500 26.28 18.56 -16.85
N THR A 501 27.18 17.68 -17.33
CA THR A 501 28.42 18.21 -17.93
C THR A 501 28.21 18.92 -19.27
N ALA B 1 -29.49 1.75 35.85
CA ALA B 1 -30.94 1.72 35.49
C ALA B 1 -31.73 2.73 36.33
N ASP B 2 -33.06 2.65 36.24
CA ASP B 2 -33.99 3.54 36.96
C ASP B 2 -35.39 2.95 36.82
N ARG B 3 -36.27 3.24 37.78
CA ARG B 3 -37.64 2.72 37.71
C ARG B 3 -38.61 3.66 36.98
N GLU B 4 -39.06 3.24 35.79
CA GLU B 4 -39.99 4.01 34.98
C GLU B 4 -39.25 5.15 34.26
N ASP B 5 -39.55 5.35 32.98
CA ASP B 5 -38.87 6.34 32.15
C ASP B 5 -37.35 6.13 32.18
N ASP B 6 -36.92 5.13 31.45
CA ASP B 6 -35.53 4.76 31.28
C ASP B 6 -35.62 4.23 29.87
N PRO B 7 -35.47 5.11 28.88
CA PRO B 7 -35.55 4.75 27.48
C PRO B 7 -34.22 4.38 26.83
N ASN B 8 -34.30 3.86 25.61
CA ASN B 8 -33.11 3.48 24.84
C ASN B 8 -32.39 4.79 24.53
N PHE B 9 -31.12 4.91 24.92
CA PHE B 9 -30.34 6.12 24.69
C PHE B 9 -30.35 6.56 23.19
N PHE B 10 -30.23 5.61 22.25
CA PHE B 10 -30.22 5.91 20.81
C PHE B 10 -31.51 6.51 20.28
N LYS B 11 -32.65 5.91 20.65
CA LYS B 11 -33.95 6.41 20.19
C LYS B 11 -34.17 7.78 20.82
N MET B 12 -33.67 7.94 22.04
CA MET B 12 -33.80 9.19 22.77
C MET B 12 -33.19 10.32 21.97
N VAL B 13 -31.96 10.10 21.50
CA VAL B 13 -31.26 11.10 20.71
C VAL B 13 -31.99 11.26 19.38
N GLU B 14 -32.42 10.14 18.80
CA GLU B 14 -33.16 10.16 17.54
C GLU B 14 -34.43 11.03 17.68
N GLY B 15 -34.91 11.13 18.92
CA GLY B 15 -36.09 11.94 19.17
C GLY B 15 -35.71 13.40 19.10
N PHE B 16 -34.66 13.77 19.82
CA PHE B 16 -34.19 15.16 19.79
C PHE B 16 -34.02 15.60 18.34
N PHE B 17 -33.37 14.75 17.54
CA PHE B 17 -33.15 15.04 16.13
C PHE B 17 -34.48 15.33 15.45
N ASP B 18 -35.44 14.42 15.62
CA ASP B 18 -36.77 14.58 15.02
C ASP B 18 -37.46 15.86 15.45
N ARG B 19 -37.33 16.19 16.72
CA ARG B 19 -37.92 17.38 17.27
C ARG B 19 -37.40 18.59 16.50
N GLY B 20 -36.09 18.62 16.28
CA GLY B 20 -35.49 19.71 15.54
C GLY B 20 -35.76 19.61 14.05
N ALA B 21 -35.78 18.39 13.52
CA ALA B 21 -36.02 18.20 12.10
C ALA B 21 -37.39 18.72 11.64
N SER B 22 -38.41 18.56 12.47
CA SER B 22 -39.73 19.04 12.07
C SER B 22 -39.75 20.56 12.06
N ILE B 23 -39.00 21.17 12.98
CA ILE B 23 -38.95 22.62 13.06
C ILE B 23 -38.29 23.26 11.84
N VAL B 24 -37.19 22.67 11.33
CA VAL B 24 -36.48 23.20 10.16
C VAL B 24 -36.88 22.64 8.81
N GLU B 25 -37.72 21.60 8.81
CA GLU B 25 -38.13 20.96 7.54
C GLU B 25 -38.56 21.95 6.46
N ASP B 26 -39.26 23.01 6.87
CA ASP B 26 -39.71 24.02 5.92
C ASP B 26 -38.54 24.76 5.28
N LYS B 27 -37.58 25.18 6.09
CA LYS B 27 -36.43 25.89 5.57
C LYS B 27 -35.57 24.94 4.72
N LEU B 28 -35.59 23.64 5.02
CA LEU B 28 -34.79 22.73 4.21
C LEU B 28 -35.41 22.57 2.84
N VAL B 29 -36.73 22.73 2.73
CA VAL B 29 -37.38 22.61 1.43
C VAL B 29 -37.25 23.96 0.75
N GLU B 30 -37.16 24.99 1.59
CA GLU B 30 -37.02 26.37 1.15
C GLU B 30 -35.82 26.50 0.24
N ASP B 31 -34.64 26.52 0.85
CA ASP B 31 -33.40 26.63 0.10
C ASP B 31 -32.92 25.29 -0.47
N LEU B 32 -33.85 24.47 -0.97
CA LEU B 32 -33.47 23.18 -1.54
C LEU B 32 -33.20 23.39 -3.04
N LYS B 33 -32.06 22.88 -3.49
CA LYS B 33 -31.65 23.01 -4.90
C LYS B 33 -32.38 22.15 -5.94
N THR B 34 -33.57 21.63 -5.61
CA THR B 34 -34.29 20.82 -6.59
C THR B 34 -34.86 21.76 -7.63
N ARG B 35 -34.92 21.29 -8.88
CA ARG B 35 -35.45 22.06 -9.98
C ARG B 35 -36.96 21.82 -9.97
N GLU B 36 -37.35 20.54 -9.82
CA GLU B 36 -38.76 20.15 -9.80
C GLU B 36 -39.46 20.44 -8.48
N THR B 37 -39.47 21.71 -8.08
CA THR B 37 -40.12 22.13 -6.83
C THR B 37 -41.61 21.79 -6.75
N GLU B 38 -41.97 20.78 -5.94
CA GLU B 38 -43.36 20.37 -5.80
C GLU B 38 -43.63 19.42 -4.64
N GLU B 39 -43.13 19.78 -3.46
CA GLU B 39 -43.30 18.97 -2.25
C GLU B 39 -42.69 17.57 -2.37
N GLN B 40 -42.15 17.23 -3.55
CA GLN B 40 -41.47 15.94 -3.69
C GLN B 40 -40.11 16.35 -3.11
N LYS B 41 -39.90 17.68 -3.11
CA LYS B 41 -38.73 18.31 -2.55
C LYS B 41 -38.83 18.00 -1.07
N ARG B 42 -40.03 18.18 -0.52
CA ARG B 42 -40.25 17.92 0.89
C ARG B 42 -39.89 16.46 1.19
N ASN B 43 -40.15 15.57 0.22
CA ASN B 43 -39.84 14.15 0.38
C ASN B 43 -38.36 13.86 0.24
N ARG B 44 -37.68 14.63 -0.60
CA ARG B 44 -36.24 14.45 -0.80
C ARG B 44 -35.51 14.87 0.47
N VAL B 45 -36.06 15.87 1.16
CA VAL B 45 -35.50 16.37 2.41
C VAL B 45 -35.63 15.27 3.45
N ARG B 46 -36.80 14.64 3.47
CA ARG B 46 -37.06 13.57 4.42
C ARG B 46 -36.16 12.38 4.11
N GLY B 47 -35.93 12.17 2.81
CA GLY B 47 -35.07 11.07 2.39
C GLY B 47 -33.66 11.27 2.94
N ILE B 48 -33.19 12.52 2.90
CA ILE B 48 -31.86 12.85 3.40
C ILE B 48 -31.80 12.71 4.93
N LEU B 49 -32.84 13.18 5.63
CA LEU B 49 -32.86 13.07 7.08
C LEU B 49 -32.85 11.62 7.56
N ARG B 50 -33.43 10.73 6.76
CA ARG B 50 -33.46 9.32 7.12
C ARG B 50 -32.09 8.68 6.92
N ILE B 51 -31.24 9.36 6.16
CA ILE B 51 -29.90 8.83 5.92
C ILE B 51 -29.02 9.23 7.09
N ILE B 52 -29.18 10.46 7.53
CA ILE B 52 -28.38 10.99 8.62
C ILE B 52 -28.60 10.33 9.97
N LYS B 53 -29.85 10.04 10.30
CA LYS B 53 -30.14 9.47 11.60
C LYS B 53 -29.42 8.19 12.03
N PRO B 54 -29.44 7.13 11.21
CA PRO B 54 -28.77 5.92 11.63
C PRO B 54 -27.26 5.94 11.43
N CYS B 55 -26.57 5.12 12.23
CA CYS B 55 -25.12 4.99 12.15
C CYS B 55 -24.82 4.20 10.89
N ASN B 56 -23.76 4.60 10.19
CA ASN B 56 -23.38 3.92 8.96
C ASN B 56 -22.68 2.61 9.28
N HIS B 57 -21.82 2.62 10.31
CA HIS B 57 -21.07 1.42 10.69
C HIS B 57 -20.96 1.18 12.17
N VAL B 58 -21.04 -0.08 12.54
CA VAL B 58 -20.88 -0.43 13.93
C VAL B 58 -20.07 -1.71 13.94
N LEU B 59 -18.94 -1.66 14.64
CA LEU B 59 -18.07 -2.81 14.73
C LEU B 59 -18.13 -3.35 16.16
N SER B 60 -18.51 -4.61 16.29
CA SER B 60 -18.59 -5.27 17.59
C SER B 60 -17.43 -6.24 17.68
N LEU B 61 -16.66 -6.15 18.76
CA LEU B 61 -15.52 -7.03 18.92
C LEU B 61 -15.58 -7.90 20.17
N SER B 62 -14.96 -9.06 20.07
CA SER B 62 -14.87 -9.99 21.18
C SER B 62 -13.45 -10.51 21.05
N PHE B 63 -12.57 -10.12 21.97
CA PHE B 63 -11.19 -10.57 21.88
C PHE B 63 -10.63 -11.07 23.20
N PRO B 64 -9.65 -11.98 23.16
CA PRO B 64 -9.10 -12.48 24.41
C PRO B 64 -7.87 -11.75 24.93
N ILE B 65 -7.76 -11.62 26.25
CA ILE B 65 -6.58 -11.01 26.87
C ILE B 65 -6.14 -11.98 27.98
N ARG B 66 -4.84 -11.97 28.27
CA ARG B 66 -4.30 -12.84 29.32
C ARG B 66 -4.15 -12.04 30.60
N ARG B 67 -4.82 -12.46 31.67
CA ARG B 67 -4.76 -11.78 32.96
C ARG B 67 -3.38 -11.96 33.57
N ASP B 68 -3.08 -11.13 34.56
CA ASP B 68 -1.80 -11.23 35.25
C ASP B 68 -1.69 -12.56 36.00
N ASP B 69 -2.83 -13.23 36.24
CA ASP B 69 -2.82 -14.52 36.93
C ASP B 69 -2.44 -15.65 35.96
N GLY B 70 -2.77 -15.46 34.68
CA GLY B 70 -2.43 -16.48 33.68
C GLY B 70 -3.63 -16.93 32.86
N SER B 71 -4.83 -16.75 33.42
CA SER B 71 -6.07 -17.14 32.77
C SER B 71 -6.46 -16.23 31.60
N TRP B 72 -7.19 -16.78 30.64
CA TRP B 72 -7.64 -15.99 29.50
C TRP B 72 -9.03 -15.45 29.81
N GLU B 73 -9.30 -14.25 29.32
CA GLU B 73 -10.58 -13.61 29.53
C GLU B 73 -11.02 -12.93 28.25
N VAL B 74 -12.24 -13.22 27.83
CA VAL B 74 -12.79 -12.63 26.62
C VAL B 74 -13.41 -11.29 26.99
N ILE B 75 -13.04 -10.26 26.26
CA ILE B 75 -13.59 -8.95 26.55
C ILE B 75 -14.24 -8.38 25.30
N GLU B 76 -15.36 -7.69 25.52
CA GLU B 76 -16.15 -7.12 24.44
C GLU B 76 -15.96 -5.62 24.28
N GLY B 77 -16.01 -5.16 23.03
CA GLY B 77 -15.85 -3.74 22.75
C GLY B 77 -16.62 -3.38 21.52
N TYR B 78 -16.88 -2.09 21.36
CA TYR B 78 -17.63 -1.61 20.22
C TYR B 78 -17.09 -0.28 19.74
N ARG B 79 -17.28 -0.01 18.46
CA ARG B 79 -16.86 1.25 17.87
C ARG B 79 -17.91 1.57 16.83
N ALA B 80 -18.69 2.61 17.07
CA ALA B 80 -19.67 3.00 16.09
C ALA B 80 -19.22 4.24 15.34
N GLN B 81 -19.44 4.24 14.03
CA GLN B 81 -19.13 5.41 13.19
C GLN B 81 -20.49 5.82 12.66
N HIS B 82 -21.01 6.92 13.20
CA HIS B 82 -22.32 7.44 12.83
C HIS B 82 -22.39 8.06 11.45
N SER B 83 -21.46 8.95 11.14
CA SER B 83 -21.46 9.64 9.85
C SER B 83 -20.07 9.84 9.25
N GLN B 84 -20.02 9.91 7.93
CA GLN B 84 -18.76 10.11 7.23
C GLN B 84 -18.91 11.25 6.23
N HIS B 85 -19.87 12.15 6.49
CA HIS B 85 -20.10 13.30 5.60
C HIS B 85 -18.90 14.24 5.73
N ARG B 86 -18.09 14.00 6.75
CA ARG B 86 -16.85 14.72 7.01
C ARG B 86 -15.88 13.57 7.28
N THR B 87 -14.88 13.46 6.41
CA THR B 87 -13.93 12.35 6.43
C THR B 87 -13.36 11.82 7.72
N PRO B 88 -12.57 12.62 8.47
CA PRO B 88 -12.14 11.88 9.68
C PRO B 88 -13.27 11.78 10.69
N CYS B 89 -13.64 10.55 11.03
CA CYS B 89 -14.67 10.33 12.04
C CYS B 89 -13.98 10.70 13.36
N LYS B 90 -14.74 11.19 14.33
CA LYS B 90 -14.16 11.60 15.61
C LYS B 90 -15.02 11.15 16.78
N GLY B 91 -14.36 10.70 17.86
CA GLY B 91 -15.10 10.24 19.03
C GLY B 91 -14.25 9.51 20.05
N GLY B 92 -14.58 9.68 21.33
CA GLY B 92 -13.81 9.06 22.39
C GLY B 92 -14.07 7.59 22.67
N ILE B 93 -13.37 7.07 23.66
CA ILE B 93 -13.50 5.68 24.05
C ILE B 93 -13.87 5.57 25.52
N ARG B 94 -14.97 4.88 25.79
CA ARG B 94 -15.42 4.73 27.16
C ARG B 94 -15.16 3.32 27.71
N TYR B 95 -14.62 3.25 28.92
CA TYR B 95 -14.37 1.96 29.60
C TYR B 95 -15.34 1.85 30.77
N SER B 96 -16.41 1.06 30.60
CA SER B 96 -17.38 0.84 31.66
C SER B 96 -18.33 -0.32 31.34
N THR B 97 -18.83 -0.95 32.40
CA THR B 97 -19.75 -2.09 32.26
C THR B 97 -21.10 -1.71 31.66
N ASP B 98 -21.30 -0.41 31.45
CA ASP B 98 -22.56 0.08 30.86
C ASP B 98 -22.53 0.18 29.33
N VAL B 99 -21.36 0.03 28.71
CA VAL B 99 -21.33 0.16 27.26
C VAL B 99 -22.06 -1.00 26.60
N SER B 100 -22.69 -0.68 25.48
CA SER B 100 -23.44 -1.64 24.69
C SER B 100 -23.55 -1.02 23.31
N VAL B 101 -24.05 -1.77 22.34
CA VAL B 101 -24.19 -1.24 21.00
C VAL B 101 -25.05 0.04 20.96
N ASP B 102 -26.21 0.01 21.61
CA ASP B 102 -27.09 1.18 21.60
C ASP B 102 -26.50 2.43 22.25
N GLU B 103 -25.71 2.26 23.29
CA GLU B 103 -25.10 3.38 23.98
C GLU B 103 -24.02 4.01 23.11
N VAL B 104 -23.22 3.15 22.49
CA VAL B 104 -22.14 3.61 21.64
C VAL B 104 -22.68 4.32 20.41
N LYS B 105 -23.81 3.86 19.88
CA LYS B 105 -24.40 4.48 18.71
C LYS B 105 -25.05 5.82 19.05
N ALA B 106 -25.64 5.91 20.24
CA ALA B 106 -26.29 7.16 20.62
C ALA B 106 -25.21 8.22 20.77
N LEU B 107 -24.14 7.82 21.44
CA LEU B 107 -22.99 8.67 21.69
C LEU B 107 -22.30 9.06 20.38
N ALA B 108 -22.20 8.09 19.47
CA ALA B 108 -21.58 8.34 18.19
C ALA B 108 -22.37 9.42 17.45
N SER B 109 -23.69 9.29 17.46
CA SER B 109 -24.53 10.27 16.78
C SER B 109 -24.47 11.65 17.45
N LEU B 110 -24.29 11.69 18.77
CA LEU B 110 -24.19 12.95 19.47
C LEU B 110 -22.93 13.65 19.01
N MET B 111 -21.91 12.86 18.67
CA MET B 111 -20.65 13.42 18.21
C MET B 111 -20.77 14.21 16.90
N THR B 112 -21.48 13.65 15.92
CA THR B 112 -21.61 14.36 14.65
C THR B 112 -22.39 15.65 14.83
N TYR B 113 -23.48 15.60 15.59
CA TYR B 113 -24.31 16.80 15.81
C TYR B 113 -23.58 17.88 16.60
N LYS B 114 -22.82 17.46 17.61
CA LYS B 114 -22.05 18.40 18.41
C LYS B 114 -20.91 19.00 17.57
N CYS B 115 -20.26 18.19 16.74
CA CYS B 115 -19.20 18.71 15.87
C CYS B 115 -19.83 19.72 14.91
N ALA B 116 -21.02 19.40 14.41
CA ALA B 116 -21.69 20.30 13.49
C ALA B 116 -22.04 21.62 14.20
N VAL B 117 -22.56 21.54 15.41
CA VAL B 117 -22.94 22.74 16.14
C VAL B 117 -21.74 23.68 16.31
N VAL B 118 -20.60 23.09 16.63
CA VAL B 118 -19.40 23.84 16.92
C VAL B 118 -18.40 23.98 15.75
N ASP B 119 -18.84 23.61 14.56
CA ASP B 119 -18.06 23.71 13.32
C ASP B 119 -16.71 23.01 13.24
N VAL B 120 -16.68 21.78 13.73
CA VAL B 120 -15.48 20.94 13.69
C VAL B 120 -15.77 20.00 12.53
N PRO B 121 -14.88 19.97 11.51
CA PRO B 121 -15.07 19.11 10.34
C PRO B 121 -14.89 17.60 10.52
N PHE B 122 -15.62 17.03 11.48
CA PHE B 122 -15.54 15.60 11.76
C PHE B 122 -16.87 14.88 11.78
N GLY B 123 -16.89 13.64 11.30
CA GLY B 123 -18.10 12.84 11.38
C GLY B 123 -18.04 12.24 12.76
N GLY B 124 -19.17 11.94 13.38
CA GLY B 124 -19.15 11.39 14.73
C GLY B 124 -18.91 9.91 14.84
N ALA B 125 -18.22 9.51 15.90
CA ALA B 125 -17.86 8.13 16.17
C ALA B 125 -17.74 7.97 17.67
N LYS B 126 -17.73 6.73 18.15
CA LYS B 126 -17.62 6.47 19.57
C LYS B 126 -17.33 5.00 19.86
N ALA B 127 -16.47 4.75 20.84
CA ALA B 127 -16.11 3.39 21.21
C ALA B 127 -16.32 3.16 22.70
N GLY B 128 -16.50 1.89 23.04
CA GLY B 128 -16.68 1.52 24.42
C GLY B 128 -16.18 0.11 24.63
N VAL B 129 -15.47 -0.11 25.72
CA VAL B 129 -14.98 -1.44 26.04
C VAL B 129 -15.73 -1.80 27.33
N LYS B 130 -16.48 -2.90 27.29
CA LYS B 130 -17.29 -3.33 28.44
C LYS B 130 -16.54 -3.98 29.60
N ILE B 131 -15.84 -3.17 30.37
CA ILE B 131 -15.10 -3.66 31.54
C ILE B 131 -15.22 -2.59 32.62
N ASN B 132 -14.79 -2.94 33.82
CA ASN B 132 -14.79 -1.99 34.92
C ASN B 132 -13.32 -1.80 35.19
N PRO B 133 -12.77 -0.67 34.75
CA PRO B 133 -11.35 -0.37 34.94
C PRO B 133 -10.78 -0.68 36.32
N LYS B 134 -11.54 -0.38 37.37
CA LYS B 134 -11.08 -0.62 38.74
C LYS B 134 -10.69 -2.05 39.04
N ASN B 135 -11.31 -2.99 38.34
CA ASN B 135 -11.02 -4.40 38.52
C ASN B 135 -9.89 -4.93 37.65
N TYR B 136 -9.01 -4.04 37.19
CA TYR B 136 -7.91 -4.48 36.35
C TYR B 136 -6.63 -3.78 36.70
N THR B 137 -5.51 -4.48 36.58
CA THR B 137 -4.22 -3.88 36.84
C THR B 137 -3.89 -2.95 35.68
N ASP B 138 -2.87 -2.13 35.84
CA ASP B 138 -2.48 -1.22 34.77
C ASP B 138 -1.92 -2.02 33.61
N ASN B 139 -1.23 -3.11 33.94
CA ASN B 139 -0.63 -3.97 32.93
C ASN B 139 -1.75 -4.56 32.08
N GLU B 140 -2.85 -4.95 32.73
CA GLU B 140 -3.97 -5.54 32.00
C GLU B 140 -4.72 -4.51 31.16
N LEU B 141 -4.89 -3.30 31.68
CA LEU B 141 -5.59 -2.27 30.93
C LEU B 141 -4.82 -1.94 29.64
N GLU B 142 -3.49 -1.95 29.72
CA GLU B 142 -2.66 -1.68 28.55
C GLU B 142 -2.88 -2.74 27.49
N LYS B 143 -2.85 -4.00 27.89
CA LYS B 143 -3.06 -5.11 26.97
C LYS B 143 -4.38 -4.91 26.28
N ILE B 144 -5.37 -4.52 27.08
CA ILE B 144 -6.71 -4.28 26.59
C ILE B 144 -6.80 -3.13 25.59
N THR B 145 -6.28 -1.96 25.93
CA THR B 145 -6.38 -0.86 24.99
C THR B 145 -5.55 -1.14 23.73
N ARG B 146 -4.33 -1.66 23.89
CA ARG B 146 -3.48 -1.93 22.73
C ARG B 146 -4.08 -2.96 21.77
N ARG B 147 -4.70 -4.00 22.32
CA ARG B 147 -5.29 -5.04 21.50
C ARG B 147 -6.54 -4.51 20.81
N PHE B 148 -7.26 -3.65 21.53
CA PHE B 148 -8.47 -3.07 21.01
C PHE B 148 -8.08 -2.19 19.81
N THR B 149 -6.97 -1.47 19.96
CA THR B 149 -6.47 -0.60 18.90
C THR B 149 -6.17 -1.39 17.63
N MET B 150 -5.45 -2.49 17.78
CA MET B 150 -5.10 -3.34 16.64
C MET B 150 -6.32 -3.88 15.93
N GLU B 151 -7.32 -4.28 16.69
CA GLU B 151 -8.53 -4.83 16.09
C GLU B 151 -9.30 -3.75 15.34
N LEU B 152 -9.27 -2.52 15.84
CA LEU B 152 -9.97 -1.45 15.17
C LEU B 152 -9.18 -1.04 13.92
N ALA B 153 -7.87 -0.98 14.07
CA ALA B 153 -6.99 -0.60 12.97
C ALA B 153 -7.09 -1.54 11.77
N LYS B 154 -7.25 -2.83 12.04
CA LYS B 154 -7.35 -3.78 10.95
C LYS B 154 -8.70 -3.74 10.25
N LYS B 155 -9.70 -3.15 10.89
CA LYS B 155 -11.03 -3.08 10.26
C LYS B 155 -11.39 -1.65 9.86
N GLY B 156 -10.39 -0.77 9.89
CA GLY B 156 -10.61 0.62 9.52
C GLY B 156 -11.39 1.47 10.48
N PHE B 157 -11.14 1.30 11.78
CA PHE B 157 -11.82 2.09 12.78
C PHE B 157 -10.92 3.00 13.58
N ILE B 158 -9.74 3.26 13.03
CA ILE B 158 -8.78 4.20 13.61
C ILE B 158 -7.74 4.46 12.53
N GLY B 159 -7.40 5.75 12.37
CA GLY B 159 -6.44 6.19 11.37
C GLY B 159 -6.57 7.71 11.32
N PRO B 160 -5.48 8.45 11.03
CA PRO B 160 -5.53 9.92 10.99
C PRO B 160 -6.58 10.48 10.05
N GLY B 161 -6.91 9.72 9.01
CA GLY B 161 -7.90 10.20 8.06
C GLY B 161 -9.20 9.41 8.03
N VAL B 162 -9.29 8.33 8.79
CA VAL B 162 -10.52 7.56 8.80
C VAL B 162 -11.30 7.73 10.10
N ASP B 163 -10.63 7.60 11.24
CA ASP B 163 -11.32 7.69 12.51
C ASP B 163 -10.35 7.97 13.64
N VAL B 164 -10.54 9.10 14.31
CA VAL B 164 -9.66 9.52 15.38
C VAL B 164 -10.29 9.50 16.77
N PRO B 165 -9.89 8.54 17.63
CA PRO B 165 -10.44 8.45 18.98
C PRO B 165 -9.93 9.53 19.94
N ALA B 166 -10.38 9.45 21.19
CA ALA B 166 -10.01 10.40 22.26
C ALA B 166 -10.49 9.84 23.60
N PRO B 167 -10.26 10.56 24.71
CA PRO B 167 -10.73 9.99 25.98
C PRO B 167 -12.24 10.15 26.21
N ASP B 168 -12.73 9.48 27.25
CA ASP B 168 -14.14 9.53 27.68
C ASP B 168 -14.14 8.90 29.06
N MET B 169 -15.22 8.21 29.41
CA MET B 169 -15.28 7.60 30.73
C MET B 169 -14.25 6.51 31.01
N SER B 170 -13.49 6.78 32.06
CA SER B 170 -12.43 5.91 32.57
C SER B 170 -11.22 5.75 31.66
N THR B 171 -10.95 6.76 30.84
CA THR B 171 -9.80 6.77 29.92
C THR B 171 -9.23 8.19 29.86
N GLY B 172 -7.94 8.30 29.59
CA GLY B 172 -7.32 9.62 29.50
C GLY B 172 -6.03 9.60 28.73
N GLU B 173 -5.12 10.50 29.09
CA GLU B 173 -3.80 10.62 28.45
C GLU B 173 -3.12 9.26 28.28
N ARG B 174 -3.11 8.48 29.35
CA ARG B 174 -2.48 7.18 29.36
C ARG B 174 -2.96 6.20 28.28
N GLU B 175 -4.28 6.01 28.19
CA GLU B 175 -4.84 5.12 27.19
C GLU B 175 -4.57 5.67 25.78
N MET B 176 -4.72 6.98 25.62
CA MET B 176 -4.51 7.61 24.34
C MET B 176 -3.05 7.40 23.89
N SER B 177 -2.17 7.29 24.87
CA SER B 177 -0.76 7.08 24.61
C SER B 177 -0.51 5.68 24.08
N TRP B 178 -1.13 4.70 24.73
CA TRP B 178 -1.00 3.31 24.32
C TRP B 178 -1.57 3.17 22.92
N ILE B 179 -2.72 3.80 22.69
CA ILE B 179 -3.38 3.75 21.39
C ILE B 179 -2.48 4.29 20.27
N ALA B 180 -1.89 5.46 20.49
CA ALA B 180 -1.05 6.08 19.48
C ALA B 180 0.17 5.24 19.19
N ASP B 181 0.82 4.79 20.26
CA ASP B 181 2.00 3.98 20.15
C ASP B 181 1.73 2.69 19.37
N THR B 182 0.62 2.03 19.67
CA THR B 182 0.30 0.79 18.98
C THR B 182 0.07 1.03 17.51
N TYR B 183 -0.67 2.08 17.19
CA TYR B 183 -0.94 2.38 15.79
C TYR B 183 0.37 2.75 15.09
N ALA B 184 1.13 3.68 15.67
CA ALA B 184 2.38 4.09 15.07
C ALA B 184 3.42 2.97 14.95
N SER B 185 3.48 2.09 15.95
CA SER B 185 4.44 0.98 15.91
C SER B 185 4.12 -0.10 14.88
N THR B 186 2.89 -0.10 14.36
CA THR B 186 2.49 -1.11 13.41
C THR B 186 1.98 -0.57 12.08
N ILE B 187 0.66 -0.63 11.89
CA ILE B 187 0.01 -0.16 10.68
C ILE B 187 0.46 1.22 10.16
N GLY B 188 0.67 2.19 11.05
CA GLY B 188 1.10 3.50 10.62
C GLY B 188 2.59 3.80 10.75
N HIS B 189 3.44 2.78 10.73
CA HIS B 189 4.89 3.01 10.89
C HIS B 189 5.54 3.84 9.80
N TYR B 190 4.88 3.99 8.66
CA TYR B 190 5.42 4.77 7.54
C TYR B 190 4.65 6.10 7.39
N ASP B 191 3.50 6.20 8.06
CA ASP B 191 2.66 7.40 7.97
C ASP B 191 3.22 8.64 8.68
N ILE B 192 3.47 9.68 7.90
CA ILE B 192 3.99 10.90 8.48
C ILE B 192 3.01 11.49 9.48
N ASN B 193 1.74 11.11 9.39
CA ASN B 193 0.73 11.65 10.31
C ASN B 193 0.21 10.60 11.28
N ALA B 194 0.99 9.54 11.47
CA ALA B 194 0.61 8.44 12.34
C ALA B 194 0.12 8.87 13.74
N HIS B 195 0.73 9.92 14.29
CA HIS B 195 0.34 10.33 15.63
C HIS B 195 -0.92 11.18 15.72
N ALA B 196 -1.52 11.45 14.58
CA ALA B 196 -2.76 12.22 14.54
C ALA B 196 -3.90 11.21 14.52
N CYS B 197 -3.57 9.96 14.79
CA CYS B 197 -4.56 8.89 14.80
C CYS B 197 -5.46 8.93 16.04
N VAL B 198 -5.06 9.69 17.05
CA VAL B 198 -5.84 9.77 18.27
C VAL B 198 -5.55 11.09 18.96
N THR B 199 -6.52 11.64 19.68
CA THR B 199 -6.31 12.90 20.40
C THR B 199 -6.44 12.70 21.92
N GLY B 200 -6.11 13.74 22.67
CA GLY B 200 -6.14 13.64 24.11
C GLY B 200 -4.84 12.99 24.59
N LYS B 201 -3.85 12.98 23.71
CA LYS B 201 -2.53 12.42 23.99
C LYS B 201 -1.80 13.29 25.00
N PRO B 202 -0.77 12.72 25.65
CA PRO B 202 -0.01 13.51 26.63
C PRO B 202 0.73 14.56 25.80
N ILE B 203 0.96 15.75 26.36
CA ILE B 203 1.64 16.79 25.62
C ILE B 203 3.02 16.36 25.11
N SER B 204 3.67 15.45 25.85
CA SER B 204 4.98 14.99 25.45
C SER B 204 4.91 14.02 24.26
N GLN B 205 3.74 13.37 24.08
CA GLN B 205 3.56 12.43 22.98
C GLN B 205 2.82 13.07 21.80
N GLY B 206 2.82 14.40 21.73
CA GLY B 206 2.15 15.07 20.63
C GLY B 206 0.78 15.63 20.99
N GLY B 207 0.51 15.70 22.28
CA GLY B 207 -0.76 16.23 22.74
C GLY B 207 -0.76 17.74 22.72
N ILE B 208 -1.92 18.33 22.98
CA ILE B 208 -2.02 19.78 22.97
C ILE B 208 -2.34 20.38 24.34
N HIS B 209 -1.83 21.59 24.55
CA HIS B 209 -2.05 22.30 25.80
C HIS B 209 -3.52 22.36 26.15
N GLY B 210 -3.80 22.20 27.44
CA GLY B 210 -5.15 22.27 27.95
C GLY B 210 -6.21 21.37 27.35
N ARG B 211 -5.83 20.20 26.84
CA ARG B 211 -6.84 19.33 26.28
C ARG B 211 -7.65 18.66 27.42
N ILE B 212 -6.99 18.35 28.52
CA ILE B 212 -7.66 17.71 29.64
C ILE B 212 -8.72 18.62 30.26
N SER B 213 -8.38 19.90 30.42
CA SER B 213 -9.30 20.85 31.00
C SER B 213 -10.19 21.54 29.97
N ALA B 214 -10.02 21.16 28.71
CA ALA B 214 -10.77 21.79 27.63
C ALA B 214 -12.28 21.66 27.73
N THR B 215 -12.77 20.53 28.20
CA THR B 215 -14.20 20.33 28.31
C THR B 215 -14.79 21.21 29.42
N GLY B 216 -14.17 21.19 30.60
CA GLY B 216 -14.64 21.99 31.71
C GLY B 216 -14.59 23.46 31.35
N ARG B 217 -13.57 23.84 30.60
CA ARG B 217 -13.37 25.21 30.15
C ARG B 217 -14.45 25.59 29.15
N GLY B 218 -14.82 24.63 28.30
CA GLY B 218 -15.87 24.89 27.36
C GLY B 218 -17.17 24.96 28.11
N VAL B 219 -17.31 24.22 29.20
CA VAL B 219 -18.54 24.25 29.97
C VAL B 219 -18.66 25.65 30.57
N PHE B 220 -17.55 26.16 31.07
CA PHE B 220 -17.52 27.50 31.63
C PHE B 220 -17.96 28.51 30.59
N HIS B 221 -17.42 28.41 29.37
CA HIS B 221 -17.76 29.35 28.30
C HIS B 221 -19.21 29.24 27.87
N GLY B 222 -19.68 28.00 27.72
CA GLY B 222 -21.05 27.78 27.29
C GLY B 222 -22.00 28.43 28.29
N ILE B 223 -21.71 28.26 29.57
CA ILE B 223 -22.55 28.84 30.60
C ILE B 223 -22.41 30.35 30.57
N GLU B 224 -21.17 30.83 30.51
CA GLU B 224 -20.88 32.25 30.49
C GLU B 224 -21.67 33.00 29.43
N ASN B 225 -21.77 32.40 28.25
CA ASN B 225 -22.49 33.03 27.15
C ASN B 225 -23.95 33.31 27.50
N PHE B 226 -24.63 32.34 28.10
CA PHE B 226 -26.03 32.53 28.45
C PHE B 226 -26.23 33.27 29.79
N ILE B 227 -25.32 33.08 30.74
CA ILE B 227 -25.45 33.72 32.04
C ILE B 227 -25.25 35.26 32.04
N ASN B 228 -24.92 35.80 30.88
CA ASN B 228 -24.72 37.25 30.73
C ASN B 228 -25.69 37.84 29.70
N GLU B 229 -26.74 37.11 29.36
CA GLU B 229 -27.70 37.60 28.38
C GLU B 229 -28.79 38.56 28.89
N ALA B 230 -29.10 38.49 30.18
CA ALA B 230 -30.14 39.35 30.78
C ALA B 230 -31.51 38.90 30.28
N SER B 231 -31.65 38.83 28.96
CA SER B 231 -32.89 38.38 28.36
C SER B 231 -33.23 37.00 28.90
N TYR B 232 -32.31 36.05 28.76
CA TYR B 232 -32.55 34.70 29.26
C TYR B 232 -32.62 34.70 30.79
N MET B 233 -31.61 35.29 31.43
CA MET B 233 -31.55 35.38 32.88
C MET B 233 -32.76 36.04 33.56
N SER B 234 -33.48 36.88 32.81
CA SER B 234 -34.65 37.53 33.37
C SER B 234 -35.79 36.51 33.38
N ILE B 235 -35.93 35.74 32.30
CA ILE B 235 -36.97 34.71 32.24
C ILE B 235 -36.77 33.73 33.39
N LEU B 236 -35.51 33.54 33.78
CA LEU B 236 -35.18 32.63 34.88
C LEU B 236 -35.18 33.41 36.19
N GLY B 237 -35.32 34.73 36.08
CA GLY B 237 -35.33 35.57 37.25
C GLY B 237 -34.03 35.46 38.03
N MET B 238 -32.93 35.78 37.36
CA MET B 238 -31.61 35.75 37.98
C MET B 238 -30.89 36.97 37.47
N THR B 239 -29.77 37.28 38.11
CA THR B 239 -28.97 38.40 37.69
C THR B 239 -27.83 37.82 36.87
N PRO B 240 -27.36 38.55 35.85
CA PRO B 240 -26.26 38.01 35.05
C PRO B 240 -24.98 37.87 35.87
N GLY B 241 -24.02 37.07 35.36
CA GLY B 241 -22.77 36.86 36.05
C GLY B 241 -22.72 35.65 36.96
N PHE B 242 -21.51 35.28 37.38
CA PHE B 242 -21.32 34.11 38.27
C PHE B 242 -21.14 34.56 39.73
N GLY B 243 -20.60 35.77 39.92
CA GLY B 243 -20.33 36.32 41.24
C GLY B 243 -21.21 35.98 42.43
N ASP B 244 -22.52 35.86 42.19
CA ASP B 244 -23.46 35.54 43.25
C ASP B 244 -24.23 34.27 42.91
N LYS B 245 -23.54 33.31 42.29
CA LYS B 245 -24.19 32.08 41.90
C LYS B 245 -23.58 30.85 42.57
N THR B 246 -24.43 29.88 42.90
CA THR B 246 -24.01 28.64 43.52
C THR B 246 -24.25 27.55 42.49
N PHE B 247 -23.44 26.49 42.54
CA PHE B 247 -23.61 25.41 41.61
C PHE B 247 -23.17 24.12 42.28
N ALA B 248 -23.64 23.00 41.73
CA ALA B 248 -23.29 21.69 42.25
C ALA B 248 -23.02 20.85 41.01
N VAL B 249 -21.96 20.07 41.07
CA VAL B 249 -21.60 19.25 39.94
C VAL B 249 -21.65 17.76 40.26
N GLN B 250 -22.32 16.99 39.41
CA GLN B 250 -22.37 15.56 39.57
C GLN B 250 -21.27 14.95 38.70
N GLY B 251 -20.15 14.61 39.32
CA GLY B 251 -19.02 14.06 38.60
C GLY B 251 -17.80 14.87 38.95
N PHE B 252 -16.74 14.21 39.41
CA PHE B 252 -15.52 14.89 39.79
C PHE B 252 -14.35 14.38 38.97
N GLY B 253 -14.62 14.07 37.71
CA GLY B 253 -13.57 13.60 36.83
C GLY B 253 -13.05 14.69 35.93
N ASN B 254 -12.60 14.30 34.75
CA ASN B 254 -12.03 15.25 33.80
C ASN B 254 -12.95 16.43 33.49
N VAL B 255 -14.25 16.18 33.35
CA VAL B 255 -15.16 17.26 33.06
C VAL B 255 -15.59 18.04 34.31
N GLY B 256 -16.10 17.32 35.32
CA GLY B 256 -16.56 17.95 36.54
C GLY B 256 -15.53 18.74 37.32
N LEU B 257 -14.37 18.13 37.57
CA LEU B 257 -13.31 18.81 38.30
C LEU B 257 -12.98 20.16 37.69
N HIS B 258 -12.73 20.14 36.39
CA HIS B 258 -12.34 21.36 35.69
C HIS B 258 -13.47 22.36 35.50
N SER B 259 -14.69 21.86 35.34
CA SER B 259 -15.83 22.77 35.22
C SER B 259 -15.88 23.52 36.56
N MET B 260 -15.69 22.76 37.64
CA MET B 260 -15.69 23.30 38.98
C MET B 260 -14.57 24.30 39.14
N ARG B 261 -13.36 23.96 38.70
CA ARG B 261 -12.20 24.86 38.80
C ARG B 261 -12.49 26.21 38.15
N TYR B 262 -13.04 26.17 36.94
CA TYR B 262 -13.31 27.38 36.19
C TYR B 262 -14.43 28.26 36.73
N LEU B 263 -15.57 27.69 37.10
CA LEU B 263 -16.65 28.51 37.62
C LEU B 263 -16.21 29.20 38.92
N HIS B 264 -15.46 28.46 39.73
CA HIS B 264 -14.97 28.96 40.98
C HIS B 264 -14.03 30.13 40.77
N ARG B 265 -13.31 30.08 39.65
CA ARG B 265 -12.38 31.14 39.32
C ARG B 265 -13.12 32.44 39.07
N PHE B 266 -14.32 32.36 38.51
CA PHE B 266 -15.08 33.57 38.25
C PHE B 266 -16.14 33.90 39.30
N GLY B 267 -15.79 33.65 40.57
CA GLY B 267 -16.71 33.98 41.65
C GLY B 267 -17.79 33.01 42.07
N ALA B 268 -18.29 32.18 41.16
CA ALA B 268 -19.34 31.24 41.55
C ALA B 268 -18.76 30.29 42.59
N LYS B 269 -19.61 29.74 43.45
CA LYS B 269 -19.11 28.80 44.45
C LYS B 269 -19.85 27.48 44.42
N CYS B 270 -19.06 26.41 44.50
CA CYS B 270 -19.56 25.05 44.45
C CYS B 270 -20.07 24.69 45.83
N VAL B 271 -21.38 24.43 45.90
CA VAL B 271 -22.00 24.06 47.16
C VAL B 271 -22.01 22.55 47.32
N ALA B 272 -21.92 21.82 46.21
CA ALA B 272 -21.93 20.36 46.26
C ALA B 272 -21.21 19.63 45.13
N VAL B 273 -20.63 18.49 45.47
CA VAL B 273 -19.90 17.63 44.53
C VAL B 273 -20.35 16.18 44.75
N GLY B 274 -20.62 15.48 43.66
CA GLY B 274 -21.04 14.09 43.78
C GLY B 274 -20.16 13.10 43.04
N GLU B 275 -20.26 11.84 43.43
CA GLU B 275 -19.52 10.73 42.82
C GLU B 275 -20.39 9.49 42.95
N SER B 276 -19.90 8.36 42.49
CA SER B 276 -20.69 7.13 42.54
C SER B 276 -20.96 6.61 43.95
N ASP B 277 -20.02 6.85 44.87
CA ASP B 277 -20.18 6.40 46.24
C ASP B 277 -21.01 7.35 47.09
N GLY B 278 -21.12 8.61 46.67
CA GLY B 278 -21.89 9.56 47.43
C GLY B 278 -21.65 11.01 47.03
N SER B 279 -22.06 11.94 47.90
CA SER B 279 -21.89 13.36 47.63
C SER B 279 -21.48 14.10 48.90
N ILE B 280 -20.86 15.26 48.73
CA ILE B 280 -20.48 16.07 49.88
C ILE B 280 -21.20 17.42 49.72
N TRP B 281 -21.31 18.19 50.79
CA TRP B 281 -22.05 19.45 50.72
C TRP B 281 -21.63 20.53 51.70
N ASN B 282 -21.69 21.77 51.24
CA ASN B 282 -21.35 22.95 52.05
C ASN B 282 -21.90 24.23 51.46
N PRO B 283 -22.88 24.83 52.15
CA PRO B 283 -23.52 26.08 51.72
C PRO B 283 -22.54 27.24 51.49
N ASP B 284 -21.44 27.22 52.24
CA ASP B 284 -20.41 28.25 52.13
C ASP B 284 -19.44 27.96 50.99
N GLY B 285 -19.68 26.83 50.30
CA GLY B 285 -18.82 26.47 49.17
C GLY B 285 -17.69 25.51 49.46
N ILE B 286 -17.11 25.00 48.38
CA ILE B 286 -16.02 24.05 48.44
C ILE B 286 -14.92 24.51 47.49
N ASP B 287 -13.66 24.41 47.93
CA ASP B 287 -12.53 24.80 47.08
C ASP B 287 -12.13 23.63 46.20
N PRO B 288 -12.20 23.83 44.86
CA PRO B 288 -11.85 22.77 43.91
C PRO B 288 -10.46 22.18 44.12
N LYS B 289 -9.53 23.01 44.55
CA LYS B 289 -8.16 22.57 44.74
C LYS B 289 -7.88 21.69 45.96
N GLU B 290 -8.46 22.04 47.11
CA GLU B 290 -8.22 21.21 48.28
C GLU B 290 -9.02 19.91 48.20
N LEU B 291 -10.06 19.94 47.36
CA LEU B 291 -10.91 18.79 47.13
C LEU B 291 -10.22 17.84 46.16
N GLU B 292 -9.41 18.41 45.25
CA GLU B 292 -8.71 17.58 44.30
C GLU B 292 -7.61 16.86 45.08
N ASP B 293 -6.90 17.61 45.94
CA ASP B 293 -5.83 17.01 46.73
C ASP B 293 -6.36 15.91 47.66
N PHE B 294 -7.55 16.10 48.21
CA PHE B 294 -8.12 15.11 49.12
C PHE B 294 -8.49 13.88 48.29
N LYS B 295 -9.04 14.11 47.09
CA LYS B 295 -9.42 13.02 46.21
C LYS B 295 -8.18 12.22 45.80
N LEU B 296 -7.14 12.91 45.37
CA LEU B 296 -5.91 12.24 44.96
C LEU B 296 -5.29 11.46 46.12
N GLN B 297 -5.48 11.99 47.32
CA GLN B 297 -4.95 11.41 48.55
C GLN B 297 -5.73 10.20 49.11
N HIS B 298 -7.06 10.32 49.12
CA HIS B 298 -7.89 9.26 49.66
C HIS B 298 -8.75 8.50 48.65
N GLY B 299 -8.53 8.77 47.36
CA GLY B 299 -9.29 8.08 46.34
C GLY B 299 -10.79 8.27 46.41
N THR B 300 -11.21 9.33 47.10
CA THR B 300 -12.63 9.62 47.25
C THR B 300 -12.84 11.02 47.80
N ILE B 301 -14.07 11.52 47.68
CA ILE B 301 -14.42 12.84 48.19
C ILE B 301 -15.10 12.70 49.54
N LEU B 302 -15.81 11.59 49.73
CA LEU B 302 -16.55 11.33 50.96
C LEU B 302 -15.60 11.38 52.15
N GLY B 303 -15.90 12.27 53.09
CA GLY B 303 -15.06 12.40 54.26
C GLY B 303 -14.15 13.60 54.17
N PHE B 304 -14.36 14.44 53.16
CA PHE B 304 -13.56 15.65 52.98
C PHE B 304 -13.85 16.51 54.21
N PRO B 305 -12.80 16.91 54.94
CA PRO B 305 -13.07 17.71 56.13
C PRO B 305 -13.95 18.97 56.00
N LYS B 306 -13.66 19.83 55.02
CA LYS B 306 -14.43 21.07 54.88
C LYS B 306 -15.80 21.01 54.22
N ALA B 307 -16.44 19.86 54.30
CA ALA B 307 -17.78 19.68 53.75
C ALA B 307 -18.39 18.48 54.45
N LYS B 308 -19.70 18.36 54.36
CA LYS B 308 -20.40 17.25 55.00
C LYS B 308 -20.94 16.25 54.00
N ILE B 309 -20.87 14.97 54.35
CA ILE B 309 -21.37 13.96 53.45
C ILE B 309 -22.86 14.20 53.22
N TYR B 310 -23.20 14.90 52.14
CA TYR B 310 -24.59 15.20 51.82
C TYR B 310 -25.35 13.91 51.74
N GLU B 311 -26.61 13.98 52.16
CA GLU B 311 -27.47 12.83 52.20
C GLU B 311 -28.70 13.12 51.34
N GLY B 312 -28.80 12.47 50.19
CA GLY B 312 -29.99 12.70 49.38
C GLY B 312 -29.92 13.26 47.98
N SER B 313 -29.10 12.66 47.12
CA SER B 313 -28.99 13.09 45.72
C SER B 313 -28.44 14.46 45.41
N ILE B 314 -27.27 14.46 44.77
CA ILE B 314 -26.59 15.68 44.36
C ILE B 314 -27.45 16.47 43.40
N LEU B 315 -28.24 15.77 42.59
CA LEU B 315 -29.08 16.42 41.59
C LEU B 315 -30.24 17.27 42.15
N GLU B 316 -30.62 17.02 43.40
CA GLU B 316 -31.73 17.75 43.99
C GLU B 316 -31.24 18.80 44.99
N VAL B 317 -29.92 18.95 45.07
CA VAL B 317 -29.32 19.92 45.99
C VAL B 317 -29.83 21.31 45.65
N ASP B 318 -29.70 22.24 46.60
CA ASP B 318 -30.16 23.61 46.40
C ASP B 318 -29.05 24.48 45.82
N CYS B 319 -29.26 24.93 44.58
CA CYS B 319 -28.26 25.74 43.89
C CYS B 319 -28.86 26.43 42.69
N ASP B 320 -28.09 27.35 42.10
CA ASP B 320 -28.56 28.07 40.91
C ASP B 320 -28.25 27.21 39.70
N ILE B 321 -27.05 26.66 39.66
CA ILE B 321 -26.62 25.86 38.51
C ILE B 321 -26.31 24.40 38.82
N LEU B 322 -26.92 23.50 38.05
CA LEU B 322 -26.66 22.08 38.24
C LEU B 322 -25.87 21.56 37.04
N ILE B 323 -24.68 21.04 37.30
CA ILE B 323 -23.85 20.51 36.22
C ILE B 323 -23.71 19.01 36.22
N PRO B 324 -24.58 18.31 35.47
CA PRO B 324 -24.42 16.86 35.46
C PRO B 324 -23.21 16.50 34.57
N ALA B 325 -22.13 16.04 35.20
CA ALA B 325 -20.92 15.68 34.48
C ALA B 325 -20.51 14.24 34.75
N ALA B 326 -21.46 13.33 34.68
CA ALA B 326 -21.16 11.91 34.89
C ALA B 326 -21.66 11.12 33.68
N SER B 327 -22.61 10.22 33.88
CA SER B 327 -23.11 9.44 32.75
C SER B 327 -24.49 9.90 32.29
N GLU B 328 -25.05 9.20 31.30
CA GLU B 328 -26.34 9.53 30.72
C GLU B 328 -27.56 9.25 31.58
N LYS B 329 -28.68 9.86 31.20
CA LYS B 329 -29.95 9.68 31.89
C LYS B 329 -29.93 9.78 33.41
N GLN B 330 -29.35 10.84 33.95
CA GLN B 330 -29.30 11.05 35.39
C GLN B 330 -30.52 11.84 35.83
N LEU B 331 -31.08 12.59 34.87
CA LEU B 331 -32.24 13.41 35.09
C LEU B 331 -33.38 12.80 34.31
N THR B 332 -34.35 12.26 35.03
CA THR B 332 -35.49 11.59 34.40
C THR B 332 -36.81 12.21 34.80
N LYS B 333 -37.90 11.61 34.35
CA LYS B 333 -39.22 12.11 34.67
C LYS B 333 -39.49 12.13 36.17
N SER B 334 -38.95 11.16 36.89
CA SER B 334 -39.20 11.07 38.33
C SER B 334 -38.45 12.05 39.25
N ASN B 335 -37.33 12.62 38.82
CA ASN B 335 -36.64 13.54 39.72
C ASN B 335 -36.59 14.97 39.18
N ALA B 336 -37.03 15.15 37.94
CA ALA B 336 -37.01 16.47 37.34
C ALA B 336 -37.76 17.50 38.19
N PRO B 337 -38.98 17.18 38.64
CA PRO B 337 -39.71 18.18 39.43
C PRO B 337 -39.05 18.57 40.75
N ARG B 338 -37.91 17.97 41.05
CA ARG B 338 -37.22 18.27 42.29
C ARG B 338 -35.80 18.79 42.10
N VAL B 339 -35.45 19.30 40.92
CA VAL B 339 -34.06 19.73 40.73
C VAL B 339 -33.56 21.01 41.41
N LYS B 340 -34.49 21.84 41.88
CA LYS B 340 -34.13 23.08 42.56
C LYS B 340 -33.44 24.13 41.68
N ALA B 341 -32.32 23.75 41.05
CA ALA B 341 -31.56 24.63 40.19
C ALA B 341 -32.33 25.26 39.00
N LYS B 342 -31.88 26.42 38.54
CA LYS B 342 -32.52 27.12 37.42
C LYS B 342 -31.85 26.84 36.07
N ILE B 343 -30.56 26.53 36.10
CA ILE B 343 -29.78 26.24 34.90
C ILE B 343 -29.13 24.86 35.01
N ILE B 344 -29.37 24.04 34.01
CA ILE B 344 -28.80 22.70 33.93
C ILE B 344 -27.72 22.78 32.86
N ALA B 345 -26.46 22.67 33.30
CA ALA B 345 -25.31 22.73 32.40
C ALA B 345 -24.91 21.30 32.01
N GLU B 346 -25.39 20.82 30.87
CA GLU B 346 -25.06 19.46 30.45
C GLU B 346 -23.61 19.20 30.05
N GLY B 347 -22.79 18.85 31.05
CA GLY B 347 -21.40 18.54 30.77
C GLY B 347 -21.27 17.14 30.17
N ALA B 348 -22.04 16.21 30.70
CA ALA B 348 -22.05 14.84 30.24
C ALA B 348 -22.88 14.74 28.96
N ASN B 349 -22.79 13.61 28.27
CA ASN B 349 -23.59 13.42 27.08
C ASN B 349 -24.88 12.71 27.50
N GLY B 350 -26.02 13.23 27.04
CA GLY B 350 -27.32 12.66 27.38
C GLY B 350 -27.70 12.55 28.85
N PRO B 351 -27.42 13.57 29.68
CA PRO B 351 -27.79 13.44 31.09
C PRO B 351 -29.28 13.56 31.43
N THR B 352 -30.06 14.17 30.54
CA THR B 352 -31.49 14.30 30.80
C THR B 352 -32.30 13.64 29.70
N THR B 353 -33.36 12.94 30.11
CA THR B 353 -34.24 12.27 29.18
C THR B 353 -35.20 13.29 28.59
N PRO B 354 -35.87 12.94 27.49
CA PRO B 354 -36.82 13.87 26.88
C PRO B 354 -37.96 14.22 27.84
N GLU B 355 -38.24 13.35 28.81
CA GLU B 355 -39.32 13.58 29.78
C GLU B 355 -38.93 14.62 30.82
N ALA B 356 -37.69 14.59 31.27
CA ALA B 356 -37.24 15.56 32.24
C ALA B 356 -37.20 16.89 31.50
N ASP B 357 -36.83 16.82 30.23
CA ASP B 357 -36.75 17.99 29.37
C ASP B 357 -38.10 18.71 29.34
N LYS B 358 -39.17 17.95 29.17
CA LYS B 358 -40.50 18.53 29.14
C LYS B 358 -40.75 19.17 30.50
N ILE B 359 -40.55 18.41 31.57
CA ILE B 359 -40.77 18.95 32.90
C ILE B 359 -39.94 20.21 33.11
N PHE B 360 -38.66 20.14 32.75
CA PHE B 360 -37.75 21.28 32.91
C PHE B 360 -38.25 22.56 32.23
N LEU B 361 -38.80 22.43 31.02
CA LEU B 361 -39.31 23.59 30.30
C LEU B 361 -40.48 24.22 31.06
N GLU B 362 -41.42 23.36 31.44
CA GLU B 362 -42.61 23.79 32.16
C GLU B 362 -42.30 24.49 33.49
N ARG B 363 -41.20 24.10 34.14
CA ARG B 363 -40.80 24.70 35.39
C ARG B 363 -39.87 25.88 35.15
N ASN B 364 -39.78 26.28 33.89
CA ASN B 364 -38.91 27.38 33.48
C ASN B 364 -37.46 27.18 33.89
N ILE B 365 -36.92 26.01 33.56
CA ILE B 365 -35.53 25.69 33.84
C ILE B 365 -34.76 25.76 32.53
N MET B 366 -33.64 26.48 32.52
CA MET B 366 -32.87 26.53 31.27
C MET B 366 -31.87 25.37 31.21
N VAL B 367 -32.01 24.55 30.18
CA VAL B 367 -31.10 23.42 29.99
C VAL B 367 -30.18 23.71 28.82
N ILE B 368 -28.93 24.02 29.12
CA ILE B 368 -27.92 24.29 28.08
C ILE B 368 -27.53 22.91 27.59
N PRO B 369 -27.97 22.54 26.38
CA PRO B 369 -27.72 21.23 25.78
C PRO B 369 -26.27 20.78 25.61
N ASP B 370 -26.07 19.48 25.81
CA ASP B 370 -24.76 18.85 25.70
C ASP B 370 -24.09 19.01 24.35
N LEU B 371 -24.84 18.86 23.27
CA LEU B 371 -24.22 18.98 21.95
C LEU B 371 -23.58 20.35 21.69
N TYR B 372 -23.74 21.28 22.63
CA TYR B 372 -23.12 22.60 22.52
C TYR B 372 -22.18 22.79 23.70
N LEU B 373 -22.73 22.64 24.90
CA LEU B 373 -22.02 22.86 26.16
C LEU B 373 -20.75 22.03 26.41
N ASN B 374 -20.74 20.77 26.01
CA ASN B 374 -19.54 19.98 26.26
C ASN B 374 -18.62 19.84 25.04
N ALA B 375 -18.96 20.53 23.94
CA ALA B 375 -18.19 20.47 22.70
C ALA B 375 -16.76 20.99 22.85
N GLY B 376 -16.41 21.46 24.04
CA GLY B 376 -15.06 21.96 24.25
C GLY B 376 -13.98 20.89 24.04
N GLY B 377 -14.35 19.63 24.31
CA GLY B 377 -13.40 18.55 24.14
C GLY B 377 -12.96 18.34 22.70
N VAL B 378 -13.91 18.07 21.80
CA VAL B 378 -13.57 17.86 20.39
C VAL B 378 -12.98 19.10 19.77
N THR B 379 -13.44 20.28 20.21
CA THR B 379 -12.91 21.50 19.64
C THR B 379 -11.41 21.56 19.84
N VAL B 380 -10.94 21.20 21.03
CA VAL B 380 -9.52 21.25 21.28
C VAL B 380 -8.84 19.98 20.76
N SER B 381 -9.58 18.89 20.68
CA SER B 381 -9.03 17.66 20.13
C SER B 381 -8.71 17.98 18.65
N TYR B 382 -9.61 18.72 18.00
CA TYR B 382 -9.45 19.14 16.61
C TYR B 382 -8.18 20.00 16.49
N PHE B 383 -7.94 20.87 17.46
CA PHE B 383 -6.74 21.70 17.43
C PHE B 383 -5.50 20.80 17.56
N GLU B 384 -5.58 19.75 18.38
CA GLU B 384 -4.47 18.81 18.57
C GLU B 384 -4.15 18.05 17.26
N TRP B 385 -5.21 17.55 16.64
CA TRP B 385 -5.14 16.81 15.41
C TRP B 385 -4.44 17.69 14.35
N LEU B 386 -4.84 18.94 14.35
CA LEU B 386 -4.31 19.94 13.42
C LEU B 386 -2.83 20.17 13.73
N LYS B 387 -2.49 20.20 15.01
CA LYS B 387 -1.12 20.40 15.40
C LYS B 387 -0.23 19.25 14.92
N ASN B 388 -0.73 18.01 15.06
CA ASN B 388 0.01 16.84 14.60
C ASN B 388 0.26 16.88 13.09
N LEU B 389 -0.75 17.31 12.34
CA LEU B 389 -0.62 17.40 10.90
C LEU B 389 0.37 18.48 10.48
N ASN B 390 0.48 19.55 11.27
CA ASN B 390 1.41 20.61 10.92
C ASN B 390 2.85 20.42 11.36
N HIS B 391 3.11 19.47 12.24
CA HIS B 391 4.46 19.21 12.70
C HIS B 391 5.28 20.38 13.23
N VAL B 392 4.63 21.41 13.76
CA VAL B 392 5.32 22.55 14.37
C VAL B 392 4.45 23.04 15.52
N SER B 393 5.07 23.58 16.55
CA SER B 393 4.25 24.09 17.64
C SER B 393 3.93 25.53 17.24
N TYR B 394 2.70 25.95 17.51
CA TYR B 394 2.27 27.28 17.13
C TYR B 394 3.21 28.45 17.44
N GLY B 395 3.44 29.27 16.42
CA GLY B 395 4.28 30.44 16.60
C GLY B 395 5.77 30.25 16.59
N ARG B 396 6.22 29.01 16.69
CA ARG B 396 7.65 28.72 16.69
C ARG B 396 8.43 29.44 15.56
N LEU B 397 7.89 29.44 14.35
CA LEU B 397 8.56 30.06 13.23
C LEU B 397 8.39 31.59 13.14
N THR B 398 7.48 32.16 13.92
CA THR B 398 7.20 33.58 13.84
C THR B 398 7.31 34.46 15.08
N PHE B 399 7.56 33.89 16.26
CA PHE B 399 7.66 34.70 17.47
C PHE B 399 8.60 35.90 17.28
N LYS B 400 9.85 35.65 16.89
CA LYS B 400 10.81 36.74 16.70
C LYS B 400 10.43 37.74 15.61
N TYR B 401 9.99 37.24 14.46
CA TYR B 401 9.59 38.13 13.40
C TYR B 401 8.46 39.08 13.84
N GLU B 402 7.43 38.54 14.47
CA GLU B 402 6.33 39.37 14.92
C GLU B 402 6.74 40.39 15.98
N ARG B 403 7.56 39.95 16.92
CA ARG B 403 8.04 40.80 17.96
C ARG B 403 8.73 42.02 17.35
N ASP B 404 9.69 41.78 16.47
CA ASP B 404 10.41 42.88 15.85
C ASP B 404 9.46 43.78 15.06
N SER B 405 8.56 43.17 14.32
CA SER B 405 7.62 43.93 13.52
C SER B 405 6.77 44.88 14.35
N ASN B 406 6.24 44.40 15.47
CA ASN B 406 5.43 45.22 16.35
C ASN B 406 6.20 46.40 16.91
N TYR B 407 7.48 46.19 17.21
CA TYR B 407 8.27 47.29 17.72
C TYR B 407 8.56 48.32 16.63
N HIS B 408 8.80 47.84 15.40
CA HIS B 408 9.04 48.76 14.28
C HIS B 408 7.76 49.50 13.88
N LEU B 409 6.61 48.87 14.12
CA LEU B 409 5.32 49.48 13.80
C LEU B 409 5.06 50.63 14.78
N LEU B 410 5.31 50.35 16.04
CA LEU B 410 5.16 51.33 17.11
C LEU B 410 6.18 52.44 16.89
N MET B 411 7.38 52.06 16.45
CA MET B 411 8.43 53.04 16.20
C MET B 411 7.98 53.91 15.06
N SER B 412 7.16 53.38 14.15
CA SER B 412 6.68 54.15 13.02
C SER B 412 5.77 55.28 13.46
N VAL B 413 4.89 55.04 14.43
CA VAL B 413 4.02 56.12 14.85
C VAL B 413 4.81 57.09 15.72
N GLN B 414 5.81 56.56 16.44
CA GLN B 414 6.64 57.37 17.30
C GLN B 414 7.46 58.38 16.49
N GLU B 415 8.14 57.90 15.45
CA GLU B 415 8.95 58.76 14.61
C GLU B 415 8.10 59.73 13.81
N SER B 416 6.92 59.29 13.37
CA SER B 416 6.04 60.18 12.63
C SER B 416 5.58 61.35 13.49
N LEU B 417 5.24 61.07 14.74
CA LEU B 417 4.79 62.12 15.65
C LEU B 417 5.91 63.07 16.05
N GLU B 418 7.08 62.52 16.35
CA GLU B 418 8.21 63.34 16.76
C GLU B 418 8.68 64.26 15.64
N ARG B 419 8.63 63.78 14.40
CA ARG B 419 9.07 64.61 13.30
C ARG B 419 8.02 65.65 12.98
N LYS B 420 6.77 65.33 13.28
CA LYS B 420 5.67 66.25 13.06
C LYS B 420 5.60 67.34 14.13
N PHE B 421 5.97 66.99 15.36
CA PHE B 421 5.94 67.92 16.47
C PHE B 421 7.35 68.41 16.87
N GLY B 422 8.34 68.08 16.02
CA GLY B 422 9.72 68.49 16.26
C GLY B 422 10.26 68.43 17.69
N LYS B 423 11.27 69.26 17.98
CA LYS B 423 11.88 69.32 19.31
C LYS B 423 10.99 70.09 20.28
N HIS B 424 9.86 70.57 19.77
CA HIS B 424 8.87 71.31 20.54
C HIS B 424 8.07 70.28 21.38
N GLY B 425 8.00 69.04 20.87
CA GLY B 425 7.27 67.99 21.57
C GLY B 425 8.17 66.97 22.25
N GLY B 426 9.46 67.04 21.99
CA GLY B 426 10.42 66.11 22.58
C GLY B 426 10.21 64.69 22.07
N THR B 427 10.65 63.70 22.84
CA THR B 427 10.46 62.32 22.45
C THR B 427 9.05 61.93 22.85
N ILE B 428 8.36 61.22 21.96
CA ILE B 428 7.00 60.77 22.21
C ILE B 428 7.07 59.26 22.19
N PRO B 429 7.47 58.63 23.33
CA PRO B 429 7.58 57.17 23.41
C PRO B 429 6.27 56.43 23.21
N ILE B 430 6.24 55.55 22.22
CA ILE B 430 5.07 54.73 21.93
C ILE B 430 5.54 53.37 22.38
N VAL B 431 5.00 52.94 23.52
CA VAL B 431 5.38 51.71 24.15
C VAL B 431 4.20 50.75 24.31
N PRO B 432 4.46 49.43 24.35
CA PRO B 432 3.33 48.51 24.49
C PRO B 432 2.69 48.62 25.87
N THR B 433 1.38 48.40 25.97
CA THR B 433 0.73 48.40 27.28
C THR B 433 1.24 47.13 27.93
N ALA B 434 0.88 46.88 29.18
CA ALA B 434 1.36 45.65 29.84
C ALA B 434 0.75 44.46 29.11
N GLU B 435 -0.53 44.61 28.79
CA GLU B 435 -1.31 43.60 28.10
C GLU B 435 -0.73 43.26 26.73
N PHE B 436 -0.48 44.27 25.91
CA PHE B 436 0.08 44.06 24.59
C PHE B 436 1.48 43.48 24.67
N GLN B 437 2.19 43.76 25.76
CA GLN B 437 3.55 43.26 25.93
C GLN B 437 3.51 41.73 25.97
N ASP B 438 2.42 41.20 26.52
CA ASP B 438 2.22 39.75 26.62
C ASP B 438 1.90 39.13 25.27
N ARG B 439 1.48 39.96 24.33
CA ARG B 439 1.10 39.50 23.01
C ARG B 439 2.04 39.98 21.91
N ILE B 440 3.09 40.68 22.30
CA ILE B 440 4.05 41.26 21.34
C ILE B 440 4.65 40.28 20.32
N SER B 441 4.79 39.02 20.70
CA SER B 441 5.38 38.01 19.80
C SER B 441 4.37 37.20 19.03
N GLY B 442 3.09 37.44 19.28
CA GLY B 442 2.06 36.68 18.58
C GLY B 442 1.62 35.49 19.43
N ALA B 443 0.61 34.80 18.94
CA ALA B 443 0.03 33.66 19.63
C ALA B 443 0.90 32.41 19.76
N SER B 444 0.75 31.74 20.89
CA SER B 444 1.47 30.51 21.16
C SER B 444 0.41 29.42 21.11
N GLU B 445 0.83 28.17 21.33
CA GLU B 445 -0.09 27.03 21.32
C GLU B 445 -1.20 27.31 22.32
N LYS B 446 -0.81 27.74 23.51
CA LYS B 446 -1.76 28.02 24.58
C LYS B 446 -2.72 29.16 24.20
N ASP B 447 -2.19 30.20 23.56
CA ASP B 447 -3.01 31.34 23.14
C ASP B 447 -4.12 30.89 22.20
N ILE B 448 -3.77 30.12 21.17
CA ILE B 448 -4.74 29.64 20.18
C ILE B 448 -5.78 28.73 20.81
N VAL B 449 -5.34 27.85 21.69
CA VAL B 449 -6.26 26.94 22.35
C VAL B 449 -7.27 27.72 23.17
N HIS B 450 -6.78 28.66 23.97
CA HIS B 450 -7.69 29.49 24.77
C HIS B 450 -8.56 30.41 23.89
N SER B 451 -7.96 31.23 23.03
CA SER B 451 -8.78 32.15 22.22
C SER B 451 -9.64 31.42 21.21
N GLY B 452 -9.10 30.33 20.66
CA GLY B 452 -9.86 29.55 19.68
C GLY B 452 -11.10 28.91 20.26
N LEU B 453 -11.00 28.34 21.46
CA LEU B 453 -12.16 27.72 22.09
C LEU B 453 -13.20 28.79 22.44
N ALA B 454 -12.74 29.88 23.04
CA ALA B 454 -13.64 30.97 23.42
C ALA B 454 -14.40 31.47 22.19
N TYR B 455 -13.66 31.64 21.09
CA TYR B 455 -14.26 32.09 19.84
C TYR B 455 -15.34 31.13 19.40
N THR B 456 -14.99 29.85 19.45
CA THR B 456 -15.92 28.80 19.03
C THR B 456 -17.17 28.74 19.90
N MET B 457 -17.00 28.69 21.22
CA MET B 457 -18.14 28.62 22.13
C MET B 457 -19.08 29.82 21.98
N GLU B 458 -18.50 31.01 21.81
CA GLU B 458 -19.27 32.23 21.66
C GLU B 458 -19.99 32.25 20.30
N ARG B 459 -19.28 31.89 19.24
CA ARG B 459 -19.90 31.87 17.92
C ARG B 459 -21.07 30.89 17.84
N SER B 460 -20.90 29.70 18.41
CA SER B 460 -21.96 28.70 18.41
C SER B 460 -23.10 29.13 19.32
N ALA B 461 -22.78 29.83 20.41
CA ALA B 461 -23.80 30.30 21.33
C ALA B 461 -24.73 31.29 20.61
N ARG B 462 -24.16 32.15 19.77
CA ARG B 462 -24.93 33.12 19.01
C ARG B 462 -25.88 32.46 18.03
N GLN B 463 -25.36 31.47 17.31
CA GLN B 463 -26.16 30.77 16.32
C GLN B 463 -27.33 30.05 17.00
N ILE B 464 -27.09 29.54 18.21
CA ILE B 464 -28.15 28.84 18.93
C ILE B 464 -29.19 29.86 19.39
N MET B 465 -28.71 31.03 19.84
CA MET B 465 -29.60 32.08 20.27
C MET B 465 -30.42 32.62 19.09
N ARG B 466 -29.75 32.87 17.96
CA ARG B 466 -30.42 33.39 16.77
C ARG B 466 -31.48 32.43 16.25
N THR B 467 -31.23 31.12 16.38
CA THR B 467 -32.18 30.13 15.90
C THR B 467 -33.36 29.97 16.85
N ALA B 468 -33.10 30.06 18.15
CA ALA B 468 -34.17 29.93 19.13
C ALA B 468 -35.14 31.12 18.97
N MET B 469 -34.62 32.26 18.51
CA MET B 469 -35.45 33.45 18.28
C MET B 469 -36.34 33.19 17.07
N LYS B 470 -35.68 32.94 15.94
CA LYS B 470 -36.35 32.70 14.67
C LYS B 470 -37.45 31.66 14.74
N TYR B 471 -37.36 30.74 15.69
CA TYR B 471 -38.37 29.71 15.82
C TYR B 471 -39.14 29.76 17.15
N ASN B 472 -38.92 30.85 17.89
CA ASN B 472 -39.60 31.02 19.16
C ASN B 472 -39.52 29.75 19.98
N LEU B 473 -38.31 29.39 20.39
CA LEU B 473 -38.14 28.17 21.16
C LEU B 473 -37.94 28.44 22.67
N GLY B 474 -38.00 29.71 23.06
CA GLY B 474 -37.85 30.04 24.46
C GLY B 474 -36.61 29.49 25.13
N LEU B 475 -36.78 28.61 26.11
CA LEU B 475 -35.64 28.02 26.81
C LEU B 475 -35.31 26.63 26.25
N ASP B 476 -35.85 26.32 25.09
CA ASP B 476 -35.62 25.02 24.46
C ASP B 476 -34.38 25.11 23.58
N LEU B 477 -33.25 25.45 24.20
CA LEU B 477 -31.99 25.60 23.46
C LEU B 477 -31.58 24.29 22.76
N ARG B 478 -31.97 23.15 23.32
CA ARG B 478 -31.63 21.85 22.71
C ARG B 478 -32.21 21.74 21.31
N THR B 479 -33.48 22.08 21.15
CA THR B 479 -34.09 21.99 19.83
C THR B 479 -33.40 22.97 18.87
N ALA B 480 -33.04 24.15 19.38
CA ALA B 480 -32.37 25.14 18.54
C ALA B 480 -31.04 24.57 18.04
N ALA B 481 -30.33 23.93 18.96
CA ALA B 481 -29.05 23.30 18.66
C ALA B 481 -29.13 22.25 17.54
N TYR B 482 -30.07 21.31 17.66
CA TYR B 482 -30.23 20.27 16.66
C TYR B 482 -30.59 20.86 15.31
N VAL B 483 -31.35 21.94 15.32
CA VAL B 483 -31.75 22.60 14.08
C VAL B 483 -30.48 23.05 13.35
N ASN B 484 -29.57 23.64 14.13
CA ASN B 484 -28.31 24.14 13.60
C ASN B 484 -27.47 22.99 13.04
N ALA B 485 -27.33 21.92 13.81
CA ALA B 485 -26.55 20.75 13.38
C ALA B 485 -27.12 20.14 12.10
N ILE B 486 -28.44 19.99 12.06
CA ILE B 486 -29.12 19.42 10.90
C ILE B 486 -28.92 20.27 9.66
N GLU B 487 -29.05 21.57 9.83
CA GLU B 487 -28.88 22.49 8.72
C GLU B 487 -27.52 22.26 8.10
N LYS B 488 -26.50 22.13 8.94
CA LYS B 488 -25.15 21.94 8.46
C LYS B 488 -24.91 20.58 7.81
N VAL B 489 -25.30 19.49 8.47
CA VAL B 489 -25.10 18.17 7.90
C VAL B 489 -25.89 18.07 6.61
N PHE B 490 -27.05 18.72 6.59
CA PHE B 490 -27.92 18.70 5.42
C PHE B 490 -27.24 19.29 4.17
N ARG B 491 -26.53 20.40 4.32
CA ARG B 491 -25.90 20.98 3.12
C ARG B 491 -24.96 20.06 2.36
N VAL B 492 -24.10 19.33 3.08
CA VAL B 492 -23.16 18.42 2.45
C VAL B 492 -23.96 17.37 1.69
N TYR B 493 -25.12 17.00 2.22
CA TYR B 493 -25.93 16.02 1.53
C TYR B 493 -26.64 16.60 0.31
N ASN B 494 -27.47 17.61 0.57
CA ASN B 494 -28.23 18.31 -0.45
C ASN B 494 -27.27 18.89 -1.51
N GLU B 495 -26.33 19.71 -1.08
CA GLU B 495 -25.43 20.32 -2.04
C GLU B 495 -24.40 19.46 -2.81
N ALA B 496 -23.81 20.16 -3.75
CA ALA B 496 -22.86 19.67 -4.73
C ALA B 496 -23.38 20.67 -5.76
N GLY B 497 -23.35 20.31 -7.04
CA GLY B 497 -23.90 21.19 -8.05
C GLY B 497 -25.39 20.89 -7.90
N VAL B 498 -25.71 19.62 -8.11
CA VAL B 498 -27.06 19.09 -7.94
C VAL B 498 -26.66 17.63 -7.92
N THR B 499 -26.01 17.29 -6.82
CA THR B 499 -25.55 15.95 -6.60
C THR B 499 -26.58 14.95 -7.11
N PHE B 500 -27.78 14.93 -6.54
CA PHE B 500 -28.77 13.99 -7.03
C PHE B 500 -29.43 14.61 -8.29
N THR B 501 -29.91 13.75 -9.19
CA THR B 501 -30.53 14.11 -10.49
C THR B 501 -29.63 14.98 -11.39
N ALA C 1 34.58 -19.26 21.22
CA ALA C 1 36.03 -18.95 21.09
C ALA C 1 37.02 -20.07 21.51
N ASP C 2 37.99 -20.34 20.64
CA ASP C 2 39.02 -21.34 20.89
C ASP C 2 40.02 -20.81 21.90
N ARG C 3 41.01 -20.11 21.34
CA ARG C 3 42.14 -19.49 22.02
C ARG C 3 43.01 -19.19 20.81
N GLU C 4 43.77 -20.19 20.38
CA GLU C 4 44.62 -20.09 19.20
C GLU C 4 43.82 -20.68 18.03
N ASP C 5 44.13 -20.20 16.84
CA ASP C 5 43.40 -20.62 15.63
C ASP C 5 41.90 -20.58 15.86
N ASP C 6 41.35 -19.38 15.83
CA ASP C 6 39.93 -19.15 16.01
C ASP C 6 39.66 -18.01 15.03
N PRO C 7 39.68 -18.32 13.72
CA PRO C 7 39.44 -17.32 12.68
C PRO C 7 38.08 -16.61 12.75
N ASN C 8 38.09 -15.39 12.22
CA ASN C 8 36.91 -14.52 12.08
C ASN C 8 36.01 -15.37 11.18
N PHE C 9 34.97 -15.96 11.77
CA PHE C 9 34.05 -16.86 11.07
C PHE C 9 33.72 -16.45 9.63
N PHE C 10 33.49 -15.16 9.41
CA PHE C 10 33.17 -14.66 8.07
C PHE C 10 34.31 -14.81 7.07
N LYS C 11 35.53 -14.45 7.47
CA LYS C 11 36.69 -14.57 6.60
C LYS C 11 36.95 -16.04 6.32
N MET C 12 36.67 -16.87 7.32
CA MET C 12 36.85 -18.31 7.22
C MET C 12 36.03 -18.85 6.07
N VAL C 13 34.76 -18.47 6.04
CA VAL C 13 33.88 -18.91 4.97
C VAL C 13 34.34 -18.28 3.66
N GLU C 14 34.73 -17.01 3.71
CA GLU C 14 35.22 -16.30 2.54
C GLU C 14 36.42 -17.03 1.96
N GLY C 15 37.14 -17.75 2.81
CA GLY C 15 38.28 -18.50 2.36
C GLY C 15 37.83 -19.73 1.58
N PHE C 16 36.88 -20.47 2.14
CA PHE C 16 36.34 -21.64 1.45
C PHE C 16 35.86 -21.23 0.06
N PHE C 17 35.15 -20.11 0.00
CA PHE C 17 34.64 -19.60 -1.27
C PHE C 17 35.82 -19.39 -2.24
N ASP C 18 36.85 -18.67 -1.79
CA ASP C 18 38.02 -18.40 -2.63
C ASP C 18 38.70 -19.67 -3.11
N ARG C 19 38.77 -20.65 -2.22
CA ARG C 19 39.40 -21.92 -2.52
C ARG C 19 38.68 -22.53 -3.73
N GLY C 20 37.34 -22.50 -3.67
CA GLY C 20 36.55 -23.03 -4.75
C GLY C 20 36.53 -22.12 -5.97
N ALA C 21 36.57 -20.82 -5.74
CA ALA C 21 36.54 -19.86 -6.85
C ALA C 21 37.76 -19.97 -7.75
N SER C 22 38.93 -20.23 -7.18
CA SER C 22 40.14 -20.35 -8.00
C SER C 22 40.06 -21.63 -8.84
N ILE C 23 39.46 -22.68 -8.28
CA ILE C 23 39.33 -23.93 -9.01
C ILE C 23 38.40 -23.82 -10.24
N VAL C 24 37.27 -23.12 -10.11
CA VAL C 24 36.32 -22.96 -11.22
C VAL C 24 36.52 -21.72 -12.09
N GLU C 25 37.40 -20.82 -11.71
CA GLU C 25 37.61 -19.58 -12.46
C GLU C 25 37.77 -19.79 -13.97
N ASP C 26 38.46 -20.86 -14.34
CA ASP C 26 38.67 -21.16 -15.75
C ASP C 26 37.37 -21.49 -16.45
N LYS C 27 36.54 -22.33 -15.84
CA LYS C 27 35.27 -22.69 -16.44
C LYS C 27 34.32 -21.50 -16.45
N LEU C 28 34.46 -20.57 -15.51
CA LEU C 28 33.59 -19.41 -15.52
C LEU C 28 33.95 -18.48 -16.67
N VAL C 29 35.21 -18.47 -17.09
CA VAL C 29 35.63 -17.63 -18.20
C VAL C 29 35.29 -18.41 -19.47
N GLU C 30 35.29 -19.72 -19.34
CA GLU C 30 35.00 -20.65 -20.42
C GLU C 30 33.65 -20.32 -21.02
N ASP C 31 32.62 -20.72 -20.29
CA ASP C 31 31.24 -20.47 -20.74
C ASP C 31 30.76 -19.06 -20.37
N LEU C 32 31.63 -18.05 -20.50
CA LEU C 32 31.21 -16.68 -20.21
C LEU C 32 30.66 -16.06 -21.48
N LYS C 33 29.49 -15.43 -21.36
CA LYS C 33 28.81 -14.81 -22.51
C LYS C 33 29.38 -13.48 -23.01
N THR C 34 30.63 -13.16 -22.69
CA THR C 34 31.21 -11.91 -23.19
C THR C 34 31.54 -12.10 -24.67
N ARG C 35 31.39 -11.03 -25.42
CA ARG C 35 31.66 -11.02 -26.85
C ARG C 35 33.15 -10.76 -26.99
N GLU C 36 33.64 -9.75 -26.26
CA GLU C 36 35.05 -9.35 -26.29
C GLU C 36 35.97 -10.29 -25.50
N THR C 37 35.98 -11.57 -25.86
CA THR C 37 36.81 -12.56 -25.20
C THR C 37 38.31 -12.22 -25.22
N GLU C 38 38.87 -11.82 -24.08
CA GLU C 38 40.30 -11.48 -24.00
C GLU C 38 40.83 -11.33 -22.57
N GLU C 39 40.54 -12.29 -21.71
CA GLU C 39 40.97 -12.26 -20.31
C GLU C 39 40.44 -11.05 -19.54
N GLN C 40 39.70 -10.16 -20.22
CA GLN C 40 39.08 -9.05 -19.49
C GLN C 40 37.84 -9.79 -19.00
N LYS C 41 37.57 -10.91 -19.67
CA LYS C 41 36.47 -11.80 -19.34
C LYS C 41 36.85 -12.36 -17.97
N ARG C 42 38.11 -12.75 -17.85
CA ARG C 42 38.62 -13.27 -16.60
C ARG C 42 38.40 -12.23 -15.50
N ASN C 43 38.54 -10.95 -15.86
CA ASN C 43 38.35 -9.85 -14.91
C ASN C 43 36.87 -9.62 -14.58
N ARG C 44 36.01 -9.83 -15.57
CA ARG C 44 34.59 -9.66 -15.36
C ARG C 44 34.08 -10.75 -14.42
N VAL C 45 34.69 -11.94 -14.50
CA VAL C 45 34.34 -13.07 -13.66
C VAL C 45 34.73 -12.71 -12.21
N ARG C 46 35.92 -12.15 -12.06
CA ARG C 46 36.41 -11.75 -10.76
C ARG C 46 35.54 -10.64 -10.19
N GLY C 47 35.07 -9.76 -11.08
CA GLY C 47 34.23 -8.66 -10.66
C GLY C 47 32.94 -9.20 -10.08
N ILE C 48 32.41 -10.26 -10.68
CA ILE C 48 31.17 -10.86 -10.22
C ILE C 48 31.42 -11.59 -8.89
N LEU C 49 32.54 -12.29 -8.76
CA LEU C 49 32.83 -13.00 -7.53
C LEU C 49 32.97 -12.05 -6.35
N ARG C 50 33.45 -10.84 -6.63
CA ARG C 50 33.62 -9.86 -5.56
C ARG C 50 32.30 -9.30 -5.12
N ILE C 51 31.27 -9.49 -5.95
CA ILE C 51 29.94 -8.99 -5.61
C ILE C 51 29.25 -10.01 -4.70
N ILE C 52 29.43 -11.27 -5.04
CA ILE C 52 28.82 -12.37 -4.31
C ILE C 52 29.31 -12.54 -2.88
N LYS C 53 30.62 -12.43 -2.68
CA LYS C 53 31.18 -12.63 -1.35
C LYS C 53 30.61 -11.83 -0.18
N PRO C 54 30.56 -10.50 -0.29
CA PRO C 54 30.03 -9.75 0.86
C PRO C 54 28.52 -9.74 0.97
N CYS C 55 28.04 -9.57 2.20
CA CYS C 55 26.62 -9.48 2.49
C CYS C 55 26.12 -8.14 1.94
N ASN C 56 24.93 -8.15 1.34
CA ASN C 56 24.37 -6.93 0.78
C ASN C 56 23.82 -6.04 1.90
N HIS C 57 23.17 -6.65 2.88
CA HIS C 57 22.59 -5.90 3.99
C HIS C 57 22.78 -6.51 5.36
N VAL C 58 23.00 -5.65 6.33
CA VAL C 58 23.11 -6.14 7.69
C VAL C 58 22.38 -5.13 8.55
N LEU C 59 21.39 -5.61 9.27
CA LEU C 59 20.62 -4.76 10.16
C LEU C 59 21.00 -5.09 11.60
N SER C 60 21.46 -4.08 12.34
CA SER C 60 21.81 -4.21 13.75
C SER C 60 20.74 -3.52 14.58
N LEU C 61 20.18 -4.22 15.55
CA LEU C 61 19.15 -3.65 16.38
C LEU C 61 19.50 -3.61 17.85
N SER C 62 18.93 -2.62 18.52
CA SER C 62 19.10 -2.46 19.95
C SER C 62 17.71 -2.02 20.39
N PHE C 63 17.01 -2.90 21.09
CA PHE C 63 15.66 -2.55 21.52
C PHE C 63 15.39 -2.90 22.99
N PRO C 64 14.47 -2.16 23.64
CA PRO C 64 14.18 -2.45 25.03
C PRO C 64 13.02 -3.41 25.29
N ILE C 65 13.16 -4.26 26.30
CA ILE C 65 12.09 -5.16 26.71
C ILE C 65 11.93 -4.98 28.22
N ARG C 66 10.71 -5.21 28.70
CA ARG C 66 10.42 -5.09 30.13
C ARG C 66 10.46 -6.48 30.76
N ARG C 67 11.36 -6.68 31.73
CA ARG C 67 11.49 -7.96 32.42
C ARG C 67 10.26 -8.22 33.28
N ASP C 68 10.08 -9.47 33.69
CA ASP C 68 8.96 -9.83 34.55
C ASP C 68 9.08 -9.14 35.92
N ASP C 69 10.28 -8.65 36.26
CA ASP C 69 10.47 -7.95 37.53
C ASP C 69 10.00 -6.50 37.43
N GLY C 70 10.05 -5.92 36.23
CA GLY C 70 9.61 -4.55 36.03
C GLY C 70 10.66 -3.66 35.39
N SER C 71 11.92 -4.05 35.52
CA SER C 71 13.04 -3.31 34.96
C SER C 71 13.14 -3.41 33.43
N TRP C 72 13.72 -2.38 32.81
CA TRP C 72 13.90 -2.40 31.36
C TRP C 72 15.29 -2.93 31.07
N GLU C 73 15.40 -3.67 29.97
CA GLU C 73 16.66 -4.26 29.54
C GLU C 73 16.80 -4.08 28.04
N VAL C 74 17.95 -3.54 27.63
CA VAL C 74 18.23 -3.34 26.23
C VAL C 74 18.83 -4.63 25.67
N ILE C 75 18.26 -5.11 24.60
CA ILE C 75 18.78 -6.32 24.00
C ILE C 75 19.17 -6.07 22.56
N GLU C 76 20.26 -6.72 22.14
CA GLU C 76 20.81 -6.58 20.80
C GLU C 76 20.50 -7.75 19.88
N GLY C 77 20.28 -7.44 18.61
CA GLY C 77 19.99 -8.46 17.64
C GLY C 77 20.48 -8.05 16.26
N TYR C 78 20.66 -9.03 15.39
CA TYR C 78 21.16 -8.76 14.06
C TYR C 78 20.44 -9.64 13.04
N ARG C 79 20.37 -9.15 11.82
CA ARG C 79 19.79 -9.91 10.73
C ARG C 79 20.61 -9.56 9.50
N ALA C 80 21.35 -10.52 8.98
CA ALA C 80 22.13 -10.25 7.79
C ALA C 80 21.48 -10.90 6.57
N GLN C 81 21.44 -10.15 5.47
CA GLN C 81 20.91 -10.69 4.21
C GLN C 81 22.12 -10.67 3.30
N HIS C 82 22.67 -11.85 3.04
CA HIS C 82 23.86 -12.03 2.21
C HIS C 82 23.64 -11.79 0.71
N SER C 83 22.60 -12.40 0.16
CA SER C 83 22.33 -12.28 -1.27
C SER C 83 20.83 -12.21 -1.61
N GLN C 84 20.53 -11.52 -2.69
CA GLN C 84 19.17 -11.38 -3.15
C GLN C 84 19.06 -11.78 -4.62
N HIS C 85 19.99 -12.63 -5.08
CA HIS C 85 19.99 -13.09 -6.47
C HIS C 85 18.78 -14.01 -6.67
N ARG C 86 18.21 -14.43 -5.54
CA ARG C 86 16.99 -15.23 -5.48
C ARG C 86 16.16 -14.48 -4.46
N THR C 87 15.02 -13.95 -4.91
CA THR C 87 14.14 -13.09 -4.14
C THR C 87 13.86 -13.37 -2.69
N PRO C 88 13.20 -14.49 -2.36
CA PRO C 88 13.04 -14.55 -0.90
C PRO C 88 14.34 -14.96 -0.22
N CYS C 89 14.86 -14.10 0.66
CA CYS C 89 16.05 -14.44 1.41
C CYS C 89 15.58 -15.50 2.41
N LYS C 90 16.49 -16.39 2.81
CA LYS C 90 16.14 -17.46 3.73
C LYS C 90 17.21 -17.69 4.78
N GLY C 91 16.80 -17.94 6.02
CA GLY C 91 17.76 -18.16 7.08
C GLY C 91 17.16 -18.13 8.47
N GLY C 92 17.67 -18.96 9.35
CA GLY C 92 17.16 -19.06 10.71
C GLY C 92 17.57 -17.98 11.68
N ILE C 93 17.09 -18.13 12.92
CA ILE C 93 17.39 -17.17 13.97
C ILE C 93 18.03 -17.86 15.16
N ARG C 94 19.21 -17.40 15.54
CA ARG C 94 19.92 -17.98 16.66
C ARG C 94 19.85 -17.13 17.94
N TYR C 95 19.53 -17.75 19.08
CA TYR C 95 19.49 -17.06 20.38
C TYR C 95 20.68 -17.54 21.21
N SER C 96 21.72 -16.73 21.29
CA SER C 96 22.89 -17.09 22.09
C SER C 96 23.83 -15.89 22.29
N THR C 97 24.56 -15.91 23.39
CA THR C 97 25.49 -14.85 23.75
C THR C 97 26.68 -14.75 22.80
N ASP C 98 26.79 -15.72 21.88
CA ASP C 98 27.86 -15.75 20.89
C ASP C 98 27.53 -15.00 19.59
N VAL C 99 26.28 -14.60 19.40
CA VAL C 99 25.97 -13.91 18.16
C VAL C 99 26.63 -12.54 18.13
N SER C 100 27.05 -12.16 16.92
CA SER C 100 27.69 -10.89 16.64
C SER C 100 27.50 -10.65 15.15
N VAL C 101 27.86 -9.46 14.70
CA VAL C 101 27.73 -9.15 13.29
C VAL C 101 28.48 -10.15 12.39
N ASP C 102 29.73 -10.43 12.72
CA ASP C 102 30.53 -11.34 11.92
C ASP C 102 30.00 -12.76 11.86
N GLU C 103 29.42 -13.24 12.95
CA GLU C 103 28.88 -14.59 13.00
C GLU C 103 27.62 -14.70 12.14
N VAL C 104 26.77 -13.69 12.26
CA VAL C 104 25.52 -13.66 11.52
C VAL C 104 25.79 -13.55 10.02
N LYS C 105 26.81 -12.79 9.63
CA LYS C 105 27.15 -12.66 8.23
C LYS C 105 27.78 -13.93 7.67
N ALA C 106 28.58 -14.62 8.46
CA ALA C 106 29.22 -15.85 7.99
C ALA C 106 28.14 -16.86 7.74
N LEU C 107 27.23 -16.96 8.70
CA LEU C 107 26.10 -17.86 8.63
C LEU C 107 25.16 -17.50 7.49
N ALA C 108 24.94 -16.21 7.29
CA ALA C 108 24.08 -15.76 6.22
C ALA C 108 24.66 -16.20 4.88
N SER C 109 25.98 -16.04 4.72
CA SER C 109 26.62 -16.44 3.47
C SER C 109 26.59 -17.95 3.28
N LEU C 110 26.65 -18.72 4.37
CA LEU C 110 26.60 -20.17 4.26
C LEU C 110 25.23 -20.58 3.74
N MET C 111 24.22 -19.78 4.08
CA MET C 111 22.87 -20.05 3.63
C MET C 111 22.71 -19.97 2.12
N THR C 112 23.24 -18.93 1.49
CA THR C 112 23.10 -18.84 0.04
C THR C 112 23.85 -19.96 -0.68
N TYR C 113 25.06 -20.27 -0.22
CA TYR C 113 25.84 -21.35 -0.85
C TYR C 113 25.20 -22.72 -0.64
N LYS C 114 24.63 -22.94 0.54
CA LYS C 114 23.98 -24.22 0.83
C LYS C 114 22.69 -24.35 0.00
N CYS C 115 21.95 -23.25 -0.11
CA CYS C 115 20.72 -23.27 -0.89
C CYS C 115 21.08 -23.55 -2.35
N ALA C 116 22.18 -22.95 -2.80
CA ALA C 116 22.64 -23.15 -4.17
C ALA C 116 23.01 -24.63 -4.39
N VAL C 117 23.74 -25.21 -3.44
CA VAL C 117 24.17 -26.60 -3.57
C VAL C 117 23.00 -27.55 -3.71
N VAL C 118 21.97 -27.28 -2.93
CA VAL C 118 20.80 -28.14 -2.88
C VAL C 118 19.60 -27.67 -3.73
N ASP C 119 19.83 -26.68 -4.59
CA ASP C 119 18.83 -26.11 -5.51
C ASP C 119 17.53 -25.54 -4.93
N VAL C 120 17.66 -24.77 -3.86
CA VAL C 120 16.53 -24.14 -3.21
C VAL C 120 16.66 -22.70 -3.71
N PRO C 121 15.60 -22.16 -4.32
CA PRO C 121 15.61 -20.79 -4.86
C PRO C 121 15.55 -19.64 -3.85
N PHE C 122 16.48 -19.63 -2.89
CA PHE C 122 16.52 -18.60 -1.86
C PHE C 122 17.87 -17.95 -1.70
N GLY C 123 17.89 -16.64 -1.43
CA GLY C 123 19.13 -15.95 -1.16
C GLY C 123 19.35 -16.22 0.34
N GLY C 124 20.59 -16.25 0.79
CA GLY C 124 20.84 -16.54 2.19
C GLY C 124 20.72 -15.36 3.16
N ALA C 125 20.22 -15.67 4.35
CA ALA C 125 20.05 -14.68 5.40
C ALA C 125 20.23 -15.39 6.74
N LYS C 126 20.38 -14.60 7.80
CA LYS C 126 20.56 -15.16 9.13
C LYS C 126 20.40 -14.10 10.22
N ALA C 127 19.75 -14.48 11.31
CA ALA C 127 19.55 -13.57 12.42
C ALA C 127 20.04 -14.19 13.72
N GLY C 128 20.38 -13.31 14.65
CA GLY C 128 20.84 -13.74 15.95
C GLY C 128 20.45 -12.70 16.98
N VAL C 129 19.98 -13.14 18.13
CA VAL C 129 19.63 -12.25 19.22
C VAL C 129 20.62 -12.61 20.32
N LYS C 130 21.40 -11.64 20.77
CA LYS C 130 22.44 -11.85 21.78
C LYS C 130 21.97 -11.98 23.23
N ILE C 131 21.38 -13.12 23.55
CA ILE C 131 20.90 -13.38 24.89
C ILE C 131 21.15 -14.85 25.18
N ASN C 132 20.95 -15.26 26.43
CA ASN C 132 21.12 -16.65 26.79
C ASN C 132 19.72 -17.05 27.19
N PRO C 133 19.02 -17.77 26.31
CA PRO C 133 17.65 -18.20 26.58
C PRO C 133 17.37 -18.73 27.98
N LYS C 134 18.29 -19.52 28.53
CA LYS C 134 18.12 -20.11 29.86
C LYS C 134 17.86 -19.09 30.96
N ASN C 135 18.40 -17.89 30.80
CA ASN C 135 18.23 -16.82 31.76
C ASN C 135 16.98 -15.97 31.53
N TYR C 136 15.99 -16.50 30.84
CA TYR C 136 14.78 -15.73 30.60
C TYR C 136 13.53 -16.58 30.73
N THR C 137 12.46 -15.98 31.22
CA THR C 137 11.21 -16.72 31.36
C THR C 137 10.60 -16.86 29.96
N ASP C 138 9.60 -17.71 29.84
CA ASP C 138 8.98 -17.89 28.54
C ASP C 138 8.24 -16.61 28.15
N ASN C 139 7.68 -15.93 29.14
CA ASN C 139 6.96 -14.69 28.90
C ASN C 139 7.94 -13.66 28.33
N GLU C 140 9.15 -13.62 28.86
CA GLU C 140 10.15 -12.68 28.38
C GLU C 140 10.67 -13.04 26.98
N LEU C 141 10.87 -14.32 26.73
CA LEU C 141 11.36 -14.73 25.43
C LEU C 141 10.36 -14.33 24.34
N GLU C 142 9.07 -14.45 24.65
CA GLU C 142 8.02 -14.09 23.70
C GLU C 142 8.09 -12.60 23.37
N LYS C 143 8.22 -11.77 24.41
CA LYS C 143 8.31 -10.34 24.21
C LYS C 143 9.46 -10.07 23.27
N ILE C 144 10.56 -10.76 23.55
CA ILE C 144 11.78 -10.63 22.77
C ILE C 144 11.62 -11.03 21.32
N THR C 145 11.08 -12.22 21.05
CA THR C 145 10.95 -12.63 19.67
C THR C 145 9.92 -11.75 18.95
N ARG C 146 8.79 -11.48 19.58
CA ARG C 146 7.76 -10.64 18.94
C ARG C 146 8.21 -9.22 18.60
N ARG C 147 8.99 -8.61 19.50
CA ARG C 147 9.49 -7.27 19.30
C ARG C 147 10.57 -7.29 18.22
N PHE C 148 11.37 -8.33 18.22
CA PHE C 148 12.41 -8.49 17.23
C PHE C 148 11.75 -8.60 15.85
N THR C 149 10.65 -9.34 15.78
CA THR C 149 9.90 -9.52 14.54
C THR C 149 9.42 -8.17 13.98
N MET C 150 8.81 -7.35 14.84
CA MET C 150 8.29 -6.05 14.44
C MET C 150 9.39 -5.14 13.93
N GLU C 151 10.54 -5.17 14.59
CA GLU C 151 11.63 -4.32 14.16
C GLU C 151 12.18 -4.76 12.82
N LEU C 152 12.19 -6.07 12.56
CA LEU C 152 12.69 -6.56 11.29
C LEU C 152 11.67 -6.27 10.19
N ALA C 153 10.40 -6.46 10.52
CA ALA C 153 9.32 -6.23 9.58
C ALA C 153 9.24 -4.77 9.12
N LYS C 154 9.53 -3.83 10.01
CA LYS C 154 9.49 -2.44 9.63
C LYS C 154 10.69 -2.00 8.79
N LYS C 155 11.74 -2.82 8.77
CA LYS C 155 12.91 -2.47 7.99
C LYS C 155 13.12 -3.42 6.80
N GLY C 156 12.10 -4.22 6.53
CA GLY C 156 12.16 -5.14 5.42
C GLY C 156 13.06 -6.35 5.60
N PHE C 157 13.06 -6.93 6.80
CA PHE C 157 13.88 -8.09 7.08
C PHE C 157 13.08 -9.36 7.39
N ILE C 158 11.80 -9.34 7.04
CA ILE C 158 10.91 -10.49 7.17
C ILE C 158 9.69 -10.19 6.33
N GLY C 159 9.24 -11.19 5.57
CA GLY C 159 8.09 -11.06 4.68
C GLY C 159 8.11 -12.27 3.78
N PRO C 160 6.95 -12.80 3.37
CA PRO C 160 6.91 -13.98 2.49
C PRO C 160 7.77 -13.90 1.22
N GLY C 161 7.90 -12.68 0.70
CA GLY C 161 8.66 -12.48 -0.51
C GLY C 161 9.98 -11.74 -0.35
N VAL C 162 10.27 -11.26 0.86
CA VAL C 162 11.53 -10.57 1.06
C VAL C 162 12.54 -11.38 1.87
N ASP C 163 12.10 -11.94 2.99
CA ASP C 163 13.00 -12.66 3.87
C ASP C 163 12.22 -13.57 4.80
N VAL C 164 12.48 -14.86 4.71
CA VAL C 164 11.77 -15.85 5.52
C VAL C 164 12.65 -16.57 6.55
N PRO C 165 12.48 -16.25 7.84
CA PRO C 165 13.28 -16.89 8.91
C PRO C 165 12.90 -18.33 9.19
N ALA C 166 13.56 -18.92 10.18
CA ALA C 166 13.34 -20.30 10.59
C ALA C 166 14.11 -20.56 11.91
N PRO C 167 14.05 -21.77 12.47
CA PRO C 167 14.78 -22.00 13.71
C PRO C 167 16.30 -22.17 13.53
N ASP C 168 17.02 -22.15 14.65
CA ASP C 168 18.47 -22.35 14.70
C ASP C 168 18.76 -22.61 16.18
N MET C 169 19.92 -22.17 16.65
CA MET C 169 20.27 -22.39 18.05
C MET C 169 19.38 -21.67 19.07
N SER C 170 18.80 -22.52 19.91
CA SER C 170 17.91 -22.12 21.00
C SER C 170 16.57 -21.51 20.57
N THR C 171 16.09 -21.93 19.40
CA THR C 171 14.79 -21.51 18.86
C THR C 171 14.14 -22.69 18.15
N GLY C 172 12.81 -22.70 18.10
CA GLY C 172 12.12 -23.80 17.43
C GLY C 172 10.70 -23.43 17.04
N GLU C 173 9.83 -24.42 17.01
CA GLU C 173 8.41 -24.23 16.66
C GLU C 173 7.78 -23.05 17.38
N ARG C 174 8.03 -22.97 18.69
CA ARG C 174 7.48 -21.94 19.55
C ARG C 174 7.80 -20.52 19.10
N GLU C 175 9.08 -20.22 18.91
CA GLU C 175 9.50 -18.89 18.47
C GLU C 175 8.95 -18.60 17.06
N MET C 176 9.00 -19.59 16.18
CA MET C 176 8.51 -19.43 14.82
C MET C 176 7.02 -19.09 14.85
N SER C 177 6.34 -19.59 15.87
CA SER C 177 4.92 -19.37 16.06
C SER C 177 4.65 -17.92 16.43
N TRP C 178 5.43 -17.41 17.38
CA TRP C 178 5.30 -16.03 17.82
C TRP C 178 5.63 -15.11 16.65
N ILE C 179 6.67 -15.46 15.89
CA ILE C 179 7.08 -14.67 14.75
C ILE C 179 5.96 -14.55 13.70
N ALA C 180 5.36 -15.68 13.35
CA ALA C 180 4.30 -15.69 12.35
C ALA C 180 3.10 -14.90 12.82
N ASP C 181 2.71 -15.14 14.07
CA ASP C 181 1.57 -14.47 14.62
C ASP C 181 1.78 -12.95 14.64
N THR C 182 2.96 -12.50 15.05
CA THR C 182 3.22 -11.08 15.10
C THR C 182 3.14 -10.45 13.73
N TYR C 183 3.75 -11.11 12.75
CA TYR C 183 3.73 -10.58 11.39
C TYR C 183 2.31 -10.57 10.85
N ALA C 184 1.60 -11.69 10.97
CA ALA C 184 0.24 -11.79 10.47
C ALA C 184 -0.73 -10.85 11.18
N SER C 185 -0.54 -10.64 12.49
CA SER C 185 -1.43 -9.77 13.25
C SER C 185 -1.26 -8.30 12.94
N THR C 186 -0.16 -7.96 12.29
CA THR C 186 0.12 -6.56 11.99
C THR C 186 0.33 -6.24 10.51
N ILE C 187 1.59 -6.03 10.15
CA ILE C 187 1.99 -5.72 8.78
C ILE C 187 1.39 -6.63 7.69
N GLY C 188 1.27 -7.92 7.95
CA GLY C 188 0.69 -8.80 6.93
C GLY C 188 -0.76 -9.20 7.16
N HIS C 189 -1.53 -8.39 7.87
CA HIS C 189 -2.93 -8.74 8.13
C HIS C 189 -3.82 -8.86 6.89
N TYR C 190 -3.38 -8.32 5.77
CA TYR C 190 -4.16 -8.38 4.54
C TYR C 190 -3.52 -9.37 3.54
N ASP C 191 -2.29 -9.79 3.83
CA ASP C 191 -1.55 -10.71 2.96
C ASP C 191 -2.06 -12.14 2.95
N ILE C 192 -2.49 -12.60 1.78
CA ILE C 192 -2.97 -13.96 1.66
C ILE C 192 -1.84 -14.95 1.97
N ASN C 193 -0.58 -14.52 1.86
CA ASN C 193 0.55 -15.39 2.15
C ASN C 193 1.29 -15.02 3.45
N ALA C 194 0.62 -14.28 4.31
CA ALA C 194 1.21 -13.83 5.57
C ALA C 194 1.92 -14.92 6.38
N HIS C 195 1.38 -16.13 6.38
CA HIS C 195 2.00 -17.20 7.14
C HIS C 195 3.19 -17.89 6.51
N ALA C 196 3.56 -17.45 5.33
CA ALA C 196 4.72 -18.01 4.63
C ALA C 196 5.89 -17.11 4.97
N CYS C 197 5.68 -16.23 5.94
CA CYS C 197 6.72 -15.29 6.34
C CYS C 197 7.84 -15.94 7.16
N VAL C 198 7.59 -17.13 7.66
CA VAL C 198 8.58 -17.83 8.45
C VAL C 198 8.34 -19.34 8.33
N THR C 199 9.39 -20.14 8.47
CA THR C 199 9.23 -21.60 8.40
C THR C 199 9.63 -22.25 9.72
N GLY C 200 9.40 -23.56 9.82
CA GLY C 200 9.72 -24.27 11.05
C GLY C 200 8.57 -24.04 12.01
N LYS C 201 7.42 -23.65 11.46
CA LYS C 201 6.23 -23.38 12.26
C LYS C 201 5.66 -24.70 12.76
N PRO C 202 4.80 -24.63 13.79
CA PRO C 202 4.19 -25.87 14.31
C PRO C 202 3.24 -26.33 13.21
N ILE C 203 3.07 -27.64 13.04
CA ILE C 203 2.18 -28.13 11.99
C ILE C 203 0.76 -27.57 12.07
N SER C 204 0.31 -27.27 13.29
CA SER C 204 -1.02 -26.72 13.48
C SER C 204 -1.09 -25.26 13.03
N GLN C 205 0.05 -24.55 13.02
CA GLN C 205 0.07 -23.15 12.60
C GLN C 205 0.54 -23.00 11.14
N GLY C 206 0.45 -24.07 10.36
CA GLY C 206 0.86 -24.00 8.96
C GLY C 206 2.23 -24.59 8.69
N GLY C 207 2.74 -25.35 9.66
CA GLY C 207 4.05 -25.96 9.53
C GLY C 207 3.94 -27.22 8.68
N ILE C 208 5.09 -27.82 8.39
CA ILE C 208 5.09 -29.01 7.55
C ILE C 208 5.63 -30.24 8.26
N HIS C 209 5.11 -31.40 7.92
CA HIS C 209 5.54 -32.68 8.49
C HIS C 209 7.06 -32.85 8.45
N GLY C 210 7.60 -33.38 9.54
CA GLY C 210 9.01 -33.66 9.65
C GLY C 210 10.00 -32.52 9.48
N ARG C 211 9.58 -31.29 9.71
CA ARG C 211 10.53 -30.19 9.57
C ARG C 211 11.57 -30.19 10.71
N ILE C 212 11.15 -30.58 11.89
CA ILE C 212 12.04 -30.63 13.05
C ILE C 212 13.15 -31.67 12.87
N SER C 213 12.78 -32.84 12.36
CA SER C 213 13.76 -33.91 12.14
C SER C 213 14.39 -33.86 10.74
N ALA C 214 13.99 -32.88 9.94
CA ALA C 214 14.48 -32.75 8.57
C ALA C 214 16.00 -32.62 8.45
N THR C 215 16.62 -31.89 9.37
CA THR C 215 18.06 -31.72 9.27
C THR C 215 18.80 -33.02 9.59
N GLY C 216 18.42 -33.67 10.69
CA GLY C 216 19.05 -34.93 11.05
C GLY C 216 18.83 -35.97 9.98
N ARG C 217 17.65 -35.91 9.36
CA ARG C 217 17.31 -36.83 8.29
C ARG C 217 18.16 -36.56 7.06
N GLY C 218 18.43 -35.28 6.81
CA GLY C 218 19.25 -34.90 5.68
C GLY C 218 20.67 -35.32 6.01
N VAL C 219 21.06 -35.25 7.27
CA VAL C 219 22.40 -35.65 7.67
C VAL C 219 22.55 -37.14 7.36
N PHE C 220 21.53 -37.92 7.72
CA PHE C 220 21.52 -39.35 7.44
C PHE C 220 21.69 -39.60 5.94
N HIS C 221 20.93 -38.88 5.11
CA HIS C 221 21.03 -39.06 3.67
C HIS C 221 22.38 -38.63 3.09
N GLY C 222 22.87 -37.50 3.56
CA GLY C 222 24.14 -37.00 3.09
C GLY C 222 25.21 -38.03 3.36
N ILE C 223 25.18 -38.60 4.56
CA ILE C 223 26.17 -39.60 4.93
C ILE C 223 25.95 -40.87 4.10
N GLU C 224 24.70 -41.30 4.03
CA GLU C 224 24.33 -42.50 3.28
C GLU C 224 24.86 -42.48 1.85
N ASN C 225 24.76 -41.33 1.20
CA ASN C 225 25.22 -41.22 -0.18
C ASN C 225 26.70 -41.56 -0.33
N PHE C 226 27.54 -41.03 0.55
CA PHE C 226 28.97 -41.32 0.48
C PHE C 226 29.39 -42.66 1.13
N ILE C 227 28.69 -43.07 2.19
CA ILE C 227 29.03 -44.31 2.87
C ILE C 227 28.75 -45.59 2.07
N ASN C 228 28.13 -45.43 0.90
CA ASN C 228 27.84 -46.56 0.02
C ASN C 228 28.56 -46.45 -1.33
N GLU C 229 29.58 -45.61 -1.41
CA GLU C 229 30.32 -45.41 -2.66
C GLU C 229 31.41 -46.44 -2.99
N ALA C 230 31.98 -47.06 -1.96
CA ALA C 230 33.05 -48.06 -2.13
C ALA C 230 34.31 -47.34 -2.55
N SER C 231 34.22 -46.55 -3.62
CA SER C 231 35.34 -45.77 -4.10
C SER C 231 35.86 -44.88 -2.97
N TYR C 232 34.97 -44.07 -2.39
CA TYR C 232 35.38 -43.21 -1.30
C TYR C 232 35.73 -44.03 -0.06
N MET C 233 34.85 -44.94 0.33
CA MET C 233 35.05 -45.81 1.47
C MET C 233 36.34 -46.65 1.43
N SER C 234 36.83 -46.92 0.23
CA SER C 234 38.07 -47.69 0.11
C SER C 234 39.24 -46.77 0.46
N ILE C 235 39.22 -45.53 -0.03
CA ILE C 235 40.28 -44.59 0.29
C ILE C 235 40.37 -44.41 1.80
N LEU C 236 39.22 -44.54 2.47
CA LEU C 236 39.15 -44.40 3.92
C LEU C 236 39.37 -45.75 4.58
N GLY C 237 39.40 -46.79 3.75
CA GLY C 237 39.59 -48.13 4.24
C GLY C 237 38.48 -48.53 5.17
N MET C 238 37.25 -48.50 4.66
CA MET C 238 36.07 -48.87 5.42
C MET C 238 35.19 -49.66 4.50
N THR C 239 34.20 -50.34 5.06
CA THR C 239 33.28 -51.09 4.24
C THR C 239 32.04 -50.23 4.12
N PRO C 240 31.33 -50.31 2.98
CA PRO C 240 30.13 -49.48 2.84
C PRO C 240 29.05 -49.89 3.81
N GLY C 241 28.09 -49.00 4.02
CA GLY C 241 26.99 -49.27 4.94
C GLY C 241 27.18 -48.75 6.36
N PHE C 242 26.10 -48.75 7.13
CA PHE C 242 26.13 -48.27 8.51
C PHE C 242 26.22 -49.43 9.50
N GLY C 243 25.64 -50.58 9.12
CA GLY C 243 25.61 -51.77 9.94
C GLY C 243 26.71 -52.09 10.92
N ASP C 244 27.95 -51.78 10.55
CA ASP C 244 29.11 -52.06 11.41
C ASP C 244 29.87 -50.77 11.68
N LYS C 245 29.14 -49.67 11.81
CA LYS C 245 29.78 -48.37 12.05
C LYS C 245 29.38 -47.77 13.40
N THR C 246 30.34 -47.09 14.02
CA THR C 246 30.09 -46.40 15.27
C THR C 246 30.20 -44.90 14.98
N PHE C 247 29.48 -44.11 15.75
CA PHE C 247 29.52 -42.68 15.56
C PHE C 247 29.28 -41.98 16.90
N ALA C 248 29.71 -40.73 16.97
CA ALA C 248 29.55 -39.92 18.17
C ALA C 248 29.10 -38.56 17.69
N VAL C 249 28.11 -38.01 18.36
CA VAL C 249 27.59 -36.72 17.95
C VAL C 249 27.79 -35.65 19.02
N GLN C 250 28.32 -34.51 18.60
CA GLN C 250 28.49 -33.40 19.53
C GLN C 250 27.28 -32.50 19.34
N GLY C 251 26.31 -32.62 20.24
CA GLY C 251 25.10 -31.81 20.16
C GLY C 251 23.93 -32.75 20.28
N PHE C 252 23.02 -32.48 21.20
CA PHE C 252 21.86 -33.35 21.35
C PHE C 252 20.58 -32.55 21.18
N GLY C 253 20.63 -31.56 20.30
CA GLY C 253 19.44 -30.75 20.05
C GLY C 253 18.71 -31.19 18.80
N ASN C 254 18.03 -30.25 18.16
CA ASN C 254 17.28 -30.58 16.95
C ASN C 254 18.05 -31.36 15.88
N VAL C 255 19.30 -30.98 15.63
CA VAL C 255 20.10 -31.67 14.65
C VAL C 255 20.70 -32.98 15.16
N GLY C 256 21.44 -32.89 16.27
CA GLY C 256 22.09 -34.06 16.85
C GLY C 256 21.17 -35.21 17.25
N LEU C 257 20.12 -34.92 18.01
CA LEU C 257 19.17 -35.94 18.44
C LEU C 257 18.66 -36.75 17.27
N HIS C 258 18.16 -36.05 16.27
CA HIS C 258 17.59 -36.69 15.09
C HIS C 258 18.59 -37.38 14.17
N SER C 259 19.79 -36.82 14.07
CA SER C 259 20.85 -37.42 13.27
C SER C 259 21.10 -38.77 13.95
N MET C 260 21.16 -38.73 15.27
CA MET C 260 21.37 -39.93 16.08
C MET C 260 20.24 -40.92 15.89
N ARG C 261 19.00 -40.46 15.96
CA ARG C 261 17.84 -41.34 15.76
C ARG C 261 17.93 -42.09 14.42
N TYR C 262 18.23 -41.37 13.36
CA TYR C 262 18.29 -41.96 12.03
C TYR C 262 19.44 -42.94 11.78
N LEU C 263 20.65 -42.59 12.19
CA LEU C 263 21.77 -43.49 11.96
C LEU C 263 21.54 -44.80 12.72
N HIS C 264 21.02 -44.67 13.92
CA HIS C 264 20.73 -45.80 14.77
C HIS C 264 19.70 -46.71 14.14
N ARG C 265 18.79 -46.11 13.38
CA ARG C 265 17.74 -46.86 12.71
C ARG C 265 18.35 -47.77 11.66
N PHE C 266 19.43 -47.33 11.02
CA PHE C 266 20.06 -48.15 10.01
C PHE C 266 21.26 -48.95 10.49
N GLY C 267 21.20 -49.44 11.72
CA GLY C 267 22.27 -50.26 12.25
C GLY C 267 23.47 -49.62 12.91
N ALA C 268 23.83 -48.39 12.54
CA ALA C 268 24.98 -47.75 13.16
C ALA C 268 24.67 -47.57 14.64
N LYS C 269 25.70 -47.53 15.48
CA LYS C 269 25.45 -47.32 16.91
C LYS C 269 26.25 -46.15 17.44
N CYS C 270 25.56 -45.34 18.24
CA CYS C 270 26.13 -44.17 18.86
C CYS C 270 26.91 -44.58 20.09
N VAL C 271 28.21 -44.32 20.04
CA VAL C 271 29.09 -44.67 21.12
C VAL C 271 29.22 -43.49 22.09
N ALA C 272 28.94 -42.29 21.60
CA ALA C 272 29.06 -41.08 22.43
C ALA C 272 28.17 -39.89 22.04
N VAL C 273 27.72 -39.15 23.06
CA VAL C 273 26.89 -37.97 22.90
C VAL C 273 27.44 -36.86 23.78
N GLY C 274 27.55 -35.65 23.24
CA GLY C 274 28.08 -34.55 24.02
C GLY C 274 27.13 -33.36 24.10
N GLU C 275 27.38 -32.50 25.09
CA GLU C 275 26.60 -31.29 25.33
C GLU C 275 27.56 -30.28 25.94
N SER C 276 27.05 -29.10 26.25
CA SER C 276 27.90 -28.07 26.84
C SER C 276 28.44 -28.39 28.23
N ASP C 277 27.69 -29.14 29.03
CA ASP C 277 28.14 -29.50 30.37
C ASP C 277 29.07 -30.71 30.38
N GLY C 278 29.00 -31.53 29.33
CA GLY C 278 29.86 -32.70 29.27
C GLY C 278 29.45 -33.71 28.21
N SER C 279 29.97 -34.93 28.33
CA SER C 279 29.67 -35.99 27.36
C SER C 279 29.48 -37.32 28.07
N ILE C 280 28.76 -38.23 27.43
CA ILE C 280 28.55 -39.56 27.99
C ILE C 280 29.15 -40.55 26.99
N TRP C 281 29.43 -41.77 27.43
CA TRP C 281 30.07 -42.75 26.55
C TRP C 281 29.79 -44.21 26.84
N ASN C 282 29.68 -44.99 25.77
CA ASN C 282 29.43 -46.43 25.87
C ASN C 282 29.80 -47.15 24.56
N PRO C 283 30.84 -47.99 24.62
CA PRO C 283 31.32 -48.76 23.46
C PRO C 283 30.26 -49.66 22.84
N ASP C 284 29.31 -50.11 23.66
CA ASP C 284 28.24 -50.97 23.19
C ASP C 284 27.10 -50.16 22.62
N GLY C 285 27.24 -48.83 22.63
CA GLY C 285 26.21 -47.97 22.07
C GLY C 285 25.22 -47.37 23.06
N ILE C 286 24.46 -46.40 22.56
CA ILE C 286 23.45 -45.71 23.35
C ILE C 286 22.17 -45.62 22.53
N ASP C 287 21.03 -45.86 23.16
CA ASP C 287 19.74 -45.80 22.48
C ASP C 287 19.24 -44.35 22.47
N PRO C 288 19.04 -43.78 21.28
CA PRO C 288 18.58 -42.39 21.14
C PRO C 288 17.29 -42.09 21.89
N LYS C 289 16.42 -43.08 21.96
CA LYS C 289 15.13 -42.89 22.62
C LYS C 289 15.14 -42.85 24.15
N GLU C 290 15.92 -43.71 24.79
CA GLU C 290 15.95 -43.69 26.24
C GLU C 290 16.80 -42.49 26.71
N LEU C 291 17.65 -42.00 25.82
CA LEU C 291 18.52 -40.86 26.10
C LEU C 291 17.70 -39.59 25.97
N GLU C 292 16.71 -39.62 25.08
CA GLU C 292 15.87 -38.45 24.90
C GLU C 292 14.98 -38.34 26.13
N ASP C 293 14.43 -39.47 26.56
CA ASP C 293 13.56 -39.47 27.74
C ASP C 293 14.32 -39.02 28.99
N PHE C 294 15.58 -39.43 29.11
CA PHE C 294 16.37 -39.04 30.27
C PHE C 294 16.65 -37.54 30.20
N LYS C 295 16.93 -37.05 28.99
CA LYS C 295 17.20 -35.62 28.79
C LYS C 295 15.95 -34.81 29.12
N LEU C 296 14.81 -35.21 28.60
CA LEU C 296 13.56 -34.51 28.86
C LEU C 296 13.22 -34.51 30.35
N GLN C 297 13.60 -35.59 31.02
CA GLN C 297 13.35 -35.81 32.44
C GLN C 297 14.31 -35.07 33.38
N HIS C 298 15.60 -35.10 33.09
CA HIS C 298 16.57 -34.46 33.96
C HIS C 298 17.26 -33.21 33.38
N GLY C 299 16.81 -32.76 32.22
CA GLY C 299 17.40 -31.57 31.63
C GLY C 299 18.88 -31.69 31.30
N THR C 300 19.36 -32.92 31.21
CA THR C 300 20.76 -33.17 30.88
C THR C 300 20.99 -34.63 30.53
N ILE C 301 22.14 -34.92 29.94
CA ILE C 301 22.49 -36.28 29.57
C ILE C 301 23.42 -36.86 30.60
N LEU C 302 24.23 -35.98 31.22
CA LEU C 302 25.18 -36.41 32.22
C LEU C 302 24.50 -37.16 33.36
N GLY C 303 24.93 -38.39 33.57
CA GLY C 303 24.32 -39.19 34.62
C GLY C 303 23.33 -40.19 34.06
N PHE C 304 23.31 -40.34 32.75
CA PHE C 304 22.42 -41.30 32.08
C PHE C 304 22.88 -42.67 32.57
N PRO C 305 21.97 -43.46 33.15
CA PRO C 305 22.41 -44.78 33.64
C PRO C 305 23.16 -45.70 32.67
N LYS C 306 22.64 -45.90 31.46
CA LYS C 306 23.30 -46.80 30.54
C LYS C 306 24.53 -46.33 29.76
N ALA C 307 25.25 -45.36 30.32
CA ALA C 307 26.47 -44.85 29.71
C ALA C 307 27.28 -44.19 30.82
N LYS C 308 28.55 -43.95 30.56
CA LYS C 308 29.41 -43.34 31.56
C LYS C 308 29.79 -41.92 31.18
N ILE C 309 29.86 -41.04 32.17
CA ILE C 309 30.25 -39.68 31.89
C ILE C 309 31.65 -39.68 31.29
N TYR C 310 31.72 -39.64 29.96
CA TYR C 310 33.00 -39.64 29.27
C TYR C 310 33.83 -38.49 29.77
N GLU C 311 35.13 -38.72 29.84
CA GLU C 311 36.05 -37.72 30.33
C GLU C 311 37.08 -37.42 29.25
N GLY C 312 37.01 -36.25 28.64
CA GLY C 312 38.00 -35.92 27.64
C GLY C 312 37.63 -35.63 26.18
N SER C 313 36.69 -34.71 25.97
CA SER C 313 36.28 -34.31 24.62
C SER C 313 35.61 -35.32 23.71
N ILE C 314 34.33 -35.04 23.41
CA ILE C 314 33.52 -35.88 22.55
C ILE C 314 34.14 -35.97 21.15
N LEU C 315 34.82 -34.91 20.73
CA LEU C 315 35.41 -34.83 19.41
C LEU C 315 36.59 -35.77 19.18
N GLU C 316 37.20 -36.24 20.26
CA GLU C 316 38.37 -37.11 20.14
C GLU C 316 38.03 -38.55 20.48
N VAL C 317 36.74 -38.80 20.72
CA VAL C 317 36.27 -40.14 21.04
C VAL C 317 36.62 -41.10 19.91
N ASP C 318 36.62 -42.40 20.21
CA ASP C 318 36.96 -43.39 19.20
C ASP C 318 35.71 -43.86 18.47
N CYS C 319 35.65 -43.56 17.17
CA CYS C 319 34.49 -43.93 16.35
C CYS C 319 34.82 -43.83 14.87
N ASP C 320 33.90 -44.32 14.02
CA ASP C 320 34.08 -44.25 12.59
C ASP C 320 33.61 -42.89 12.13
N ILE C 321 32.45 -42.46 12.61
CA ILE C 321 31.86 -41.19 12.21
C ILE C 321 31.70 -40.15 13.33
N LEU C 322 32.20 -38.95 13.08
CA LEU C 322 32.06 -37.88 14.06
C LEU C 322 31.09 -36.85 13.51
N ILE C 323 30.00 -36.63 14.24
CA ILE C 323 29.01 -35.65 13.79
C ILE C 323 28.96 -34.39 14.64
N PRO C 324 29.70 -33.34 14.25
CA PRO C 324 29.62 -32.12 15.06
C PRO C 324 28.29 -31.42 14.76
N ALA C 325 27.38 -31.43 15.74
CA ALA C 325 26.07 -30.81 15.57
C ALA C 325 25.81 -29.76 16.64
N ALA C 326 26.80 -28.91 16.90
CA ALA C 326 26.63 -27.86 17.90
C ALA C 326 26.92 -26.53 17.26
N SER C 327 27.94 -25.82 17.74
CA SER C 327 28.25 -24.53 17.14
C SER C 327 29.50 -24.57 16.25
N GLU C 328 29.88 -23.42 15.72
CA GLU C 328 31.02 -23.30 14.81
C GLU C 328 32.39 -23.47 15.44
N LYS C 329 33.39 -23.70 14.60
CA LYS C 329 34.77 -23.85 15.01
C LYS C 329 35.04 -24.77 16.21
N GLN C 330 34.52 -25.99 16.17
CA GLN C 330 34.73 -26.96 17.23
C GLN C 330 35.97 -27.78 16.92
N LEU C 331 36.27 -27.85 15.64
CA LEU C 331 37.42 -28.59 15.15
C LEU C 331 38.42 -27.58 14.63
N THR C 332 39.54 -27.47 15.33
CA THR C 332 40.57 -26.52 14.95
C THR C 332 41.91 -27.18 14.68
N LYS C 333 42.92 -26.37 14.43
CA LYS C 333 44.27 -26.88 14.17
C LYS C 333 44.81 -27.70 15.33
N SER C 334 44.48 -27.30 16.56
CA SER C 334 44.98 -28.00 17.74
C SER C 334 44.37 -29.36 18.11
N ASN C 335 43.17 -29.65 17.67
CA ASN C 335 42.60 -30.96 18.02
C ASN C 335 42.36 -31.86 16.81
N ALA C 336 42.58 -31.32 15.60
CA ALA C 336 42.35 -32.10 14.39
C ALA C 336 43.18 -33.39 14.37
N PRO C 337 44.50 -33.30 14.67
CA PRO C 337 45.32 -34.52 14.65
C PRO C 337 44.88 -35.60 15.63
N ARG C 338 43.86 -35.31 16.45
CA ARG C 338 43.39 -36.28 17.42
C ARG C 338 41.93 -36.70 17.27
N VAL C 339 41.34 -36.51 16.09
CA VAL C 339 39.92 -36.85 15.95
C VAL C 339 39.50 -38.31 15.91
N LYS C 340 40.44 -39.21 15.65
CA LYS C 340 40.13 -40.64 15.61
C LYS C 340 39.22 -41.08 14.46
N ALA C 341 38.04 -40.47 14.36
CA ALA C 341 37.06 -40.78 13.31
C ALA C 341 37.57 -40.61 11.85
N LYS C 342 36.96 -41.36 10.93
CA LYS C 342 37.34 -41.30 9.51
C LYS C 342 36.46 -40.38 8.68
N ILE C 343 35.21 -40.21 9.12
CA ILE C 343 34.24 -39.36 8.46
C ILE C 343 33.71 -38.31 9.42
N ILE C 344 33.78 -37.04 9.00
CA ILE C 344 33.28 -35.92 9.79
C ILE C 344 32.01 -35.45 9.08
N ALA C 345 30.87 -35.68 9.71
CA ALA C 345 29.58 -35.30 9.16
C ALA C 345 29.20 -33.92 9.71
N GLU C 346 29.47 -32.86 8.95
CA GLU C 346 29.16 -31.52 9.42
C GLU C 346 27.69 -31.18 9.52
N GLY C 347 27.09 -31.49 10.67
CA GLY C 347 25.69 -31.17 10.88
C GLY C 347 25.53 -29.68 11.20
N ALA C 348 26.47 -29.14 11.98
CA ALA C 348 26.44 -27.74 12.34
C ALA C 348 27.02 -26.91 11.21
N ASN C 349 26.86 -25.59 11.28
CA ASN C 349 27.42 -24.74 10.27
C ASN C 349 28.80 -24.29 10.75
N GLY C 350 29.80 -24.43 9.89
CA GLY C 350 31.14 -24.03 10.22
C GLY C 350 31.82 -24.73 11.40
N PRO C 351 31.64 -26.04 11.57
CA PRO C 351 32.28 -26.70 12.71
C PRO C 351 33.81 -26.88 12.64
N THR C 352 34.37 -26.85 11.43
CA THR C 352 35.82 -27.02 11.30
C THR C 352 36.46 -25.82 10.60
N THR C 353 37.61 -25.43 11.10
CA THR C 353 38.33 -24.30 10.54
C THR C 353 39.10 -24.78 9.32
N PRO C 354 39.56 -23.84 8.50
CA PRO C 354 40.31 -24.23 7.31
C PRO C 354 41.60 -24.99 7.67
N GLU C 355 42.12 -24.76 8.90
CA GLU C 355 43.33 -25.43 9.37
C GLU C 355 43.08 -26.88 9.72
N ALA C 356 41.95 -27.17 10.34
CA ALA C 356 41.64 -28.54 10.69
C ALA C 356 41.39 -29.27 9.38
N ASP C 357 40.79 -28.54 8.44
CA ASP C 357 40.48 -29.05 7.11
C ASP C 357 41.75 -29.55 6.43
N LYS C 358 42.81 -28.76 6.51
CA LYS C 358 44.08 -29.16 5.91
C LYS C 358 44.55 -30.42 6.62
N ILE C 359 44.60 -30.38 7.95
CA ILE C 359 45.03 -31.53 8.71
C ILE C 359 44.18 -32.75 8.35
N PHE C 360 42.86 -32.56 8.32
CA PHE C 360 41.96 -33.66 7.99
C PHE C 360 42.23 -34.32 6.64
N LEU C 361 42.56 -33.52 5.63
CA LEU C 361 42.85 -34.07 4.31
C LEU C 361 44.11 -34.94 4.36
N GLU C 362 45.15 -34.38 4.96
CA GLU C 362 46.43 -35.07 5.10
C GLU C 362 46.32 -36.39 5.87
N ARG C 363 45.39 -36.48 6.81
CA ARG C 363 45.21 -37.70 7.58
C ARG C 363 44.18 -38.61 6.92
N ASN C 364 43.83 -38.26 5.69
CA ASN C 364 42.85 -39.01 4.92
C ASN C 364 41.51 -39.13 5.65
N ILE C 365 40.99 -38.00 6.11
CA ILE C 365 39.71 -37.99 6.79
C ILE C 365 38.69 -37.38 5.84
N MET C 366 37.54 -38.02 5.65
CA MET C 366 36.54 -37.44 4.75
C MET C 366 35.63 -36.49 5.52
N VAL C 367 35.60 -35.23 5.11
CA VAL C 367 34.76 -34.24 5.75
C VAL C 367 33.61 -33.89 4.79
N ILE C 368 32.41 -34.39 5.10
CA ILE C 368 31.22 -34.12 4.30
C ILE C 368 30.83 -32.72 4.75
N PRO C 369 31.05 -31.72 3.89
CA PRO C 369 30.77 -30.32 4.15
C PRO C 369 29.35 -29.93 4.53
N ASP C 370 29.26 -28.99 5.45
CA ASP C 370 28.00 -28.46 5.95
C ASP C 370 27.07 -27.88 4.88
N LEU C 371 27.59 -27.13 3.92
CA LEU C 371 26.74 -26.55 2.91
C LEU C 371 26.01 -27.57 2.07
N TYR C 372 26.29 -28.85 2.31
CA TYR C 372 25.58 -29.93 1.62
C TYR C 372 24.86 -30.79 2.66
N LEU C 373 25.62 -31.29 3.62
CA LEU C 373 25.15 -32.20 4.66
C LEU C 373 24.01 -31.71 5.56
N ASN C 374 23.98 -30.43 5.90
CA ASN C 374 22.89 -29.98 6.76
C ASN C 374 21.80 -29.25 6.02
N ALA C 375 21.87 -29.22 4.69
CA ALA C 375 20.88 -28.54 3.85
C ALA C 375 19.48 -29.15 3.96
N GLY C 376 19.34 -30.20 4.75
CA GLY C 376 18.04 -30.81 4.92
C GLY C 376 17.01 -29.87 5.53
N GLY C 377 17.47 -28.97 6.39
CA GLY C 377 16.58 -28.00 7.02
C GLY C 377 15.88 -27.07 6.03
N VAL C 378 16.66 -26.29 5.27
CA VAL C 378 16.09 -25.37 4.27
C VAL C 378 15.32 -26.09 3.19
N THR C 379 15.76 -27.30 2.85
CA THR C 379 15.07 -28.04 1.82
C THR C 379 13.63 -28.27 2.24
N VAL C 380 13.42 -28.66 3.48
CA VAL C 380 12.06 -28.92 3.94
C VAL C 380 11.37 -27.60 4.33
N SER C 381 12.16 -26.59 4.70
CA SER C 381 11.59 -25.30 5.04
C SER C 381 10.98 -24.76 3.73
N TYR C 382 11.67 -25.00 2.62
CA TYR C 382 11.23 -24.61 1.30
C TYR C 382 9.93 -25.33 0.97
N PHE C 383 9.81 -26.60 1.33
CA PHE C 383 8.59 -27.33 1.06
C PHE C 383 7.44 -26.70 1.90
N GLU C 384 7.75 -26.28 3.13
CA GLU C 384 6.75 -25.66 4.03
C GLU C 384 6.24 -24.34 3.44
N TRP C 385 7.20 -23.53 3.01
CA TRP C 385 6.91 -22.23 2.41
C TRP C 385 5.99 -22.45 1.19
N LEU C 386 6.30 -23.47 0.41
CA LEU C 386 5.55 -23.83 -0.77
C LEU C 386 4.15 -24.27 -0.36
N LYS C 387 4.07 -25.03 0.73
CA LYS C 387 2.77 -25.48 1.21
C LYS C 387 1.90 -24.30 1.62
N ASN C 388 2.48 -23.31 2.29
CA ASN C 388 1.73 -22.13 2.70
C ASN C 388 1.19 -21.36 1.51
N LEU C 389 2.00 -21.27 0.45
CA LEU C 389 1.59 -20.54 -0.74
C LEU C 389 0.48 -21.26 -1.49
N ASN C 390 0.45 -22.60 -1.40
CA ASN C 390 -0.58 -23.36 -2.10
C ASN C 390 -1.89 -23.53 -1.37
N HIS C 391 -1.91 -23.22 -0.07
CA HIS C 391 -3.13 -23.33 0.72
C HIS C 391 -3.91 -24.64 0.66
N VAL C 392 -3.23 -25.75 0.40
CA VAL C 392 -3.87 -27.07 0.40
C VAL C 392 -2.84 -28.05 0.94
N SER C 393 -3.27 -29.07 1.63
CA SER C 393 -2.31 -30.04 2.09
C SER C 393 -2.14 -30.99 0.90
N TYR C 394 -0.91 -31.44 0.69
CA TYR C 394 -0.61 -32.30 -0.42
C TYR C 394 -1.51 -33.50 -0.67
N GLY C 395 -1.97 -33.64 -1.91
CA GLY C 395 -2.82 -34.76 -2.27
C GLY C 395 -4.29 -34.68 -1.94
N ARG C 396 -4.67 -33.72 -1.11
CA ARG C 396 -6.05 -33.55 -0.71
C ARG C 396 -7.02 -33.58 -1.90
N LEU C 397 -6.70 -32.87 -2.97
CA LEU C 397 -7.58 -32.82 -4.14
C LEU C 397 -7.50 -34.05 -5.07
N THR C 398 -6.48 -34.88 -4.88
CA THR C 398 -6.28 -36.02 -5.78
C THR C 398 -6.24 -37.45 -5.22
N PHE C 399 -6.26 -37.62 -3.90
CA PHE C 399 -6.18 -38.97 -3.35
C PHE C 399 -7.18 -39.93 -4.03
N LYS C 400 -8.48 -39.58 -4.01
CA LYS C 400 -9.50 -40.44 -4.60
C LYS C 400 -9.35 -40.64 -6.12
N TYR C 401 -9.05 -39.57 -6.83
CA TYR C 401 -8.91 -39.69 -8.26
C TYR C 401 -7.78 -40.64 -8.66
N GLU C 402 -6.63 -40.51 -8.00
CA GLU C 402 -5.50 -41.38 -8.27
C GLU C 402 -5.78 -42.81 -7.88
N ARG C 403 -6.42 -43.00 -6.74
CA ARG C 403 -6.76 -44.34 -6.26
C ARG C 403 -7.58 -45.05 -7.33
N ASP C 404 -8.69 -44.45 -7.74
CA ASP C 404 -9.55 -45.05 -8.76
C ASP C 404 -8.79 -45.31 -10.06
N SER C 405 -7.98 -44.34 -10.47
CA SER C 405 -7.22 -44.49 -11.70
C SER C 405 -6.28 -45.69 -11.68
N ASN C 406 -5.56 -45.86 -10.58
CA ASN C 406 -4.64 -46.97 -10.46
C ASN C 406 -5.36 -48.32 -10.53
N TYR C 407 -6.56 -48.39 -9.95
CA TYR C 407 -7.30 -49.65 -10.00
C TYR C 407 -7.81 -49.89 -11.43
N HIS C 408 -8.22 -48.84 -12.13
CA HIS C 408 -8.69 -49.00 -13.51
C HIS C 408 -7.53 -49.33 -14.45
N LEU C 409 -6.33 -48.88 -14.09
CA LEU C 409 -5.13 -49.14 -14.90
C LEU C 409 -4.77 -50.62 -14.77
N LEU C 410 -4.80 -51.10 -13.54
CA LEU C 410 -4.52 -52.49 -13.24
C LEU C 410 -5.61 -53.34 -13.87
N MET C 411 -6.84 -52.85 -13.83
CA MET C 411 -7.95 -53.58 -14.40
C MET C 411 -7.75 -53.67 -15.90
N SER C 412 -7.08 -52.67 -16.47
CA SER C 412 -6.83 -52.68 -17.90
C SER C 412 -5.90 -53.81 -18.32
N VAL C 413 -4.87 -54.10 -17.54
CA VAL C 413 -3.99 -55.18 -17.93
C VAL C 413 -4.67 -56.50 -17.61
N GLN C 414 -5.51 -56.50 -16.58
CA GLN C 414 -6.22 -57.71 -16.18
C GLN C 414 -7.20 -58.14 -17.27
N GLU C 415 -8.02 -57.21 -17.73
CA GLU C 415 -8.99 -57.53 -18.76
C GLU C 415 -8.31 -57.86 -20.09
N SER C 416 -7.23 -57.18 -20.41
CA SER C 416 -6.52 -57.45 -21.65
C SER C 416 -5.97 -58.87 -21.67
N LEU C 417 -5.41 -59.31 -20.55
CA LEU C 417 -4.86 -60.65 -20.46
C LEU C 417 -5.92 -61.74 -20.46
N GLU C 418 -7.00 -61.51 -19.72
CA GLU C 418 -8.08 -62.49 -19.65
C GLU C 418 -8.77 -62.66 -21.00
N ARG C 419 -8.92 -61.56 -21.75
CA ARG C 419 -9.58 -61.65 -23.04
C ARG C 419 -8.63 -62.31 -24.04
N LYS C 420 -7.33 -62.12 -23.82
CA LYS C 420 -6.33 -62.70 -24.70
C LYS C 420 -6.14 -64.20 -24.44
N PHE C 421 -6.27 -64.60 -23.17
CA PHE C 421 -6.11 -66.00 -22.78
C PHE C 421 -7.46 -66.69 -22.48
N GLY C 422 -8.56 -66.02 -22.83
CA GLY C 422 -9.90 -66.56 -22.63
C GLY C 422 -10.19 -67.32 -21.34
N LYS C 423 -11.17 -68.23 -21.42
CA LYS C 423 -11.55 -69.04 -20.27
C LYS C 423 -10.54 -70.16 -20.03
N HIS C 424 -9.55 -70.23 -20.92
CA HIS C 424 -8.47 -71.22 -20.85
C HIS C 424 -7.50 -70.78 -19.72
N GLY C 425 -7.46 -69.46 -19.48
CA GLY C 425 -6.58 -68.93 -18.43
C GLY C 425 -7.31 -68.53 -17.15
N GLY C 426 -8.64 -68.50 -17.21
CA GLY C 426 -9.43 -68.11 -16.05
C GLY C 426 -9.26 -66.63 -15.72
N THR C 427 -9.53 -66.23 -14.48
CA THR C 427 -9.34 -64.84 -14.07
C THR C 427 -7.87 -64.68 -13.75
N ILE C 428 -7.31 -63.57 -14.17
CA ILE C 428 -5.90 -63.27 -13.95
C ILE C 428 -5.90 -61.98 -13.12
N PRO C 429 -6.07 -62.10 -11.79
CA PRO C 429 -6.11 -60.95 -10.90
C PRO C 429 -4.83 -60.15 -10.86
N ILE C 430 -4.93 -58.86 -11.19
CA ILE C 430 -3.78 -57.98 -11.18
C ILE C 430 -4.10 -57.09 -9.99
N VAL C 431 -3.39 -57.36 -8.92
CA VAL C 431 -3.58 -56.69 -7.64
C VAL C 431 -2.35 -55.90 -7.20
N PRO C 432 -2.54 -54.84 -6.41
CA PRO C 432 -1.35 -54.10 -5.98
C PRO C 432 -0.49 -54.91 -5.02
N THR C 433 0.83 -54.70 -5.01
CA THR C 433 1.69 -55.39 -4.05
C THR C 433 1.34 -54.71 -2.71
N ALA C 434 1.88 -55.17 -1.60
CA ALA C 434 1.58 -54.55 -0.31
C ALA C 434 2.12 -53.13 -0.36
N GLU C 435 3.32 -53.01 -0.92
CA GLU C 435 4.01 -51.74 -1.05
C GLU C 435 3.22 -50.74 -1.88
N PHE C 436 2.79 -51.16 -3.07
CA PHE C 436 2.05 -50.28 -3.94
C PHE C 436 0.71 -49.92 -3.35
N GLN C 437 0.18 -50.80 -2.49
CA GLN C 437 -1.11 -50.54 -1.84
C GLN C 437 -0.99 -49.27 -0.98
N ASP C 438 0.20 -49.06 -0.39
CA ASP C 438 0.47 -47.90 0.45
C ASP C 438 0.58 -46.63 -0.36
N ARG C 439 0.81 -46.78 -1.66
CA ARG C 439 0.99 -45.64 -2.54
C ARG C 439 -0.15 -45.48 -3.55
N ILE C 440 -1.17 -46.34 -3.45
CA ILE C 440 -2.28 -46.35 -4.39
C ILE C 440 -3.00 -45.02 -4.59
N SER C 441 -3.02 -44.18 -3.56
CA SER C 441 -3.71 -42.89 -3.65
C SER C 441 -2.80 -41.72 -4.00
N GLY C 442 -1.50 -41.99 -4.14
CA GLY C 442 -0.57 -40.93 -4.44
C GLY C 442 0.07 -40.39 -3.17
N ALA C 443 1.01 -39.47 -3.35
CA ALA C 443 1.75 -38.87 -2.26
C ALA C 443 0.97 -37.95 -1.32
N SER C 444 1.32 -38.01 -0.05
CA SER C 444 0.71 -37.17 0.95
C SER C 444 1.81 -36.17 1.28
N GLU C 445 1.53 -35.24 2.16
CA GLU C 445 2.51 -34.24 2.54
C GLU C 445 3.79 -34.95 3.00
N LYS C 446 3.60 -35.99 3.80
CA LYS C 446 4.72 -36.75 4.34
C LYS C 446 5.54 -37.44 3.25
N ASP C 447 4.84 -37.97 2.25
CA ASP C 447 5.50 -38.65 1.13
C ASP C 447 6.44 -37.70 0.40
N ILE C 448 5.94 -36.52 0.05
CA ILE C 448 6.74 -35.55 -0.66
C ILE C 448 7.92 -35.07 0.14
N VAL C 449 7.71 -34.82 1.42
CA VAL C 449 8.79 -34.36 2.26
C VAL C 449 9.90 -35.42 2.32
N HIS C 450 9.51 -36.66 2.56
CA HIS C 450 10.48 -37.74 2.60
C HIS C 450 11.13 -38.00 1.23
N SER C 451 10.34 -38.25 0.20
CA SER C 451 10.94 -38.53 -1.12
C SER C 451 11.63 -37.31 -1.74
N GLY C 452 11.08 -36.12 -1.47
CA GLY C 452 11.69 -34.90 -1.99
C GLY C 452 13.05 -34.61 -1.40
N LEU C 453 13.20 -34.80 -0.10
CA LEU C 453 14.49 -34.56 0.55
C LEU C 453 15.51 -35.59 0.08
N ALA C 454 15.11 -36.85 0.03
CA ALA C 454 16.01 -37.93 -0.40
C ALA C 454 16.50 -37.63 -1.81
N TYR C 455 15.57 -37.23 -2.68
CA TYR C 455 15.88 -36.89 -4.06
C TYR C 455 16.91 -35.77 -4.10
N THR C 456 16.67 -34.74 -3.30
CA THR C 456 17.55 -33.59 -3.24
C THR C 456 18.95 -33.96 -2.71
N MET C 457 19.01 -34.64 -1.58
CA MET C 457 20.32 -35.00 -1.01
C MET C 457 21.15 -35.89 -1.95
N GLU C 458 20.48 -36.81 -2.65
CA GLU C 458 21.16 -37.71 -3.56
C GLU C 458 21.62 -36.95 -4.82
N ARG C 459 20.74 -36.10 -5.36
CA ARG C 459 21.08 -35.34 -6.54
C ARG C 459 22.27 -34.41 -6.30
N SER C 460 22.27 -33.75 -5.15
CA SER C 460 23.37 -32.85 -4.81
C SER C 460 24.64 -33.65 -4.51
N ALA C 461 24.48 -34.84 -3.94
CA ALA C 461 25.63 -35.69 -3.62
C ALA C 461 26.36 -36.06 -4.92
N ARG C 462 25.59 -36.35 -5.95
CA ARG C 462 26.16 -36.71 -7.26
C ARG C 462 26.95 -35.57 -7.87
N GLN C 463 26.35 -34.38 -7.84
CA GLN C 463 27.00 -33.22 -8.41
C GLN C 463 28.29 -32.93 -7.67
N ILE C 464 28.32 -33.17 -6.36
CA ILE C 464 29.53 -32.92 -5.60
C ILE C 464 30.58 -33.96 -5.96
N MET C 465 30.13 -35.19 -6.16
CA MET C 465 31.02 -36.28 -6.52
C MET C 465 31.59 -36.04 -7.93
N ARG C 466 30.71 -35.69 -8.87
CA ARG C 466 31.11 -35.42 -10.26
C ARG C 466 32.10 -34.26 -10.37
N THR C 467 31.96 -33.27 -9.50
CA THR C 467 32.86 -32.13 -9.53
C THR C 467 34.21 -32.45 -8.87
N ALA C 468 34.18 -33.25 -7.82
CA ALA C 468 35.42 -33.62 -7.15
C ALA C 468 36.29 -34.47 -8.10
N MET C 469 35.62 -35.20 -9.00
CA MET C 469 36.33 -36.02 -9.99
C MET C 469 36.99 -35.10 -11.00
N LYS C 470 36.15 -34.33 -11.68
CA LYS C 470 36.60 -33.41 -12.70
C LYS C 470 37.75 -32.51 -12.28
N TYR C 471 37.89 -32.26 -10.99
CA TYR C 471 38.96 -31.39 -10.52
C TYR C 471 39.94 -32.11 -9.61
N ASN C 472 39.82 -33.43 -9.54
CA ASN C 472 40.71 -34.24 -8.70
C ASN C 472 40.86 -33.63 -7.33
N LEU C 473 39.76 -33.60 -6.57
CA LEU C 473 39.77 -33.01 -5.24
C LEU C 473 39.85 -34.05 -4.13
N GLY C 474 39.92 -35.32 -4.50
CA GLY C 474 40.01 -36.37 -3.49
C GLY C 474 38.93 -36.33 -2.42
N LEU C 475 39.32 -36.12 -1.17
CA LEU C 475 38.37 -36.07 -0.07
C LEU C 475 38.03 -34.62 0.29
N ASP C 476 38.38 -33.70 -0.61
CA ASP C 476 38.11 -32.29 -0.38
C ASP C 476 36.71 -31.96 -0.91
N LEU C 477 35.69 -32.63 -0.38
CA LEU C 477 34.31 -32.43 -0.82
C LEU C 477 33.84 -30.98 -0.62
N ARG C 478 34.40 -30.28 0.37
CA ARG C 478 34.03 -28.90 0.64
C ARG C 478 34.33 -28.01 -0.56
N THR C 479 35.53 -28.13 -1.10
CA THR C 479 35.90 -27.33 -2.26
C THR C 479 35.00 -27.67 -3.46
N ALA C 480 34.66 -28.95 -3.60
CA ALA C 480 33.80 -29.37 -4.70
C ALA C 480 32.43 -28.70 -4.55
N ALA C 481 31.94 -28.68 -3.31
CA ALA C 481 30.65 -28.07 -3.00
C ALA C 481 30.61 -26.59 -3.35
N TYR C 482 31.58 -25.81 -2.89
CA TYR C 482 31.61 -24.39 -3.20
C TYR C 482 31.70 -24.12 -4.70
N VAL C 483 32.39 -25.00 -5.43
CA VAL C 483 32.52 -24.86 -6.85
C VAL C 483 31.12 -24.92 -7.44
N ASN C 484 30.35 -25.90 -6.99
CA ASN C 484 28.98 -26.08 -7.46
C ASN C 484 28.11 -24.85 -7.14
N ALA C 485 28.18 -24.36 -5.90
CA ALA C 485 27.40 -23.21 -5.48
C ALA C 485 27.74 -21.97 -6.29
N ILE C 486 29.04 -21.75 -6.50
CA ILE C 486 29.52 -20.60 -7.25
C ILE C 486 29.05 -20.65 -8.69
N GLU C 487 29.13 -21.83 -9.29
CA GLU C 487 28.72 -22.02 -10.66
C GLU C 487 27.27 -21.56 -10.80
N LYS C 488 26.44 -21.96 -9.85
CA LYS C 488 25.03 -21.63 -9.88
C LYS C 488 24.74 -20.16 -9.64
N VAL C 489 25.32 -19.58 -8.59
CA VAL C 489 25.09 -18.17 -8.32
C VAL C 489 25.64 -17.30 -9.44
N PHE C 490 26.83 -17.62 -9.92
CA PHE C 490 27.46 -16.86 -10.99
C PHE C 490 26.51 -16.81 -12.19
N ARG C 491 25.80 -17.89 -12.40
CA ARG C 491 24.85 -17.98 -13.49
C ARG C 491 23.79 -16.88 -13.47
N VAL C 492 23.26 -16.55 -12.30
CA VAL C 492 22.23 -15.51 -12.24
C VAL C 492 22.88 -14.17 -12.50
N TYR C 493 24.17 -14.07 -12.25
CA TYR C 493 24.82 -12.80 -12.44
C TYR C 493 25.26 -12.55 -13.88
N ASN C 494 25.62 -13.60 -14.60
CA ASN C 494 26.07 -13.43 -15.98
C ASN C 494 24.93 -13.17 -17.01
N GLU C 495 24.29 -14.20 -17.51
CA GLU C 495 23.20 -14.06 -18.51
C GLU C 495 22.73 -12.65 -18.96
N ALA C 496 22.89 -12.43 -20.28
CA ALA C 496 22.54 -11.19 -21.02
C ALA C 496 22.89 -9.86 -20.36
N GLY C 497 22.13 -8.81 -20.67
CA GLY C 497 22.39 -7.52 -20.09
C GLY C 497 22.27 -7.42 -18.58
N VAL C 498 22.23 -8.55 -17.87
CA VAL C 498 22.12 -8.50 -16.40
C VAL C 498 23.40 -7.87 -15.84
N THR C 499 24.55 -8.24 -16.42
CA THR C 499 25.87 -7.74 -16.01
C THR C 499 26.90 -7.58 -17.16
N PHE C 500 26.56 -7.85 -18.43
CA PHE C 500 27.57 -7.65 -19.48
C PHE C 500 27.24 -6.68 -20.62
N THR C 501 28.30 -5.97 -21.04
CA THR C 501 28.31 -4.95 -22.10
C THR C 501 27.11 -5.01 -23.02
N ALA D 1 6.24 -2.66 -47.02
CA ALA D 1 5.74 -1.27 -46.78
C ALA D 1 5.02 -0.75 -48.03
N ASP D 2 4.26 -1.67 -48.65
CA ASP D 2 3.48 -1.45 -49.87
C ASP D 2 2.37 -0.42 -49.76
N ARG D 3 2.31 0.48 -50.74
CA ARG D 3 1.24 1.46 -50.77
C ARG D 3 0.24 0.66 -51.61
N GLU D 4 -0.67 1.33 -52.31
CA GLU D 4 -1.65 0.61 -53.15
C GLU D 4 -2.36 -0.51 -52.37
N ASP D 5 -2.10 -0.57 -51.06
CA ASP D 5 -2.70 -1.53 -50.15
C ASP D 5 -1.95 -1.48 -48.82
N ASP D 6 -2.08 -0.33 -48.18
CA ASP D 6 -1.44 -0.06 -46.90
C ASP D 6 -2.54 0.35 -45.96
N PRO D 7 -3.42 -0.58 -45.59
CA PRO D 7 -4.48 -0.19 -44.67
C PRO D 7 -4.02 0.19 -43.28
N ASN D 8 -4.96 0.71 -42.52
CA ASN D 8 -4.71 1.07 -41.17
C ASN D 8 -4.81 -0.25 -40.40
N PHE D 9 -3.65 -0.71 -39.95
CA PHE D 9 -3.47 -1.96 -39.20
C PHE D 9 -4.60 -2.25 -38.22
N PHE D 10 -5.03 -1.21 -37.49
CA PHE D 10 -6.10 -1.37 -36.53
C PHE D 10 -7.46 -1.65 -37.20
N LYS D 11 -7.81 -0.84 -38.21
CA LYS D 11 -9.09 -1.04 -38.92
C LYS D 11 -9.06 -2.38 -39.64
N MET D 12 -7.87 -2.75 -40.12
CA MET D 12 -7.68 -4.00 -40.83
C MET D 12 -8.08 -5.17 -39.94
N VAL D 13 -7.58 -5.16 -38.71
CA VAL D 13 -7.90 -6.20 -37.75
C VAL D 13 -9.37 -6.10 -37.38
N GLU D 14 -9.84 -4.87 -37.22
CA GLU D 14 -11.24 -4.64 -36.89
C GLU D 14 -12.15 -5.22 -37.98
N GLY D 15 -11.59 -5.32 -39.18
CA GLY D 15 -12.35 -5.88 -40.29
C GLY D 15 -12.45 -7.38 -40.11
N PHE D 16 -11.32 -8.03 -39.85
CA PHE D 16 -11.31 -9.48 -39.62
C PHE D 16 -12.34 -9.83 -38.54
N PHE D 17 -12.32 -9.06 -37.45
CA PHE D 17 -13.25 -9.25 -36.34
C PHE D 17 -14.68 -9.20 -36.88
N ASP D 18 -15.01 -8.14 -37.61
CA ASP D 18 -16.35 -7.97 -38.17
C ASP D 18 -16.76 -9.11 -39.08
N ARG D 19 -15.81 -9.56 -39.90
CA ARG D 19 -16.06 -10.65 -40.81
C ARG D 19 -16.54 -11.85 -40.00
N GLY D 20 -15.83 -12.15 -38.91
CA GLY D 20 -16.20 -13.28 -38.07
C GLY D 20 -17.43 -13.00 -37.24
N ALA D 21 -17.58 -11.76 -36.79
CA ALA D 21 -18.73 -11.40 -35.97
C ALA D 21 -20.06 -11.59 -36.70
N SER D 22 -20.10 -11.26 -38.00
CA SER D 22 -21.35 -11.43 -38.73
C SER D 22 -21.68 -12.92 -38.89
N ILE D 23 -20.64 -13.75 -39.01
CA ILE D 23 -20.85 -15.18 -39.16
C ILE D 23 -21.43 -15.84 -37.88
N VAL D 24 -20.95 -15.44 -36.70
CA VAL D 24 -21.44 -16.01 -35.43
C VAL D 24 -22.57 -15.26 -34.76
N GLU D 25 -22.92 -14.08 -35.27
CA GLU D 25 -23.97 -13.26 -34.63
C GLU D 25 -25.25 -14.04 -34.30
N ASP D 26 -25.62 -14.97 -35.17
CA ASP D 26 -26.80 -15.78 -34.97
C ASP D 26 -26.66 -16.67 -33.75
N LYS D 27 -25.53 -17.37 -33.67
CA LYS D 27 -25.28 -18.24 -32.53
C LYS D 27 -25.14 -17.43 -31.24
N LEU D 28 -24.66 -16.19 -31.32
CA LEU D 28 -24.54 -15.40 -30.10
C LEU D 28 -25.92 -14.99 -29.60
N VAL D 29 -26.90 -14.86 -30.50
CA VAL D 29 -28.25 -14.49 -30.08
C VAL D 29 -28.93 -15.77 -29.65
N GLU D 30 -28.47 -16.87 -30.25
CA GLU D 30 -28.98 -18.21 -29.97
C GLU D 30 -28.88 -18.49 -28.48
N ASP D 31 -27.67 -18.80 -28.05
CA ASP D 31 -27.41 -19.10 -26.65
C ASP D 31 -27.24 -17.84 -25.79
N LEU D 32 -28.03 -16.81 -26.07
CA LEU D 32 -27.94 -15.59 -25.26
C LEU D 32 -28.89 -15.72 -24.07
N LYS D 33 -28.36 -15.41 -22.88
CA LYS D 33 -29.13 -15.50 -21.64
C LYS D 33 -30.19 -14.41 -21.37
N THR D 34 -30.64 -13.69 -22.40
CA THR D 34 -31.66 -12.67 -22.17
C THR D 34 -32.99 -13.38 -21.97
N ARG D 35 -33.82 -12.78 -21.12
CA ARG D 35 -35.14 -13.32 -20.83
C ARG D 35 -36.08 -12.79 -21.92
N GLU D 36 -35.96 -11.50 -22.17
CA GLU D 36 -36.81 -10.82 -23.16
C GLU D 36 -36.38 -11.07 -24.62
N THR D 37 -36.34 -12.33 -25.01
CA THR D 37 -35.94 -12.73 -26.37
C THR D 37 -36.80 -12.08 -27.47
N GLU D 38 -36.25 -11.10 -28.18
CA GLU D 38 -36.97 -10.44 -29.26
C GLU D 38 -36.10 -9.55 -30.16
N GLU D 39 -35.00 -10.11 -30.65
CA GLU D 39 -34.06 -9.38 -31.51
C GLU D 39 -33.48 -8.12 -30.85
N GLN D 40 -33.90 -7.81 -29.64
CA GLN D 40 -33.29 -6.69 -28.93
C GLN D 40 -32.06 -7.43 -28.37
N LYS D 41 -32.19 -8.76 -28.37
CA LYS D 41 -31.13 -9.67 -27.95
C LYS D 41 -30.05 -9.49 -29.00
N ARG D 42 -30.48 -9.45 -30.26
CA ARG D 42 -29.57 -9.28 -31.36
C ARG D 42 -28.82 -7.95 -31.15
N ASN D 43 -29.51 -6.96 -30.59
CA ASN D 43 -28.91 -5.65 -30.34
C ASN D 43 -27.97 -5.66 -29.15
N ARG D 44 -28.29 -6.47 -28.15
CA ARG D 44 -27.46 -6.58 -26.97
C ARG D 44 -26.14 -7.25 -27.35
N VAL D 45 -26.21 -8.16 -28.32
CA VAL D 45 -25.04 -8.87 -28.80
C VAL D 45 -24.14 -7.87 -29.50
N ARG D 46 -24.75 -7.02 -30.32
CA ARG D 46 -24.03 -6.00 -31.06
C ARG D 46 -23.42 -5.01 -30.08
N GLY D 47 -24.15 -4.72 -29.00
CA GLY D 47 -23.67 -3.80 -27.99
C GLY D 47 -22.40 -4.34 -27.37
N ILE D 48 -22.35 -5.64 -27.12
CA ILE D 48 -21.18 -6.29 -26.53
C ILE D 48 -20.03 -6.27 -27.53
N LEU D 49 -20.29 -6.60 -28.79
CA LEU D 49 -19.24 -6.61 -29.79
C LEU D 49 -18.60 -5.24 -29.97
N ARG D 50 -19.38 -4.19 -29.76
CA ARG D 50 -18.83 -2.85 -29.89
C ARG D 50 -17.95 -2.48 -28.71
N ILE D 51 -18.07 -3.24 -27.63
CA ILE D 51 -17.25 -2.99 -26.46
C ILE D 51 -15.91 -3.67 -26.63
N ILE D 52 -15.95 -4.87 -27.19
CA ILE D 52 -14.76 -5.66 -27.40
C ILE D 52 -13.78 -5.08 -28.40
N LYS D 53 -14.28 -4.58 -29.51
CA LYS D 53 -13.42 -4.07 -30.56
C LYS D 53 -12.37 -3.01 -30.21
N PRO D 54 -12.78 -1.91 -29.56
CA PRO D 54 -11.78 -0.89 -29.25
C PRO D 54 -10.92 -1.21 -28.03
N CYS D 55 -9.72 -0.62 -28.00
CA CYS D 55 -8.80 -0.79 -26.89
C CYS D 55 -9.36 0.00 -25.73
N ASN D 56 -9.23 -0.54 -24.53
CA ASN D 56 -9.73 0.16 -23.36
C ASN D 56 -8.78 1.27 -22.95
N HIS D 57 -7.49 0.99 -23.00
CA HIS D 57 -6.48 1.98 -22.62
C HIS D 57 -5.30 2.07 -23.54
N VAL D 58 -4.83 3.29 -23.75
CA VAL D 58 -3.64 3.48 -24.54
C VAL D 58 -2.82 4.54 -23.84
N LEU D 59 -1.60 4.19 -23.47
CA LEU D 59 -0.70 5.13 -22.81
C LEU D 59 0.40 5.53 -23.80
N SER D 60 0.52 6.84 -24.03
CA SER D 60 1.54 7.38 -24.93
C SER D 60 2.57 8.08 -24.06
N LEU D 61 3.83 7.76 -24.26
CA LEU D 61 4.87 8.37 -23.46
C LEU D 61 5.92 9.09 -24.27
N SER D 62 6.49 10.11 -23.65
CA SER D 62 7.55 10.90 -24.25
C SER D 62 8.50 11.13 -23.09
N PHE D 63 9.67 10.50 -23.12
CA PHE D 63 10.60 10.65 -22.02
C PHE D 63 12.03 10.91 -22.47
N PRO D 64 12.82 11.60 -21.63
CA PRO D 64 14.20 11.86 -22.04
C PRO D 64 15.24 10.85 -21.56
N ILE D 65 16.23 10.59 -22.40
CA ILE D 65 17.34 9.70 -22.03
C ILE D 65 18.62 10.44 -22.38
N ARG D 66 19.69 10.16 -21.65
CA ARG D 66 20.96 10.80 -21.89
C ARG D 66 21.83 9.87 -22.74
N ARG D 67 22.24 10.33 -23.91
CA ARG D 67 23.09 9.52 -24.80
C ARG D 67 24.48 9.36 -24.21
N ASP D 68 25.21 8.42 -24.75
CA ASP D 68 26.57 8.19 -24.27
C ASP D 68 27.47 9.41 -24.59
N ASP D 69 27.03 10.27 -25.51
CA ASP D 69 27.81 11.46 -25.85
C ASP D 69 27.59 12.56 -24.82
N GLY D 70 26.42 12.56 -24.18
CA GLY D 70 26.11 13.56 -23.19
C GLY D 70 24.82 14.31 -23.45
N SER D 71 24.41 14.35 -24.72
CA SER D 71 23.18 15.04 -25.13
C SER D 71 21.91 14.33 -24.69
N TRP D 72 20.84 15.10 -24.51
CA TRP D 72 19.55 14.53 -24.13
C TRP D 72 18.75 14.27 -25.39
N GLU D 73 17.99 13.19 -25.39
CA GLU D 73 17.16 12.81 -26.52
C GLU D 73 15.80 12.36 -26.02
N VAL D 74 14.75 12.94 -26.59
CA VAL D 74 13.40 12.57 -26.22
C VAL D 74 12.98 11.36 -27.04
N ILE D 75 12.50 10.34 -26.36
CA ILE D 75 12.06 9.16 -27.07
C ILE D 75 10.59 8.86 -26.76
N GLU D 76 9.89 8.38 -27.77
CA GLU D 76 8.47 8.08 -27.68
C GLU D 76 8.17 6.59 -27.56
N GLY D 77 7.15 6.26 -26.79
CA GLY D 77 6.77 4.88 -26.61
C GLY D 77 5.28 4.79 -26.35
N TYR D 78 4.73 3.61 -26.57
CA TYR D 78 3.32 3.40 -26.36
C TYR D 78 3.06 2.02 -25.74
N ARG D 79 1.95 1.91 -25.03
CA ARG D 79 1.53 0.65 -24.46
C ARG D 79 0.02 0.62 -24.55
N ALA D 80 -0.53 -0.25 -25.37
CA ALA D 80 -1.97 -0.33 -25.46
C ALA D 80 -2.49 -1.56 -24.74
N GLN D 81 -3.56 -1.38 -23.97
CA GLN D 81 -4.20 -2.51 -23.30
C GLN D 81 -5.58 -2.59 -23.95
N HIS D 82 -5.74 -3.59 -24.81
CA HIS D 82 -6.98 -3.81 -25.55
C HIS D 82 -8.17 -4.29 -24.72
N SER D 83 -7.96 -5.31 -23.92
CA SER D 83 -9.02 -5.89 -23.10
C SER D 83 -8.58 -6.33 -21.72
N GLN D 84 -9.50 -6.27 -20.77
CA GLN D 84 -9.23 -6.68 -19.40
C GLN D 84 -10.30 -7.67 -18.93
N HIS D 85 -10.92 -8.36 -19.88
CA HIS D 85 -11.96 -9.34 -19.55
C HIS D 85 -11.26 -10.52 -18.85
N ARG D 86 -9.94 -10.54 -18.96
CA ARG D 86 -9.08 -11.53 -18.29
C ARG D 86 -8.02 -10.63 -17.66
N THR D 87 -7.97 -10.64 -16.34
CA THR D 87 -7.10 -9.78 -15.55
C THR D 87 -5.68 -9.49 -15.98
N PRO D 88 -4.79 -10.49 -16.01
CA PRO D 88 -3.48 -9.97 -16.44
C PRO D 88 -3.46 -9.72 -17.94
N CYS D 89 -3.21 -8.48 -18.34
CA CYS D 89 -3.12 -8.15 -19.75
C CYS D 89 -1.79 -8.77 -20.17
N LYS D 90 -1.67 -9.15 -21.44
CA LYS D 90 -0.45 -9.78 -21.93
C LYS D 90 -0.07 -9.28 -23.31
N GLY D 91 1.23 -9.07 -23.53
CA GLY D 91 1.68 -8.59 -24.82
C GLY D 91 3.13 -8.12 -24.82
N GLY D 92 3.82 -8.34 -25.94
CA GLY D 92 5.23 -7.98 -26.06
C GLY D 92 5.54 -6.52 -26.31
N ILE D 93 6.84 -6.24 -26.42
CA ILE D 93 7.31 -4.90 -26.66
C ILE D 93 8.16 -4.84 -27.93
N ARG D 94 7.78 -3.96 -28.84
CA ARG D 94 8.51 -3.83 -30.09
C ARG D 94 9.37 -2.57 -30.15
N TYR D 95 10.62 -2.72 -30.56
CA TYR D 95 11.53 -1.58 -30.75
C TYR D 95 11.76 -1.36 -32.25
N SER D 96 11.10 -0.36 -32.81
CA SER D 96 11.27 -0.04 -34.23
C SER D 96 10.65 1.31 -34.58
N THR D 97 11.21 1.94 -35.62
CA THR D 97 10.75 3.26 -36.08
C THR D 97 9.33 3.21 -36.68
N ASP D 98 8.79 2.02 -36.82
CA ASP D 98 7.45 1.84 -37.36
C ASP D 98 6.34 1.86 -36.29
N VAL D 99 6.69 1.83 -35.01
CA VAL D 99 5.65 1.82 -34.01
C VAL D 99 4.92 3.16 -33.98
N SER D 100 3.62 3.09 -33.72
CA SER D 100 2.74 4.25 -33.63
C SER D 100 1.54 3.77 -32.83
N VAL D 101 0.65 4.69 -32.48
CA VAL D 101 -0.51 4.34 -31.70
C VAL D 101 -1.36 3.27 -32.40
N ASP D 102 -1.64 3.47 -33.68
CA ASP D 102 -2.46 2.53 -34.43
C ASP D 102 -1.87 1.13 -34.57
N GLU D 103 -0.55 1.04 -34.68
CA GLU D 103 0.11 -0.25 -34.80
C GLU D 103 0.07 -1.01 -33.47
N VAL D 104 0.32 -0.29 -32.40
CA VAL D 104 0.32 -0.89 -31.08
C VAL D 104 -1.09 -1.35 -30.69
N LYS D 105 -2.11 -0.62 -31.10
CA LYS D 105 -3.47 -1.00 -30.80
C LYS D 105 -3.94 -2.19 -31.63
N ALA D 106 -3.49 -2.27 -32.88
CA ALA D 106 -3.90 -3.39 -33.72
C ALA D 106 -3.28 -4.65 -33.14
N LEU D 107 -2.01 -4.56 -32.80
CA LEU D 107 -1.25 -5.65 -32.21
C LEU D 107 -1.82 -6.04 -30.85
N ALA D 108 -2.23 -5.04 -30.07
CA ALA D 108 -2.81 -5.31 -28.76
C ALA D 108 -4.08 -6.12 -28.94
N SER D 109 -4.91 -5.73 -29.91
CA SER D 109 -6.17 -6.44 -30.12
C SER D 109 -5.91 -7.86 -30.67
N LEU D 110 -4.84 -8.04 -31.43
CA LEU D 110 -4.52 -9.36 -31.95
C LEU D 110 -4.16 -10.28 -30.78
N MET D 111 -3.56 -9.71 -29.73
CA MET D 111 -3.18 -10.47 -28.56
C MET D 111 -4.38 -11.08 -27.82
N THR D 112 -5.44 -10.30 -27.61
CA THR D 112 -6.60 -10.85 -26.92
C THR D 112 -7.26 -11.96 -27.74
N TYR D 113 -7.42 -11.75 -29.04
CA TYR D 113 -8.05 -12.75 -29.90
C TYR D 113 -7.21 -14.02 -30.00
N LYS D 114 -5.89 -13.86 -30.07
CA LYS D 114 -4.99 -15.02 -30.15
C LYS D 114 -5.00 -15.77 -28.83
N CYS D 115 -4.98 -15.06 -27.72
CA CYS D 115 -5.01 -15.70 -26.41
C CYS D 115 -6.35 -16.47 -26.30
N ALA D 116 -7.42 -15.86 -26.79
CA ALA D 116 -8.73 -16.51 -26.76
C ALA D 116 -8.72 -17.80 -27.61
N VAL D 117 -8.15 -17.73 -28.79
CA VAL D 117 -8.11 -18.87 -29.68
C VAL D 117 -7.40 -20.06 -29.04
N VAL D 118 -6.30 -19.76 -28.36
CA VAL D 118 -5.45 -20.76 -27.76
C VAL D 118 -5.65 -21.01 -26.25
N ASP D 119 -6.75 -20.46 -25.72
CA ASP D 119 -7.14 -20.59 -24.31
C ASP D 119 -6.16 -20.18 -23.20
N VAL D 120 -5.53 -19.03 -23.40
CA VAL D 120 -4.62 -18.46 -22.45
C VAL D 120 -5.48 -17.37 -21.76
N PRO D 121 -5.61 -17.42 -20.43
CA PRO D 121 -6.40 -16.45 -19.68
C PRO D 121 -5.84 -15.03 -19.53
N PHE D 122 -5.52 -14.42 -20.67
CA PHE D 122 -4.97 -13.08 -20.66
C PHE D 122 -5.68 -12.09 -21.58
N GLY D 123 -5.80 -10.84 -21.14
CA GLY D 123 -6.38 -9.82 -22.00
C GLY D 123 -5.19 -9.38 -22.85
N GLY D 124 -5.43 -8.90 -24.07
CA GLY D 124 -4.32 -8.48 -24.91
C GLY D 124 -3.76 -7.08 -24.66
N ALA D 125 -2.46 -6.94 -24.85
CA ALA D 125 -1.78 -5.69 -24.65
C ALA D 125 -0.56 -5.70 -25.60
N LYS D 126 0.05 -4.53 -25.80
CA LYS D 126 1.20 -4.42 -26.69
C LYS D 126 1.90 -3.08 -26.53
N ALA D 127 3.22 -3.10 -26.54
CA ALA D 127 4.01 -1.89 -26.39
C ALA D 127 4.99 -1.73 -27.53
N GLY D 128 5.36 -0.48 -27.81
CA GLY D 128 6.30 -0.21 -28.86
C GLY D 128 7.08 1.04 -28.48
N VAL D 129 8.38 1.03 -28.72
CA VAL D 129 9.22 2.18 -28.45
C VAL D 129 9.74 2.56 -29.84
N LYS D 130 9.47 3.78 -30.26
CA LYS D 130 9.85 4.27 -31.59
C LYS D 130 11.32 4.66 -31.78
N ILE D 131 12.17 3.67 -31.88
CA ILE D 131 13.59 3.89 -32.08
C ILE D 131 14.09 2.78 -33.00
N ASN D 132 15.31 2.94 -33.50
CA ASN D 132 15.91 1.91 -34.33
C ASN D 132 17.05 1.39 -33.47
N PRO D 133 16.86 0.21 -32.86
CA PRO D 133 17.87 -0.40 -31.99
C PRO D 133 19.31 -0.32 -32.49
N LYS D 134 19.50 -0.56 -33.79
CA LYS D 134 20.84 -0.53 -34.38
C LYS D 134 21.62 0.75 -34.16
N ASN D 135 20.89 1.86 -34.02
CA ASN D 135 21.50 3.15 -33.82
C ASN D 135 21.71 3.50 -32.36
N TYR D 136 21.74 2.51 -31.50
CA TYR D 136 21.96 2.77 -30.08
C TYR D 136 22.91 1.79 -29.43
N THR D 137 23.71 2.25 -28.48
CA THR D 137 24.65 1.37 -27.78
C THR D 137 23.82 0.52 -26.83
N ASP D 138 24.44 -0.52 -26.29
CA ASP D 138 23.73 -1.40 -25.38
C ASP D 138 23.43 -0.62 -24.09
N ASN D 139 24.35 0.26 -23.72
CA ASN D 139 24.20 1.08 -22.52
C ASN D 139 22.97 1.97 -22.69
N GLU D 140 22.80 2.52 -23.88
CA GLU D 140 21.66 3.39 -24.14
C GLU D 140 20.34 2.60 -24.20
N LEU D 141 20.36 1.42 -24.80
CA LEU D 141 19.15 0.61 -24.89
C LEU D 141 18.64 0.26 -23.50
N GLU D 142 19.56 -0.02 -22.58
CA GLU D 142 19.22 -0.35 -21.22
C GLU D 142 18.51 0.81 -20.53
N LYS D 143 19.08 2.01 -20.68
CA LYS D 143 18.51 3.21 -20.08
C LYS D 143 17.09 3.34 -20.60
N ILE D 144 16.95 3.11 -21.90
CA ILE D 144 15.67 3.19 -22.55
C ILE D 144 14.65 2.17 -22.03
N THR D 145 15.01 0.89 -22.00
CA THR D 145 14.05 -0.08 -21.53
C THR D 145 13.73 0.13 -20.06
N ARG D 146 14.74 0.37 -19.23
CA ARG D 146 14.52 0.57 -17.81
C ARG D 146 13.63 1.79 -17.48
N ARG D 147 13.84 2.88 -18.20
CA ARG D 147 13.08 4.09 -17.99
C ARG D 147 11.64 3.90 -18.49
N PHE D 148 11.51 3.16 -19.58
CA PHE D 148 10.21 2.87 -20.16
C PHE D 148 9.43 2.01 -19.15
N THR D 149 10.12 1.07 -18.51
CA THR D 149 9.52 0.21 -17.50
C THR D 149 8.95 1.02 -16.33
N MET D 150 9.75 1.94 -15.80
CA MET D 150 9.33 2.80 -14.70
C MET D 150 8.11 3.64 -15.04
N GLU D 151 8.08 4.17 -16.25
CA GLU D 151 6.96 5.00 -16.65
C GLU D 151 5.70 4.17 -16.81
N LEU D 152 5.83 2.94 -17.25
CA LEU D 152 4.67 2.09 -17.39
C LEU D 152 4.18 1.64 -16.01
N ALA D 153 5.13 1.30 -15.14
CA ALA D 153 4.82 0.83 -13.80
C ALA D 153 4.08 1.88 -12.98
N LYS D 154 4.44 3.15 -13.14
CA LYS D 154 3.79 4.20 -12.39
C LYS D 154 2.39 4.52 -12.89
N LYS D 155 2.07 4.08 -14.10
CA LYS D 155 0.75 4.32 -14.65
C LYS D 155 -0.09 3.05 -14.78
N GLY D 156 0.39 1.98 -14.15
CA GLY D 156 -0.31 0.70 -14.18
C GLY D 156 -0.28 -0.05 -15.48
N PHE D 157 0.88 -0.04 -16.16
CA PHE D 157 1.01 -0.75 -17.42
C PHE D 157 2.00 -1.89 -17.41
N ILE D 158 2.32 -2.36 -16.20
CA ILE D 158 3.17 -3.51 -15.98
C ILE D 158 3.01 -3.90 -14.53
N GLY D 159 2.85 -5.20 -14.29
CA GLY D 159 2.66 -5.75 -12.96
C GLY D 159 2.24 -7.19 -13.14
N PRO D 160 2.61 -8.11 -12.23
CA PRO D 160 2.23 -9.52 -12.36
C PRO D 160 0.74 -9.78 -12.52
N GLY D 161 -0.08 -8.89 -11.97
CA GLY D 161 -1.51 -9.04 -12.07
C GLY D 161 -2.22 -8.02 -12.93
N VAL D 162 -1.50 -7.01 -13.43
CA VAL D 162 -2.15 -6.02 -14.26
C VAL D 162 -1.78 -6.13 -15.74
N ASP D 163 -0.49 -6.27 -16.02
CA ASP D 163 -0.03 -6.30 -17.40
C ASP D 163 1.37 -6.89 -17.48
N VAL D 164 1.50 -8.00 -18.19
CA VAL D 164 2.78 -8.69 -18.30
C VAL D 164 3.38 -8.67 -19.71
N PRO D 165 4.45 -7.88 -19.92
CA PRO D 165 5.10 -7.80 -21.24
C PRO D 165 5.91 -9.02 -21.63
N ALA D 166 6.51 -8.97 -22.82
CA ALA D 166 7.33 -10.07 -23.36
C ALA D 166 8.10 -9.53 -24.57
N PRO D 167 8.93 -10.37 -25.22
CA PRO D 167 9.66 -9.85 -26.38
C PRO D 167 8.80 -9.70 -27.65
N ASP D 168 9.36 -9.04 -28.65
CA ASP D 168 8.74 -8.83 -29.96
C ASP D 168 9.87 -8.35 -30.86
N MET D 169 9.57 -7.48 -31.82
CA MET D 169 10.60 -7.01 -32.71
C MET D 169 11.71 -6.19 -32.06
N SER D 170 12.92 -6.71 -32.23
CA SER D 170 14.16 -6.12 -31.74
C SER D 170 14.30 -6.10 -30.21
N THR D 171 13.68 -7.07 -29.54
CA THR D 171 13.79 -7.22 -28.09
C THR D 171 13.82 -8.71 -27.78
N GLY D 172 14.43 -9.07 -26.66
CA GLY D 172 14.53 -10.48 -26.28
C GLY D 172 14.82 -10.68 -24.81
N GLU D 173 15.50 -11.76 -24.50
CA GLU D 173 15.88 -12.08 -23.11
C GLU D 173 16.46 -10.90 -22.37
N ARG D 174 17.38 -10.21 -23.02
CA ARG D 174 18.10 -9.09 -22.45
C ARG D 174 17.19 -7.97 -21.96
N GLU D 175 16.33 -7.47 -22.84
CA GLU D 175 15.41 -6.40 -22.47
C GLU D 175 14.45 -6.88 -21.38
N MET D 176 13.97 -8.11 -21.51
CA MET D 176 13.05 -8.67 -20.53
C MET D 176 13.72 -8.72 -19.15
N SER D 177 15.03 -8.88 -19.18
CA SER D 177 15.83 -8.95 -17.96
C SER D 177 15.90 -7.58 -17.29
N TRP D 178 16.16 -6.56 -18.08
CA TRP D 178 16.23 -5.19 -17.56
C TRP D 178 14.85 -4.82 -17.00
N ILE D 179 13.80 -5.19 -17.73
CA ILE D 179 12.43 -4.88 -17.33
C ILE D 179 12.10 -5.50 -15.96
N ALA D 180 12.41 -6.78 -15.80
CA ALA D 180 12.10 -7.47 -14.55
C ALA D 180 12.89 -6.88 -13.40
N ASP D 181 14.17 -6.67 -13.63
CA ASP D 181 15.04 -6.10 -12.63
C ASP D 181 14.56 -4.71 -12.17
N THR D 182 14.20 -3.86 -13.12
CA THR D 182 13.73 -2.53 -12.79
C THR D 182 12.46 -2.60 -11.94
N TYR D 183 11.51 -3.44 -12.34
CA TYR D 183 10.27 -3.56 -11.62
C TYR D 183 10.53 -4.13 -10.20
N ALA D 184 11.26 -5.24 -10.13
CA ALA D 184 11.56 -5.86 -8.86
C ALA D 184 12.38 -4.97 -7.94
N SER D 185 13.31 -4.19 -8.50
CA SER D 185 14.16 -3.32 -7.68
C SER D 185 13.44 -2.11 -7.12
N THR D 186 12.25 -1.81 -7.65
CA THR D 186 11.51 -0.66 -7.19
C THR D 186 10.09 -0.97 -6.70
N ILE D 187 9.11 -0.62 -7.52
CA ILE D 187 7.71 -0.83 -7.20
C ILE D 187 7.36 -2.23 -6.65
N GLY D 188 7.95 -3.30 -7.19
CA GLY D 188 7.62 -4.62 -6.69
C GLY D 188 8.63 -5.23 -5.74
N HIS D 189 9.39 -4.41 -5.01
CA HIS D 189 10.41 -4.95 -4.11
C HIS D 189 9.89 -5.79 -2.96
N TYR D 190 8.60 -5.70 -2.68
CA TYR D 190 7.98 -6.46 -1.60
C TYR D 190 7.09 -7.58 -2.17
N ASP D 191 6.80 -7.53 -3.47
CA ASP D 191 5.93 -8.51 -4.14
C ASP D 191 6.56 -9.89 -4.33
N ILE D 192 5.96 -10.89 -3.71
CA ILE D 192 6.45 -12.24 -3.83
C ILE D 192 6.42 -12.72 -5.29
N ASN D 193 5.59 -12.08 -6.11
CA ASN D 193 5.49 -12.46 -7.52
C ASN D 193 6.07 -11.42 -8.45
N ALA D 194 6.94 -10.56 -7.93
CA ALA D 194 7.54 -9.48 -8.70
C ALA D 194 8.16 -9.93 -10.05
N HIS D 195 8.75 -11.11 -10.09
CA HIS D 195 9.36 -11.56 -11.33
C HIS D 195 8.42 -12.14 -12.38
N ALA D 196 7.15 -12.18 -12.07
CA ALA D 196 6.15 -12.67 -13.00
C ALA D 196 5.59 -11.45 -13.73
N CYS D 197 6.25 -10.31 -13.54
CA CYS D 197 5.83 -9.07 -14.16
C CYS D 197 6.13 -9.03 -15.66
N VAL D 198 6.97 -9.94 -16.14
CA VAL D 198 7.33 -9.96 -17.55
C VAL D 198 7.77 -11.36 -17.94
N THR D 199 7.49 -11.76 -19.18
CA THR D 199 7.91 -13.10 -19.64
C THR D 199 8.96 -13.03 -20.74
N GLY D 200 9.51 -14.17 -21.09
CA GLY D 200 10.56 -14.19 -22.10
C GLY D 200 11.89 -13.85 -21.43
N LYS D 201 11.91 -14.00 -20.10
CA LYS D 201 13.10 -13.74 -19.29
C LYS D 201 14.14 -14.83 -19.54
N PRO D 202 15.42 -14.55 -19.19
CA PRO D 202 16.45 -15.55 -19.37
C PRO D 202 16.13 -16.65 -18.38
N ILE D 203 16.44 -17.90 -18.70
CA ILE D 203 16.14 -18.99 -17.80
C ILE D 203 16.76 -18.82 -16.42
N SER D 204 17.89 -18.14 -16.35
CA SER D 204 18.57 -17.91 -15.08
C SER D 204 17.85 -16.85 -14.25
N GLN D 205 17.10 -15.96 -14.91
CA GLN D 205 16.37 -14.91 -14.19
C GLN D 205 14.89 -15.28 -14.00
N GLY D 206 14.58 -16.57 -14.06
CA GLY D 206 13.21 -16.99 -13.87
C GLY D 206 12.46 -17.29 -15.15
N GLY D 207 13.21 -17.40 -16.23
CA GLY D 207 12.59 -17.69 -17.51
C GLY D 207 12.27 -19.16 -17.63
N ILE D 208 11.60 -19.52 -18.72
CA ILE D 208 11.24 -20.91 -18.92
C ILE D 208 11.86 -21.55 -20.13
N HIS D 209 12.08 -22.86 -20.03
CA HIS D 209 12.67 -23.62 -21.11
C HIS D 209 11.95 -23.41 -22.43
N GLY D 210 12.73 -23.27 -23.49
CA GLY D 210 12.17 -23.11 -24.83
C GLY D 210 11.24 -21.96 -25.12
N ARG D 211 11.33 -20.87 -24.37
CA ARG D 211 10.45 -19.74 -24.65
C ARG D 211 10.87 -19.02 -25.93
N ILE D 212 12.18 -18.95 -26.16
CA ILE D 212 12.69 -18.28 -27.36
C ILE D 212 12.27 -19.00 -28.64
N SER D 213 12.33 -20.33 -28.62
CA SER D 213 11.97 -21.13 -29.78
C SER D 213 10.51 -21.53 -29.77
N ALA D 214 9.78 -21.10 -28.74
CA ALA D 214 8.36 -21.46 -28.62
C ALA D 214 7.47 -21.03 -29.78
N THR D 215 7.75 -19.87 -30.37
CA THR D 215 6.91 -19.38 -31.46
C THR D 215 7.14 -20.20 -32.71
N GLY D 216 8.39 -20.40 -33.08
CA GLY D 216 8.70 -21.18 -34.26
C GLY D 216 8.19 -22.61 -34.10
N ARG D 217 8.29 -23.12 -32.87
CA ARG D 217 7.82 -24.46 -32.56
C ARG D 217 6.29 -24.52 -32.71
N GLY D 218 5.63 -23.45 -32.32
CA GLY D 218 4.20 -23.40 -32.44
C GLY D 218 3.86 -23.27 -33.93
N VAL D 219 4.73 -22.61 -34.68
CA VAL D 219 4.48 -22.45 -36.11
C VAL D 219 4.54 -23.84 -36.73
N PHE D 220 5.55 -24.62 -36.33
CA PHE D 220 5.71 -25.97 -36.81
C PHE D 220 4.46 -26.80 -36.51
N HIS D 221 3.96 -26.72 -35.28
CA HIS D 221 2.76 -27.47 -34.90
C HIS D 221 1.53 -27.02 -35.64
N GLY D 222 1.34 -25.71 -35.76
CA GLY D 222 0.19 -25.17 -36.43
C GLY D 222 0.14 -25.68 -37.86
N ILE D 223 1.31 -25.66 -38.52
CA ILE D 223 1.38 -26.13 -39.90
C ILE D 223 1.14 -27.65 -39.92
N GLU D 224 1.84 -28.37 -39.04
CA GLU D 224 1.71 -29.81 -38.93
C GLU D 224 0.28 -30.29 -38.85
N ASN D 225 -0.52 -29.58 -38.06
CA ASN D 225 -1.90 -29.96 -37.89
C ASN D 225 -2.67 -29.98 -39.21
N PHE D 226 -2.51 -28.93 -40.02
CA PHE D 226 -3.19 -28.87 -41.30
C PHE D 226 -2.49 -29.65 -42.43
N ILE D 227 -1.17 -29.73 -42.39
CA ILE D 227 -0.45 -30.43 -43.45
C ILE D 227 -0.64 -31.96 -43.46
N ASN D 228 -1.34 -32.48 -42.45
CA ASN D 228 -1.61 -33.91 -42.35
C ASN D 228 -3.11 -34.21 -42.43
N GLU D 229 -3.91 -33.25 -42.89
CA GLU D 229 -5.35 -33.44 -42.96
C GLU D 229 -5.89 -34.19 -44.20
N ALA D 230 -5.15 -34.17 -45.29
CA ALA D 230 -5.57 -34.84 -46.53
C ALA D 230 -6.74 -34.09 -47.13
N SER D 231 -7.78 -33.89 -46.33
CA SER D 231 -8.93 -33.15 -46.78
C SER D 231 -8.49 -31.77 -47.28
N TYR D 232 -7.79 -31.04 -46.41
CA TYR D 232 -7.33 -29.70 -46.79
C TYR D 232 -6.27 -29.81 -47.89
N MET D 233 -5.26 -30.65 -47.65
CA MET D 233 -4.17 -30.87 -48.60
C MET D 233 -4.62 -31.31 -50.01
N SER D 234 -5.79 -31.93 -50.09
CA SER D 234 -6.29 -32.35 -51.39
C SER D 234 -6.82 -31.13 -52.11
N ILE D 235 -7.53 -30.26 -51.40
CA ILE D 235 -8.06 -29.04 -52.02
C ILE D 235 -6.90 -28.22 -52.58
N LEU D 236 -5.74 -28.34 -51.92
CA LEU D 236 -4.55 -27.60 -52.33
C LEU D 236 -3.75 -28.46 -53.30
N GLY D 237 -4.19 -29.69 -53.45
CA GLY D 237 -3.50 -30.62 -54.34
C GLY D 237 -2.06 -30.84 -53.92
N MET D 238 -1.90 -31.34 -52.70
CA MET D 238 -0.57 -31.61 -52.17
C MET D 238 -0.71 -32.91 -51.41
N THR D 239 0.42 -33.51 -51.07
CA THR D 239 0.42 -34.73 -50.30
C THR D 239 0.69 -34.32 -48.86
N PRO D 240 0.12 -35.05 -47.89
CA PRO D 240 0.36 -34.68 -46.50
C PRO D 240 1.83 -34.88 -46.11
N GLY D 241 2.24 -34.24 -45.02
CA GLY D 241 3.62 -34.37 -44.55
C GLY D 241 4.55 -33.26 -45.02
N PHE D 242 5.72 -33.18 -44.40
CA PHE D 242 6.71 -32.17 -44.73
C PHE D 242 7.81 -32.75 -45.65
N GLY D 243 8.07 -34.04 -45.49
CA GLY D 243 9.10 -34.75 -46.25
C GLY D 243 9.44 -34.34 -47.66
N ASP D 244 8.44 -33.93 -48.44
CA ASP D 244 8.66 -33.52 -49.81
C ASP D 244 8.15 -32.08 -50.02
N LYS D 245 8.35 -31.25 -49.00
CA LYS D 245 7.88 -29.88 -49.09
C LYS D 245 9.01 -28.87 -49.01
N THR D 246 8.88 -27.78 -49.76
CA THR D 246 9.86 -26.70 -49.74
C THR D 246 9.17 -25.50 -49.12
N PHE D 247 9.95 -24.65 -48.47
CA PHE D 247 9.37 -23.46 -47.85
C PHE D 247 10.41 -22.35 -47.86
N ALA D 248 9.93 -21.12 -47.73
CA ALA D 248 10.79 -19.95 -47.68
C ALA D 248 10.24 -19.09 -46.56
N VAL D 249 11.13 -18.53 -45.76
CA VAL D 249 10.71 -17.73 -44.65
C VAL D 249 11.20 -16.30 -44.75
N GLN D 250 10.30 -15.35 -44.58
CA GLN D 250 10.68 -13.95 -44.61
C GLN D 250 10.88 -13.52 -43.15
N GLY D 251 12.13 -13.48 -42.72
CA GLY D 251 12.45 -13.10 -41.36
C GLY D 251 13.35 -14.17 -40.79
N PHE D 252 14.51 -13.77 -40.27
CA PHE D 252 15.45 -14.72 -39.71
C PHE D 252 15.73 -14.40 -38.25
N GLY D 253 14.71 -13.94 -37.55
CA GLY D 253 14.85 -13.62 -36.15
C GLY D 253 14.31 -14.72 -35.27
N ASN D 254 13.86 -14.35 -34.08
CA ASN D 254 13.34 -15.31 -33.13
C ASN D 254 12.26 -16.24 -33.72
N VAL D 255 11.35 -15.71 -34.52
CA VAL D 255 10.32 -16.56 -35.10
C VAL D 255 10.78 -17.33 -36.33
N GLY D 256 11.33 -16.62 -37.32
CA GLY D 256 11.79 -17.24 -38.54
C GLY D 256 12.89 -18.29 -38.40
N LEU D 257 13.95 -17.96 -37.67
CA LEU D 257 15.06 -18.89 -37.48
C LEU D 257 14.57 -20.22 -36.94
N HIS D 258 13.79 -20.15 -35.87
CA HIS D 258 13.28 -21.36 -35.24
C HIS D 258 12.20 -22.09 -36.02
N SER D 259 11.38 -21.35 -36.75
CA SER D 259 10.37 -21.96 -37.59
C SER D 259 11.15 -22.78 -38.61
N MET D 260 12.21 -22.18 -39.13
CA MET D 260 13.08 -22.83 -40.10
C MET D 260 13.75 -24.06 -39.48
N ARG D 261 14.28 -23.93 -38.26
CA ARG D 261 14.93 -25.06 -37.60
C ARG D 261 14.00 -26.27 -37.50
N TYR D 262 12.78 -26.02 -37.05
CA TYR D 262 11.82 -27.09 -36.86
C TYR D 262 11.30 -27.76 -38.12
N LEU D 263 10.95 -26.99 -39.15
CA LEU D 263 10.44 -27.60 -40.38
C LEU D 263 11.53 -28.46 -41.01
N HIS D 264 12.74 -27.96 -40.94
CA HIS D 264 13.89 -28.65 -41.49
C HIS D 264 14.12 -29.97 -40.76
N ARG D 265 13.78 -29.98 -39.47
CA ARG D 265 13.94 -31.18 -38.68
C ARG D 265 13.03 -32.28 -39.17
N PHE D 266 11.85 -31.90 -39.67
CA PHE D 266 10.92 -32.90 -40.15
C PHE D 266 10.93 -33.10 -41.66
N GLY D 267 12.12 -33.01 -42.24
CA GLY D 267 12.24 -33.26 -43.68
C GLY D 267 12.02 -32.13 -44.66
N ALA D 268 11.20 -31.13 -44.33
CA ALA D 268 10.98 -30.03 -45.27
C ALA D 268 12.31 -29.30 -45.46
N LYS D 269 12.50 -28.66 -46.62
CA LYS D 269 13.73 -27.94 -46.84
C LYS D 269 13.47 -26.49 -47.22
N CYS D 270 14.27 -25.61 -46.60
CA CYS D 270 14.17 -24.19 -46.81
C CYS D 270 14.91 -23.84 -48.09
N VAL D 271 14.16 -23.31 -49.04
CA VAL D 271 14.74 -22.94 -50.32
C VAL D 271 15.15 -21.47 -50.29
N ALA D 272 14.55 -20.68 -49.39
CA ALA D 272 14.88 -19.26 -49.30
C ALA D 272 14.68 -18.62 -47.94
N VAL D 273 15.53 -17.64 -47.63
CA VAL D 273 15.47 -16.89 -46.38
C VAL D 273 15.61 -15.40 -46.70
N GLY D 274 14.79 -14.56 -46.09
CA GLY D 274 14.89 -13.14 -46.37
C GLY D 274 15.12 -12.29 -45.11
N GLU D 275 15.60 -11.06 -45.32
CA GLU D 275 15.84 -10.10 -44.28
C GLU D 275 15.60 -8.73 -44.88
N SER D 276 15.83 -7.67 -44.10
CA SER D 276 15.60 -6.34 -44.59
C SER D 276 16.56 -5.89 -45.69
N ASP D 277 17.78 -6.38 -45.67
CA ASP D 277 18.77 -6.01 -46.67
C ASP D 277 18.65 -6.83 -47.95
N GLY D 278 18.02 -7.99 -47.87
CA GLY D 278 17.86 -8.84 -49.04
C GLY D 278 17.46 -10.27 -48.72
N SER D 279 17.63 -11.15 -49.69
CA SER D 279 17.27 -12.56 -49.52
C SER D 279 18.31 -13.46 -50.16
N ILE D 280 18.39 -14.71 -49.71
CA ILE D 280 19.30 -15.68 -50.29
C ILE D 280 18.44 -16.83 -50.84
N TRP D 281 19.00 -17.64 -51.72
CA TRP D 281 18.21 -18.70 -52.33
C TRP D 281 18.98 -19.91 -52.80
N ASN D 282 18.36 -21.08 -52.65
CA ASN D 282 18.95 -22.37 -53.06
C ASN D 282 17.89 -23.46 -53.19
N PRO D 283 17.64 -23.91 -54.44
CA PRO D 283 16.65 -24.96 -54.74
C PRO D 283 16.91 -26.28 -53.98
N ASP D 284 18.18 -26.54 -53.68
CA ASP D 284 18.56 -27.75 -52.96
C ASP D 284 18.43 -27.57 -51.46
N GLY D 285 17.99 -26.38 -51.04
CA GLY D 285 17.82 -26.10 -49.63
C GLY D 285 18.96 -25.41 -48.90
N ILE D 286 18.66 -24.95 -47.70
CA ILE D 286 19.62 -24.26 -46.85
C ILE D 286 19.56 -24.86 -45.45
N ASP D 287 20.71 -25.07 -44.83
CA ASP D 287 20.76 -25.61 -43.47
C ASP D 287 20.62 -24.48 -42.45
N PRO D 288 19.56 -24.53 -41.62
CA PRO D 288 19.31 -23.50 -40.61
C PRO D 288 20.49 -23.22 -39.69
N LYS D 289 21.25 -24.27 -39.39
CA LYS D 289 22.38 -24.14 -38.49
C LYS D 289 23.61 -23.44 -39.03
N GLU D 290 23.99 -23.74 -40.27
CA GLU D 290 25.17 -23.08 -40.79
C GLU D 290 24.84 -21.65 -41.19
N LEU D 291 23.55 -21.38 -41.37
CA LEU D 291 23.05 -20.06 -41.73
C LEU D 291 23.01 -19.20 -40.47
N GLU D 292 22.74 -19.84 -39.34
CA GLU D 292 22.69 -19.11 -38.10
C GLU D 292 24.13 -18.71 -37.76
N ASP D 293 25.06 -19.66 -37.91
CA ASP D 293 26.45 -19.34 -37.61
C ASP D 293 26.98 -18.23 -38.50
N PHE D 294 26.59 -18.24 -39.77
CA PHE D 294 27.05 -17.22 -40.69
C PHE D 294 26.46 -15.89 -40.28
N LYS D 295 25.20 -15.90 -39.88
CA LYS D 295 24.52 -14.67 -39.45
C LYS D 295 25.18 -14.11 -38.20
N LEU D 296 25.44 -14.98 -37.24
CA LEU D 296 26.06 -14.55 -36.00
C LEU D 296 27.46 -14.00 -36.25
N GLN D 297 28.12 -14.57 -37.26
CA GLN D 297 29.48 -14.20 -37.66
C GLN D 297 29.57 -12.92 -38.49
N HIS D 298 28.71 -12.76 -39.47
CA HIS D 298 28.77 -11.60 -40.33
C HIS D 298 27.64 -10.58 -40.18
N GLY D 299 26.78 -10.80 -39.20
CA GLY D 299 25.66 -9.89 -38.97
C GLY D 299 24.69 -9.79 -40.14
N THR D 300 24.70 -10.78 -41.02
CA THR D 300 23.81 -10.78 -42.18
C THR D 300 23.79 -12.14 -42.84
N ILE D 301 22.82 -12.36 -43.72
CA ILE D 301 22.71 -13.62 -44.42
C ILE D 301 23.27 -13.45 -45.82
N LEU D 302 23.15 -12.24 -46.35
CA LEU D 302 23.63 -11.94 -47.69
C LEU D 302 25.10 -12.27 -47.84
N GLY D 303 25.40 -13.16 -48.78
CA GLY D 303 26.78 -13.55 -48.97
C GLY D 303 27.08 -14.91 -48.39
N PHE D 304 26.03 -15.59 -47.92
CA PHE D 304 26.19 -16.93 -47.35
C PHE D 304 26.72 -17.80 -48.49
N PRO D 305 27.86 -18.47 -48.27
CA PRO D 305 28.40 -19.30 -49.36
C PRO D 305 27.47 -20.33 -50.02
N LYS D 306 26.77 -21.14 -49.22
CA LYS D 306 25.92 -22.18 -49.77
C LYS D 306 24.55 -21.79 -50.33
N ALA D 307 24.42 -20.55 -50.74
CA ALA D 307 23.17 -20.07 -51.32
C ALA D 307 23.50 -18.83 -52.14
N LYS D 308 22.61 -18.43 -53.02
CA LYS D 308 22.85 -17.25 -53.85
C LYS D 308 21.97 -16.10 -53.45
N ILE D 309 22.51 -14.88 -53.51
CA ILE D 309 21.72 -13.71 -53.16
C ILE D 309 20.53 -13.63 -54.12
N TYR D 310 19.39 -14.15 -53.70
CA TYR D 310 18.17 -14.14 -54.51
C TYR D 310 17.87 -12.73 -54.90
N GLU D 311 17.35 -12.57 -56.10
CA GLU D 311 17.03 -11.28 -56.64
C GLU D 311 15.57 -11.23 -56.99
N GLY D 312 14.78 -10.48 -56.22
CA GLY D 312 13.36 -10.37 -56.54
C GLY D 312 12.28 -10.83 -55.58
N SER D 313 12.31 -10.34 -54.35
CA SER D 313 11.29 -10.66 -53.35
C SER D 313 11.15 -12.11 -52.86
N ILE D 314 11.45 -12.30 -51.58
CA ILE D 314 11.36 -13.60 -50.93
C ILE D 314 9.93 -14.13 -50.98
N LEU D 315 8.97 -13.22 -50.93
CA LEU D 315 7.55 -13.58 -50.91
C LEU D 315 7.04 -14.22 -52.21
N GLU D 316 7.74 -14.00 -53.32
CA GLU D 316 7.30 -14.53 -54.62
C GLU D 316 8.14 -15.73 -55.04
N VAL D 317 9.03 -16.16 -54.16
CA VAL D 317 9.90 -17.30 -54.44
C VAL D 317 9.03 -18.53 -54.72
N ASP D 318 9.63 -19.52 -55.37
CA ASP D 318 8.91 -20.75 -55.69
C ASP D 318 9.04 -21.79 -54.56
N CYS D 319 7.92 -22.10 -53.92
CA CYS D 319 7.91 -23.04 -52.80
C CYS D 319 6.49 -23.49 -52.48
N ASP D 320 6.38 -24.49 -51.60
CA ASP D 320 5.09 -25.01 -51.20
C ASP D 320 4.56 -24.13 -50.07
N ILE D 321 5.43 -23.84 -49.10
CA ILE D 321 5.04 -23.05 -47.96
C ILE D 321 5.77 -21.71 -47.82
N LEU D 322 5.00 -20.63 -47.63
CA LEU D 322 5.59 -19.32 -47.44
C LEU D 322 5.35 -18.89 -45.99
N ILE D 323 6.43 -18.64 -45.26
CA ILE D 323 6.28 -18.22 -43.88
C ILE D 323 6.67 -16.78 -43.62
N PRO D 324 5.68 -15.85 -43.65
CA PRO D 324 6.09 -14.47 -43.39
C PRO D 324 6.29 -14.31 -41.87
N ALA D 325 7.55 -14.13 -41.48
CA ALA D 325 7.89 -13.97 -40.07
C ALA D 325 8.62 -12.66 -39.81
N ALA D 326 8.14 -11.57 -40.39
CA ALA D 326 8.77 -10.27 -40.18
C ALA D 326 7.74 -9.30 -39.64
N SER D 327 7.44 -8.23 -40.38
CA SER D 327 6.45 -7.28 -39.90
C SER D 327 5.10 -7.39 -40.62
N GLU D 328 4.16 -6.53 -40.27
CA GLU D 328 2.82 -6.56 -40.85
C GLU D 328 2.70 -6.11 -42.30
N LYS D 329 1.56 -6.42 -42.90
CA LYS D 329 1.27 -6.03 -44.28
C LYS D 329 2.37 -6.26 -45.31
N GLN D 330 2.93 -7.47 -45.36
CA GLN D 330 3.97 -7.79 -46.32
C GLN D 330 3.32 -8.35 -47.59
N LEU D 331 2.14 -8.90 -47.42
CA LEU D 331 1.35 -9.49 -48.49
C LEU D 331 0.16 -8.57 -48.73
N THR D 332 0.15 -7.91 -49.87
CA THR D 332 -0.91 -6.98 -50.20
C THR D 332 -1.61 -7.36 -51.50
N LYS D 333 -2.55 -6.51 -51.92
CA LYS D 333 -3.29 -6.74 -53.15
C LYS D 333 -2.38 -6.81 -54.37
N SER D 334 -1.30 -6.04 -54.37
CA SER D 334 -0.40 -6.03 -55.51
C SER D 334 0.57 -7.19 -55.69
N ASN D 335 0.87 -7.95 -54.65
CA ASN D 335 1.79 -9.07 -54.85
C ASN D 335 1.16 -10.43 -54.57
N ALA D 336 -0.08 -10.42 -54.09
CA ALA D 336 -0.76 -11.66 -53.78
C ALA D 336 -0.85 -12.59 -54.99
N PRO D 337 -1.26 -12.05 -56.16
CA PRO D 337 -1.36 -12.92 -57.33
C PRO D 337 -0.05 -13.55 -57.77
N ARG D 338 1.04 -13.22 -57.08
CA ARG D 338 2.33 -13.78 -57.47
C ARG D 338 3.02 -14.56 -56.38
N VAL D 339 2.29 -15.04 -55.36
CA VAL D 339 2.99 -15.72 -54.27
C VAL D 339 3.56 -17.10 -54.50
N LYS D 340 3.13 -17.77 -55.56
CA LYS D 340 3.61 -19.11 -55.88
C LYS D 340 3.23 -20.20 -54.86
N ALA D 341 3.56 -19.99 -53.59
CA ALA D 341 3.27 -20.96 -52.54
C ALA D 341 1.78 -21.30 -52.36
N LYS D 342 1.51 -22.50 -51.82
CA LYS D 342 0.14 -22.97 -51.59
C LYS D 342 -0.37 -22.73 -50.15
N ILE D 343 0.57 -22.70 -49.22
CA ILE D 343 0.27 -22.48 -47.81
C ILE D 343 1.06 -21.27 -47.30
N ILE D 344 0.34 -20.33 -46.70
CA ILE D 344 0.92 -19.14 -46.10
C ILE D 344 0.85 -19.35 -44.58
N ALA D 345 2.00 -19.55 -43.96
CA ALA D 345 2.09 -19.76 -42.51
C ALA D 345 2.36 -18.42 -41.82
N GLU D 346 1.31 -17.76 -41.34
CA GLU D 346 1.49 -16.46 -40.69
C GLU D 346 2.20 -16.48 -39.36
N GLY D 347 3.53 -16.38 -39.39
CA GLY D 347 4.31 -16.35 -38.18
C GLY D 347 4.25 -14.98 -37.55
N ALA D 348 4.30 -13.95 -38.39
CA ALA D 348 4.24 -12.57 -37.94
C ALA D 348 2.78 -12.21 -37.66
N ASN D 349 2.57 -11.06 -37.02
CA ASN D 349 1.22 -10.62 -36.77
C ASN D 349 0.81 -9.69 -37.91
N GLY D 350 -0.36 -9.93 -38.48
CA GLY D 350 -0.85 -9.12 -39.58
C GLY D 350 -0.01 -9.07 -40.85
N PRO D 351 0.55 -10.18 -41.31
CA PRO D 351 1.36 -10.11 -42.53
C PRO D 351 0.60 -9.94 -43.85
N THR D 352 -0.68 -10.30 -43.88
CA THR D 352 -1.45 -10.14 -45.10
C THR D 352 -2.66 -9.25 -44.88
N THR D 353 -2.92 -8.40 -45.87
CA THR D 353 -4.05 -7.47 -45.81
C THR D 353 -5.30 -8.20 -46.20
N PRO D 354 -6.47 -7.64 -45.90
CA PRO D 354 -7.72 -8.30 -46.26
C PRO D 354 -7.85 -8.50 -47.78
N GLU D 355 -7.16 -7.66 -48.56
CA GLU D 355 -7.20 -7.74 -50.02
C GLU D 355 -6.39 -8.93 -50.54
N ALA D 356 -5.24 -9.18 -49.94
CA ALA D 356 -4.43 -10.30 -50.38
C ALA D 356 -5.22 -11.55 -49.98
N ASP D 357 -5.88 -11.46 -48.84
CA ASP D 357 -6.68 -12.54 -48.30
C ASP D 357 -7.72 -12.98 -49.33
N LYS D 358 -8.39 -11.99 -49.92
CA LYS D 358 -9.41 -12.29 -50.92
C LYS D 358 -8.72 -12.97 -52.09
N ILE D 359 -7.66 -12.34 -52.60
CA ILE D 359 -6.95 -12.94 -53.72
C ILE D 359 -6.50 -14.36 -53.37
N PHE D 360 -5.92 -14.53 -52.19
CA PHE D 360 -5.43 -15.83 -51.77
C PHE D 360 -6.50 -16.92 -51.78
N LEU D 361 -7.71 -16.59 -51.33
CA LEU D 361 -8.81 -17.55 -51.32
C LEU D 361 -9.15 -17.98 -52.74
N GLU D 362 -9.31 -16.97 -53.62
CA GLU D 362 -9.65 -17.20 -55.01
C GLU D 362 -8.62 -18.07 -55.74
N ARG D 363 -7.36 -17.98 -55.34
CA ARG D 363 -6.31 -18.75 -55.99
C ARG D 363 -6.11 -20.07 -55.26
N ASN D 364 -7.04 -20.38 -54.36
CA ASN D 364 -6.99 -21.60 -53.57
C ASN D 364 -5.71 -21.72 -52.77
N ILE D 365 -5.38 -20.66 -52.04
CA ILE D 365 -4.18 -20.66 -51.20
C ILE D 365 -4.64 -20.77 -49.77
N MET D 366 -4.05 -21.71 -49.00
CA MET D 366 -4.45 -21.83 -47.60
C MET D 366 -3.61 -20.88 -46.73
N VAL D 367 -4.28 -19.96 -46.05
CA VAL D 367 -3.60 -19.04 -45.15
C VAL D 367 -3.91 -19.43 -43.70
N ILE D 368 -2.94 -20.03 -43.03
CA ILE D 368 -3.08 -20.41 -41.63
C ILE D 368 -2.89 -19.10 -40.89
N PRO D 369 -3.99 -18.54 -40.33
CA PRO D 369 -3.99 -17.27 -39.62
C PRO D 369 -3.08 -17.11 -38.41
N ASP D 370 -2.54 -15.91 -38.29
CA ASP D 370 -1.63 -15.56 -37.21
C ASP D 370 -2.20 -15.75 -35.80
N LEU D 371 -3.47 -15.37 -35.58
CA LEU D 371 -4.03 -15.50 -34.25
C LEU D 371 -4.08 -16.93 -33.76
N TYR D 372 -3.68 -17.87 -34.60
CA TYR D 372 -3.61 -19.28 -34.21
C TYR D 372 -2.18 -19.76 -34.34
N LEU D 373 -1.63 -19.61 -35.54
CA LEU D 373 -0.30 -20.07 -35.89
C LEU D 373 0.88 -19.54 -35.07
N ASN D 374 0.82 -18.29 -34.63
CA ASN D 374 1.96 -17.79 -33.87
C ASN D 374 1.71 -17.72 -32.38
N ALA D 375 0.57 -18.24 -31.94
CA ALA D 375 0.18 -18.26 -30.53
C ALA D 375 1.12 -19.06 -29.65
N GLY D 376 2.12 -19.69 -30.26
CA GLY D 376 3.06 -20.46 -29.47
C GLY D 376 3.84 -19.64 -28.45
N GLY D 377 4.06 -18.36 -28.77
CA GLY D 377 4.78 -17.47 -27.86
C GLY D 377 4.04 -17.23 -26.53
N VAL D 378 2.81 -16.71 -26.58
CA VAL D 378 2.04 -16.46 -25.37
C VAL D 378 1.73 -17.74 -24.62
N THR D 379 1.55 -18.83 -25.38
CA THR D 379 1.22 -20.09 -24.72
C THR D 379 2.34 -20.49 -23.76
N VAL D 380 3.58 -20.32 -24.20
CA VAL D 380 4.69 -20.68 -23.34
C VAL D 380 5.01 -19.54 -22.37
N SER D 381 4.65 -18.31 -22.75
CA SER D 381 4.86 -17.19 -21.85
C SER D 381 3.95 -17.44 -20.65
N TYR D 382 2.75 -17.92 -20.92
CA TYR D 382 1.75 -18.25 -19.91
C TYR D 382 2.32 -19.33 -19.00
N PHE D 383 3.02 -20.30 -19.57
CA PHE D 383 3.60 -21.36 -18.75
C PHE D 383 4.68 -20.74 -17.83
N GLU D 384 5.45 -19.76 -18.36
CA GLU D 384 6.52 -19.09 -17.60
C GLU D 384 5.93 -18.32 -16.41
N TRP D 385 4.89 -17.55 -16.70
CA TRP D 385 4.19 -16.74 -15.71
C TRP D 385 3.69 -17.69 -14.60
N LEU D 386 3.16 -18.83 -15.00
CA LEU D 386 2.64 -19.83 -14.08
C LEU D 386 3.78 -20.39 -13.24
N LYS D 387 4.93 -20.62 -13.88
CA LYS D 387 6.09 -21.11 -13.16
C LYS D 387 6.56 -20.10 -12.09
N ASN D 388 6.56 -18.81 -12.44
CA ASN D 388 6.96 -17.78 -11.48
C ASN D 388 6.02 -17.75 -10.26
N LEU D 389 4.72 -17.91 -10.51
CA LEU D 389 3.74 -17.90 -9.44
C LEU D 389 3.87 -19.13 -8.54
N ASN D 390 4.33 -20.25 -9.09
CA ASN D 390 4.45 -21.45 -8.29
C ASN D 390 5.76 -21.60 -7.53
N HIS D 391 6.75 -20.80 -7.86
CA HIS D 391 8.03 -20.85 -7.16
C HIS D 391 8.73 -22.21 -7.05
N VAL D 392 8.49 -23.12 -7.99
CA VAL D 392 9.16 -24.42 -8.01
C VAL D 392 9.36 -24.82 -9.45
N SER D 393 10.42 -25.56 -9.73
CA SER D 393 10.58 -26.01 -11.12
C SER D 393 9.78 -27.31 -11.20
N TYR D 394 9.09 -27.49 -12.31
CA TYR D 394 8.25 -28.65 -12.50
C TYR D 394 8.82 -30.01 -12.14
N GLY D 395 8.06 -30.77 -11.34
CA GLY D 395 8.49 -32.11 -10.96
C GLY D 395 9.50 -32.25 -9.85
N ARG D 396 10.12 -31.14 -9.47
CA ARG D 396 11.10 -31.15 -8.40
C ARG D 396 10.63 -31.92 -7.14
N LEU D 397 9.40 -31.67 -6.71
CA LEU D 397 8.88 -32.34 -5.52
C LEU D 397 8.39 -33.78 -5.72
N THR D 398 8.23 -34.20 -6.98
CA THR D 398 7.69 -35.53 -7.27
C THR D 398 8.48 -36.53 -8.12
N PHE D 399 9.63 -36.14 -8.66
CA PHE D 399 10.40 -37.06 -9.48
C PHE D 399 10.61 -38.43 -8.80
N LYS D 400 11.20 -38.42 -7.60
CA LYS D 400 11.46 -39.67 -6.89
C LYS D 400 10.19 -40.43 -6.52
N TYR D 401 9.17 -39.74 -6.01
CA TYR D 401 7.96 -40.42 -5.65
C TYR D 401 7.34 -41.15 -6.84
N GLU D 402 7.23 -40.46 -7.98
CA GLU D 402 6.65 -41.06 -9.17
C GLU D 402 7.50 -42.24 -9.66
N ARG D 403 8.81 -42.06 -9.65
CA ARG D 403 9.70 -43.11 -10.11
C ARG D 403 9.43 -44.38 -9.31
N ASP D 404 9.49 -44.28 -8.00
CA ASP D 404 9.25 -45.45 -7.15
C ASP D 404 7.87 -46.03 -7.38
N SER D 405 6.87 -45.17 -7.48
CA SER D 405 5.51 -45.65 -7.71
C SER D 405 5.36 -46.47 -8.99
N ASN D 406 5.95 -46.00 -10.08
CA ASN D 406 5.88 -46.69 -11.34
C ASN D 406 6.52 -48.07 -11.28
N TYR D 407 7.62 -48.18 -10.56
CA TYR D 407 8.26 -49.47 -10.44
C TYR D 407 7.42 -50.41 -9.55
N HIS D 408 6.77 -49.87 -8.52
CA HIS D 408 5.94 -50.71 -7.65
C HIS D 408 4.66 -51.11 -8.39
N LEU D 409 4.23 -50.28 -9.33
CA LEU D 409 3.01 -50.57 -10.11
C LEU D 409 3.31 -51.72 -11.06
N LEU D 410 4.48 -51.64 -11.71
CA LEU D 410 4.93 -52.65 -12.64
C LEU D 410 5.18 -53.93 -11.84
N MET D 411 5.72 -53.77 -10.64
CA MET D 411 6.01 -54.91 -9.80
C MET D 411 4.70 -55.57 -9.43
N SER D 412 3.63 -54.80 -9.36
CA SER D 412 2.32 -55.34 -9.03
C SER D 412 1.79 -56.28 -10.10
N VAL D 413 1.99 -55.94 -11.37
CA VAL D 413 1.49 -56.85 -12.39
C VAL D 413 2.44 -58.04 -12.49
N GLN D 414 3.72 -57.80 -12.21
CA GLN D 414 4.72 -58.85 -12.25
C GLN D 414 4.45 -59.93 -11.20
N GLU D 415 4.24 -59.50 -9.95
CA GLU D 415 3.98 -60.45 -8.89
C GLU D 415 2.63 -61.14 -9.07
N SER D 416 1.65 -60.41 -9.57
CA SER D 416 0.33 -61.02 -9.79
C SER D 416 0.40 -62.14 -10.82
N LEU D 417 1.14 -61.91 -11.90
CA LEU D 417 1.28 -62.91 -12.94
C LEU D 417 2.12 -64.12 -12.49
N GLU D 418 3.22 -63.85 -11.80
CA GLU D 418 4.07 -64.94 -11.33
C GLU D 418 3.36 -65.84 -10.31
N ARG D 419 2.54 -65.23 -9.45
CA ARG D 419 1.83 -66.02 -8.45
C ARG D 419 0.70 -66.79 -9.12
N LYS D 420 0.17 -66.23 -10.19
CA LYS D 420 -0.92 -66.86 -10.92
C LYS D 420 -0.43 -68.01 -11.80
N PHE D 421 0.79 -67.87 -12.33
CA PHE D 421 1.40 -68.88 -13.20
C PHE D 421 2.50 -69.69 -12.48
N GLY D 422 2.60 -69.51 -11.17
CA GLY D 422 3.59 -70.21 -10.35
C GLY D 422 4.99 -70.40 -10.94
N LYS D 423 5.67 -71.45 -10.48
CA LYS D 423 7.02 -71.79 -10.95
C LYS D 423 6.99 -72.44 -12.33
N HIS D 424 5.78 -72.62 -12.84
CA HIS D 424 5.54 -73.20 -14.15
C HIS D 424 5.86 -72.09 -15.19
N GLY D 425 5.68 -70.83 -14.79
CA GLY D 425 5.95 -69.71 -15.68
C GLY D 425 7.26 -68.98 -15.42
N GLY D 426 7.90 -69.30 -14.29
CA GLY D 426 9.16 -68.66 -13.92
C GLY D 426 8.94 -67.19 -13.59
N THR D 427 10.01 -66.40 -13.68
CA THR D 427 9.89 -64.97 -13.42
C THR D 427 9.36 -64.33 -14.69
N ILE D 428 8.43 -63.41 -14.54
CA ILE D 428 7.81 -62.71 -15.67
C ILE D 428 8.18 -61.24 -15.44
N PRO D 429 9.39 -60.83 -15.85
CA PRO D 429 9.84 -59.44 -15.69
C PRO D 429 8.99 -58.42 -16.45
N ILE D 430 8.45 -57.46 -15.71
CA ILE D 430 7.65 -56.40 -16.30
C ILE D 430 8.58 -55.21 -16.13
N VAL D 431 9.14 -54.80 -17.25
CA VAL D 431 10.14 -53.73 -17.30
C VAL D 431 9.67 -52.56 -18.17
N PRO D 432 10.15 -51.34 -17.88
CA PRO D 432 9.71 -50.23 -18.71
C PRO D 432 10.27 -50.32 -20.13
N THR D 433 9.55 -49.83 -21.13
CA THR D 433 10.07 -49.82 -22.51
C THR D 433 11.15 -48.74 -22.45
N ALA D 434 11.90 -48.53 -23.52
CA ALA D 434 12.93 -47.51 -23.51
C ALA D 434 12.26 -46.17 -23.35
N GLU D 435 11.17 -46.02 -24.07
CA GLU D 435 10.39 -44.79 -24.07
C GLU D 435 9.85 -44.45 -22.69
N PHE D 436 9.20 -45.43 -22.05
CA PHE D 436 8.63 -45.21 -20.73
C PHE D 436 9.73 -44.95 -19.70
N GLN D 437 10.92 -45.48 -19.95
CA GLN D 437 12.03 -45.30 -19.03
C GLN D 437 12.36 -43.80 -18.95
N ASP D 438 12.17 -43.10 -20.07
CA ASP D 438 12.43 -41.66 -20.15
C ASP D 438 11.38 -40.87 -19.42
N ARG D 439 10.24 -41.50 -19.16
CA ARG D 439 9.13 -40.82 -18.49
C ARG D 439 8.84 -41.38 -17.10
N ILE D 440 9.66 -42.34 -16.65
CA ILE D 440 9.46 -43.01 -15.37
C ILE D 440 9.33 -42.10 -14.14
N SER D 441 9.97 -40.94 -14.19
CA SER D 441 9.91 -40.01 -13.05
C SER D 441 8.86 -38.93 -13.20
N GLY D 442 8.15 -38.92 -14.32
CA GLY D 442 7.15 -37.89 -14.54
C GLY D 442 7.72 -36.72 -15.32
N ALA D 443 6.85 -35.78 -15.66
CA ALA D 443 7.24 -34.61 -16.45
C ALA D 443 8.16 -33.60 -15.78
N SER D 444 9.05 -33.02 -16.58
CA SER D 444 9.96 -31.99 -16.12
C SER D 444 9.44 -30.69 -16.76
N GLU D 445 10.13 -29.58 -16.54
CA GLU D 445 9.72 -28.29 -17.09
C GLU D 445 9.66 -28.38 -18.61
N LYS D 446 10.68 -28.99 -19.18
CA LYS D 446 10.79 -29.15 -20.63
C LYS D 446 9.67 -30.03 -21.19
N ASP D 447 9.32 -31.08 -20.45
CA ASP D 447 8.27 -31.98 -20.89
C ASP D 447 6.94 -31.22 -21.00
N ILE D 448 6.61 -30.47 -19.96
CA ILE D 448 5.35 -29.73 -19.94
C ILE D 448 5.30 -28.68 -21.05
N VAL D 449 6.40 -27.97 -21.23
CA VAL D 449 6.45 -26.95 -22.26
C VAL D 449 6.22 -27.57 -23.63
N HIS D 450 6.93 -28.65 -23.92
CA HIS D 450 6.77 -29.32 -25.20
C HIS D 450 5.37 -29.97 -25.36
N SER D 451 4.96 -30.83 -24.41
CA SER D 451 3.67 -31.49 -24.54
C SER D 451 2.48 -30.52 -24.39
N GLY D 452 2.63 -29.52 -23.53
CA GLY D 452 1.58 -28.54 -23.33
C GLY D 452 1.35 -27.67 -24.55
N LEU D 453 2.41 -27.27 -25.26
CA LEU D 453 2.25 -26.45 -26.46
C LEU D 453 1.62 -27.28 -27.57
N ALA D 454 2.12 -28.50 -27.74
CA ALA D 454 1.59 -29.40 -28.76
C ALA D 454 0.11 -29.64 -28.52
N TYR D 455 -0.24 -29.87 -27.26
CA TYR D 455 -1.63 -30.09 -26.89
C TYR D 455 -2.46 -28.88 -27.28
N THR D 456 -1.95 -27.71 -26.93
CA THR D 456 -2.65 -26.46 -27.22
C THR D 456 -2.81 -26.21 -28.72
N MET D 457 -1.73 -26.30 -29.48
CA MET D 457 -1.81 -26.05 -30.91
C MET D 457 -2.74 -27.02 -31.64
N GLU D 458 -2.76 -28.28 -31.22
CA GLU D 458 -3.62 -29.30 -31.81
C GLU D 458 -5.09 -29.06 -31.42
N ARG D 459 -5.33 -28.78 -30.14
CA ARG D 459 -6.69 -28.53 -29.68
C ARG D 459 -7.30 -27.32 -30.35
N SER D 460 -6.52 -26.25 -30.51
CA SER D 460 -7.03 -25.06 -31.17
C SER D 460 -7.20 -25.31 -32.67
N ALA D 461 -6.33 -26.14 -33.25
CA ALA D 461 -6.42 -26.46 -34.67
C ALA D 461 -7.75 -27.15 -34.94
N ARG D 462 -8.16 -28.05 -34.05
CA ARG D 462 -9.42 -28.77 -34.20
C ARG D 462 -10.63 -27.85 -34.16
N GLN D 463 -10.63 -26.95 -33.19
CA GLN D 463 -11.74 -26.02 -33.04
C GLN D 463 -11.84 -25.12 -34.27
N ILE D 464 -10.71 -24.78 -34.88
CA ILE D 464 -10.74 -23.93 -36.07
C ILE D 464 -11.28 -24.74 -37.24
N MET D 465 -10.87 -25.99 -37.32
CA MET D 465 -11.35 -26.88 -38.36
C MET D 465 -12.85 -27.14 -38.21
N ARG D 466 -13.29 -27.43 -36.98
CA ARG D 466 -14.70 -27.71 -36.71
C ARG D 466 -15.59 -26.49 -37.03
N THR D 467 -15.06 -25.30 -36.81
CA THR D 467 -15.83 -24.09 -37.08
C THR D 467 -15.88 -23.76 -38.56
N ALA D 468 -14.77 -24.00 -39.27
CA ALA D 468 -14.73 -23.74 -40.70
C ALA D 468 -15.72 -24.67 -41.41
N MET D 469 -15.96 -25.85 -40.83
CA MET D 469 -16.90 -26.81 -41.39
C MET D 469 -18.31 -26.29 -41.19
N LYS D 470 -18.66 -26.11 -39.93
CA LYS D 470 -19.97 -25.63 -39.53
C LYS D 470 -20.44 -24.39 -40.28
N TYR D 471 -19.50 -23.59 -40.77
CA TYR D 471 -19.86 -22.37 -41.48
C TYR D 471 -19.40 -22.36 -42.93
N ASN D 472 -18.94 -23.52 -43.40
CA ASN D 472 -18.47 -23.65 -44.78
C ASN D 472 -17.55 -22.49 -45.14
N LEU D 473 -16.40 -22.43 -44.50
CA LEU D 473 -15.48 -21.35 -44.76
C LEU D 473 -14.32 -21.76 -45.66
N GLY D 474 -14.33 -23.01 -46.09
CA GLY D 474 -13.27 -23.48 -46.99
C GLY D 474 -11.86 -23.24 -46.48
N LEU D 475 -11.06 -22.44 -47.18
CA LEU D 475 -9.68 -22.15 -46.75
C LEU D 475 -9.61 -20.82 -46.00
N ASP D 476 -10.76 -20.31 -45.59
CA ASP D 476 -10.81 -19.05 -44.86
C ASP D 476 -10.67 -19.35 -43.35
N LEU D 477 -9.53 -19.97 -42.99
CA LEU D 477 -9.26 -20.30 -41.60
C LEU D 477 -9.25 -19.06 -40.67
N ARG D 478 -8.88 -17.90 -41.21
CA ARG D 478 -8.84 -16.67 -40.43
C ARG D 478 -10.22 -16.33 -39.88
N THR D 479 -11.24 -16.38 -40.73
CA THR D 479 -12.60 -16.07 -40.28
C THR D 479 -13.03 -17.11 -39.25
N ALA D 480 -12.65 -18.35 -39.44
CA ALA D 480 -13.03 -19.40 -38.49
C ALA D 480 -12.41 -19.09 -37.12
N ALA D 481 -11.14 -18.67 -37.15
CA ALA D 481 -10.41 -18.32 -35.94
C ALA D 481 -11.07 -17.18 -35.15
N TYR D 482 -11.40 -16.09 -35.83
CA TYR D 482 -12.03 -14.96 -35.14
C TYR D 482 -13.38 -15.34 -34.55
N VAL D 483 -14.08 -16.25 -35.22
CA VAL D 483 -15.37 -16.71 -34.74
C VAL D 483 -15.16 -17.36 -33.37
N ASN D 484 -14.14 -18.20 -33.30
CA ASN D 484 -13.80 -18.89 -32.07
C ASN D 484 -13.42 -17.90 -30.95
N ALA D 485 -12.57 -16.93 -31.27
CA ALA D 485 -12.13 -15.93 -30.29
C ALA D 485 -13.30 -15.11 -29.78
N ILE D 486 -14.16 -14.70 -30.70
CA ILE D 486 -15.33 -13.90 -30.35
C ILE D 486 -16.27 -14.68 -29.44
N GLU D 487 -16.50 -15.95 -29.80
CA GLU D 487 -17.39 -16.79 -29.01
C GLU D 487 -16.92 -16.80 -27.57
N LYS D 488 -15.61 -16.97 -27.40
CA LYS D 488 -15.02 -17.01 -26.06
C LYS D 488 -15.06 -15.68 -25.30
N VAL D 489 -14.63 -14.59 -25.93
CA VAL D 489 -14.66 -13.31 -25.26
C VAL D 489 -16.08 -12.89 -24.94
N PHE D 490 -16.93 -13.03 -25.93
CA PHE D 490 -18.33 -12.68 -25.77
C PHE D 490 -18.88 -13.29 -24.48
N ARG D 491 -18.55 -14.56 -24.28
CA ARG D 491 -18.97 -15.36 -23.15
C ARG D 491 -18.57 -14.78 -21.79
N VAL D 492 -17.61 -13.88 -21.74
CA VAL D 492 -17.29 -13.41 -20.41
C VAL D 492 -18.08 -12.16 -20.14
N TYR D 493 -18.53 -11.52 -21.20
CA TYR D 493 -19.32 -10.32 -21.03
C TYR D 493 -20.77 -10.71 -20.81
N ASN D 494 -21.19 -11.78 -21.46
CA ASN D 494 -22.55 -12.26 -21.35
C ASN D 494 -23.15 -12.22 -19.94
N GLU D 495 -22.61 -13.00 -19.02
CA GLU D 495 -23.07 -13.08 -17.64
C GLU D 495 -23.42 -11.69 -17.02
N ALA D 496 -24.70 -11.52 -16.66
CA ALA D 496 -25.23 -10.28 -16.08
C ALA D 496 -25.80 -9.34 -17.16
N GLY D 497 -27.12 -9.21 -17.11
CA GLY D 497 -27.84 -8.37 -18.05
C GLY D 497 -29.23 -8.80 -17.63
N VAL D 498 -30.24 -7.93 -17.66
CA VAL D 498 -31.54 -8.46 -17.23
C VAL D 498 -32.79 -8.21 -18.09
N THR D 499 -33.13 -6.95 -18.38
CA THR D 499 -34.32 -6.53 -19.17
C THR D 499 -35.68 -7.26 -19.10
N PHE D 500 -36.70 -6.52 -18.65
CA PHE D 500 -38.06 -7.05 -18.52
C PHE D 500 -39.13 -5.94 -18.36
N THR D 501 -39.08 -4.96 -19.26
CA THR D 501 -40.00 -3.82 -19.27
C THR D 501 -41.11 -4.10 -20.30
N ALA E 1 -41.63 -20.41 13.27
CA ALA E 1 -42.54 -21.51 13.74
C ALA E 1 -42.89 -21.49 15.26
N ASP E 2 -42.81 -22.66 15.91
CA ASP E 2 -43.09 -22.90 17.35
C ASP E 2 -42.87 -21.72 18.33
N ARG E 3 -43.72 -21.65 19.36
CA ARG E 3 -43.64 -20.60 20.39
C ARG E 3 -42.92 -21.18 21.60
N GLU E 4 -43.27 -22.41 21.96
CA GLU E 4 -42.66 -23.09 23.11
C GLU E 4 -41.20 -23.44 22.80
N ASP E 5 -40.81 -23.33 21.53
CA ASP E 5 -39.46 -23.68 21.13
C ASP E 5 -39.04 -22.94 19.87
N ASP E 6 -38.35 -21.83 20.05
CA ASP E 6 -37.85 -21.04 18.94
C ASP E 6 -36.64 -20.36 19.56
N PRO E 7 -35.68 -21.16 20.01
CA PRO E 7 -34.50 -20.54 20.65
C PRO E 7 -33.73 -19.50 19.83
N ASN E 8 -32.93 -18.72 20.55
CA ASN E 8 -32.07 -17.71 19.93
C ASN E 8 -30.99 -18.48 19.16
N PHE E 9 -31.16 -18.50 17.83
CA PHE E 9 -30.28 -19.20 16.87
C PHE E 9 -28.82 -19.25 17.28
N PHE E 10 -28.27 -18.13 17.74
CA PHE E 10 -26.87 -18.12 18.17
C PHE E 10 -26.67 -18.97 19.44
N LYS E 11 -27.53 -18.79 20.44
CA LYS E 11 -27.41 -19.56 21.68
C LYS E 11 -27.67 -21.03 21.38
N MET E 12 -28.58 -21.28 20.43
CA MET E 12 -28.93 -22.62 20.03
C MET E 12 -27.67 -23.35 19.56
N VAL E 13 -26.92 -22.72 18.65
CA VAL E 13 -25.69 -23.28 18.16
C VAL E 13 -24.69 -23.39 19.30
N GLU E 14 -24.63 -22.35 20.14
CA GLU E 14 -23.72 -22.33 21.28
C GLU E 14 -24.02 -23.53 22.20
N GLY E 15 -25.26 -24.00 22.14
CA GLY E 15 -25.64 -25.14 22.95
C GLY E 15 -25.04 -26.41 22.37
N PHE E 16 -25.23 -26.60 21.05
CA PHE E 16 -24.67 -27.75 20.38
C PHE E 16 -23.17 -27.84 20.69
N PHE E 17 -22.47 -26.71 20.60
CA PHE E 17 -21.05 -26.63 20.89
C PHE E 17 -20.78 -27.14 22.30
N ASP E 18 -21.51 -26.60 23.27
CA ASP E 18 -21.35 -27.01 24.67
C ASP E 18 -21.61 -28.49 24.87
N ARG E 19 -22.61 -29.00 24.19
CA ARG E 19 -22.97 -30.41 24.30
C ARG E 19 -21.75 -31.24 23.90
N GLY E 20 -21.13 -30.85 22.80
CA GLY E 20 -19.96 -31.56 22.33
C GLY E 20 -18.73 -31.26 23.17
N ALA E 21 -18.61 -30.02 23.62
CA ALA E 21 -17.46 -29.64 24.43
C ALA E 21 -17.35 -30.42 25.74
N SER E 22 -18.47 -30.72 26.38
CA SER E 22 -18.41 -31.46 27.64
C SER E 22 -17.97 -32.89 27.35
N ILE E 23 -18.40 -33.43 26.21
CA ILE E 23 -18.02 -34.80 25.84
C ILE E 23 -16.51 -34.97 25.60
N VAL E 24 -15.87 -34.01 24.92
CA VAL E 24 -14.43 -34.08 24.63
C VAL E 24 -13.51 -33.40 25.64
N GLU E 25 -14.07 -32.67 26.60
CA GLU E 25 -13.25 -31.95 27.57
C GLU E 25 -12.14 -32.79 28.18
N ASP E 26 -12.43 -34.05 28.44
CA ASP E 26 -11.45 -34.95 29.03
C ASP E 26 -10.28 -35.18 28.09
N LYS E 27 -10.58 -35.47 26.83
CA LYS E 27 -9.53 -35.71 25.85
C LYS E 27 -8.76 -34.42 25.58
N LEU E 28 -9.39 -33.26 25.73
CA LEU E 28 -8.65 -32.03 25.49
C LEU E 28 -7.65 -31.77 26.63
N VAL E 29 -7.95 -32.28 27.82
CA VAL E 29 -7.04 -32.10 28.93
C VAL E 29 -5.99 -33.18 28.83
N GLU E 30 -6.44 -34.30 28.23
CA GLU E 30 -5.61 -35.48 28.00
C GLU E 30 -4.36 -35.07 27.25
N ASP E 31 -4.52 -34.86 25.95
CA ASP E 31 -3.41 -34.48 25.10
C ASP E 31 -3.11 -32.98 25.15
N LEU E 32 -3.20 -32.38 26.34
CA LEU E 32 -2.90 -30.95 26.46
C LEU E 32 -1.42 -30.78 26.73
N LYS E 33 -0.77 -29.89 25.99
CA LYS E 33 0.66 -29.62 26.14
C LYS E 33 1.11 -28.82 27.37
N THR E 34 0.28 -28.73 28.41
CA THR E 34 0.70 -27.98 29.61
C THR E 34 1.71 -28.82 30.34
N ARG E 35 2.68 -28.15 30.97
CA ARG E 35 3.72 -28.80 31.74
C ARG E 35 3.14 -29.03 33.13
N GLU E 36 2.54 -27.97 33.66
CA GLU E 36 1.94 -27.99 35.00
C GLU E 36 0.60 -28.72 35.08
N THR E 37 0.60 -29.99 34.69
CA THR E 37 -0.61 -30.81 34.69
C THR E 37 -1.27 -30.92 36.09
N GLU E 38 -2.40 -30.23 36.29
CA GLU E 38 -3.10 -30.27 37.58
C GLU E 38 -4.51 -29.69 37.55
N GLU E 39 -5.31 -30.11 36.56
CA GLU E 39 -6.69 -29.63 36.40
C GLU E 39 -6.78 -28.11 36.17
N GLN E 40 -5.64 -27.41 36.20
CA GLN E 40 -5.65 -25.99 35.88
C GLN E 40 -5.61 -26.11 34.37
N LYS E 41 -5.18 -27.29 33.93
CA LYS E 41 -5.12 -27.66 32.53
C LYS E 41 -6.57 -27.68 32.08
N ARG E 42 -7.41 -28.30 32.91
CA ARG E 42 -8.83 -28.40 32.63
C ARG E 42 -9.38 -26.97 32.48
N ASN E 43 -8.84 -26.03 33.26
CA ASN E 43 -9.28 -24.64 33.20
C ASN E 43 -8.76 -23.92 31.96
N ARG E 44 -7.56 -24.29 31.52
CA ARG E 44 -6.96 -23.69 30.35
C ARG E 44 -7.75 -24.13 29.11
N VAL E 45 -8.28 -25.34 29.17
CA VAL E 45 -9.07 -25.90 28.07
C VAL E 45 -10.36 -25.10 27.98
N ARG E 46 -10.95 -24.84 29.14
CA ARG E 46 -12.20 -24.09 29.23
C ARG E 46 -11.96 -22.66 28.77
N GLY E 47 -10.78 -22.12 29.11
CA GLY E 47 -10.44 -20.78 28.70
C GLY E 47 -10.39 -20.68 27.18
N ILE E 48 -9.88 -21.72 26.53
CA ILE E 48 -9.80 -21.74 25.07
C ILE E 48 -11.21 -21.90 24.46
N LEU E 49 -12.03 -22.77 25.05
CA LEU E 49 -13.38 -22.96 24.52
C LEU E 49 -14.20 -21.69 24.61
N ARG E 50 -13.94 -20.86 25.61
CA ARG E 50 -14.67 -19.60 25.76
C ARG E 50 -14.22 -18.59 24.72
N ILE E 51 -13.06 -18.82 24.12
CA ILE E 51 -12.56 -17.91 23.10
C ILE E 51 -13.20 -18.25 21.76
N ILE E 52 -13.31 -19.54 21.50
CA ILE E 52 -13.86 -20.03 20.25
C ILE E 52 -15.33 -19.73 20.04
N LYS E 53 -16.14 -19.89 21.09
CA LYS E 53 -17.58 -19.68 20.96
C LYS E 53 -18.09 -18.36 20.41
N PRO E 54 -17.65 -17.22 20.96
CA PRO E 54 -18.15 -15.95 20.41
C PRO E 54 -17.47 -15.52 19.12
N CYS E 55 -18.21 -14.73 18.33
CA CYS E 55 -17.70 -14.17 17.09
C CYS E 55 -16.68 -13.13 17.45
N ASN E 56 -15.60 -13.04 16.68
CA ASN E 56 -14.57 -12.05 16.95
C ASN E 56 -15.01 -10.69 16.44
N HIS E 57 -15.63 -10.66 15.26
CA HIS E 57 -16.06 -9.38 14.70
C HIS E 57 -17.43 -9.43 14.08
N VAL E 58 -18.17 -8.34 14.25
CA VAL E 58 -19.46 -8.23 13.63
C VAL E 58 -19.58 -6.80 13.12
N LEU E 59 -19.79 -6.67 11.82
CA LEU E 59 -19.92 -5.36 11.22
C LEU E 59 -21.38 -5.15 10.85
N SER E 60 -21.98 -4.07 11.35
CA SER E 60 -23.38 -3.73 11.05
C SER E 60 -23.36 -2.51 10.14
N LEU E 61 -24.06 -2.59 9.03
CA LEU E 61 -24.07 -1.47 8.10
C LEU E 61 -25.46 -0.91 7.84
N SER E 62 -25.50 0.38 7.56
CA SER E 62 -26.74 1.05 7.22
C SER E 62 -26.32 1.97 6.08
N PHE E 63 -26.75 1.69 4.86
CA PHE E 63 -26.34 2.50 3.73
C PHE E 63 -27.49 2.87 2.81
N PRO E 64 -27.38 4.01 2.13
CA PRO E 64 -28.48 4.39 1.23
C PRO E 64 -28.32 3.96 -0.23
N ILE E 65 -29.44 3.61 -0.87
CA ILE E 65 -29.45 3.25 -2.29
C ILE E 65 -30.57 4.06 -2.92
N ARG E 66 -30.42 4.38 -4.20
CA ARG E 66 -31.44 5.14 -4.92
C ARG E 66 -32.31 4.17 -5.70
N ARG E 67 -33.61 4.18 -5.42
CA ARG E 67 -34.56 3.30 -6.12
C ARG E 67 -34.73 3.72 -7.57
N ASP E 68 -35.28 2.84 -8.39
CA ASP E 68 -35.50 3.18 -9.77
C ASP E 68 -36.52 4.31 -9.92
N ASP E 69 -37.29 4.58 -8.86
CA ASP E 69 -38.28 5.65 -8.90
C ASP E 69 -37.61 7.01 -8.65
N GLY E 70 -36.51 7.00 -7.89
CA GLY E 70 -35.78 8.22 -7.61
C GLY E 70 -35.56 8.47 -6.12
N SER E 71 -36.41 7.86 -5.30
CA SER E 71 -36.33 8.00 -3.85
C SER E 71 -35.14 7.27 -3.24
N TRP E 72 -34.67 7.76 -2.09
CA TRP E 72 -33.57 7.12 -1.39
C TRP E 72 -34.14 6.18 -0.35
N GLU E 73 -33.47 5.04 -0.17
CA GLU E 73 -33.88 4.04 0.78
C GLU E 73 -32.68 3.52 1.56
N VAL E 74 -32.79 3.54 2.88
CA VAL E 74 -31.73 3.06 3.74
C VAL E 74 -31.87 1.57 3.89
N ILE E 75 -30.80 0.83 3.64
CA ILE E 75 -30.87 -0.60 3.79
C ILE E 75 -29.80 -1.07 4.76
N GLU E 76 -30.16 -2.08 5.54
CA GLU E 76 -29.29 -2.65 6.56
C GLU E 76 -28.65 -3.97 6.16
N GLY E 77 -27.41 -4.17 6.60
CA GLY E 77 -26.71 -5.39 6.28
C GLY E 77 -25.72 -5.72 7.39
N TYR E 78 -25.33 -6.98 7.46
CA TYR E 78 -24.40 -7.41 8.47
C TYR E 78 -23.40 -8.42 7.91
N ARG E 79 -22.23 -8.48 8.53
CA ARG E 79 -21.22 -9.44 8.15
C ARG E 79 -20.54 -9.84 9.43
N ALA E 80 -20.70 -11.08 9.83
CA ALA E 80 -20.03 -11.52 11.04
C ALA E 80 -18.85 -12.44 10.71
N GLN E 81 -17.74 -12.23 11.40
CA GLN E 81 -16.57 -13.07 11.21
C GLN E 81 -16.40 -13.73 12.56
N HIS E 82 -16.76 -15.01 12.62
CA HIS E 82 -16.70 -15.80 13.84
C HIS E 82 -15.30 -16.15 14.33
N SER E 83 -14.47 -16.66 13.42
CA SER E 83 -13.11 -17.06 13.77
C SER E 83 -12.06 -16.74 12.71
N GLN E 84 -10.83 -16.54 13.17
CA GLN E 84 -9.73 -16.23 12.28
C GLN E 84 -8.56 -17.15 12.59
N HIS E 85 -8.85 -18.31 13.18
CA HIS E 85 -7.82 -19.28 13.51
C HIS E 85 -7.26 -19.86 12.20
N ARG E 86 -7.98 -19.59 11.12
CA ARG E 86 -7.60 -19.96 9.75
C ARG E 86 -7.86 -18.68 8.99
N THR E 87 -6.78 -18.11 8.47
CA THR E 87 -6.78 -16.80 7.81
C THR E 87 -7.91 -16.40 6.90
N PRO E 88 -8.12 -17.07 5.75
CA PRO E 88 -9.27 -16.50 5.03
C PRO E 88 -10.57 -16.91 5.68
N CYS E 89 -11.36 -15.94 6.14
CA CYS E 89 -12.67 -16.23 6.69
C CYS E 89 -13.52 -16.62 5.48
N LYS E 90 -14.51 -17.47 5.71
CA LYS E 90 -15.35 -17.94 4.61
C LYS E 90 -16.83 -17.96 5.02
N GLY E 91 -17.71 -17.60 4.10
CA GLY E 91 -19.14 -17.60 4.41
C GLY E 91 -19.97 -16.87 3.37
N GLY E 92 -21.17 -17.37 3.13
CA GLY E 92 -22.05 -16.78 2.13
C GLY E 92 -22.81 -15.53 2.55
N ILE E 93 -23.62 -15.03 1.63
CA ILE E 93 -24.43 -13.84 1.87
C ILE E 93 -25.91 -14.11 1.66
N ARG E 94 -26.70 -13.84 2.68
CA ARG E 94 -28.13 -14.08 2.61
C ARG E 94 -28.94 -12.80 2.43
N TYR E 95 -29.86 -12.79 1.46
CA TYR E 95 -30.77 -11.66 1.21
C TYR E 95 -32.18 -12.06 1.66
N SER E 96 -32.59 -11.59 2.84
CA SER E 96 -33.93 -11.88 3.36
C SER E 96 -34.27 -10.99 4.55
N THR E 97 -35.57 -10.74 4.73
CA THR E 97 -36.06 -9.89 5.82
C THR E 97 -35.84 -10.52 7.20
N ASP E 98 -35.38 -11.76 7.22
CA ASP E 98 -35.12 -12.46 8.48
C ASP E 98 -33.70 -12.24 9.01
N VAL E 99 -32.80 -11.66 8.22
CA VAL E 99 -31.45 -11.48 8.73
C VAL E 99 -31.42 -10.47 9.88
N SER E 100 -30.53 -10.73 10.82
CA SER E 100 -30.34 -9.89 11.98
C SER E 100 -28.95 -10.24 12.51
N VAL E 101 -28.46 -9.48 13.48
CA VAL E 101 -27.16 -9.75 14.04
C VAL E 101 -27.03 -11.18 14.57
N ASP E 102 -27.99 -11.62 15.38
CA ASP E 102 -27.95 -12.97 15.96
C ASP E 102 -27.98 -14.11 14.94
N GLU E 103 -28.72 -13.92 13.85
CA GLU E 103 -28.81 -14.95 12.82
C GLU E 103 -27.48 -15.06 12.06
N VAL E 104 -26.91 -13.92 11.71
CA VAL E 104 -25.66 -13.87 10.99
C VAL E 104 -24.52 -14.44 11.82
N LYS E 105 -24.54 -14.21 13.13
CA LYS E 105 -23.51 -14.74 14.00
C LYS E 105 -23.65 -16.25 14.20
N ALA E 106 -24.89 -16.75 14.28
CA ALA E 106 -25.09 -18.18 14.47
C ALA E 106 -24.58 -18.89 13.23
N LEU E 107 -24.96 -18.34 12.08
CA LEU E 107 -24.57 -18.88 10.79
C LEU E 107 -23.05 -18.79 10.61
N ALA E 108 -22.47 -17.68 11.06
CA ALA E 108 -21.03 -17.49 10.96
C ALA E 108 -20.32 -18.57 11.74
N SER E 109 -20.81 -18.85 12.95
CA SER E 109 -20.17 -19.86 13.78
C SER E 109 -20.38 -21.26 13.20
N LEU E 110 -21.48 -21.48 12.49
CA LEU E 110 -21.73 -22.79 11.90
C LEU E 110 -20.70 -23.02 10.80
N MET E 111 -20.30 -21.93 10.15
CA MET E 111 -19.32 -22.00 9.09
C MET E 111 -17.96 -22.50 9.58
N THR E 112 -17.46 -22.00 10.70
CA THR E 112 -16.16 -22.46 11.17
C THR E 112 -16.20 -23.93 11.55
N TYR E 113 -17.23 -24.34 12.27
CA TYR E 113 -17.38 -25.73 12.71
C TYR E 113 -17.55 -26.69 11.53
N LYS E 114 -18.30 -26.26 10.52
CA LYS E 114 -18.51 -27.09 9.35
C LYS E 114 -17.23 -27.19 8.52
N CYS E 115 -16.50 -26.08 8.41
CA CYS E 115 -15.22 -26.11 7.68
C CYS E 115 -14.28 -27.03 8.44
N ALA E 116 -14.31 -26.98 9.77
CA ALA E 116 -13.46 -27.84 10.57
C ALA E 116 -13.81 -29.33 10.36
N VAL E 117 -15.10 -29.63 10.35
CA VAL E 117 -15.54 -31.00 10.18
C VAL E 117 -15.05 -31.59 8.85
N VAL E 118 -15.12 -30.78 7.82
CA VAL E 118 -14.78 -31.19 6.47
C VAL E 118 -13.35 -30.81 5.99
N ASP E 119 -12.52 -30.38 6.94
CA ASP E 119 -11.12 -29.98 6.71
C ASP E 119 -10.80 -28.92 5.65
N VAL E 120 -11.59 -27.86 5.67
CA VAL E 120 -11.41 -26.73 4.76
C VAL E 120 -10.72 -25.70 5.65
N PRO E 121 -9.53 -25.20 5.24
CA PRO E 121 -8.79 -24.22 6.03
C PRO E 121 -9.31 -22.80 6.08
N PHE E 122 -10.56 -22.64 6.50
CA PHE E 122 -11.20 -21.33 6.58
C PHE E 122 -11.87 -21.04 7.92
N GLY E 123 -11.77 -19.80 8.37
CA GLY E 123 -12.46 -19.41 9.58
C GLY E 123 -13.87 -19.11 9.09
N GLY E 124 -14.89 -19.27 9.93
CA GLY E 124 -16.26 -19.01 9.49
C GLY E 124 -16.71 -17.55 9.51
N ALA E 125 -17.52 -17.19 8.52
CA ALA E 125 -18.06 -15.84 8.39
C ALA E 125 -19.44 -15.95 7.74
N LYS E 126 -20.20 -14.87 7.77
CA LYS E 126 -21.53 -14.88 7.17
C LYS E 126 -22.10 -13.47 7.07
N ALA E 127 -22.75 -13.19 5.96
CA ALA E 127 -23.34 -11.87 5.75
C ALA E 127 -24.83 -12.00 5.42
N GLY E 128 -25.56 -10.93 5.70
CA GLY E 128 -26.98 -10.91 5.41
C GLY E 128 -27.40 -9.49 5.14
N VAL E 129 -28.20 -9.29 4.12
CA VAL E 129 -28.73 -7.97 3.81
C VAL E 129 -30.24 -8.10 4.04
N LYS E 130 -30.76 -7.28 4.95
CA LYS E 130 -32.18 -7.31 5.32
C LYS E 130 -33.16 -6.70 4.33
N ILE E 131 -33.41 -7.40 3.23
CA ILE E 131 -34.35 -6.96 2.22
C ILE E 131 -35.07 -8.20 1.70
N ASN E 132 -36.11 -7.98 0.89
CA ASN E 132 -36.83 -9.10 0.28
C ASN E 132 -36.55 -8.92 -1.19
N PRO E 133 -35.64 -9.75 -1.73
CA PRO E 133 -35.27 -9.67 -3.15
C PRO E 133 -36.42 -9.48 -4.13
N LYS E 134 -37.52 -10.18 -3.90
CA LYS E 134 -38.67 -10.10 -4.79
C LYS E 134 -39.21 -8.70 -5.00
N ASN E 135 -39.06 -7.85 -3.99
CA ASN E 135 -39.53 -6.48 -4.03
C ASN E 135 -38.52 -5.50 -4.61
N TYR E 136 -37.56 -5.98 -5.40
CA TYR E 136 -36.57 -5.09 -5.98
C TYR E 136 -36.26 -5.47 -7.43
N THR E 137 -35.97 -4.47 -8.24
CA THR E 137 -35.64 -4.73 -9.62
C THR E 137 -34.21 -5.29 -9.63
N ASP E 138 -33.79 -5.83 -10.78
CA ASP E 138 -32.44 -6.35 -10.88
C ASP E 138 -31.43 -5.19 -10.80
N ASN E 139 -31.80 -4.05 -11.37
CA ASN E 139 -30.95 -2.86 -11.35
C ASN E 139 -30.72 -2.44 -9.89
N GLU E 140 -31.77 -2.51 -9.08
CA GLU E 140 -31.65 -2.13 -7.67
C GLU E 140 -30.83 -3.15 -6.87
N LEU E 141 -31.04 -4.44 -7.13
CA LEU E 141 -30.30 -5.47 -6.41
C LEU E 141 -28.80 -5.29 -6.67
N GLU E 142 -28.45 -4.94 -7.89
CA GLU E 142 -27.05 -4.73 -8.24
C GLU E 142 -26.44 -3.58 -7.42
N LYS E 143 -27.15 -2.45 -7.38
CA LYS E 143 -26.69 -1.31 -6.62
C LYS E 143 -26.45 -1.77 -5.19
N ILE E 144 -27.39 -2.54 -4.69
CA ILE E 144 -27.32 -3.06 -3.34
C ILE E 144 -26.12 -3.97 -3.08
N THR E 145 -25.93 -4.98 -3.91
CA THR E 145 -24.80 -5.87 -3.68
C THR E 145 -23.49 -5.12 -3.88
N ARG E 146 -23.39 -4.33 -4.94
CA ARG E 146 -22.14 -3.60 -5.21
C ARG E 146 -21.75 -2.60 -4.11
N ARG E 147 -22.73 -1.91 -3.56
CA ARG E 147 -22.49 -0.94 -2.52
C ARG E 147 -22.15 -1.67 -1.22
N PHE E 148 -22.79 -2.81 -0.99
CA PHE E 148 -22.54 -3.62 0.19
C PHE E 148 -21.09 -4.13 0.13
N THR E 149 -20.66 -4.49 -1.08
CA THR E 149 -19.29 -4.96 -1.28
C THR E 149 -18.27 -3.89 -0.90
N MET E 150 -18.48 -2.68 -1.41
CA MET E 150 -17.57 -1.56 -1.11
C MET E 150 -17.48 -1.24 0.37
N GLU E 151 -18.61 -1.30 1.05
CA GLU E 151 -18.60 -1.02 2.48
C GLU E 151 -17.89 -2.10 3.27
N LEU E 152 -17.97 -3.34 2.80
CA LEU E 152 -17.29 -4.43 3.49
C LEU E 152 -15.79 -4.35 3.21
N ALA E 153 -15.47 -4.05 1.95
CA ALA E 153 -14.09 -3.96 1.51
C ALA E 153 -13.33 -2.87 2.24
N LYS E 154 -13.99 -1.75 2.53
CA LYS E 154 -13.32 -0.68 3.23
C LYS E 154 -13.11 -0.95 4.71
N LYS E 155 -13.84 -1.93 5.24
CA LYS E 155 -13.70 -2.26 6.66
C LYS E 155 -13.06 -3.61 6.87
N GLY E 156 -12.50 -4.17 5.80
CA GLY E 156 -11.82 -5.45 5.86
C GLY E 156 -12.72 -6.66 6.04
N PHE E 157 -13.85 -6.68 5.33
CA PHE E 157 -14.76 -7.79 5.41
C PHE E 157 -14.93 -8.56 4.10
N ILE E 158 -13.97 -8.37 3.20
CA ILE E 158 -13.90 -9.08 1.94
C ILE E 158 -12.50 -8.85 1.35
N GLY E 159 -11.89 -9.94 0.89
CA GLY E 159 -10.56 -9.88 0.32
C GLY E 159 -10.12 -11.32 0.16
N PRO E 160 -9.31 -11.64 -0.85
CA PRO E 160 -8.85 -13.03 -1.07
C PRO E 160 -8.20 -13.68 0.16
N GLY E 161 -7.58 -12.86 1.00
CA GLY E 161 -6.90 -13.39 2.16
C GLY E 161 -7.51 -13.00 3.49
N VAL E 162 -8.55 -12.18 3.48
CA VAL E 162 -9.18 -11.81 4.74
C VAL E 162 -10.55 -12.44 4.91
N ASP E 163 -11.40 -12.34 3.89
CA ASP E 163 -12.75 -12.86 4.01
C ASP E 163 -13.36 -13.08 2.64
N VAL E 164 -13.72 -14.33 2.34
CA VAL E 164 -14.27 -14.68 1.04
C VAL E 164 -15.73 -15.13 1.06
N PRO E 165 -16.65 -14.26 0.55
CA PRO E 165 -18.08 -14.59 0.53
C PRO E 165 -18.46 -15.65 -0.51
N ALA E 166 -19.76 -15.95 -0.55
CA ALA E 166 -20.33 -16.94 -1.48
C ALA E 166 -21.86 -16.80 -1.45
N PRO E 167 -22.57 -17.61 -2.24
CA PRO E 167 -24.03 -17.48 -2.20
C PRO E 167 -24.69 -18.10 -0.95
N ASP E 168 -25.99 -17.81 -0.79
CA ASP E 168 -26.81 -18.34 0.30
C ASP E 168 -28.24 -18.02 -0.12
N MET E 169 -29.10 -17.76 0.85
CA MET E 169 -30.49 -17.47 0.52
C MET E 169 -30.72 -16.21 -0.31
N SER E 170 -31.33 -16.44 -1.46
CA SER E 170 -31.69 -15.41 -2.43
C SER E 170 -30.52 -14.72 -3.13
N THR E 171 -29.39 -15.44 -3.24
CA THR E 171 -28.20 -14.95 -3.94
C THR E 171 -27.56 -16.11 -4.71
N GLY E 172 -26.85 -15.79 -5.79
CA GLY E 172 -26.21 -16.84 -6.57
C GLY E 172 -25.08 -16.32 -7.45
N GLU E 173 -24.87 -16.99 -8.57
CA GLU E 173 -23.83 -16.59 -9.52
C GLU E 173 -23.82 -15.11 -9.80
N ARG E 174 -25.01 -14.57 -10.05
CA ARG E 174 -25.18 -13.17 -10.40
C ARG E 174 -24.62 -12.21 -9.35
N GLU E 175 -25.06 -12.35 -8.11
CA GLU E 175 -24.58 -11.46 -7.04
C GLU E 175 -23.06 -11.62 -6.85
N MET E 176 -22.59 -12.87 -6.88
CA MET E 176 -21.18 -13.16 -6.70
C MET E 176 -20.37 -12.47 -7.81
N SER E 177 -21.00 -12.32 -8.97
CA SER E 177 -20.36 -11.68 -10.11
C SER E 177 -20.21 -10.19 -9.85
N TRP E 178 -21.26 -9.56 -9.37
CA TRP E 178 -21.25 -8.14 -9.07
C TRP E 178 -20.23 -7.89 -7.97
N ILE E 179 -20.20 -8.76 -6.97
CA ILE E 179 -19.26 -8.66 -5.85
C ILE E 179 -17.80 -8.70 -6.31
N ALA E 180 -17.46 -9.68 -7.14
CA ALA E 180 -16.09 -9.82 -7.65
C ALA E 180 -15.71 -8.62 -8.50
N ASP E 181 -16.60 -8.24 -9.40
CA ASP E 181 -16.33 -7.11 -10.27
C ASP E 181 -16.09 -5.82 -9.48
N THR E 182 -16.91 -5.56 -8.47
CA THR E 182 -16.76 -4.36 -7.68
C THR E 182 -15.43 -4.38 -6.94
N TYR E 183 -15.08 -5.52 -6.36
CA TYR E 183 -13.82 -5.61 -5.63
C TYR E 183 -12.65 -5.45 -6.59
N ALA E 184 -12.66 -6.21 -7.68
CA ALA E 184 -11.58 -6.13 -8.66
C ALA E 184 -11.46 -4.76 -9.33
N SER E 185 -12.59 -4.10 -9.58
CA SER E 185 -12.55 -2.80 -10.24
C SER E 185 -12.04 -1.68 -9.34
N THR E 186 -11.97 -1.92 -8.05
CA THR E 186 -11.53 -0.87 -7.13
C THR E 186 -10.35 -1.27 -6.26
N ILE E 187 -10.62 -1.56 -5.00
CA ILE E 187 -9.63 -1.95 -4.02
C ILE E 187 -8.63 -3.03 -4.49
N GLY E 188 -9.08 -4.06 -5.20
CA GLY E 188 -8.17 -5.08 -5.67
C GLY E 188 -7.72 -4.96 -7.11
N HIS E 189 -7.70 -3.74 -7.69
CA HIS E 189 -7.31 -3.59 -9.09
C HIS E 189 -5.88 -3.98 -9.43
N TYR E 190 -5.03 -4.08 -8.41
CA TYR E 190 -3.62 -4.43 -8.60
C TYR E 190 -3.35 -5.87 -8.12
N ASP E 191 -4.31 -6.45 -7.37
CA ASP E 191 -4.17 -7.78 -6.81
C ASP E 191 -4.27 -8.92 -7.82
N ILE E 192 -3.19 -9.69 -7.93
CA ILE E 192 -3.17 -10.80 -8.87
C ILE E 192 -4.23 -11.82 -8.48
N ASN E 193 -4.67 -11.81 -7.22
CA ASN E 193 -5.69 -12.76 -6.76
C ASN E 193 -7.03 -12.10 -6.47
N ALA E 194 -7.23 -10.92 -7.06
CA ALA E 194 -8.47 -10.17 -6.85
C ALA E 194 -9.76 -10.98 -7.02
N HIS E 195 -9.78 -11.90 -7.99
CA HIS E 195 -10.99 -12.67 -8.22
C HIS E 195 -11.24 -13.84 -7.29
N ALA E 196 -10.33 -14.04 -6.35
CA ALA E 196 -10.49 -15.11 -5.38
C ALA E 196 -11.14 -14.49 -4.16
N CYS E 197 -11.62 -13.25 -4.31
CA CYS E 197 -12.26 -12.54 -3.21
C CYS E 197 -13.66 -13.06 -2.89
N VAL E 198 -14.23 -13.85 -3.78
CA VAL E 198 -15.56 -14.38 -3.57
C VAL E 198 -15.72 -15.68 -4.36
N THR E 199 -16.53 -16.62 -3.84
CA THR E 199 -16.74 -17.88 -4.56
C THR E 199 -18.20 -18.04 -5.01
N GLY E 200 -18.46 -19.07 -5.81
CA GLY E 200 -19.80 -19.27 -6.33
C GLY E 200 -19.98 -18.38 -7.53
N LYS E 201 -18.85 -17.94 -8.12
CA LYS E 201 -18.85 -17.08 -9.28
C LYS E 201 -19.27 -17.87 -10.51
N PRO E 202 -19.69 -17.18 -11.57
CA PRO E 202 -20.09 -17.89 -12.79
C PRO E 202 -18.82 -18.50 -13.35
N ILE E 203 -18.93 -19.66 -13.98
CA ILE E 203 -17.73 -20.32 -14.51
C ILE E 203 -16.95 -19.43 -15.48
N SER E 204 -17.63 -18.53 -16.18
CA SER E 204 -16.98 -17.64 -17.12
C SER E 204 -16.21 -16.53 -16.40
N GLN E 205 -16.63 -16.21 -15.17
CA GLN E 205 -15.97 -15.16 -14.38
C GLN E 205 -14.97 -15.74 -13.38
N GLY E 206 -14.53 -16.97 -13.60
CA GLY E 206 -13.57 -17.58 -12.69
C GLY E 206 -14.17 -18.57 -11.72
N GLY E 207 -15.41 -18.95 -11.98
CA GLY E 207 -16.10 -19.91 -11.15
C GLY E 207 -15.65 -21.32 -11.43
N ILE E 208 -16.11 -22.26 -10.61
CA ILE E 208 -15.71 -23.63 -10.80
C ILE E 208 -16.86 -24.58 -11.14
N HIS E 209 -16.53 -25.63 -11.90
CA HIS E 209 -17.51 -26.62 -12.30
C HIS E 209 -18.28 -27.18 -11.11
N GLY E 210 -19.59 -27.35 -11.32
CA GLY E 210 -20.45 -27.90 -10.30
C GLY E 210 -20.54 -27.22 -8.97
N ARG E 211 -20.27 -25.92 -8.89
CA ARG E 211 -20.38 -25.26 -7.60
C ARG E 211 -21.84 -25.10 -7.18
N ILE E 212 -22.72 -24.83 -8.15
CA ILE E 212 -24.13 -24.65 -7.86
C ILE E 212 -24.76 -25.93 -7.33
N SER E 213 -24.43 -27.07 -7.93
CA SER E 213 -24.98 -28.34 -7.50
C SER E 213 -24.13 -29.03 -6.43
N ALA E 214 -23.05 -28.38 -6.01
CA ALA E 214 -22.15 -28.96 -5.03
C ALA E 214 -22.77 -29.29 -3.69
N THR E 215 -23.70 -28.44 -3.23
CA THR E 215 -24.33 -28.68 -1.94
C THR E 215 -25.26 -29.89 -1.98
N GLY E 216 -26.11 -29.93 -3.00
CA GLY E 216 -27.04 -31.04 -3.15
C GLY E 216 -26.27 -32.34 -3.33
N ARG E 217 -25.16 -32.25 -4.04
CA ARG E 217 -24.31 -33.39 -4.30
C ARG E 217 -23.66 -33.85 -3.00
N GLY E 218 -23.30 -32.88 -2.17
CA GLY E 218 -22.69 -33.22 -0.89
C GLY E 218 -23.76 -33.82 -0.02
N VAL E 219 -25.00 -33.36 -0.19
CA VAL E 219 -26.11 -33.90 0.60
C VAL E 219 -26.28 -35.37 0.21
N PHE E 220 -26.23 -35.64 -1.09
CA PHE E 220 -26.33 -37.01 -1.58
C PHE E 220 -25.24 -37.88 -0.97
N HIS E 221 -24.01 -37.41 -0.97
CA HIS E 221 -22.89 -38.17 -0.41
C HIS E 221 -23.01 -38.37 1.09
N GLY E 222 -23.38 -37.30 1.80
CA GLY E 222 -23.51 -37.39 3.24
C GLY E 222 -24.51 -38.46 3.60
N ILE E 223 -25.62 -38.48 2.88
CA ILE E 223 -26.66 -39.46 3.12
C ILE E 223 -26.17 -40.84 2.72
N GLU E 224 -25.57 -40.93 1.54
CA GLU E 224 -25.04 -42.19 1.01
C GLU E 224 -24.11 -42.89 2.00
N ASN E 225 -23.27 -42.11 2.67
CA ASN E 225 -22.34 -42.69 3.61
C ASN E 225 -23.04 -43.43 4.73
N PHE E 226 -24.08 -42.84 5.32
CA PHE E 226 -24.80 -43.49 6.39
C PHE E 226 -25.85 -44.51 5.93
N ILE E 227 -26.46 -44.26 4.77
CA ILE E 227 -27.49 -45.15 4.27
C ILE E 227 -27.00 -46.53 3.81
N ASN E 228 -25.68 -46.72 3.83
CA ASN E 228 -25.06 -47.99 3.45
C ASN E 228 -24.29 -48.62 4.61
N GLU E 229 -24.55 -48.16 5.84
CA GLU E 229 -23.84 -48.69 7.00
C GLU E 229 -24.37 -50.00 7.60
N ALA E 230 -25.65 -50.28 7.40
CA ALA E 230 -26.28 -51.49 7.93
C ALA E 230 -26.42 -51.36 9.44
N SER E 231 -25.31 -51.07 10.09
CA SER E 231 -25.29 -50.89 11.53
C SER E 231 -26.28 -49.79 11.89
N TYR E 232 -26.13 -48.61 11.30
CA TYR E 232 -27.05 -47.51 11.57
C TYR E 232 -28.45 -47.83 11.05
N MET E 233 -28.52 -48.25 9.78
CA MET E 233 -29.78 -48.59 9.13
C MET E 233 -30.59 -49.68 9.85
N SER E 234 -29.91 -50.52 10.63
CA SER E 234 -30.62 -51.56 11.34
C SER E 234 -31.28 -50.93 12.57
N ILE E 235 -30.59 -50.02 13.24
CA ILE E 235 -31.17 -49.36 14.40
C ILE E 235 -32.42 -48.61 13.96
N LEU E 236 -32.42 -48.15 12.71
CA LEU E 236 -33.56 -47.42 12.14
C LEU E 236 -34.51 -48.41 11.49
N GLY E 237 -34.08 -49.67 11.42
CA GLY E 237 -34.91 -50.69 10.81
C GLY E 237 -35.20 -50.38 9.36
N MET E 238 -34.16 -50.23 8.56
CA MET E 238 -34.30 -49.95 7.15
C MET E 238 -33.25 -50.79 6.46
N THR E 239 -33.36 -50.91 5.14
CA THR E 239 -32.39 -51.65 4.36
C THR E 239 -31.45 -50.62 3.77
N PRO E 240 -30.18 -50.98 3.60
CA PRO E 240 -29.25 -49.99 3.02
C PRO E 240 -29.60 -49.66 1.57
N GLY E 241 -29.07 -48.54 1.07
CA GLY E 241 -29.33 -48.15 -0.30
C GLY E 241 -30.48 -47.18 -0.48
N PHE E 242 -30.56 -46.56 -1.66
CA PHE E 242 -31.63 -45.61 -1.95
C PHE E 242 -32.77 -46.26 -2.76
N GLY E 243 -32.42 -47.26 -3.55
CA GLY E 243 -33.36 -47.96 -4.41
C GLY E 243 -34.82 -48.14 -4.01
N ASP E 244 -35.06 -48.32 -2.72
CA ASP E 244 -36.42 -48.51 -2.22
C ASP E 244 -36.73 -47.48 -1.15
N LYS E 245 -36.24 -46.26 -1.36
CA LYS E 245 -36.44 -45.21 -0.38
C LYS E 245 -37.21 -44.02 -0.95
N THR E 246 -38.07 -43.43 -0.13
CA THR E 246 -38.83 -42.25 -0.53
C THR E 246 -38.29 -41.09 0.30
N PHE E 247 -38.39 -39.89 -0.25
CA PHE E 247 -37.92 -38.72 0.47
C PHE E 247 -38.73 -37.52 0.02
N ALA E 248 -38.74 -36.50 0.88
CA ALA E 248 -39.45 -35.27 0.62
C ALA E 248 -38.48 -34.15 1.02
N VAL E 249 -38.41 -33.13 0.17
CA VAL E 249 -37.51 -32.04 0.44
C VAL E 249 -38.24 -30.71 0.63
N GLN E 250 -37.92 -30.02 1.72
CA GLN E 250 -38.51 -28.72 1.97
C GLN E 250 -37.55 -27.67 1.43
N GLY E 251 -37.83 -27.18 0.23
CA GLY E 251 -36.98 -26.19 -0.39
C GLY E 251 -36.66 -26.67 -1.78
N PHE E 252 -36.89 -25.83 -2.78
CA PHE E 252 -36.63 -26.22 -4.17
C PHE E 252 -35.66 -25.27 -4.82
N GLY E 253 -34.71 -24.78 -4.02
CA GLY E 253 -33.72 -23.87 -4.56
C GLY E 253 -32.41 -24.55 -4.88
N ASN E 254 -31.32 -23.82 -4.77
CA ASN E 254 -30.02 -24.39 -5.08
C ASN E 254 -29.70 -25.70 -4.34
N VAL E 255 -30.04 -25.78 -3.05
CA VAL E 255 -29.78 -27.01 -2.31
C VAL E 255 -30.83 -28.10 -2.55
N GLY E 256 -32.11 -27.77 -2.35
CA GLY E 256 -33.18 -28.74 -2.52
C GLY E 256 -33.33 -29.36 -3.91
N LEU E 257 -33.34 -28.51 -4.94
CA LEU E 257 -33.46 -28.97 -6.33
C LEU E 257 -32.41 -30.03 -6.65
N HIS E 258 -31.16 -29.68 -6.37
CA HIS E 258 -30.06 -30.58 -6.66
C HIS E 258 -29.97 -31.80 -5.75
N SER E 259 -30.39 -31.66 -4.50
CA SER E 259 -30.37 -32.79 -3.59
C SER E 259 -31.38 -33.78 -4.20
N MET E 260 -32.49 -33.22 -4.66
CA MET E 260 -33.55 -34.01 -5.27
C MET E 260 -33.03 -34.67 -6.55
N ARG E 261 -32.33 -33.91 -7.39
CA ARG E 261 -31.80 -34.46 -8.65
C ARG E 261 -30.92 -35.67 -8.40
N TYR E 262 -30.04 -35.56 -7.41
CA TYR E 262 -29.10 -36.62 -7.11
C TYR E 262 -29.69 -37.87 -6.47
N LEU E 263 -30.56 -37.71 -5.49
CA LEU E 263 -31.14 -38.89 -4.86
C LEU E 263 -31.95 -39.67 -5.90
N HIS E 264 -32.65 -38.93 -6.75
CA HIS E 264 -33.49 -39.51 -7.78
C HIS E 264 -32.64 -40.30 -8.75
N ARG E 265 -31.42 -39.83 -8.96
CA ARG E 265 -30.51 -40.50 -9.87
C ARG E 265 -30.16 -41.89 -9.34
N PHE E 266 -30.08 -42.04 -8.02
CA PHE E 266 -29.75 -43.34 -7.48
C PHE E 266 -30.94 -44.15 -6.99
N GLY E 267 -32.04 -44.07 -7.75
CA GLY E 267 -33.22 -44.85 -7.42
C GLY E 267 -34.23 -44.33 -6.40
N ALA E 268 -33.81 -43.49 -5.46
CA ALA E 268 -34.77 -42.98 -4.48
C ALA E 268 -35.80 -42.15 -5.23
N LYS E 269 -37.01 -42.03 -4.69
CA LYS E 269 -38.02 -41.21 -5.36
C LYS E 269 -38.60 -40.17 -4.42
N CYS E 270 -38.73 -38.96 -4.95
CA CYS E 270 -39.25 -37.81 -4.23
C CYS E 270 -40.77 -37.89 -4.23
N VAL E 271 -41.33 -38.02 -3.05
CA VAL E 271 -42.76 -38.10 -2.90
C VAL E 271 -43.36 -36.71 -2.66
N ALA E 272 -42.53 -35.78 -2.17
CA ALA E 272 -43.00 -34.42 -1.89
C ALA E 272 -41.94 -33.33 -1.98
N VAL E 273 -42.39 -32.15 -2.44
CA VAL E 273 -41.55 -30.96 -2.57
C VAL E 273 -42.31 -29.78 -1.98
N GLY E 274 -41.63 -28.95 -1.18
CA GLY E 274 -42.29 -27.81 -0.58
C GLY E 274 -41.62 -26.48 -0.91
N GLU E 275 -42.36 -25.40 -0.72
CA GLU E 275 -41.88 -24.03 -0.95
C GLU E 275 -42.62 -23.15 0.03
N SER E 276 -42.37 -21.84 -0.03
CA SER E 276 -43.04 -20.93 0.90
C SER E 276 -44.55 -20.80 0.69
N ASP E 277 -45.00 -20.94 -0.56
CA ASP E 277 -46.42 -20.83 -0.88
C ASP E 277 -47.19 -22.12 -0.63
N GLY E 278 -46.48 -23.25 -0.61
CA GLY E 278 -47.14 -24.52 -0.37
C GLY E 278 -46.28 -25.72 -0.71
N SER E 279 -46.92 -26.87 -0.86
CA SER E 279 -46.22 -28.12 -1.18
C SER E 279 -47.01 -28.96 -2.17
N ILE E 280 -46.32 -29.83 -2.90
CA ILE E 280 -47.00 -30.73 -3.83
C ILE E 280 -46.72 -32.15 -3.37
N TRP E 281 -47.50 -33.11 -3.83
CA TRP E 281 -47.32 -34.49 -3.36
C TRP E 281 -47.75 -35.59 -4.32
N ASN E 282 -46.99 -36.68 -4.32
CA ASN E 282 -47.27 -37.83 -5.18
C ASN E 282 -46.55 -39.09 -4.67
N PRO E 283 -47.32 -40.08 -4.19
CA PRO E 283 -46.80 -41.36 -3.67
C PRO E 283 -45.95 -42.11 -4.70
N ASP E 284 -46.25 -41.93 -5.97
CA ASP E 284 -45.50 -42.59 -7.03
C ASP E 284 -44.25 -41.81 -7.42
N GLY E 285 -44.02 -40.70 -6.73
CA GLY E 285 -42.84 -39.90 -6.99
C GLY E 285 -43.01 -38.72 -7.94
N ILE E 286 -41.99 -37.87 -7.96
CA ILE E 286 -41.96 -36.68 -8.81
C ILE E 286 -40.62 -36.60 -9.52
N ASP E 287 -40.63 -36.25 -10.80
CA ASP E 287 -39.39 -36.14 -11.56
C ASP E 287 -38.80 -34.75 -11.35
N PRO E 288 -37.56 -34.68 -10.80
CA PRO E 288 -36.89 -33.39 -10.55
C PRO E 288 -36.79 -32.49 -11.76
N LYS E 289 -36.63 -33.09 -12.93
CA LYS E 289 -36.47 -32.33 -14.18
C LYS E 289 -37.73 -31.67 -14.74
N GLU E 290 -38.86 -32.38 -14.73
CA GLU E 290 -40.08 -31.78 -15.25
C GLU E 290 -40.62 -30.77 -14.24
N LEU E 291 -40.20 -30.93 -12.99
CA LEU E 291 -40.62 -30.02 -11.91
C LEU E 291 -39.79 -28.75 -11.98
N GLU E 292 -38.56 -28.88 -12.46
CA GLU E 292 -37.71 -27.72 -12.59
C GLU E 292 -38.25 -26.90 -13.74
N ASP E 293 -38.58 -27.57 -14.84
CA ASP E 293 -39.11 -26.87 -16.00
C ASP E 293 -40.42 -26.15 -15.68
N PHE E 294 -41.27 -26.79 -14.87
CA PHE E 294 -42.55 -26.19 -14.51
C PHE E 294 -42.27 -24.99 -13.62
N LYS E 295 -41.30 -25.12 -12.72
CA LYS E 295 -40.95 -24.01 -11.82
C LYS E 295 -40.41 -22.83 -12.62
N LEU E 296 -39.49 -23.11 -13.53
CA LEU E 296 -38.90 -22.06 -14.35
C LEU E 296 -39.95 -21.38 -15.20
N GLN E 297 -40.96 -22.17 -15.61
CA GLN E 297 -42.07 -21.72 -16.46
C GLN E 297 -43.15 -20.91 -15.73
N HIS E 298 -43.58 -21.39 -14.57
CA HIS E 298 -44.64 -20.74 -13.83
C HIS E 298 -44.23 -20.06 -12.52
N GLY E 299 -42.92 -20.01 -12.27
CA GLY E 299 -42.44 -19.36 -11.05
C GLY E 299 -42.96 -19.98 -9.77
N THR E 300 -43.40 -21.23 -9.85
CA THR E 300 -43.92 -21.93 -8.66
C THR E 300 -44.08 -23.42 -8.97
N ILE E 301 -44.24 -24.21 -7.91
CA ILE E 301 -44.44 -25.65 -8.05
C ILE E 301 -45.92 -25.97 -7.93
N LEU E 302 -46.63 -25.17 -7.14
CA LEU E 302 -48.05 -25.37 -6.92
C LEU E 302 -48.81 -25.39 -8.24
N GLY E 303 -49.50 -26.50 -8.48
CA GLY E 303 -50.25 -26.62 -9.71
C GLY E 303 -49.52 -27.46 -10.73
N PHE E 304 -48.44 -28.12 -10.30
CA PHE E 304 -47.65 -29.00 -11.19
C PHE E 304 -48.60 -30.14 -11.58
N PRO E 305 -48.81 -30.36 -12.88
CA PRO E 305 -49.73 -31.44 -13.26
C PRO E 305 -49.55 -32.82 -12.64
N LYS E 306 -48.32 -33.35 -12.69
CA LYS E 306 -48.08 -34.70 -12.18
C LYS E 306 -47.97 -34.89 -10.66
N ALA E 307 -48.57 -34.00 -9.90
CA ALA E 307 -48.56 -34.12 -8.44
C ALA E 307 -49.73 -33.29 -7.93
N LYS E 308 -50.14 -33.54 -6.69
CA LYS E 308 -51.26 -32.82 -6.11
C LYS E 308 -50.83 -31.83 -5.05
N ILE E 309 -51.48 -30.67 -5.01
CA ILE E 309 -51.12 -29.68 -4.01
C ILE E 309 -51.33 -30.29 -2.62
N TYR E 310 -50.26 -30.83 -2.04
CA TYR E 310 -50.33 -31.44 -0.73
C TYR E 310 -50.91 -30.43 0.24
N GLU E 311 -51.67 -30.94 1.19
CA GLU E 311 -52.33 -30.11 2.18
C GLU E 311 -51.88 -30.54 3.57
N GLY E 312 -51.06 -29.74 4.24
CA GLY E 312 -50.66 -30.12 5.59
C GLY E 312 -49.20 -30.35 5.96
N SER E 313 -48.34 -29.39 5.66
CA SER E 313 -46.91 -29.47 6.02
C SER E 313 -46.05 -30.55 5.38
N ILE E 314 -45.10 -30.10 4.57
CA ILE E 314 -44.16 -30.98 3.90
C ILE E 314 -43.34 -31.79 4.90
N LEU E 315 -43.07 -31.19 6.06
CA LEU E 315 -42.26 -31.81 7.08
C LEU E 315 -42.89 -33.04 7.74
N GLU E 316 -44.21 -33.17 7.66
CA GLU E 316 -44.92 -34.28 8.28
C GLU E 316 -45.37 -35.32 7.26
N VAL E 317 -44.95 -35.13 6.02
CA VAL E 317 -45.31 -36.03 4.95
C VAL E 317 -44.77 -37.43 5.28
N ASP E 318 -45.30 -38.44 4.62
CA ASP E 318 -44.88 -39.81 4.85
C ASP E 318 -43.74 -40.21 3.91
N CYS E 319 -42.56 -40.44 4.48
CA CYS E 319 -41.39 -40.80 3.69
C CYS E 319 -40.29 -41.40 4.58
N ASP E 320 -39.25 -41.92 3.95
CA ASP E 320 -38.12 -42.48 4.68
C ASP E 320 -37.18 -41.35 5.05
N ILE E 321 -36.91 -40.49 4.07
CA ILE E 321 -35.98 -39.38 4.29
C ILE E 321 -36.57 -37.98 4.15
N LEU E 322 -36.35 -37.16 5.17
CA LEU E 322 -36.83 -35.78 5.15
C LEU E 322 -35.64 -34.84 4.99
N ILE E 323 -35.63 -34.07 3.90
CA ILE E 323 -34.54 -33.15 3.68
C ILE E 323 -34.94 -31.68 3.84
N PRO E 324 -34.75 -31.11 5.04
CA PRO E 324 -35.11 -29.70 5.17
C PRO E 324 -34.02 -28.87 4.49
N ALA E 325 -34.36 -28.26 3.35
CA ALA E 325 -33.41 -27.43 2.61
C ALA E 325 -33.93 -26.00 2.42
N ALA E 326 -34.44 -25.41 3.50
CA ALA E 326 -34.94 -24.05 3.40
C ALA E 326 -34.23 -23.20 4.47
N SER E 327 -34.99 -22.66 5.41
CA SER E 327 -34.36 -21.85 6.44
C SER E 327 -34.25 -22.56 7.77
N GLU E 328 -33.74 -21.85 8.78
CA GLU E 328 -33.53 -22.42 10.11
C GLU E 328 -34.82 -22.67 10.92
N LYS E 329 -34.66 -23.48 11.98
CA LYS E 329 -35.74 -23.80 12.89
C LYS E 329 -37.09 -24.18 12.27
N GLN E 330 -37.07 -25.13 11.33
CA GLN E 330 -38.30 -25.61 10.69
C GLN E 330 -38.87 -26.78 11.47
N LEU E 331 -37.97 -27.44 12.19
CA LEU E 331 -38.31 -28.58 13.02
C LEU E 331 -38.17 -28.16 14.46
N THR E 332 -39.29 -28.08 15.16
CA THR E 332 -39.29 -27.64 16.55
C THR E 332 -39.90 -28.68 17.48
N LYS E 333 -40.00 -28.34 18.76
CA LYS E 333 -40.58 -29.24 19.74
C LYS E 333 -42.02 -29.64 19.39
N SER E 334 -42.78 -28.71 18.81
CA SER E 334 -44.18 -28.97 18.47
C SER E 334 -44.48 -29.87 17.26
N ASN E 335 -43.58 -29.99 16.30
CA ASN E 335 -43.88 -30.84 15.17
C ASN E 335 -42.98 -32.07 15.05
N ALA E 336 -41.96 -32.14 15.91
CA ALA E 336 -41.03 -33.25 15.89
C ALA E 336 -41.73 -34.60 16.04
N PRO E 337 -42.62 -34.74 17.04
CA PRO E 337 -43.30 -36.02 17.21
C PRO E 337 -44.15 -36.46 16.02
N ARG E 338 -44.20 -35.64 14.98
CA ARG E 338 -45.02 -35.98 13.82
C ARG E 338 -44.24 -36.02 12.50
N VAL E 339 -42.92 -36.18 12.55
CA VAL E 339 -42.17 -36.14 11.31
C VAL E 339 -42.26 -37.33 10.36
N LYS E 340 -42.73 -38.47 10.85
CA LYS E 340 -42.88 -39.67 10.01
C LYS E 340 -41.55 -40.28 9.53
N ALA E 341 -40.73 -39.49 8.84
CA ALA E 341 -39.44 -39.93 8.31
C ALA E 341 -38.45 -40.49 9.37
N LYS E 342 -37.54 -41.37 8.91
CA LYS E 342 -36.55 -42.00 9.78
C LYS E 342 -35.19 -41.30 9.78
N ILE E 343 -34.89 -40.65 8.65
CA ILE E 343 -33.64 -39.91 8.47
C ILE E 343 -33.93 -38.45 8.11
N ILE E 344 -33.34 -37.54 8.86
CA ILE E 344 -33.46 -36.09 8.62
C ILE E 344 -32.13 -35.66 8.04
N ALA E 345 -32.13 -35.30 6.77
CA ALA E 345 -30.93 -34.85 6.07
C ALA E 345 -30.87 -33.32 6.13
N GLU E 346 -30.14 -32.77 7.09
CA GLU E 346 -30.04 -31.31 7.22
C GLU E 346 -29.29 -30.58 6.12
N GLY E 347 -30.01 -30.23 5.07
CA GLY E 347 -29.39 -29.52 3.96
C GLY E 347 -29.23 -28.06 4.33
N ALA E 348 -30.22 -27.51 5.02
CA ALA E 348 -30.20 -26.12 5.45
C ALA E 348 -29.37 -26.01 6.71
N ASN E 349 -29.04 -24.78 7.10
CA ASN E 349 -28.27 -24.58 8.32
C ASN E 349 -29.27 -24.35 9.46
N GLY E 350 -29.10 -25.09 10.55
CA GLY E 350 -29.97 -24.98 11.71
C GLY E 350 -31.46 -25.27 11.50
N PRO E 351 -31.82 -26.31 10.74
CA PRO E 351 -33.24 -26.58 10.54
C PRO E 351 -33.99 -27.16 11.74
N THR E 352 -33.27 -27.78 12.68
CA THR E 352 -33.94 -28.34 13.84
C THR E 352 -33.41 -27.75 15.13
N THR E 353 -34.33 -27.49 16.06
CA THR E 353 -33.97 -26.91 17.33
C THR E 353 -33.48 -28.01 18.24
N PRO E 354 -32.81 -27.64 19.34
CA PRO E 354 -32.30 -28.66 20.25
C PRO E 354 -33.43 -29.52 20.86
N GLU E 355 -34.64 -28.97 20.91
CA GLU E 355 -35.81 -29.68 21.44
C GLU E 355 -36.31 -30.74 20.49
N ALA E 356 -36.32 -30.44 19.19
CA ALA E 356 -36.78 -31.43 18.23
C ALA E 356 -35.72 -32.54 18.24
N ASP E 357 -34.46 -32.12 18.42
CA ASP E 357 -33.33 -33.02 18.45
C ASP E 357 -33.53 -34.06 19.54
N LYS E 358 -33.95 -33.61 20.73
CA LYS E 358 -34.19 -34.53 21.82
C LYS E 358 -35.31 -35.46 21.42
N ILE E 359 -36.42 -34.91 20.96
CA ILE E 359 -37.54 -35.74 20.54
C ILE E 359 -37.09 -36.72 19.46
N PHE E 360 -36.37 -36.23 18.45
CA PHE E 360 -35.88 -37.09 17.37
C PHE E 360 -35.06 -38.28 17.83
N LEU E 361 -34.19 -38.08 18.81
CA LEU E 361 -33.38 -39.18 19.35
C LEU E 361 -34.27 -40.23 19.99
N GLU E 362 -35.17 -39.78 20.86
CA GLU E 362 -36.09 -40.66 21.57
C GLU E 362 -36.98 -41.48 20.64
N ARG E 363 -37.30 -40.93 19.48
CA ARG E 363 -38.14 -41.65 18.52
C ARG E 363 -37.28 -42.45 17.55
N ASN E 364 -35.99 -42.55 17.87
CA ASN E 364 -35.02 -43.25 17.05
C ASN E 364 -34.97 -42.73 15.62
N ILE E 365 -34.83 -41.42 15.50
CA ILE E 365 -34.73 -40.78 14.18
C ILE E 365 -33.27 -40.37 13.98
N MET E 366 -32.69 -40.73 12.84
CA MET E 366 -31.30 -40.32 12.61
C MET E 366 -31.25 -38.93 11.96
N VAL E 367 -30.62 -38.00 12.65
CA VAL E 367 -30.49 -36.64 12.10
C VAL E 367 -29.03 -36.43 11.67
N ILE E 368 -28.80 -36.43 10.37
CA ILE E 368 -27.47 -36.20 9.81
C ILE E 368 -27.30 -34.69 9.89
N PRO E 369 -26.47 -34.24 10.85
CA PRO E 369 -26.21 -32.81 11.09
C PRO E 369 -25.70 -31.97 9.93
N ASP E 370 -26.19 -30.73 9.91
CA ASP E 370 -25.85 -29.76 8.89
C ASP E 370 -24.37 -29.44 8.78
N LEU E 371 -23.67 -29.31 9.90
CA LEU E 371 -22.25 -28.96 9.83
C LEU E 371 -21.43 -30.01 9.09
N TYR E 372 -22.06 -31.12 8.71
CA TYR E 372 -21.39 -32.15 7.94
C TYR E 372 -22.09 -32.29 6.59
N LEU E 373 -23.39 -32.55 6.66
CA LEU E 373 -24.21 -32.81 5.48
C LEU E 373 -24.26 -31.74 4.40
N ASN E 374 -24.23 -30.46 4.77
CA ASN E 374 -24.30 -29.44 3.74
C ASN E 374 -22.96 -28.80 3.43
N ALA E 375 -21.89 -29.34 4.00
CA ALA E 375 -20.53 -28.82 3.81
C ALA E 375 -20.06 -28.93 2.36
N GLY E 376 -20.87 -29.51 1.50
CA GLY E 376 -20.48 -29.64 0.11
C GLY E 376 -20.26 -28.29 -0.57
N GLY E 377 -20.98 -27.28 -0.12
CA GLY E 377 -20.84 -25.95 -0.69
C GLY E 377 -19.44 -25.36 -0.49
N VAL E 378 -19.02 -25.18 0.76
CA VAL E 378 -17.70 -24.61 1.05
C VAL E 378 -16.58 -25.49 0.53
N THR E 379 -16.79 -26.80 0.53
CA THR E 379 -15.76 -27.69 0.06
C THR E 379 -15.43 -27.37 -1.37
N VAL E 380 -16.44 -27.13 -2.20
CA VAL E 380 -16.19 -26.84 -3.60
C VAL E 380 -15.87 -25.35 -3.79
N SER E 381 -16.33 -24.52 -2.87
CA SER E 381 -16.02 -23.09 -2.91
C SER E 381 -14.52 -23.00 -2.69
N TYR E 382 -14.00 -23.83 -1.77
CA TYR E 382 -12.58 -23.90 -1.46
C TYR E 382 -11.82 -24.32 -2.72
N PHE E 383 -12.38 -25.27 -3.48
CA PHE E 383 -11.69 -25.71 -4.68
C PHE E 383 -11.66 -24.53 -5.68
N GLU E 384 -12.73 -23.74 -5.71
CA GLU E 384 -12.80 -22.59 -6.63
C GLU E 384 -11.74 -21.55 -6.26
N TRP E 385 -11.68 -21.24 -4.97
CA TRP E 385 -10.75 -20.26 -4.43
C TRP E 385 -9.32 -20.70 -4.82
N LEU E 386 -9.08 -22.00 -4.69
CA LEU E 386 -7.80 -22.60 -5.01
C LEU E 386 -7.51 -22.45 -6.50
N LYS E 387 -8.54 -22.66 -7.32
CA LYS E 387 -8.40 -22.52 -8.75
C LYS E 387 -8.01 -21.08 -9.13
N ASN E 388 -8.63 -20.09 -8.49
CA ASN E 388 -8.32 -18.69 -8.78
C ASN E 388 -6.89 -18.36 -8.43
N LEU E 389 -6.41 -18.91 -7.32
CA LEU E 389 -5.03 -18.66 -6.88
C LEU E 389 -4.02 -19.33 -7.80
N ASN E 390 -4.39 -20.45 -8.42
CA ASN E 390 -3.47 -21.12 -9.32
C ASN E 390 -3.46 -20.64 -10.77
N HIS E 391 -4.45 -19.85 -11.14
CA HIS E 391 -4.50 -19.31 -12.50
C HIS E 391 -4.37 -20.27 -13.67
N VAL E 392 -4.78 -21.54 -13.48
CA VAL E 392 -4.77 -22.52 -14.57
C VAL E 392 -5.98 -23.44 -14.37
N SER E 393 -6.56 -23.94 -15.47
CA SER E 393 -7.67 -24.86 -15.31
C SER E 393 -7.01 -26.22 -15.14
N TYR E 394 -7.53 -27.01 -14.24
CA TYR E 394 -6.96 -28.30 -13.92
C TYR E 394 -6.61 -29.23 -15.09
N GLY E 395 -5.38 -29.73 -15.08
CA GLY E 395 -4.92 -30.64 -16.11
C GLY E 395 -4.46 -30.06 -17.43
N ARG E 396 -4.76 -28.78 -17.66
CA ARG E 396 -4.38 -28.11 -18.88
C ARG E 396 -2.92 -28.38 -19.28
N LEU E 397 -1.99 -28.27 -18.33
CA LEU E 397 -0.58 -28.46 -18.61
C LEU E 397 -0.14 -29.94 -18.71
N THR E 398 -1.00 -30.86 -18.28
CA THR E 398 -0.62 -32.27 -18.25
C THR E 398 -1.44 -33.31 -19.00
N PHE E 399 -2.57 -32.95 -19.58
CA PHE E 399 -3.39 -33.93 -20.28
C PHE E 399 -2.58 -34.77 -21.27
N LYS E 400 -1.88 -34.12 -22.18
CA LYS E 400 -1.11 -34.85 -23.17
C LYS E 400 0.03 -35.67 -22.56
N TYR E 401 0.78 -35.09 -21.65
CA TYR E 401 1.87 -35.81 -21.05
C TYR E 401 1.40 -37.10 -20.35
N GLU E 402 0.31 -37.01 -19.60
CA GLU E 402 -0.21 -38.17 -18.89
C GLU E 402 -0.74 -39.22 -19.85
N ARG E 403 -1.43 -38.76 -20.89
CA ARG E 403 -1.97 -39.66 -21.87
C ARG E 403 -0.87 -40.50 -22.49
N ASP E 404 0.18 -39.85 -22.98
CA ASP E 404 1.30 -40.56 -23.58
C ASP E 404 1.97 -41.50 -22.61
N SER E 405 2.14 -41.05 -21.37
CA SER E 405 2.76 -41.87 -20.34
C SER E 405 1.99 -43.15 -20.06
N ASN E 406 0.68 -43.04 -19.93
CA ASN E 406 -0.14 -44.20 -19.68
C ASN E 406 -0.06 -45.25 -20.81
N TYR E 407 0.02 -44.78 -22.05
CA TYR E 407 0.12 -45.71 -23.15
C TYR E 407 1.50 -46.36 -23.16
N HIS E 408 2.55 -45.60 -22.82
CA HIS E 408 3.89 -46.18 -22.77
C HIS E 408 4.02 -47.14 -21.59
N LEU E 409 3.24 -46.91 -20.53
CA LEU E 409 3.30 -47.76 -19.35
C LEU E 409 2.67 -49.10 -19.70
N LEU E 410 1.53 -49.03 -20.37
CA LEU E 410 0.80 -50.19 -20.81
C LEU E 410 1.64 -50.92 -21.84
N MET E 411 2.33 -50.15 -22.69
CA MET E 411 3.18 -50.75 -23.71
C MET E 411 4.32 -51.48 -23.02
N SER E 412 4.70 -51.01 -21.84
CA SER E 412 5.79 -51.65 -21.11
C SER E 412 5.41 -53.05 -20.64
N VAL E 413 4.17 -53.26 -20.19
CA VAL E 413 3.82 -54.60 -19.74
C VAL E 413 3.57 -55.46 -20.98
N GLN E 414 3.10 -54.84 -22.05
CA GLN E 414 2.83 -55.55 -23.30
C GLN E 414 4.11 -56.11 -23.90
N GLU E 415 5.12 -55.27 -24.02
CA GLU E 415 6.38 -55.72 -24.59
C GLU E 415 7.08 -56.71 -23.69
N SER E 416 6.98 -56.51 -22.38
CA SER E 416 7.61 -57.43 -21.43
C SER E 416 7.02 -58.82 -21.54
N LEU E 417 5.70 -58.90 -21.66
CA LEU E 417 5.02 -60.18 -21.79
C LEU E 417 5.28 -60.86 -23.14
N GLU E 418 5.24 -60.10 -24.23
CA GLU E 418 5.47 -60.65 -25.55
C GLU E 418 6.89 -61.17 -25.71
N ARG E 419 7.87 -60.47 -25.12
CA ARG E 419 9.26 -60.91 -25.22
C ARG E 419 9.47 -62.12 -24.34
N LYS E 420 8.69 -62.20 -23.27
CA LYS E 420 8.81 -63.32 -22.33
C LYS E 420 8.13 -64.58 -22.87
N PHE E 421 7.03 -64.40 -23.61
CA PHE E 421 6.29 -65.51 -24.19
C PHE E 421 6.55 -65.65 -25.72
N GLY E 422 7.54 -64.93 -26.23
CA GLY E 422 7.88 -64.99 -27.65
C GLY E 422 6.75 -65.06 -28.67
N LYS E 423 7.07 -65.64 -29.83
CA LYS E 423 6.08 -65.79 -30.91
C LYS E 423 5.12 -66.93 -30.62
N HIS E 424 5.37 -67.60 -29.50
CA HIS E 424 4.55 -68.71 -29.02
C HIS E 424 3.25 -68.11 -28.45
N GLY E 425 3.33 -66.87 -27.96
CA GLY E 425 2.17 -66.21 -27.39
C GLY E 425 1.55 -65.15 -28.28
N GLY E 426 2.23 -64.81 -29.37
CA GLY E 426 1.76 -63.79 -30.30
C GLY E 426 1.76 -62.41 -29.66
N THR E 427 0.95 -61.50 -30.19
CA THR E 427 0.85 -60.17 -29.61
C THR E 427 -0.10 -60.28 -28.42
N ILE E 428 0.25 -59.61 -27.33
CA ILE E 428 -0.56 -59.61 -26.12
C ILE E 428 -0.94 -58.14 -25.90
N PRO E 429 -2.00 -57.68 -26.58
CA PRO E 429 -2.45 -56.30 -26.46
C PRO E 429 -2.91 -55.91 -25.07
N ILE E 430 -2.29 -54.89 -24.50
CA ILE E 430 -2.63 -54.38 -23.19
C ILE E 430 -3.27 -53.06 -23.55
N VAL E 431 -4.58 -53.02 -23.42
CA VAL E 431 -5.39 -51.88 -23.79
C VAL E 431 -6.17 -51.32 -22.62
N PRO E 432 -6.49 -50.02 -22.64
CA PRO E 432 -7.25 -49.49 -21.48
C PRO E 432 -8.67 -50.06 -21.47
N THR E 433 -9.27 -50.20 -20.28
CA THR E 433 -10.66 -50.64 -20.19
C THR E 433 -11.43 -49.42 -20.69
N ALA E 434 -12.75 -49.52 -20.81
CA ALA E 434 -13.51 -48.37 -21.26
C ALA E 434 -13.39 -47.27 -20.20
N GLU E 435 -13.49 -47.69 -18.95
CA GLU E 435 -13.40 -46.80 -17.81
C GLU E 435 -12.07 -46.07 -17.75
N PHE E 436 -10.97 -46.81 -17.86
CA PHE E 436 -9.65 -46.19 -17.81
C PHE E 436 -9.41 -45.27 -19.01
N GLN E 437 -10.09 -45.57 -20.11
CA GLN E 437 -9.96 -44.76 -21.31
C GLN E 437 -10.44 -43.33 -21.02
N ASP E 438 -11.44 -43.23 -20.15
CA ASP E 438 -12.01 -41.95 -19.75
C ASP E 438 -11.07 -41.18 -18.83
N ARG E 439 -10.13 -41.88 -18.23
CA ARG E 439 -9.18 -41.28 -17.30
C ARG E 439 -7.75 -41.25 -17.82
N ILE E 440 -7.56 -41.71 -19.05
CA ILE E 440 -6.23 -41.81 -19.65
C ILE E 440 -5.38 -40.53 -19.64
N SER E 441 -6.03 -39.38 -19.68
CA SER E 441 -5.31 -38.11 -19.69
C SER E 441 -5.17 -37.47 -18.32
N GLY E 442 -5.77 -38.08 -17.31
CA GLY E 442 -5.70 -37.52 -15.96
C GLY E 442 -6.93 -36.69 -15.67
N ALA E 443 -7.01 -36.20 -14.42
CA ALA E 443 -8.16 -35.42 -13.97
C ALA E 443 -8.33 -34.03 -14.59
N SER E 444 -9.59 -33.64 -14.79
CA SER E 444 -9.94 -32.33 -15.34
C SER E 444 -10.54 -31.59 -14.13
N GLU E 445 -10.92 -30.33 -14.30
CA GLU E 445 -11.53 -29.54 -13.22
C GLU E 445 -12.72 -30.30 -12.64
N LYS E 446 -13.54 -30.83 -13.54
CA LYS E 446 -14.73 -31.58 -13.15
C LYS E 446 -14.38 -32.83 -12.37
N ASP E 447 -13.32 -33.53 -12.78
CA ASP E 447 -12.89 -34.74 -12.10
C ASP E 447 -12.52 -34.44 -10.65
N ILE E 448 -11.70 -33.41 -10.44
CA ILE E 448 -11.29 -33.04 -9.09
C ILE E 448 -12.46 -32.62 -8.20
N VAL E 449 -13.35 -31.84 -8.78
CA VAL E 449 -14.51 -31.37 -8.02
C VAL E 449 -15.36 -32.55 -7.59
N HIS E 450 -15.62 -33.47 -8.51
CA HIS E 450 -16.41 -34.65 -8.16
C HIS E 450 -15.66 -35.60 -7.21
N SER E 451 -14.45 -36.03 -7.55
CA SER E 451 -13.72 -36.96 -6.70
C SER E 451 -13.28 -36.33 -5.37
N GLY E 452 -12.96 -35.04 -5.42
CA GLY E 452 -12.54 -34.34 -4.22
C GLY E 452 -13.66 -34.19 -3.20
N LEU E 453 -14.86 -33.88 -3.67
CA LEU E 453 -15.99 -33.73 -2.75
C LEU E 453 -16.36 -35.09 -2.16
N ALA E 454 -16.40 -36.12 -3.01
CA ALA E 454 -16.73 -37.47 -2.56
C ALA E 454 -15.75 -37.92 -1.50
N TYR E 455 -14.47 -37.66 -1.75
CA TYR E 455 -13.41 -38.01 -0.83
C TYR E 455 -13.64 -37.32 0.50
N THR E 456 -13.94 -36.03 0.43
CA THR E 456 -14.17 -35.22 1.62
C THR E 456 -15.39 -35.68 2.42
N MET E 457 -16.53 -35.84 1.75
CA MET E 457 -17.75 -36.27 2.45
C MET E 457 -17.58 -37.65 3.11
N GLU E 458 -16.89 -38.56 2.42
CA GLU E 458 -16.65 -39.90 2.95
C GLU E 458 -15.66 -39.87 4.13
N ARG E 459 -14.59 -39.11 3.99
CA ARG E 459 -13.60 -39.02 5.06
C ARG E 459 -14.21 -38.41 6.33
N SER E 460 -15.01 -37.35 6.18
CA SER E 460 -15.64 -36.72 7.33
C SER E 460 -16.71 -37.64 7.91
N ALA E 461 -17.38 -38.41 7.04
CA ALA E 461 -18.41 -39.33 7.52
C ALA E 461 -17.78 -40.37 8.46
N ARG E 462 -16.59 -40.85 8.11
CA ARG E 462 -15.88 -41.84 8.92
C ARG E 462 -15.50 -41.28 10.28
N GLN E 463 -14.97 -40.07 10.29
CA GLN E 463 -14.55 -39.45 11.53
C GLN E 463 -15.75 -39.24 12.45
N ILE E 464 -16.90 -38.93 11.88
CA ILE E 464 -18.10 -38.72 12.67
C ILE E 464 -18.56 -40.06 13.21
N MET E 465 -18.48 -41.10 12.39
CA MET E 465 -18.85 -42.44 12.82
C MET E 465 -17.90 -42.93 13.92
N ARG E 466 -16.60 -42.77 13.71
CA ARG E 466 -15.60 -43.20 14.69
C ARG E 466 -15.77 -42.49 16.04
N THR E 467 -16.17 -41.23 16.00
CA THR E 467 -16.33 -40.48 17.24
C THR E 467 -17.63 -40.85 17.96
N ALA E 468 -18.69 -41.10 17.19
CA ALA E 468 -19.96 -41.49 17.79
C ALA E 468 -19.79 -42.84 18.49
N MET E 469 -18.86 -43.67 18.01
CA MET E 469 -18.59 -44.98 18.63
C MET E 469 -17.88 -44.74 19.94
N LYS E 470 -16.71 -44.12 19.84
CA LYS E 470 -15.87 -43.85 20.99
C LYS E 470 -16.60 -43.20 22.15
N TYR E 471 -17.69 -42.49 21.88
CA TYR E 471 -18.44 -41.83 22.94
C TYR E 471 -19.86 -42.34 23.09
N ASN E 472 -20.15 -43.44 22.41
CA ASN E 472 -21.47 -44.05 22.47
C ASN E 472 -22.55 -43.00 22.31
N LEU E 473 -22.62 -42.40 21.14
CA LEU E 473 -23.60 -41.35 20.90
C LEU E 473 -24.79 -41.85 20.09
N GLY E 474 -24.82 -43.14 19.77
CA GLY E 474 -25.94 -43.67 19.02
C GLY E 474 -26.28 -42.93 17.74
N LEU E 475 -27.47 -42.34 17.66
CA LEU E 475 -27.88 -41.61 16.48
C LEU E 475 -27.67 -40.10 16.67
N ASP E 476 -26.89 -39.73 17.68
CA ASP E 476 -26.62 -38.33 17.97
C ASP E 476 -25.39 -37.89 17.16
N LEU E 477 -25.47 -38.03 15.83
CA LEU E 477 -24.38 -37.65 14.96
C LEU E 477 -23.98 -36.17 15.12
N ARG E 478 -24.95 -35.31 15.49
CA ARG E 478 -24.66 -33.88 15.66
C ARG E 478 -23.62 -33.66 16.75
N THR E 479 -23.79 -34.31 17.90
CA THR E 479 -22.83 -34.15 18.98
C THR E 479 -21.47 -34.69 18.55
N ALA E 480 -21.46 -35.78 17.80
CA ALA E 480 -20.21 -36.38 17.31
C ALA E 480 -19.48 -35.38 16.42
N ALA E 481 -20.25 -34.74 15.54
CA ALA E 481 -19.73 -33.73 14.63
C ALA E 481 -19.06 -32.55 15.35
N TYR E 482 -19.77 -31.94 16.31
CA TYR E 482 -19.20 -30.82 17.06
C TYR E 482 -17.94 -31.20 17.80
N VAL E 483 -17.90 -32.44 18.28
CA VAL E 483 -16.72 -32.94 18.99
C VAL E 483 -15.53 -32.88 18.04
N ASN E 484 -15.73 -33.34 16.82
CA ASN E 484 -14.70 -33.31 15.80
C ASN E 484 -14.26 -31.87 15.50
N ALA E 485 -15.22 -30.97 15.25
CA ALA E 485 -14.91 -29.57 14.94
C ALA E 485 -14.13 -28.90 16.06
N ILE E 486 -14.57 -29.16 17.30
CA ILE E 486 -13.92 -28.58 18.46
C ILE E 486 -12.49 -29.08 18.61
N GLU E 487 -12.31 -30.37 18.41
CA GLU E 487 -10.99 -30.97 18.52
C GLU E 487 -10.04 -30.24 17.59
N LYS E 488 -10.48 -30.00 16.36
CA LYS E 488 -9.68 -29.33 15.37
C LYS E 488 -9.40 -27.87 15.66
N VAL E 489 -10.43 -27.11 16.00
CA VAL E 489 -10.23 -25.69 16.26
C VAL E 489 -9.34 -25.52 17.50
N PHE E 490 -9.51 -26.38 18.49
CA PHE E 490 -8.72 -26.30 19.72
C PHE E 490 -7.26 -26.68 19.50
N ARG E 491 -7.00 -27.48 18.48
CA ARG E 491 -5.63 -27.87 18.19
C ARG E 491 -4.87 -26.59 17.86
N VAL E 492 -5.47 -25.79 16.97
CA VAL E 492 -4.90 -24.54 16.54
C VAL E 492 -4.58 -23.62 17.70
N TYR E 493 -5.47 -23.57 18.69
CA TYR E 493 -5.25 -22.75 19.87
C TYR E 493 -4.26 -23.43 20.83
N ASN E 494 -4.10 -24.75 20.68
CA ASN E 494 -3.20 -25.49 21.58
C ASN E 494 -1.73 -25.00 21.53
N GLU E 495 -1.07 -25.09 20.38
CA GLU E 495 0.31 -24.60 20.28
C GLU E 495 0.08 -23.08 20.26
N ALA E 496 -0.80 -22.68 19.33
CA ALA E 496 -1.23 -21.29 19.11
C ALA E 496 -0.14 -20.24 18.96
N GLY E 497 -0.55 -19.06 18.49
CA GLY E 497 0.38 -17.96 18.30
C GLY E 497 1.05 -17.62 19.62
N VAL E 498 0.33 -17.78 20.72
CA VAL E 498 0.91 -17.51 22.04
C VAL E 498 1.73 -18.79 22.37
N THR E 499 1.94 -19.06 23.66
CA THR E 499 2.61 -20.29 24.15
C THR E 499 2.33 -20.12 25.61
N PHE E 500 1.93 -21.18 26.26
CA PHE E 500 1.59 -21.02 27.65
C PHE E 500 2.48 -21.91 28.49
N THR E 501 2.81 -23.06 27.91
CA THR E 501 3.68 -24.05 28.51
C THR E 501 3.92 -23.91 30.02
N ALA F 1 44.33 12.84 12.55
CA ALA F 1 45.49 13.19 13.44
C ALA F 1 45.61 12.34 14.71
N ASP F 2 46.46 12.81 15.61
CA ASP F 2 46.71 12.17 16.91
C ASP F 2 47.23 10.72 16.81
N ARG F 3 47.55 10.14 17.98
CA ARG F 3 48.05 8.77 18.11
C ARG F 3 47.38 8.12 19.33
N GLU F 4 47.50 8.77 20.49
CA GLU F 4 46.89 8.26 21.73
C GLU F 4 45.89 9.18 22.40
N ASP F 5 44.83 9.44 21.66
CA ASP F 5 43.69 10.24 22.07
C ASP F 5 42.83 10.11 20.84
N ASP F 6 42.50 8.86 20.55
CA ASP F 6 41.64 8.50 19.44
C ASP F 6 40.56 7.69 20.03
N PRO F 7 39.79 8.27 20.96
CA PRO F 7 38.78 7.37 21.49
C PRO F 7 37.70 6.99 20.46
N ASN F 8 36.94 5.94 20.75
CA ASN F 8 35.86 5.57 19.84
C ASN F 8 34.94 6.79 19.80
N PHE F 9 34.67 7.33 18.61
CA PHE F 9 33.81 8.52 18.46
C PHE F 9 32.50 8.25 19.20
N PHE F 10 31.99 7.02 19.10
CA PHE F 10 30.73 6.65 19.75
C PHE F 10 30.81 6.64 21.27
N LYS F 11 31.85 6.00 21.82
CA LYS F 11 32.01 5.95 23.27
C LYS F 11 32.29 7.36 23.78
N MET F 12 33.01 8.12 22.98
CA MET F 12 33.36 9.49 23.30
C MET F 12 32.08 10.30 23.57
N VAL F 13 31.14 10.21 22.63
CA VAL F 13 29.87 10.92 22.76
C VAL F 13 29.10 10.31 23.93
N GLU F 14 29.14 9.00 24.06
CA GLU F 14 28.46 8.31 25.15
C GLU F 14 28.99 8.82 26.50
N GLY F 15 30.21 9.31 26.47
CA GLY F 15 30.82 9.83 27.68
C GLY F 15 30.20 11.18 28.00
N PHE F 16 30.14 12.06 27.00
CA PHE F 16 29.54 13.37 27.19
C PHE F 16 28.14 13.19 27.78
N PHE F 17 27.38 12.27 27.19
CA PHE F 17 26.03 11.97 27.65
C PHE F 17 26.06 11.62 29.14
N ASP F 18 26.90 10.66 29.50
CA ASP F 18 27.03 10.24 30.90
C ASP F 18 27.39 11.38 31.84
N ARG F 19 28.28 12.24 31.37
CA ARG F 19 28.74 13.37 32.14
C ARG F 19 27.52 14.20 32.50
N GLY F 20 26.68 14.44 31.50
CA GLY F 20 25.50 15.24 31.74
C GLY F 20 24.44 14.48 32.49
N ALA F 21 24.33 13.19 32.20
CA ALA F 21 23.32 12.36 32.86
C ALA F 21 23.49 12.31 34.38
N SER F 22 24.73 12.25 34.85
CA SER F 22 24.95 12.20 36.30
C SER F 22 24.56 13.52 36.93
N ILE F 23 24.77 14.63 36.21
CA ILE F 23 24.43 15.95 36.73
C ILE F 23 22.91 16.14 36.90
N VAL F 24 22.10 15.68 35.94
CA VAL F 24 20.64 15.83 36.01
C VAL F 24 19.88 14.66 36.63
N GLU F 25 20.57 13.56 36.93
CA GLU F 25 19.90 12.37 37.47
C GLU F 25 18.96 12.68 38.64
N ASP F 26 19.38 13.61 39.49
CA ASP F 26 18.56 13.99 40.63
C ASP F 26 17.27 14.63 40.21
N LYS F 27 17.35 15.59 39.28
CA LYS F 27 16.15 16.25 38.80
C LYS F 27 15.26 15.28 38.02
N LEU F 28 15.85 14.27 37.39
CA LEU F 28 15.01 13.33 36.65
C LEU F 28 14.22 12.45 37.63
N VAL F 29 14.77 12.24 38.82
CA VAL F 29 14.06 11.43 39.81
C VAL F 29 13.09 12.35 40.52
N GLU F 30 13.47 13.62 40.57
CA GLU F 30 12.68 14.69 41.18
C GLU F 30 11.28 14.71 40.56
N ASP F 31 11.20 15.25 39.35
CA ASP F 31 9.92 15.32 38.64
C ASP F 31 9.56 14.03 37.92
N LEU F 32 9.83 12.88 38.55
CA LEU F 32 9.49 11.62 37.92
C LEU F 32 8.07 11.24 38.34
N LYS F 33 7.25 10.85 37.35
CA LYS F 33 5.84 10.48 37.59
C LYS F 33 5.58 9.12 38.24
N THR F 34 6.58 8.51 38.88
CA THR F 34 6.34 7.23 39.53
C THR F 34 5.52 7.47 40.79
N ARG F 35 4.66 6.53 41.11
CA ARG F 35 3.81 6.59 42.29
C ARG F 35 4.66 6.05 43.45
N GLU F 36 5.28 4.90 43.21
CA GLU F 36 6.11 4.22 44.20
C GLU F 36 7.48 4.85 44.42
N THR F 37 7.48 6.14 44.78
CA THR F 37 8.73 6.87 45.02
C THR F 37 9.63 6.24 46.08
N GLU F 38 10.73 5.61 45.66
CA GLU F 38 11.66 4.99 46.61
C GLU F 38 13.02 4.58 46.01
N GLU F 39 13.64 5.51 45.28
CA GLU F 39 14.93 5.27 44.64
C GLU F 39 14.88 4.12 43.60
N GLN F 40 13.73 3.47 43.46
CA GLN F 40 13.60 2.46 42.42
C GLN F 40 13.29 3.38 41.25
N LYS F 41 12.87 4.59 41.61
CA LYS F 41 12.57 5.66 40.68
C LYS F 41 13.92 6.00 40.07
N ARG F 42 14.92 6.08 40.94
CA ARG F 42 16.25 6.39 40.49
C ARG F 42 16.69 5.33 39.48
N ASN F 43 16.26 4.10 39.69
CA ASN F 43 16.60 2.98 38.80
C ASN F 43 15.81 3.02 37.51
N ARG F 44 14.58 3.52 37.58
CA ARG F 44 13.73 3.60 36.39
C ARG F 44 14.31 4.70 35.48
N VAL F 45 14.91 5.72 36.08
CA VAL F 45 15.54 6.83 35.35
C VAL F 45 16.74 6.27 34.60
N ARG F 46 17.51 5.44 35.31
CA ARG F 46 18.70 4.83 34.75
C ARG F 46 18.30 3.89 33.62
N GLY F 47 17.18 3.19 33.82
CA GLY F 47 16.68 2.27 32.81
C GLY F 47 16.37 3.02 31.52
N ILE F 48 15.78 4.21 31.66
CA ILE F 48 15.44 5.02 30.50
C ILE F 48 16.73 5.55 29.84
N LEU F 49 17.70 6.01 30.62
CA LEU F 49 18.93 6.52 30.05
C LEU F 49 19.69 5.45 29.27
N ARG F 50 19.54 4.20 29.69
CA ARG F 50 20.22 3.11 29.00
C ARG F 50 19.53 2.80 27.68
N ILE F 51 18.29 3.27 27.53
CA ILE F 51 17.56 3.04 26.29
C ILE F 51 17.97 4.09 25.26
N ILE F 52 18.11 5.31 25.74
CA ILE F 52 18.46 6.42 24.89
C ILE F 52 19.85 6.36 24.28
N LYS F 53 20.84 5.96 25.07
CA LYS F 53 22.20 5.92 24.58
C LYS F 53 22.52 5.16 23.30
N PRO F 54 22.13 3.88 23.21
CA PRO F 54 22.45 3.16 21.98
C PRO F 54 21.53 3.45 20.81
N CYS F 55 22.07 3.26 19.62
CA CYS F 55 21.32 3.43 18.39
C CYS F 55 20.31 2.31 18.29
N ASN F 56 19.10 2.63 17.85
CA ASN F 56 18.08 1.61 17.70
C ASN F 56 18.34 0.75 16.45
N HIS F 57 18.74 1.39 15.36
CA HIS F 57 18.99 0.66 14.12
C HIS F 57 20.24 1.10 13.38
N VAL F 58 20.90 0.13 12.78
CA VAL F 58 22.06 0.46 11.97
C VAL F 58 21.99 -0.46 10.77
N LEU F 59 21.93 0.15 9.60
CA LEU F 59 21.89 -0.61 8.36
C LEU F 59 23.25 -0.50 7.68
N SER F 60 23.88 -1.64 7.40
CA SER F 60 25.17 -1.69 6.71
C SER F 60 24.90 -2.21 5.30
N LEU F 61 25.40 -1.50 4.31
CA LEU F 61 25.19 -1.93 2.93
C LEU F 61 26.47 -2.18 2.16
N SER F 62 26.36 -3.09 1.21
CA SER F 62 27.47 -3.41 0.34
C SER F 62 26.78 -3.58 -1.01
N PHE F 63 27.01 -2.65 -1.92
CA PHE F 63 26.37 -2.72 -3.23
C PHE F 63 27.30 -2.48 -4.40
N PRO F 64 27.01 -3.09 -5.57
CA PRO F 64 27.90 -2.86 -6.70
C PRO F 64 27.52 -1.70 -7.63
N ILE F 65 28.53 -1.01 -8.16
CA ILE F 65 28.29 0.06 -9.13
C ILE F 65 29.23 -0.21 -10.30
N ARG F 66 28.83 0.23 -11.48
CA ARG F 66 29.63 0.04 -12.68
C ARG F 66 30.40 1.32 -12.96
N ARG F 67 31.73 1.23 -12.97
CA ARG F 67 32.58 2.39 -13.24
C ARG F 67 32.45 2.82 -14.69
N ASP F 68 32.90 4.04 -14.97
CA ASP F 68 32.85 4.53 -16.34
C ASP F 68 33.76 3.71 -17.26
N ASP F 69 34.70 2.95 -16.68
CA ASP F 69 35.60 2.13 -17.48
C ASP F 69 34.91 0.83 -17.89
N GLY F 70 33.95 0.37 -17.06
CA GLY F 70 33.23 -0.85 -17.34
C GLY F 70 33.26 -1.87 -16.22
N SER F 71 34.29 -1.77 -15.38
CA SER F 71 34.46 -2.69 -14.27
C SER F 71 33.45 -2.48 -13.13
N TRP F 72 33.17 -3.55 -12.39
CA TRP F 72 32.26 -3.45 -11.25
C TRP F 72 33.07 -3.18 -10.00
N GLU F 73 32.51 -2.38 -9.12
CA GLU F 73 33.17 -2.04 -7.87
C GLU F 73 32.14 -2.10 -6.73
N VAL F 74 32.49 -2.82 -5.68
CA VAL F 74 31.62 -2.94 -4.53
C VAL F 74 31.88 -1.77 -3.61
N ILE F 75 30.83 -1.07 -3.23
CA ILE F 75 31.00 0.06 -2.34
C ILE F 75 30.16 -0.13 -1.08
N GLU F 76 30.72 0.31 0.04
CA GLU F 76 30.07 0.16 1.34
C GLU F 76 29.45 1.46 1.85
N GLY F 77 28.33 1.32 2.54
CA GLY F 77 27.64 2.48 3.09
C GLY F 77 26.93 2.10 4.36
N TYR F 78 26.60 3.10 5.17
CA TYR F 78 25.92 2.85 6.41
C TYR F 78 24.89 3.94 6.68
N ARG F 79 23.85 3.60 7.44
CA ARG F 79 22.84 4.55 7.84
C ARG F 79 22.42 4.15 9.24
N ALA F 80 22.75 4.99 10.22
CA ALA F 80 22.33 4.66 11.57
C ALA F 80 21.16 5.54 12.01
N GLN F 81 20.17 4.93 12.64
CA GLN F 81 19.05 5.68 13.18
C GLN F 81 19.17 5.49 14.68
N HIS F 82 19.61 6.55 15.36
CA HIS F 82 19.83 6.55 16.80
C HIS F 82 18.57 6.51 17.66
N SER F 83 17.60 7.37 17.34
CA SER F 83 16.36 7.43 18.11
C SER F 83 15.14 7.70 17.26
N GLN F 84 14.00 7.19 17.74
CA GLN F 84 12.73 7.38 17.05
C GLN F 84 11.68 7.92 18.03
N HIS F 85 12.14 8.60 19.07
CA HIS F 85 11.24 9.17 20.07
C HIS F 85 10.49 10.33 19.40
N ARG F 86 11.01 10.74 18.26
CA ARG F 86 10.40 11.78 17.41
C ARG F 86 10.44 11.12 16.04
N THR F 87 9.25 10.88 15.50
CA THR F 87 9.05 10.16 14.25
C THR F 87 9.97 10.37 13.08
N PRO F 88 9.99 11.58 12.48
CA PRO F 88 10.96 11.53 11.36
C PRO F 88 12.40 11.60 11.86
N CYS F 89 13.19 10.58 11.58
CA CYS F 89 14.59 10.59 11.95
C CYS F 89 15.23 11.63 11.02
N LYS F 90 16.31 12.27 11.48
CA LYS F 90 16.94 13.30 10.67
C LYS F 90 18.45 13.19 10.76
N GLY F 91 19.13 13.39 9.64
CA GLY F 91 20.59 13.30 9.62
C GLY F 91 21.19 13.31 8.22
N GLY F 92 22.37 13.91 8.09
CA GLY F 92 23.04 14.01 6.80
C GLY F 92 23.77 12.79 6.30
N ILE F 93 24.36 12.92 5.11
CA ILE F 93 25.11 11.84 4.50
C ILE F 93 26.55 12.27 4.22
N ARG F 94 27.50 11.51 4.75
CA ARG F 94 28.90 11.84 4.56
C ARG F 94 29.58 10.90 3.56
N TYR F 95 30.33 11.46 2.61
CA TYR F 95 31.11 10.70 1.62
C TYR F 95 32.58 10.86 1.94
N SER F 96 33.17 9.85 2.56
CA SER F 96 34.59 9.88 2.91
C SER F 96 35.10 8.50 3.33
N THR F 97 36.39 8.25 3.11
CA THR F 97 37.02 6.98 3.44
C THR F 97 37.09 6.72 4.95
N ASP F 98 36.73 7.73 5.73
CA ASP F 98 36.73 7.62 7.19
C ASP F 98 35.42 7.07 7.77
N VAL F 99 34.36 6.97 6.97
CA VAL F 99 33.12 6.45 7.54
C VAL F 99 33.24 5.00 7.92
N SER F 100 32.57 4.66 9.01
CA SER F 100 32.53 3.31 9.55
C SER F 100 31.28 3.26 10.40
N VAL F 101 30.94 2.07 10.89
CA VAL F 101 29.77 1.92 11.73
C VAL F 101 29.84 2.82 12.96
N ASP F 102 30.96 2.79 13.67
CA ASP F 102 31.09 3.60 14.89
C ASP F 102 31.01 5.11 14.68
N GLU F 103 31.52 5.60 13.56
CA GLU F 103 31.47 7.02 13.26
C GLU F 103 30.03 7.45 12.94
N VAL F 104 29.36 6.64 12.14
CA VAL F 104 28.00 6.93 11.76
C VAL F 104 27.06 6.90 12.96
N LYS F 105 27.32 5.99 13.90
CA LYS F 105 26.48 5.91 15.10
C LYS F 105 26.75 7.06 16.07
N ALA F 106 28.00 7.50 16.16
CA ALA F 106 28.32 8.60 17.04
C ALA F 106 27.63 9.86 16.53
N LEU F 107 27.76 10.06 15.22
CA LEU F 107 27.17 11.19 14.52
C LEU F 107 25.63 11.13 14.59
N ALA F 108 25.08 9.93 14.48
CA ALA F 108 23.64 9.76 14.55
C ALA F 108 23.15 10.19 15.93
N SER F 109 23.86 9.77 16.98
CA SER F 109 23.47 10.14 18.33
C SER F 109 23.65 11.64 18.58
N LEU F 110 24.63 12.26 17.93
CA LEU F 110 24.83 13.69 18.09
C LEU F 110 23.62 14.43 17.51
N MET F 111 23.04 13.85 16.46
CA MET F 111 21.89 14.44 15.82
C MET F 111 20.67 14.54 16.73
N THR F 112 20.35 13.47 17.46
CA THR F 112 19.19 13.54 18.34
C THR F 112 19.39 14.55 19.47
N TYR F 113 20.58 14.56 20.08
CA TYR F 113 20.88 15.50 21.17
C TYR F 113 20.89 16.95 20.70
N LYS F 114 21.42 17.18 19.49
CA LYS F 114 21.46 18.53 18.94
C LYS F 114 20.03 18.97 18.60
N CYS F 115 19.23 18.07 18.02
CA CYS F 115 17.86 18.41 17.68
C CYS F 115 17.12 18.73 18.98
N ALA F 116 17.38 17.97 20.02
CA ALA F 116 16.75 18.21 21.29
C ALA F 116 17.16 19.58 21.87
N VAL F 117 18.44 19.90 21.81
CA VAL F 117 18.92 21.17 22.31
C VAL F 117 18.22 22.35 21.65
N VAL F 118 18.06 22.25 20.34
CA VAL F 118 17.50 23.32 19.55
C VAL F 118 15.97 23.21 19.22
N ASP F 119 15.31 22.27 19.89
CA ASP F 119 13.86 22.00 19.75
C ASP F 119 13.31 21.67 18.35
N VAL F 120 14.02 20.82 17.63
CA VAL F 120 13.61 20.36 16.31
C VAL F 120 13.04 18.98 16.62
N PRO F 121 11.77 18.74 16.22
CA PRO F 121 11.12 17.44 16.48
C PRO F 121 11.57 16.24 15.65
N PHE F 122 12.86 15.94 15.68
CA PHE F 122 13.42 14.84 14.90
C PHE F 122 14.30 13.91 15.72
N GLY F 123 14.22 12.60 15.42
CA GLY F 123 15.10 11.66 16.07
C GLY F 123 16.37 11.73 15.23
N GLY F 124 17.53 11.47 15.82
CA GLY F 124 18.78 11.55 15.07
C GLY F 124 19.13 10.36 14.20
N ALA F 125 19.75 10.64 13.07
CA ALA F 125 20.16 9.61 12.12
C ALA F 125 21.39 10.14 11.39
N LYS F 126 22.10 9.26 10.69
CA LYS F 126 23.30 9.66 9.97
C LYS F 126 23.75 8.54 9.01
N ALA F 127 24.18 8.94 7.82
CA ALA F 127 24.65 8.00 6.81
C ALA F 127 26.06 8.37 6.35
N GLY F 128 26.76 7.37 5.87
CA GLY F 128 28.10 7.56 5.36
C GLY F 128 28.37 6.53 4.28
N VAL F 129 28.98 6.98 3.18
CA VAL F 129 29.34 6.08 2.10
C VAL F 129 30.86 6.13 2.09
N LYS F 130 31.51 4.98 2.27
CA LYS F 130 32.96 4.89 2.34
C LYS F 130 33.72 4.99 1.01
N ILE F 131 33.80 6.18 0.46
CA ILE F 131 34.51 6.40 -0.79
C ILE F 131 35.19 7.75 -0.66
N ASN F 132 36.05 8.07 -1.62
CA ASN F 132 36.71 9.36 -1.64
C ASN F 132 36.14 10.00 -2.90
N PRO F 133 35.20 10.94 -2.72
CA PRO F 133 34.58 11.63 -3.85
C PRO F 133 35.52 12.07 -4.98
N LYS F 134 36.69 12.61 -4.62
CA LYS F 134 37.65 13.08 -5.61
C LYS F 134 38.06 12.04 -6.64
N ASN F 135 38.04 10.78 -6.25
CA ASN F 135 38.43 9.69 -7.13
C ASN F 135 37.27 9.13 -7.95
N TYR F 136 36.21 9.92 -8.12
CA TYR F 136 35.07 9.45 -8.90
C TYR F 136 34.53 10.53 -9.83
N THR F 137 34.05 10.12 -11.00
CA THR F 137 33.47 11.06 -11.92
C THR F 137 32.11 11.46 -11.38
N ASP F 138 31.52 12.51 -11.94
CA ASP F 138 30.22 12.95 -11.49
C ASP F 138 29.18 11.88 -11.85
N ASN F 139 29.37 11.26 -13.01
CA ASN F 139 28.47 10.20 -13.49
C ASN F 139 28.48 9.06 -12.48
N GLU F 140 29.66 8.71 -11.97
CA GLU F 140 29.77 7.62 -11.01
C GLU F 140 29.18 8.01 -9.65
N LEU F 141 29.40 9.24 -9.19
CA LEU F 141 28.87 9.65 -7.91
C LEU F 141 27.34 9.59 -7.93
N GLU F 142 26.75 9.96 -9.06
CA GLU F 142 25.29 9.89 -9.19
C GLU F 142 24.79 8.44 -9.05
N LYS F 143 25.44 7.51 -9.75
CA LYS F 143 25.05 6.11 -9.68
C LYS F 143 25.09 5.68 -8.23
N ILE F 144 26.16 6.11 -7.56
CA ILE F 144 26.36 5.80 -6.17
C ILE F 144 25.29 6.38 -5.25
N THR F 145 25.00 7.67 -5.33
CA THR F 145 24.00 8.23 -4.45
C THR F 145 22.62 7.67 -4.76
N ARG F 146 22.28 7.56 -6.04
CA ARG F 146 20.97 7.03 -6.42
C ARG F 146 20.73 5.57 -5.99
N ARG F 147 21.76 4.74 -6.10
CA ARG F 147 21.65 3.33 -5.73
C ARG F 147 21.58 3.20 -4.21
N PHE F 148 22.31 4.07 -3.53
CA PHE F 148 22.34 4.10 -2.07
C PHE F 148 20.93 4.47 -1.59
N THR F 149 20.31 5.42 -2.29
CA THR F 149 18.98 5.87 -1.96
C THR F 149 17.96 4.73 -2.05
N MET F 150 18.02 3.97 -3.15
CA MET F 150 17.12 2.84 -3.35
C MET F 150 17.28 1.76 -2.30
N GLU F 151 18.51 1.49 -1.92
CA GLU F 151 18.77 0.49 -0.91
C GLU F 151 18.27 0.93 0.46
N LEU F 152 18.34 2.22 0.75
CA LEU F 152 17.86 2.71 2.03
C LEU F 152 16.33 2.73 2.02
N ALA F 153 15.75 3.16 0.89
CA ALA F 153 14.32 3.25 0.73
C ALA F 153 13.63 1.88 0.88
N LYS F 154 14.26 0.84 0.40
CA LYS F 154 13.66 -0.48 0.49
C LYS F 154 13.75 -1.07 1.89
N LYS F 155 14.62 -0.51 2.72
CA LYS F 155 14.77 -1.01 4.07
C LYS F 155 14.25 -0.03 5.12
N GLY F 156 13.55 0.98 4.65
CA GLY F 156 12.98 1.98 5.54
C GLY F 156 13.96 2.95 6.17
N PHE F 157 14.94 3.40 5.39
CA PHE F 157 15.91 4.35 5.89
C PHE F 157 15.88 5.72 5.22
N ILE F 158 14.76 5.99 4.57
CA ILE F 158 14.50 7.27 3.92
C ILE F 158 13.03 7.32 3.58
N GLY F 159 12.40 8.45 3.90
CA GLY F 159 10.98 8.64 3.66
C GLY F 159 10.59 9.92 4.40
N PRO F 160 9.63 10.71 3.89
CA PRO F 160 9.23 11.96 4.56
C PRO F 160 8.84 11.80 6.03
N GLY F 161 8.32 10.62 6.36
CA GLY F 161 7.92 10.39 7.74
C GLY F 161 8.76 9.40 8.51
N VAL F 162 9.73 8.76 7.86
CA VAL F 162 10.55 7.79 8.56
C VAL F 162 11.96 8.29 8.81
N ASP F 163 12.60 8.82 7.77
CA ASP F 163 13.98 9.27 7.89
C ASP F 163 14.33 10.22 6.76
N VAL F 164 14.72 11.43 7.12
CA VAL F 164 15.03 12.48 6.16
C VAL F 164 16.49 12.91 6.16
N PRO F 165 17.25 12.51 5.11
CA PRO F 165 18.68 12.87 5.01
C PRO F 165 18.94 14.33 4.66
N ALA F 166 20.22 14.68 4.56
CA ALA F 166 20.66 16.04 4.24
C ALA F 166 22.17 16.00 3.91
N PRO F 167 22.77 17.15 3.56
CA PRO F 167 24.21 17.11 3.26
C PRO F 167 25.10 16.97 4.48
N ASP F 168 26.39 16.70 4.23
CA ASP F 168 27.43 16.58 5.25
C ASP F 168 28.74 16.62 4.48
N MET F 169 29.76 15.92 4.95
CA MET F 169 31.05 15.93 4.27
C MET F 169 31.03 15.34 2.86
N SER F 170 31.45 16.19 1.94
CA SER F 170 31.54 15.89 0.51
C SER F 170 30.23 15.62 -0.22
N THR F 171 29.14 16.22 0.28
CA THR F 171 27.82 16.12 -0.33
C THR F 171 27.12 17.48 -0.22
N GLY F 172 26.20 17.77 -1.13
CA GLY F 172 25.51 19.04 -1.09
C GLY F 172 24.20 19.01 -1.86
N GLU F 173 23.81 20.17 -2.39
CA GLU F 173 22.59 20.32 -3.18
C GLU F 173 22.45 19.24 -4.23
N ARG F 174 23.54 18.98 -4.95
CA ARG F 174 23.57 18.02 -6.03
C ARG F 174 23.17 16.61 -5.62
N GLU F 175 23.81 16.07 -4.58
CA GLU F 175 23.48 14.73 -4.10
C GLU F 175 22.05 14.69 -3.56
N MET F 176 21.66 15.74 -2.83
CA MET F 176 20.33 15.81 -2.27
C MET F 176 19.29 15.77 -3.39
N SER F 177 19.68 16.31 -4.53
CA SER F 177 18.82 16.36 -5.70
C SER F 177 18.61 14.96 -6.29
N TRP F 178 19.72 14.23 -6.43
CA TRP F 178 19.66 12.87 -6.95
C TRP F 178 18.84 12.02 -5.99
N ILE F 179 19.06 12.20 -4.69
CA ILE F 179 18.34 11.45 -3.68
C ILE F 179 16.81 11.66 -3.78
N ALA F 180 16.38 12.91 -3.86
CA ALA F 180 14.98 13.24 -3.93
C ALA F 180 14.35 12.68 -5.20
N ASP F 181 15.04 12.90 -6.31
CA ASP F 181 14.55 12.42 -7.59
C ASP F 181 14.40 10.90 -7.62
N THR F 182 15.36 10.18 -7.05
CA THR F 182 15.29 8.72 -7.03
C THR F 182 14.11 8.26 -6.19
N TYR F 183 13.94 8.86 -5.01
CA TYR F 183 12.85 8.48 -4.13
C TYR F 183 11.51 8.82 -4.81
N ALA F 184 11.37 10.05 -5.28
CA ALA F 184 10.14 10.47 -5.93
C ALA F 184 9.81 9.69 -7.21
N SER F 185 10.83 9.33 -7.99
CA SER F 185 10.60 8.60 -9.23
C SER F 185 10.20 7.15 -9.02
N THR F 186 10.39 6.64 -7.81
CA THR F 186 10.06 5.25 -7.52
C THR F 186 9.07 5.05 -6.37
N ILE F 187 9.60 4.60 -5.24
CA ILE F 187 8.80 4.34 -4.06
C ILE F 187 7.79 5.44 -3.67
N GLY F 188 8.17 6.71 -3.80
CA GLY F 188 7.26 7.77 -3.45
C GLY F 188 6.54 8.47 -4.59
N HIS F 189 6.36 7.78 -5.72
CA HIS F 189 5.71 8.38 -6.88
C HIS F 189 4.26 8.80 -6.68
N TYR F 190 3.62 8.28 -5.64
CA TYR F 190 2.23 8.62 -5.34
C TYR F 190 2.14 9.53 -4.10
N ASP F 191 3.24 9.65 -3.36
CA ASP F 191 3.29 10.46 -2.13
C ASP F 191 3.27 11.97 -2.37
N ILE F 192 2.24 12.62 -1.85
CA ILE F 192 2.12 14.06 -1.98
C ILE F 192 3.28 14.77 -1.30
N ASN F 193 3.95 14.09 -0.37
CA ASN F 193 5.09 14.70 0.33
C ASN F 193 6.41 14.05 -0.05
N ALA F 194 6.45 13.41 -1.21
CA ALA F 194 7.66 12.71 -1.67
C ALA F 194 8.94 13.56 -1.62
N HIS F 195 8.82 14.85 -1.91
CA HIS F 195 10.01 15.70 -1.90
C HIS F 195 10.50 16.18 -0.54
N ALA F 196 9.79 15.77 0.51
CA ALA F 196 10.18 16.13 1.87
C ALA F 196 11.00 14.97 2.40
N CYS F 197 11.36 14.05 1.51
CA CYS F 197 12.15 12.87 1.90
C CYS F 197 13.62 13.22 2.19
N VAL F 198 14.07 14.40 1.77
CA VAL F 198 15.44 14.80 2.00
C VAL F 198 15.52 16.33 2.04
N THR F 199 16.44 16.88 2.83
CA THR F 199 16.61 18.34 2.89
C THR F 199 17.98 18.78 2.33
N GLY F 200 18.16 20.09 2.20
CA GLY F 200 19.39 20.61 1.63
C GLY F 200 19.31 20.54 0.12
N LYS F 201 18.08 20.41 -0.38
CA LYS F 201 17.81 20.33 -1.81
C LYS F 201 18.04 21.69 -2.45
N PRO F 202 18.23 21.72 -3.79
CA PRO F 202 18.45 23.01 -4.47
C PRO F 202 17.12 23.76 -4.34
N ILE F 203 17.17 25.07 -4.24
CA ILE F 203 15.93 25.84 -4.11
C ILE F 203 14.95 25.58 -5.24
N SER F 204 15.45 25.27 -6.43
CA SER F 204 14.58 24.99 -7.57
C SER F 204 13.88 23.62 -7.44
N GLN F 205 14.49 22.72 -6.68
CA GLN F 205 13.91 21.38 -6.49
C GLN F 205 13.15 21.27 -5.16
N GLY F 206 12.76 22.40 -4.59
CA GLY F 206 12.01 22.36 -3.34
C GLY F 206 12.85 22.68 -2.13
N GLY F 207 14.04 23.23 -2.37
CA GLY F 207 14.92 23.59 -1.29
C GLY F 207 14.51 24.90 -0.66
N ILE F 208 15.17 25.25 0.44
CA ILE F 208 14.81 26.47 1.11
C ILE F 208 15.92 27.52 1.13
N HIS F 209 15.49 28.77 1.11
CA HIS F 209 16.42 29.88 1.17
C HIS F 209 17.42 29.73 2.31
N GLY F 210 18.67 30.06 2.00
CA GLY F 210 19.75 30.02 2.96
C GLY F 210 20.05 28.73 3.69
N ARG F 211 19.70 27.59 3.10
CA ARG F 211 20.00 26.32 3.76
C ARG F 211 21.50 26.02 3.73
N ILE F 212 22.17 26.36 2.63
CA ILE F 212 23.60 26.14 2.49
C ILE F 212 24.41 26.95 3.52
N SER F 213 24.05 28.21 3.70
CA SER F 213 24.75 29.07 4.64
C SER F 213 24.15 29.02 6.05
N ALA F 214 23.12 28.20 6.24
CA ALA F 214 22.45 28.11 7.54
C ALA F 214 23.34 27.70 8.70
N THR F 215 24.28 26.79 8.45
CA THR F 215 25.14 26.32 9.51
C THR F 215 26.12 27.41 9.94
N GLY F 216 26.76 28.04 8.96
CA GLY F 216 27.71 29.10 9.26
C GLY F 216 27.00 30.24 9.96
N ARG F 217 25.77 30.49 9.53
CA ARG F 217 24.95 31.56 10.11
C ARG F 217 24.59 31.21 11.54
N GLY F 218 24.32 29.93 11.77
CA GLY F 218 24.00 29.49 13.11
C GLY F 218 25.25 29.58 13.95
N VAL F 219 26.41 29.33 13.34
CA VAL F 219 27.67 29.41 14.06
C VAL F 219 27.85 30.85 14.52
N PHE F 220 27.58 31.78 13.61
CA PHE F 220 27.68 33.19 13.93
C PHE F 220 26.77 33.53 15.12
N HIS F 221 25.51 33.08 15.08
CA HIS F 221 24.59 33.36 16.16
C HIS F 221 25.00 32.72 17.48
N GLY F 222 25.42 31.47 17.41
CA GLY F 222 25.82 30.77 18.61
C GLY F 222 26.93 31.53 19.29
N ILE F 223 27.90 31.98 18.50
CA ILE F 223 29.02 32.71 19.04
C ILE F 223 28.54 34.07 19.56
N GLU F 224 27.74 34.75 18.75
CA GLU F 224 27.20 36.06 19.11
C GLU F 224 26.53 36.06 20.48
N ASN F 225 25.77 35.01 20.76
CA ASN F 225 25.07 34.94 22.02
C ASN F 225 26.02 34.98 23.21
N PHE F 226 27.12 34.23 23.15
CA PHE F 226 28.07 34.21 24.25
C PHE F 226 29.07 35.37 24.22
N ILE F 227 29.44 35.82 23.03
CA ILE F 227 30.41 36.90 22.91
C ILE F 227 29.92 38.28 23.39
N ASN F 228 28.64 38.36 23.73
CA ASN F 228 28.03 39.61 24.24
C ASN F 228 27.53 39.46 25.68
N GLU F 229 27.98 38.43 26.39
CA GLU F 229 27.54 38.20 27.76
C GLU F 229 28.25 39.00 28.87
N ALA F 230 29.48 39.40 28.61
CA ALA F 230 30.28 40.17 29.58
C ALA F 230 30.67 39.24 30.73
N SER F 231 29.68 38.57 31.30
CA SER F 231 29.93 37.64 32.38
C SER F 231 30.91 36.58 31.89
N TYR F 232 30.57 35.91 30.80
CA TYR F 232 31.45 34.89 30.25
C TYR F 232 32.74 35.52 29.72
N MET F 233 32.60 36.56 28.92
CA MET F 233 33.74 37.26 28.32
C MET F 233 34.73 37.82 29.34
N SER F 234 34.27 38.09 30.56
CA SER F 234 35.17 38.60 31.59
C SER F 234 36.00 37.43 32.12
N ILE F 235 35.40 36.27 32.32
CA ILE F 235 36.14 35.11 32.79
C ILE F 235 37.25 34.79 31.78
N LEU F 236 36.98 35.08 30.51
CA LEU F 236 37.93 34.84 29.44
C LEU F 236 38.81 36.07 29.26
N GLY F 237 38.46 37.14 29.96
CA GLY F 237 39.22 38.37 29.86
C GLY F 237 39.22 38.90 28.46
N MET F 238 38.03 39.17 27.93
CA MET F 238 37.89 39.71 26.58
C MET F 238 36.79 40.74 26.67
N THR F 239 36.66 41.54 25.63
CA THR F 239 35.62 42.54 25.58
C THR F 239 34.52 41.96 24.72
N PRO F 240 33.26 42.28 25.02
CA PRO F 240 32.18 41.72 24.19
C PRO F 240 32.25 42.24 22.77
N GLY F 241 31.57 41.55 21.85
CA GLY F 241 31.55 41.98 20.47
C GLY F 241 32.58 41.32 19.58
N PHE F 242 32.41 41.46 18.26
CA PHE F 242 33.33 40.87 17.27
C PHE F 242 34.33 41.91 16.75
N GLY F 243 33.89 43.17 16.69
CA GLY F 243 34.70 44.28 16.21
C GLY F 243 36.23 44.27 16.36
N ASP F 244 36.72 43.76 17.48
CA ASP F 244 38.15 43.71 17.74
C ASP F 244 38.59 42.27 17.99
N LYS F 245 37.99 41.34 17.27
CA LYS F 245 38.31 39.93 17.45
C LYS F 245 38.89 39.30 16.19
N THR F 246 39.83 38.38 16.37
CA THR F 246 40.44 37.66 15.27
C THR F 246 39.99 36.21 15.41
N PHE F 247 39.92 35.52 14.29
CA PHE F 247 39.52 34.12 14.33
C PHE F 247 40.17 33.38 13.17
N ALA F 248 40.26 32.06 13.31
CA ALA F 248 40.84 31.21 12.30
C ALA F 248 39.90 30.02 12.19
N VAL F 249 39.62 29.60 10.96
CA VAL F 249 38.72 28.50 10.77
C VAL F 249 39.39 27.33 10.08
N GLN F 250 39.21 26.14 10.65
CA GLN F 250 39.77 24.95 10.02
C GLN F 250 38.65 24.31 9.20
N GLY F 251 38.68 24.56 7.90
CA GLY F 251 37.67 24.02 7.02
C GLY F 251 37.13 25.17 6.21
N PHE F 252 37.14 25.04 4.89
CA PHE F 252 36.65 26.08 4.00
C PHE F 252 35.51 25.58 3.14
N GLY F 253 34.70 24.69 3.70
CA GLY F 253 33.57 24.17 2.96
C GLY F 253 32.28 24.86 3.32
N ASN F 254 31.18 24.14 3.21
CA ASN F 254 29.86 24.71 3.52
C ASN F 254 29.78 25.38 4.88
N VAL F 255 30.35 24.77 5.92
CA VAL F 255 30.32 25.39 7.24
C VAL F 255 31.35 26.49 7.43
N GLY F 256 32.63 26.17 7.19
CA GLY F 256 33.71 27.13 7.35
C GLY F 256 33.61 28.40 6.53
N LEU F 257 33.38 28.26 5.23
CA LEU F 257 33.28 29.42 4.34
C LEU F 257 32.27 30.41 4.85
N HIS F 258 31.07 29.92 5.13
CA HIS F 258 29.99 30.78 5.59
C HIS F 258 30.15 31.30 7.00
N SER F 259 30.79 30.51 7.87
CA SER F 259 31.02 30.97 9.23
C SER F 259 31.94 32.17 9.05
N MET F 260 32.92 32.01 8.18
CA MET F 260 33.88 33.06 7.90
C MET F 260 33.18 34.27 7.31
N ARG F 261 32.31 34.06 6.33
CA ARG F 261 31.58 35.19 5.72
C ARG F 261 30.83 36.02 6.76
N TYR F 262 30.12 35.33 7.65
CA TYR F 262 29.33 36.02 8.66
C TYR F 262 30.11 36.74 9.74
N LEU F 263 31.14 36.14 10.29
CA LEU F 263 31.91 36.80 11.35
C LEU F 263 32.58 38.05 10.78
N HIS F 264 33.06 37.93 9.55
CA HIS F 264 33.71 39.02 8.86
C HIS F 264 32.74 40.17 8.65
N ARG F 265 31.47 39.83 8.47
CA ARG F 265 30.45 40.84 8.25
C ARG F 265 30.29 41.69 9.49
N PHE F 266 30.49 41.09 10.65
CA PHE F 266 30.33 41.86 11.88
C PHE F 266 31.64 42.35 12.49
N GLY F 267 32.58 42.73 11.62
CA GLY F 267 33.83 43.28 12.10
C GLY F 267 34.97 42.35 12.45
N ALA F 268 34.70 41.12 12.86
CA ALA F 268 35.78 40.21 13.20
C ALA F 268 36.60 39.96 11.93
N LYS F 269 37.87 39.63 12.08
CA LYS F 269 38.69 39.36 10.90
C LYS F 269 39.38 38.00 11.00
N CYS F 270 39.33 37.29 9.88
CA CYS F 270 39.91 35.97 9.75
C CYS F 270 41.38 36.10 9.50
N VAL F 271 42.17 35.59 10.44
CA VAL F 271 43.61 35.68 10.34
C VAL F 271 44.15 34.41 9.66
N ALA F 272 43.37 33.33 9.70
CA ALA F 272 43.80 32.07 9.11
C ALA F 272 42.68 31.12 8.64
N VAL F 273 42.97 30.41 7.55
CA VAL F 273 42.06 29.43 6.96
C VAL F 273 42.83 28.16 6.65
N GLY F 274 42.26 27.00 6.98
CA GLY F 274 42.95 25.76 6.73
C GLY F 274 42.15 24.79 5.88
N GLU F 275 42.84 23.83 5.30
CA GLU F 275 42.25 22.78 4.47
C GLU F 275 43.11 21.54 4.64
N SER F 276 42.76 20.47 3.94
CA SER F 276 43.54 19.23 4.07
C SER F 276 44.97 19.32 3.53
N ASP F 277 45.19 20.13 2.50
CA ASP F 277 46.52 20.28 1.93
C ASP F 277 47.40 21.27 2.70
N GLY F 278 46.77 22.16 3.45
CA GLY F 278 47.53 23.13 4.21
C GLY F 278 46.71 24.31 4.73
N SER F 279 47.39 25.37 5.14
CA SER F 279 46.72 26.53 5.67
C SER F 279 47.34 27.82 5.16
N ILE F 280 46.59 28.91 5.18
CA ILE F 280 47.14 30.19 4.76
C ILE F 280 47.04 31.13 5.98
N TRP F 281 47.79 32.23 5.98
CA TRP F 281 47.78 33.13 7.14
C TRP F 281 48.09 34.59 6.86
N ASN F 282 47.41 35.46 7.59
CA ASN F 282 47.60 36.91 7.47
C ASN F 282 47.06 37.66 8.68
N PRO F 283 47.96 38.26 9.48
CA PRO F 283 47.62 39.01 10.70
C PRO F 283 46.63 40.16 10.44
N ASP F 284 46.68 40.71 9.24
CA ASP F 284 45.79 41.81 8.87
C ASP F 284 44.45 41.30 8.38
N GLY F 285 44.29 39.98 8.36
CA GLY F 285 43.05 39.39 7.91
C GLY F 285 42.96 38.92 6.47
N ILE F 286 41.90 38.16 6.19
CA ILE F 286 41.65 37.64 4.87
C ILE F 286 40.19 37.89 4.50
N ASP F 287 39.93 38.28 3.26
CA ASP F 287 38.57 38.56 2.81
C ASP F 287 37.95 37.25 2.34
N PRO F 288 36.83 36.83 2.97
CA PRO F 288 36.14 35.58 2.61
C PRO F 288 35.77 35.48 1.15
N LYS F 289 35.43 36.61 0.54
CA LYS F 289 35.00 36.65 -0.84
C LYS F 289 36.08 36.46 -1.90
N GLU F 290 37.23 37.11 -1.72
CA GLU F 290 38.30 36.94 -2.69
C GLU F 290 38.96 35.58 -2.52
N LEU F 291 38.79 35.00 -1.34
CA LEU F 291 39.35 33.68 -1.02
C LEU F 291 38.45 32.61 -1.62
N GLU F 292 37.15 32.92 -1.69
CA GLU F 292 36.22 31.97 -2.27
C GLU F 292 36.47 31.94 -3.77
N ASP F 293 36.64 33.12 -4.36
CA ASP F 293 36.91 33.19 -5.80
C ASP F 293 38.22 32.48 -6.16
N PHE F 294 39.24 32.63 -5.32
CA PHE F 294 40.51 31.99 -5.58
C PHE F 294 40.34 30.49 -5.46
N LYS F 295 39.57 30.05 -4.48
CA LYS F 295 39.32 28.61 -4.27
C LYS F 295 38.57 28.03 -5.47
N LEU F 296 37.51 28.71 -5.89
CA LEU F 296 36.72 28.24 -7.02
C LEU F 296 37.58 28.19 -8.29
N GLN F 297 38.52 29.12 -8.39
CA GLN F 297 39.40 29.27 -9.53
C GLN F 297 40.56 28.25 -9.58
N HIS F 298 41.21 28.05 -8.44
CA HIS F 298 42.36 27.15 -8.40
C HIS F 298 42.16 25.84 -7.61
N GLY F 299 40.92 25.57 -7.19
CA GLY F 299 40.64 24.36 -6.44
C GLY F 299 41.41 24.22 -5.14
N THR F 300 41.93 25.34 -4.62
CA THR F 300 42.69 25.31 -3.38
C THR F 300 42.87 26.72 -2.84
N ILE F 301 43.29 26.81 -1.58
CA ILE F 301 43.52 28.10 -0.95
C ILE F 301 45.01 28.39 -0.95
N LEU F 302 45.81 27.33 -0.88
CA LEU F 302 47.26 27.46 -0.87
C LEU F 302 47.76 28.23 -2.09
N GLY F 303 48.45 29.33 -1.82
CA GLY F 303 48.98 30.14 -2.90
C GLY F 303 48.12 31.37 -3.14
N PHE F 304 47.19 31.62 -2.23
CA PHE F 304 46.32 32.79 -2.32
C PHE F 304 47.25 33.99 -2.20
N PRO F 305 47.21 34.91 -3.17
CA PRO F 305 48.13 36.06 -3.07
C PRO F 305 48.13 36.88 -1.78
N LYS F 306 46.95 37.28 -1.30
CA LYS F 306 46.90 38.11 -0.10
C LYS F 306 47.08 37.46 1.25
N ALA F 307 47.77 36.33 1.29
CA ALA F 307 48.03 35.62 2.55
C ALA F 307 49.21 34.72 2.29
N LYS F 308 49.86 34.28 3.36
CA LYS F 308 51.03 33.40 3.23
C LYS F 308 50.74 31.99 3.64
N ILE F 309 51.31 31.03 2.93
CA ILE F 309 51.09 29.64 3.27
C ILE F 309 51.60 29.41 4.70
N TYR F 310 50.68 29.49 5.68
CA TYR F 310 51.04 29.28 7.08
C TYR F 310 51.71 27.94 7.20
N GLU F 311 52.67 27.89 8.10
CA GLU F 311 53.44 26.68 8.35
C GLU F 311 53.30 26.27 9.80
N GLY F 312 52.56 25.20 10.07
CA GLY F 312 52.44 24.75 11.46
C GLY F 312 51.09 24.67 12.16
N SER F 313 50.13 24.00 11.56
CA SER F 313 48.81 23.79 12.16
C SER F 313 47.92 25.01 12.39
N ILE F 314 46.79 25.01 11.67
CA ILE F 314 45.80 26.08 11.76
C ILE F 314 45.23 26.16 13.18
N LEU F 315 45.17 25.01 13.85
CA LEU F 315 44.59 24.94 15.19
C LEU F 315 45.40 25.65 16.29
N GLU F 316 46.68 25.88 16.02
CA GLU F 316 47.56 26.51 17.02
C GLU F 316 47.88 27.95 16.67
N VAL F 317 47.25 28.43 15.61
CA VAL F 317 47.43 29.80 15.15
C VAL F 317 47.04 30.77 16.29
N ASP F 318 47.52 31.99 16.18
CA ASP F 318 47.23 33.00 17.20
C ASP F 318 45.96 33.78 16.86
N CYS F 319 44.94 33.61 17.68
CA CYS F 319 43.65 34.27 17.46
C CYS F 319 42.77 34.23 18.70
N ASP F 320 41.68 34.98 18.68
CA ASP F 320 40.74 34.98 19.80
C ASP F 320 39.80 33.79 19.67
N ILE F 321 39.30 33.57 18.46
CA ILE F 321 38.35 32.48 18.22
C ILE F 321 38.84 31.40 17.23
N LEU F 322 38.76 30.15 17.65
CA LEU F 322 39.15 29.05 16.79
C LEU F 322 37.90 28.29 16.37
N ILE F 323 37.63 28.23 15.06
CA ILE F 323 36.47 27.52 14.58
C ILE F 323 36.78 26.22 13.85
N PRO F 324 36.77 25.08 14.56
CA PRO F 324 37.06 23.85 13.82
C PRO F 324 35.81 23.45 13.01
N ALA F 325 35.92 23.56 11.69
CA ALA F 325 34.79 23.24 10.83
C ALA F 325 35.16 22.18 9.80
N ALA F 326 35.84 21.13 10.23
CA ALA F 326 36.24 20.07 9.33
C ALA F 326 35.70 18.75 9.88
N SER F 327 36.59 17.82 10.22
CA SER F 327 36.12 16.55 10.73
C SER F 327 36.32 16.40 12.24
N GLU F 328 35.94 15.24 12.79
CA GLU F 328 36.04 14.99 14.23
C GLU F 328 37.45 14.81 14.80
N LYS F 329 37.54 14.92 16.12
CA LYS F 329 38.80 14.74 16.82
C LYS F 329 40.02 15.47 16.26
N GLN F 330 39.89 16.78 16.03
CA GLN F 330 41.01 17.58 15.52
C GLN F 330 41.78 18.16 16.69
N LEU F 331 41.07 18.28 17.81
CA LEU F 331 41.62 18.82 19.05
C LEU F 331 41.71 17.68 20.03
N THR F 332 42.94 17.28 20.34
CA THR F 332 43.16 16.16 21.25
C THR F 332 44.00 16.56 22.45
N LYS F 333 44.34 15.58 23.28
CA LYS F 333 45.14 15.83 24.47
C LYS F 333 46.50 16.43 24.13
N SER F 334 47.08 16.02 23.01
CA SER F 334 48.41 16.49 22.61
C SER F 334 48.54 17.89 22.04
N ASN F 335 47.47 18.48 21.51
CA ASN F 335 47.60 19.83 20.99
C ASN F 335 46.77 20.87 21.73
N ALA F 336 45.94 20.40 22.64
CA ALA F 336 45.09 21.29 23.40
C ALA F 336 45.88 22.38 24.14
N PRO F 337 46.96 22.00 24.85
CA PRO F 337 47.74 23.03 25.57
C PRO F 337 48.37 24.08 24.68
N ARG F 338 48.20 23.97 23.37
CA ARG F 338 48.81 24.93 22.45
C ARG F 338 47.80 25.63 21.55
N VAL F 339 46.52 25.68 21.92
CA VAL F 339 45.54 26.28 21.01
C VAL F 339 45.53 27.79 20.86
N LYS F 340 46.16 28.51 21.79
CA LYS F 340 46.22 29.97 21.73
C LYS F 340 44.86 30.68 21.91
N ALA F 341 43.88 30.33 21.09
CA ALA F 341 42.55 30.94 21.13
C ALA F 341 41.80 30.80 22.47
N LYS F 342 40.88 31.73 22.75
CA LYS F 342 40.10 31.72 24.00
C LYS F 342 38.73 31.06 23.85
N ILE F 343 38.18 31.11 22.64
CA ILE F 343 36.88 30.53 22.34
C ILE F 343 37.01 29.53 21.20
N ILE F 344 36.51 28.32 21.42
CA ILE F 344 36.51 27.25 20.43
C ILE F 344 35.07 27.12 19.97
N ALA F 345 34.80 27.54 18.73
CA ALA F 345 33.46 27.47 18.15
C ALA F 345 33.34 26.16 17.39
N GLU F 346 32.75 25.13 18.00
CA GLU F 346 32.60 23.85 17.33
C GLU F 346 31.61 23.79 16.18
N GLY F 347 32.10 24.11 14.99
CA GLY F 347 31.26 24.06 13.81
C GLY F 347 31.07 22.63 13.35
N ALA F 348 32.15 21.85 13.41
CA ALA F 348 32.11 20.45 13.03
C ALA F 348 31.51 19.63 14.18
N ASN F 349 31.18 18.37 13.90
CA ASN F 349 30.66 17.50 14.92
C ASN F 349 31.84 16.76 15.53
N GLY F 350 31.92 16.75 16.86
CA GLY F 350 32.97 16.07 17.58
C GLY F 350 34.41 16.50 17.29
N PRO F 351 34.69 17.81 17.17
CA PRO F 351 36.06 18.24 16.89
C PRO F 351 37.06 18.11 18.05
N THR F 352 36.58 18.08 19.28
CA THR F 352 37.48 17.95 20.43
C THR F 352 37.17 16.72 21.26
N THR F 353 38.21 16.04 21.70
CA THR F 353 38.06 14.84 22.48
C THR F 353 37.80 15.25 23.92
N PRO F 354 37.33 14.31 24.75
CA PRO F 354 37.07 14.64 26.15
C PRO F 354 38.34 15.09 26.88
N GLU F 355 39.50 14.65 26.38
CA GLU F 355 40.78 15.02 26.99
C GLU F 355 41.16 16.45 26.71
N ALA F 356 40.90 16.91 25.49
CA ALA F 356 41.22 18.29 25.14
C ALA F 356 40.27 19.16 25.93
N ASP F 357 39.06 18.64 26.09
CA ASP F 357 38.01 19.33 26.83
C ASP F 357 38.47 19.61 28.26
N LYS F 358 39.07 18.62 28.90
CA LYS F 358 39.58 18.80 30.25
C LYS F 358 40.65 19.87 30.21
N ILE F 359 41.63 19.71 29.32
CA ILE F 359 42.71 20.69 29.22
C ILE F 359 42.13 22.07 28.96
N PHE F 360 41.19 22.17 28.01
CA PHE F 360 40.56 23.45 27.68
C PHE F 360 39.91 24.16 28.87
N LEU F 361 39.22 23.41 29.73
CA LEU F 361 38.59 24.00 30.91
C LEU F 361 39.65 24.58 31.85
N GLU F 362 40.67 23.77 32.14
CA GLU F 362 41.76 24.16 33.02
C GLU F 362 42.50 25.40 32.53
N ARG F 363 42.58 25.59 31.22
CA ARG F 363 43.26 26.75 30.67
C ARG F 363 42.28 27.91 30.47
N ASN F 364 41.09 27.75 31.03
CA ASN F 364 40.02 28.74 30.93
C ASN F 364 39.68 29.08 29.48
N ILE F 365 39.42 28.05 28.69
CA ILE F 365 39.05 28.23 27.30
C ILE F 365 37.58 27.92 27.18
N MET F 366 36.81 28.81 26.55
CA MET F 366 35.39 28.53 26.40
C MET F 366 35.14 27.72 25.13
N VAL F 367 34.58 26.52 25.28
CA VAL F 367 34.25 25.67 24.15
C VAL F 367 32.73 25.65 23.95
N ILE F 368 32.27 26.36 22.92
CA ILE F 368 30.84 26.40 22.59
C ILE F 368 30.62 25.07 21.88
N PRO F 369 29.93 24.13 22.56
CA PRO F 369 29.66 22.79 22.04
C PRO F 369 28.89 22.66 20.73
N ASP F 370 29.29 21.67 19.96
CA ASP F 370 28.71 21.40 18.65
C ASP F 370 27.21 21.13 18.66
N LEU F 371 26.73 20.36 19.64
CA LEU F 371 25.31 20.06 19.66
C LEU F 371 24.42 21.29 19.80
N TYR F 372 25.04 22.46 19.97
CA TYR F 372 24.30 23.71 20.03
C TYR F 372 24.73 24.62 18.88
N LEU F 373 26.04 24.86 18.82
CA LEU F 373 26.64 25.75 17.83
C LEU F 373 26.43 25.43 16.35
N ASN F 374 26.41 24.15 15.97
CA ASN F 374 26.21 23.86 14.56
C ASN F 374 24.79 23.43 14.22
N ALA F 375 23.88 23.51 15.19
CA ALA F 375 22.48 23.11 14.99
C ALA F 375 21.75 23.96 13.96
N GLY F 376 22.43 24.96 13.42
CA GLY F 376 21.81 25.81 12.42
C GLY F 376 21.37 25.05 11.17
N GLY F 377 22.11 23.99 10.84
CA GLY F 377 21.78 23.17 9.69
C GLY F 377 20.42 22.49 9.78
N VAL F 378 20.22 21.64 10.79
CA VAL F 378 18.94 20.94 10.98
C VAL F 378 17.80 21.90 11.24
N THR F 379 18.10 23.02 11.90
CA THR F 379 17.05 23.98 12.19
C THR F 379 16.43 24.48 10.91
N VAL F 380 17.25 24.78 9.92
CA VAL F 380 16.72 25.27 8.66
C VAL F 380 16.29 24.09 7.78
N SER F 381 16.87 22.92 8.00
CA SER F 381 16.47 21.74 7.24
C SER F 381 15.01 21.46 7.67
N TYR F 382 14.75 21.64 8.96
CA TYR F 382 13.41 21.46 9.52
C TYR F 382 12.44 22.45 8.87
N PHE F 383 12.89 23.70 8.68
CA PHE F 383 12.04 24.70 8.02
C PHE F 383 11.75 24.23 6.58
N GLU F 384 12.77 23.69 5.88
CA GLU F 384 12.60 23.18 4.51
C GLU F 384 11.57 22.05 4.45
N TRP F 385 11.74 21.08 5.35
CA TRP F 385 10.85 19.93 5.45
C TRP F 385 9.40 20.43 5.64
N LEU F 386 9.25 21.42 6.51
CA LEU F 386 7.97 22.04 6.81
C LEU F 386 7.43 22.73 5.57
N LYS F 387 8.31 23.38 4.81
CA LYS F 387 7.89 24.04 3.59
C LYS F 387 7.36 23.04 2.57
N ASN F 388 8.01 21.88 2.45
CA ASN F 388 7.59 20.85 1.50
C ASN F 388 6.22 20.31 1.88
N LEU F 389 5.98 20.14 3.17
CA LEU F 389 4.70 19.63 3.65
C LEU F 389 3.56 20.63 3.43
N ASN F 390 3.88 21.92 3.46
CA ASN F 390 2.85 22.93 3.28
C ASN F 390 2.54 23.31 1.84
N HIS F 391 3.39 22.89 0.91
CA HIS F 391 3.16 23.19 -0.49
C HIS F 391 2.88 24.62 -0.90
N VAL F 392 3.39 25.59 -0.13
CA VAL F 392 3.23 27.00 -0.48
C VAL F 392 4.47 27.70 -0.05
N SER F 393 4.84 28.75 -0.76
CA SER F 393 6.02 29.48 -0.33
C SER F 393 5.50 30.50 0.69
N TYR F 394 6.24 30.67 1.76
CA TYR F 394 5.82 31.56 2.82
C TYR F 394 5.31 32.96 2.44
N GLY F 395 4.14 33.31 2.96
CA GLY F 395 3.58 34.62 2.70
C GLY F 395 2.86 34.84 1.39
N ARG F 396 2.99 33.90 0.45
CA ARG F 396 2.34 33.99 -0.83
C ARG F 396 0.84 34.37 -0.74
N LEU F 397 0.11 33.71 0.16
CA LEU F 397 -1.32 33.97 0.31
C LEU F 397 -1.67 35.22 1.12
N THR F 398 -0.70 35.79 1.83
CA THR F 398 -0.97 36.94 2.69
C THR F 398 -0.21 38.27 2.49
N PHE F 399 0.78 38.30 1.61
CA PHE F 399 1.53 39.53 1.41
C PHE F 399 0.61 40.75 1.21
N LYS F 400 -0.29 40.70 0.23
CA LYS F 400 -1.19 41.83 -0.02
C LYS F 400 -2.13 42.15 1.14
N TYR F 401 -2.72 41.11 1.72
CA TYR F 401 -3.64 41.35 2.80
C TYR F 401 -2.96 42.04 3.97
N GLU F 402 -1.76 41.60 4.34
CA GLU F 402 -1.04 42.21 5.44
C GLU F 402 -0.63 43.64 5.13
N ARG F 403 -0.19 43.85 3.89
CA ARG F 403 0.25 45.16 3.48
C ARG F 403 -0.89 46.16 3.65
N ASP F 404 -2.06 45.83 3.10
CA ASP F 404 -3.21 46.72 3.20
C ASP F 404 -3.62 46.95 4.66
N SER F 405 -3.60 45.87 5.45
CA SER F 405 -3.97 45.97 6.84
C SER F 405 -3.08 46.93 7.61
N ASN F 406 -1.77 46.81 7.40
CA ASN F 406 -0.83 47.68 8.09
C ASN F 406 -1.05 49.15 7.76
N TYR F 407 -1.42 49.43 6.51
CA TYR F 407 -1.63 50.81 6.14
C TYR F 407 -2.94 51.30 6.74
N HIS F 408 -3.95 50.45 6.82
CA HIS F 408 -5.22 50.85 7.42
C HIS F 408 -5.08 51.01 8.94
N LEU F 409 -4.16 50.26 9.54
CA LEU F 409 -3.92 50.33 10.97
C LEU F 409 -3.26 51.67 11.28
N LEU F 410 -2.27 52.02 10.48
CA LEU F 410 -1.55 53.26 10.61
C LEU F 410 -2.52 54.42 10.33
N MET F 411 -3.39 54.22 9.35
CA MET F 411 -4.36 55.23 9.00
C MET F 411 -5.30 55.41 10.19
N SER F 412 -5.51 54.36 10.96
CA SER F 412 -6.39 54.44 12.11
C SER F 412 -5.83 55.37 13.18
N VAL F 413 -4.53 55.34 13.43
CA VAL F 413 -4.00 56.23 14.45
C VAL F 413 -3.91 57.64 13.87
N GLN F 414 -3.71 57.73 12.56
CA GLN F 414 -3.61 59.02 11.88
C GLN F 414 -4.94 59.77 11.94
N GLU F 415 -6.01 59.09 11.56
CA GLU F 415 -7.32 59.72 11.58
C GLU F 415 -7.78 60.01 13.01
N SER F 416 -7.44 59.14 13.96
CA SER F 416 -7.84 59.37 15.36
C SER F 416 -7.18 60.64 15.89
N LEU F 417 -5.89 60.82 15.60
CA LEU F 417 -5.17 61.99 16.06
C LEU F 417 -5.62 63.28 15.38
N GLU F 418 -5.82 63.23 14.07
CA GLU F 418 -6.26 64.41 13.34
C GLU F 418 -7.66 64.87 13.77
N ARG F 419 -8.55 63.92 14.07
CA ARG F 419 -9.90 64.30 14.49
C ARG F 419 -9.85 64.81 15.92
N LYS F 420 -8.89 64.33 16.68
CA LYS F 420 -8.74 64.75 18.05
C LYS F 420 -8.10 66.12 18.16
N PHE F 421 -7.18 66.42 17.24
CA PHE F 421 -6.48 67.70 17.23
C PHE F 421 -6.99 68.64 16.13
N GLY F 422 -8.10 68.27 15.51
CA GLY F 422 -8.71 69.08 14.44
C GLY F 422 -7.78 69.73 13.43
N LYS F 423 -8.24 70.85 12.85
CA LYS F 423 -7.48 71.61 11.86
C LYS F 423 -6.40 72.45 12.55
N HIS F 424 -6.38 72.38 13.88
CA HIS F 424 -5.41 73.08 14.72
C HIS F 424 -4.09 72.34 14.61
N GLY F 425 -4.16 71.03 14.36
CA GLY F 425 -2.96 70.21 14.23
C GLY F 425 -2.58 69.83 12.80
N GLY F 426 -3.49 70.11 11.87
CA GLY F 426 -3.25 69.79 10.46
C GLY F 426 -3.24 68.29 10.22
N THR F 427 -2.58 67.85 9.14
CA THR F 427 -2.48 66.42 8.87
C THR F 427 -1.32 65.90 9.70
N ILE F 428 -1.52 64.73 10.30
CA ILE F 428 -0.51 64.10 11.15
C ILE F 428 -0.20 62.78 10.45
N PRO F 429 0.68 62.80 9.43
CA PRO F 429 1.05 61.59 8.68
C PRO F 429 1.74 60.53 9.53
N ILE F 430 1.15 59.35 9.57
CA ILE F 430 1.70 58.21 10.31
C ILE F 430 2.15 57.33 9.17
N VAL F 431 3.46 57.29 9.01
CA VAL F 431 4.10 56.57 7.92
C VAL F 431 5.05 55.48 8.44
N PRO F 432 5.26 54.42 7.66
CA PRO F 432 6.17 53.37 8.16
C PRO F 432 7.61 53.89 8.19
N THR F 433 8.41 53.39 9.13
CA THR F 433 9.83 53.78 9.18
C THR F 433 10.42 53.06 7.96
N ALA F 434 11.70 53.28 7.66
CA ALA F 434 12.30 52.60 6.52
C ALA F 434 12.29 51.11 6.81
N GLU F 435 12.62 50.78 8.05
CA GLU F 435 12.68 49.41 8.52
C GLU F 435 11.35 48.69 8.41
N PHE F 436 10.31 49.32 8.93
CA PHE F 436 8.99 48.72 8.89
C PHE F 436 8.47 48.61 7.47
N GLN F 437 8.95 49.48 6.59
CA GLN F 437 8.53 49.46 5.19
C GLN F 437 8.95 48.13 4.57
N ASP F 438 10.09 47.60 5.02
CA ASP F 438 10.62 46.33 4.53
C ASP F 438 9.81 45.16 5.05
N ARG F 439 9.07 45.38 6.12
CA ARG F 439 8.28 44.33 6.72
C ARG F 439 6.78 44.53 6.56
N ILE F 440 6.38 45.56 5.83
CA ILE F 440 4.98 45.93 5.65
C ILE F 440 4.06 44.81 5.14
N SER F 441 4.61 43.89 4.35
CA SER F 441 3.82 42.81 3.79
C SER F 441 3.89 41.51 4.57
N GLY F 442 4.70 41.51 5.63
CA GLY F 442 4.85 40.32 6.43
C GLY F 442 6.04 39.50 5.98
N ALA F 443 6.32 38.44 6.71
CA ALA F 443 7.46 37.58 6.43
C ALA F 443 7.42 36.76 5.13
N SER F 444 8.58 36.64 4.51
CA SER F 444 8.73 35.84 3.32
C SER F 444 9.48 34.60 3.79
N GLU F 445 9.76 33.72 2.86
CA GLU F 445 10.51 32.52 3.19
C GLU F 445 11.81 32.92 3.85
N LYS F 446 12.49 33.89 3.25
CA LYS F 446 13.76 34.37 3.75
C LYS F 446 13.66 34.98 5.17
N ASP F 447 12.59 35.73 5.40
CA ASP F 447 12.36 36.35 6.70
C ASP F 447 12.27 35.29 7.79
N ILE F 448 11.43 34.28 7.56
CA ILE F 448 11.24 33.22 8.53
C ILE F 448 12.51 32.44 8.82
N VAL F 449 13.26 32.14 7.76
CA VAL F 449 14.48 31.39 7.91
C VAL F 449 15.47 32.19 8.74
N HIS F 450 15.62 33.47 8.42
CA HIS F 450 16.55 34.31 9.19
C HIS F 450 16.05 34.56 10.63
N SER F 451 14.81 35.03 10.80
CA SER F 451 14.32 35.31 12.15
C SER F 451 14.11 34.04 12.97
N GLY F 452 13.65 32.99 12.31
CA GLY F 452 13.44 31.72 12.98
C GLY F 452 14.71 31.10 13.51
N LEU F 453 15.80 31.15 12.73
CA LEU F 453 17.07 30.59 13.19
C LEU F 453 17.64 31.41 14.36
N ALA F 454 17.61 32.73 14.22
CA ALA F 454 18.09 33.63 15.26
C ALA F 454 17.33 33.37 16.56
N TYR F 455 16.01 33.25 16.44
CA TYR F 455 15.16 32.98 17.60
C TYR F 455 15.58 31.67 18.26
N THR F 456 15.80 30.65 17.44
CA THR F 456 16.19 29.35 17.93
C THR F 456 17.57 29.36 18.62
N MET F 457 18.58 29.91 17.94
CA MET F 457 19.92 29.94 18.50
C MET F 457 19.98 30.73 19.82
N GLU F 458 19.23 31.81 19.89
CA GLU F 458 19.19 32.64 21.09
C GLU F 458 18.43 31.92 22.22
N ARG F 459 17.29 31.33 21.89
CA ARG F 459 16.53 30.62 22.91
C ARG F 459 17.32 29.44 23.50
N SER F 460 18.01 28.71 22.66
CA SER F 460 18.79 27.57 23.13
C SER F 460 20.01 28.05 23.91
N ALA F 461 20.54 29.21 23.50
CA ALA F 461 21.70 29.76 24.20
C ALA F 461 21.34 30.09 25.65
N ARG F 462 20.14 30.64 25.84
CA ARG F 462 19.66 30.99 27.17
C ARG F 462 19.50 29.77 28.04
N GLN F 463 18.89 28.72 27.49
CA GLN F 463 18.68 27.50 28.25
C GLN F 463 20.01 26.88 28.65
N ILE F 464 21.00 26.98 27.78
CA ILE F 464 22.31 26.42 28.12
C ILE F 464 22.94 27.27 29.22
N MET F 465 22.77 28.58 29.12
CA MET F 465 23.31 29.48 30.12
C MET F 465 22.63 29.26 31.47
N ARG F 466 21.31 29.18 31.46
CA ARG F 466 20.53 28.98 32.68
C ARG F 466 20.89 27.66 33.36
N THR F 467 21.22 26.64 32.56
CA THR F 467 21.55 25.34 33.14
C THR F 467 22.98 25.32 33.68
N ALA F 468 23.88 26.01 33.02
CA ALA F 468 25.26 26.05 33.47
C ALA F 468 25.32 26.78 34.82
N MET F 469 24.39 27.71 35.03
CA MET F 469 24.31 28.45 36.28
C MET F 469 23.84 27.51 37.38
N LYS F 470 22.64 26.99 37.18
CA LYS F 470 21.99 26.10 38.13
C LYS F 470 22.89 24.94 38.58
N TYR F 471 23.86 24.56 37.76
CA TYR F 471 24.74 23.45 38.13
C TYR F 471 26.21 23.87 38.27
N ASN F 472 26.44 25.18 38.26
CA ASN F 472 27.79 25.70 38.39
C ASN F 472 28.75 24.96 37.48
N LEU F 473 28.56 25.10 36.19
CA LEU F 473 29.40 24.42 35.22
C LEU F 473 30.47 25.32 34.60
N GLY F 474 30.51 26.58 35.02
CA GLY F 474 31.52 27.48 34.51
C GLY F 474 31.55 27.57 33.00
N LEU F 475 32.67 27.18 32.38
CA LEU F 475 32.79 27.24 30.93
C LEU F 475 32.54 25.86 30.31
N ASP F 476 31.94 24.98 31.10
CA ASP F 476 31.63 23.63 30.62
C ASP F 476 30.25 23.65 29.97
N LEU F 477 30.11 24.46 28.92
CA LEU F 477 28.84 24.57 28.21
C LEU F 477 28.38 23.22 27.60
N ARG F 478 29.33 22.36 27.26
CA ARG F 478 28.99 21.06 26.68
C ARG F 478 28.16 20.23 27.64
N THR F 479 28.57 20.17 28.90
CA THR F 479 27.82 19.39 29.88
C THR F 479 26.44 20.01 30.08
N ALA F 480 26.36 21.35 30.05
CA ALA F 480 25.09 22.02 30.24
C ALA F 480 24.15 21.64 29.10
N ALA F 481 24.70 21.62 27.89
CA ALA F 481 23.96 21.25 26.69
C ALA F 481 23.37 19.84 26.77
N TYR F 482 24.19 18.84 27.08
CA TYR F 482 23.69 17.47 27.18
C TYR F 482 22.62 17.32 28.26
N VAL F 483 22.73 18.10 29.33
CA VAL F 483 21.76 18.07 30.40
C VAL F 483 20.40 18.48 29.80
N ASN F 484 20.42 19.54 29.02
CA ASN F 484 19.21 20.03 28.37
C ASN F 484 18.62 18.99 27.41
N ALA F 485 19.47 18.39 26.57
CA ALA F 485 19.01 17.39 25.61
C ALA F 485 18.41 16.18 26.32
N ILE F 486 19.09 15.74 27.38
CA ILE F 486 18.62 14.59 28.14
C ILE F 486 17.29 14.85 28.79
N GLU F 487 17.16 16.03 29.39
CA GLU F 487 15.92 16.41 30.05
C GLU F 487 14.76 16.27 29.06
N LYS F 488 14.97 16.76 27.84
CA LYS F 488 13.95 16.71 26.81
C LYS F 488 13.64 15.32 26.30
N VAL F 489 14.66 14.56 25.90
CA VAL F 489 14.42 13.21 25.41
C VAL F 489 13.81 12.35 26.52
N PHE F 490 14.35 12.49 27.72
CA PHE F 490 13.85 11.73 28.86
C PHE F 490 12.34 11.95 28.99
N ARG F 491 11.93 13.19 28.80
CA ARG F 491 10.55 13.60 28.93
C ARG F 491 9.54 12.92 27.99
N VAL F 492 10.03 12.22 26.96
CA VAL F 492 9.16 11.52 26.01
C VAL F 492 9.01 10.07 26.44
N TYR F 493 10.09 9.53 27.01
CA TYR F 493 10.07 8.16 27.47
C TYR F 493 9.28 8.11 28.77
N ASN F 494 9.41 9.17 29.58
CA ASN F 494 8.73 9.25 30.87
C ASN F 494 7.23 8.98 30.74
N GLU F 495 6.62 9.50 29.68
CA GLU F 495 5.19 9.32 29.43
C GLU F 495 4.85 8.63 28.11
N ALA F 496 5.76 7.78 27.64
CA ALA F 496 5.58 7.07 26.37
C ALA F 496 4.36 6.17 26.40
N GLY F 497 4.56 4.90 26.72
CA GLY F 497 3.42 4.00 26.83
C GLY F 497 3.12 4.20 28.30
N VAL F 498 3.50 5.40 28.78
CA VAL F 498 3.36 5.86 30.17
C VAL F 498 3.70 4.85 31.26
N THR F 499 3.69 5.33 32.51
CA THR F 499 4.07 4.51 33.63
C THR F 499 2.96 4.15 34.68
N PHE F 500 3.30 4.18 35.98
CA PHE F 500 2.42 3.82 37.11
C PHE F 500 2.25 2.28 37.02
N THR F 501 3.37 1.57 36.93
CA THR F 501 3.43 0.09 36.77
C THR F 501 2.32 -0.38 35.85
N GLU G . -9.16 24.47 -16.83
CA GLU G . -8.73 25.74 -16.25
C GLU G . -7.50 26.33 -16.97
O GLU G . -6.66 26.96 -16.33
CB GLU G . -8.46 25.62 -14.72
CG GLU G . -8.01 24.24 -14.20
CD GLU G . -7.59 24.24 -12.71
OE1 GLU G . -8.19 24.98 -11.88
OE2 GLU G . -6.67 23.47 -12.35
PA NDP H . -18.72 27.14 -19.89
O1A NDP H . -19.85 27.66 -19.12
O2A NDP H . -19.10 25.86 -20.82
O5B NDP H . -19.04 28.20 -21.13
C5B NDP H . -20.36 28.14 -21.66
C4B NDP H . -20.52 29.13 -22.86
O4B NDP H . -19.63 28.78 -23.98
C3B NDP H . -21.94 28.97 -23.35
O3B NDP H . -22.57 30.25 -23.31
C2B NDP H . -21.73 28.40 -24.79
O2B NDP H . -22.86 28.62 -25.63
C1B NDP H . -20.41 29.11 -25.18
N9A NDP H . -19.79 28.56 -26.45
C8A NDP H . -19.29 27.30 -26.67
N7A NDP H . -18.83 27.20 -27.90
C5A NDP H . -18.98 28.36 -28.54
C6A NDP H . -18.67 28.86 -29.85
N6A NDP H . -18.06 28.05 -30.81
N1A NDP H . -18.98 30.12 -30.14
C2A NDP H . -19.56 30.93 -29.25
N3A NDP H . -19.87 30.52 -28.02
C4A NDP H . -19.61 29.27 -27.62
O3 NDP H . -17.46 27.94 -20.34
PN NDP H . -16.30 27.26 -19.65
O1N NDP H . -15.67 26.10 -20.28
O2N NDP H . -15.49 28.06 -18.52
O5D NDP H . -15.52 28.26 -20.69
C5D NDP H . -14.22 27.73 -20.85
C4D NDP H . -13.22 28.44 -21.72
O4D NDP H . -12.63 29.45 -20.84
C3D NDP H . -12.16 27.37 -21.90
O3D NDP H . -11.79 27.19 -23.27
C2D NDP H . -10.96 27.66 -21.10
O2D NDP H . -9.77 27.63 -21.87
C1D NDP H . -11.25 29.00 -20.47
N1N NDP H . -10.96 28.81 -19.06
C2N NDP H . -11.87 28.19 -18.15
C3N NDP H . -11.57 28.17 -16.80
C7N NDP H . -12.46 27.56 -15.85
O7N NDP H . -13.48 27.03 -16.22
N7N NDP H . -12.15 27.56 -14.54
C4N NDP H . -10.32 28.82 -16.29
C5N NDP H . -9.35 29.23 -17.38
C6N NDP H . -9.69 29.22 -18.63
P2B NDP H . -23.54 27.17 -25.83
O1X NDP H . -23.96 26.59 -24.53
O2X NDP H . -24.84 27.31 -26.79
O3X NDP H . -22.48 26.16 -26.54
PG GTP I . -17.61 39.55 -5.15
O1G GTP I . -18.75 39.49 -6.09
O2G GTP I . -16.68 40.81 -5.57
O3G GTP I . -16.92 38.12 -5.23
O3B GTP I . -18.17 39.83 -3.62
PB GTP I . -18.92 38.44 -3.36
O1B GTP I . -19.73 38.08 -4.58
O2B GTP I . -17.76 37.41 -3.10
O3A GTP I . -19.82 38.33 -2.03
PA GTP I . -20.38 36.88 -2.28
O1A GTP I . -20.01 36.76 -0.93
O2A GTP I . -21.70 37.62 -2.84
O5' GTP I . -21.29 35.58 -1.95
C5' GTP I . -20.66 35.12 -3.09
C4' GTP I . -20.72 33.89 -3.95
O4' GTP I . -21.97 34.00 -4.77
C3' GTP I . -19.57 34.33 -4.77
O3' GTP I . -18.52 33.41 -4.78
C2' GTP I . -20.07 34.73 -6.16
O2' GTP I . -19.32 34.11 -7.16
C1' GTP I . -21.60 34.36 -6.17
N9 GTP I . -22.45 35.42 -6.79
C8 GTP I . -22.78 36.62 -6.25
N7 GTP I . -23.56 37.30 -7.05
C5 GTP I . -23.79 36.59 -8.18
C6 GTP I . -24.57 36.79 -9.37
O6 GTP I . -25.22 37.81 -9.52
N1 GTP I . -24.56 35.80 -10.35
C2 GTP I . -23.83 34.64 -10.15
N2 GTP I . -23.83 33.68 -11.10
N3 GTP I . -23.12 34.44 -9.04
C4 GTP I . -23.07 35.35 -8.04
CAH GWD J . -17.47 3.21 -10.01
CAO GWD J . -17.41 2.73 -11.31
BRAC GWD J . -15.93 1.69 -11.86
CAM GWD J . -18.50 2.89 -12.16
OAB GWD J . -18.42 2.44 -13.44
CAP GWD J . -19.64 3.53 -11.71
BRAD GWD J . -21.14 3.70 -12.84
CAI GWD J . -19.71 4.02 -10.40
CAQ GWD J . -18.61 3.85 -9.54
CAF GWD J . -18.60 4.27 -8.23
CAS GWD J . -19.57 4.92 -7.46
CAU GWD J . -20.89 5.29 -7.72
CAK GWD J . -21.73 5.23 -8.82
CAN GWD J . -23.04 5.72 -8.74
IAE GWD J . -24.23 5.80 -10.46
CAG GWD J . -23.52 6.22 -7.54
CAJ GWD J . -22.68 6.27 -6.43
CAT GWD J . -21.37 5.82 -6.51
NAL GWD J . -20.41 5.77 -5.59
CAR GWD J . -19.33 5.24 -6.13
OAA GWD J . -18.27 4.99 -5.55
N GLU K . -15.17 11.46 24.67
CA GLU K . -15.23 12.83 24.14
C GLU K . -16.63 13.16 23.64
O GLU K . -16.99 14.32 23.48
CB GLU K . -14.13 12.97 23.07
CG GLU K . -14.43 13.48 21.68
CD GLU K . -13.12 13.90 21.01
OE1 GLU K . -12.42 14.76 21.60
OE2 GLU K . -12.79 13.39 19.92
PA NDP L . -14.12 10.89 34.19
O1A NDP L . -13.13 11.35 35.19
O2A NDP L . -14.41 9.31 34.27
O5B NDP L . -15.35 11.28 35.30
C5B NDP L . -15.17 10.73 36.62
C4B NDP L . -16.32 11.08 37.64
O4B NDP L . -17.60 10.51 37.21
C3B NDP L . -15.92 10.37 38.91
O3B NDP L . -15.91 11.28 40.04
C2B NDP L . -17.01 9.27 39.05
O2B NDP L . -17.06 8.79 40.39
C1B NDP L . -18.22 10.03 38.47
N9A NDP L . -19.40 9.16 38.18
C8A NDP L . -19.47 8.13 37.28
N7A NDP L . -20.64 7.58 37.29
C5A NDP L . -21.42 8.21 38.18
C6A NDP L . -22.77 8.07 38.62
N6A NDP L . -23.59 7.11 38.07
N1A NDP L . -23.23 8.90 39.58
C2A NDP L . -22.45 9.86 40.12
N3A NDP L . -21.17 10.02 39.74
C4A NDP L . -20.63 9.24 38.79
O3 NDP L . -15.29 11.70 33.47
PN NDP L . -14.95 11.62 31.99
O1N NDP L . -15.37 10.46 31.17
O2N NDP L . -14.61 13.00 31.18
O5D NDP L . -16.49 12.20 31.99
C5D NDP L . -17.07 11.97 30.71
C4D NDP L . -18.48 12.45 30.50
O4D NDP L . -18.37 13.87 30.14
C3D NDP L . -18.99 11.74 29.25
O3D NDP L . -20.29 11.18 29.49
C2D NDP L . -19.04 12.66 28.08
O2D NDP L . -20.33 12.66 27.47
C1D NDP L . -18.63 14.03 28.65
N1N NDP L . -17.46 14.56 27.85
C2N NDP L . -16.12 14.20 28.09
C3N NDP L . -15.07 14.68 27.30
C7N NDP L . -13.72 14.30 27.60
O7N NDP L . -13.49 13.57 28.53
N7N NDP L . -12.68 14.77 26.84
C4N NDP L . -15.34 15.60 26.14
C5N NDP L . -16.81 15.98 26.03
C6N NDP L . -17.75 15.48 26.83
P2B NDP L . -16.11 7.48 40.38
O1X NDP L . -14.74 7.79 39.89
O2X NDP L . -16.02 6.83 41.85
O3X NDP L . -16.78 6.40 39.41
PG GTP M . -5.99 27.48 33.43
O1G GTP M . -6.59 28.00 32.19
O2G GTP M . -6.86 26.25 33.91
O3G GTP M . -5.92 28.62 34.54
O3B GTP M . -4.55 26.90 33.17
PB GTP M . -3.41 27.95 32.71
O1B GTP M . -2.28 28.42 33.54
O2B GTP M . -3.06 27.93 31.14
O3A GTP M . -2.88 26.47 32.82
PA GTP M . -1.41 25.99 32.57
O1A GTP M . -0.79 26.49 31.32
O2A GTP M . -0.53 26.35 33.86
O5' GTP M . -1.93 24.45 32.63
C5' GTP M . -1.21 23.30 32.19
C4' GTP M . -2.27 22.28 32.64
O4' GTP M . -3.67 22.57 32.78
C3' GTP M . -2.29 20.74 32.24
O3' GTP M . -1.02 20.05 32.29
C2' GTP M . -3.39 20.31 33.32
O2' GTP M . -2.91 19.24 34.18
C1' GTP M . -3.49 21.76 33.94
N9 GTP M . -3.99 22.02 35.29
C8 GTP M . -3.65 23.20 35.91
N7 GTP M . -4.12 23.27 37.10
C5 GTP M . -4.80 22.15 37.35
C6 GTP M . -5.50 21.67 38.50
O6 GTP M . -5.56 22.35 39.52
N1 GTP M . -6.11 20.46 38.45
C2 GTP M . -6.04 19.70 37.30
N2 GTP M . -6.66 18.47 37.29
N3 GTP M . -5.38 20.11 36.21
C4 GTP M . -4.76 21.31 36.20
CAH GWD N . -0.82 -5.85 19.37
CAO GWD N . -1.76 -6.84 19.63
BRAC GWD N . -2.70 -7.66 18.20
CAM GWD N . -1.91 -7.32 20.92
OAB GWD N . -2.84 -8.29 21.17
CAP GWD N . -1.11 -6.84 21.95
BRAD GWD N . -1.28 -7.55 23.69
CAI GWD N . -0.16 -5.86 21.68
CAQ GWD N . -0.01 -5.36 20.38
CAF GWD N . 0.94 -4.42 20.03
CAS GWD N . 1.92 -3.74 20.78
CAU GWD N . 2.32 -3.85 22.09
CAK GWD N . 1.90 -4.59 23.20
CAN GWD N . 2.53 -4.45 24.42
IAE GWD N . 1.78 -5.45 26.11
CAG GWD N . 3.61 -3.58 24.55
CAJ GWD N . 4.04 -2.86 23.44
CAT GWD N . 3.40 -2.98 22.22
NAL GWD N . 3.64 -2.38 21.06
CAR GWD N . 2.76 -2.83 20.17
OAA GWD N . 2.74 -2.53 18.97
N GLU O . 18.73 -22.13 10.64
CA GLU O . 19.04 -23.24 9.73
C GLU O . 20.44 -23.12 9.12
O GLU O . 20.75 -23.79 8.14
CB GLU O . 17.97 -23.38 8.61
CG GLU O . 17.55 -22.12 7.81
CD GLU O . 16.16 -22.28 7.10
OE1 GLU O . 15.70 -21.30 6.42
OE2 GLU O . 15.54 -23.36 7.23
PA NDP P . 19.67 -26.86 19.34
O1A NDP P . 18.81 -27.80 20.05
O2A NDP P . 20.02 -25.56 20.20
O5B NDP P . 21.00 -27.68 19.92
C5B NDP P . 21.10 -27.96 21.30
C4B NDP P . 22.45 -28.69 21.53
O4B NDP P . 23.59 -27.78 21.16
C3B NDP P . 22.58 -28.96 23.03
O3B NDP P . 22.89 -30.34 23.24
C2B NDP P . 23.76 -28.03 23.38
O2B NDP P . 24.40 -28.32 24.62
C1B NDP P . 24.61 -28.17 22.13
N9A NDP P . 25.84 -27.29 22.20
C8A NDP P . 26.00 -25.94 22.01
N7A NDP P . 27.27 -25.59 22.18
C5A NDP P . 28.00 -26.67 22.47
C6A NDP P . 29.38 -26.94 22.74
N6A NDP P . 30.33 -25.96 22.74
N1A NDP P . 29.76 -28.20 23.01
C2A NDP P . 28.86 -29.21 23.02
N3A NDP P . 27.58 -29.00 22.78
C4A NDP P . 27.10 -27.77 22.51
O3 NDP P . 20.71 -27.18 18.19
PN NDP P . 20.26 -26.41 16.96
O1N NDP P . 20.74 -25.02 16.72
O2N NDP P . 19.65 -27.27 15.75
O5D NDP P . 21.72 -26.96 16.43
C5D NDP P . 22.14 -26.13 15.35
C4D NDP P . 23.42 -26.47 14.61
O4D NDP P . 22.92 -27.39 13.56
C3D NDP P . 23.80 -25.19 13.87
O3D NDP P . 25.19 -24.91 14.05
C2D NDP P . 23.45 -25.26 12.42
O2D NDP P . 24.55 -24.97 11.57
C1D NDP P . 22.89 -26.64 12.23
N1N NDP P . 21.56 -26.49 11.55
C2N NDP P . 20.36 -26.25 12.23
C3N NDP P . 19.14 -26.25 11.55
C7N NDP P . 17.91 -26.01 12.25
O7N NDP P . 17.93 -25.81 13.46
N7N NDP P . 16.72 -26.01 11.56
C4N NDP P . 19.07 -26.50 10.07
C5N NDP P . 20.43 -26.59 9.44
C6N NDP P . 21.56 -26.59 10.14
P2B NDP P . 23.64 -27.37 25.72
O1X NDP P . 22.19 -27.71 25.79
O2X NDP P . 24.31 -27.61 27.18
O3X NDP P . 23.80 -25.82 25.31
PG GTP Q . 10.18 -40.62 10.72
O1G GTP Q . 10.08 -41.43 11.96
O2G GTP Q . 11.56 -40.27 11.45
O3G GTP Q . 10.23 -39.03 10.54
O3B GTP Q . 8.71 -40.27 11.16
PB GTP Q . 7.36 -40.71 10.35
O1B GTP Q . 7.26 -39.96 9.10
O2B GTP Q . 7.27 -42.31 10.15
O3A GTP Q . 6.71 -40.04 11.58
PA GTP Q . 5.36 -39.84 12.32
O1A GTP Q . 4.30 -39.18 11.50
O2A GTP Q . 4.95 -41.23 13.01
O5' GTP Q . 6.43 -38.94 13.05
C5' GTP Q . 6.60 -38.21 14.20
C4' GTP Q . 7.92 -37.73 13.44
O4' GTP Q . 7.75 -36.77 14.49
C3' GTP Q . 9.38 -36.96 13.32
O3' GTP Q . 9.22 -35.81 12.46
C2' GTP Q . 9.96 -36.50 14.64
O2' GTP Q . 10.24 -35.10 14.70
C1' GTP Q . 8.91 -36.90 15.47
N9 GTP Q . 9.29 -38.13 16.28
C8 GTP Q . 8.96 -39.46 16.18
N7 GTP Q . 9.53 -40.15 17.13
C5 GTP Q . 10.25 -39.30 17.91
C6 GTP Q . 11.08 -39.44 19.10
O6 GTP Q . 11.26 -40.52 19.65
N1 GTP Q . 11.66 -38.29 19.61
C2 GTP Q . 11.45 -37.07 18.99
N2 GTP Q . 12.03 -35.94 19.48
N3 GTP Q . 10.70 -36.96 17.92
C4 GTP Q . 10.09 -38.02 17.36
CAH GWD R . 4.23 -5.79 18.69
CAO GWD R . 5.29 -5.06 19.20
BRAC GWD R . 5.88 -3.48 18.34
CAM GWD R . 5.83 -5.43 20.42
OAB GWD R . 6.89 -4.74 20.92
CAP GWD R . 5.31 -6.50 21.13
BRAD GWD R . 6.00 -6.89 22.85
CAI GWD R . 4.24 -7.21 20.62
CAQ GWD R . 3.69 -6.87 19.39
CAF GWD R . 2.60 -7.49 18.82
CAS GWD R . 1.83 -8.58 19.25
CAU GWD R . 1.81 -9.31 20.43
CAK GWD R . 2.60 -9.34 21.59
CAN GWD R . 2.31 -10.23 22.62
IAE GWD R . 3.54 -10.38 24.31
CAG GWD R . 1.21 -11.09 22.49
CAJ GWD R . 0.44 -11.08 21.34
CAT GWD R . 0.74 -10.19 20.31
NAL GWD R . 0.13 -10.00 19.13
CAR GWD R . 0.78 -9.04 18.48
OAA GWD R . 0.46 -8.56 17.39
N GLU S . 5.42 -10.18 -29.12
CA GLU S . 4.50 -11.27 -28.81
C GLU S . 3.12 -10.95 -29.40
O GLU S . 2.64 -11.66 -30.28
CB GLU S . 4.39 -11.45 -27.28
CG GLU S . 3.56 -12.62 -26.78
CD GLU S . 3.77 -12.88 -25.29
OE1 GLU S . 3.27 -12.10 -24.44
OE2 GLU S . 4.47 -13.86 -24.98
PA NDP T . 13.00 -10.53 -34.56
O1A NDP T . 14.17 -11.40 -34.41
O2A NDP T . 13.37 -8.99 -34.65
O5B NDP T . 13.09 -10.63 -36.20
C5B NDP T . 14.32 -10.25 -36.82
C4B NDP T . 14.13 -10.42 -38.33
O4B NDP T . 13.02 -9.59 -38.83
C3B NDP T . 15.39 -9.97 -39.02
O3B NDP T . 15.87 -11.05 -39.83
C2B NDP T . 14.88 -8.76 -39.83
O2B NDP T . 15.70 -8.41 -40.91
C1B NDP T . 13.46 -9.24 -40.18
N9A NDP T . 12.64 -8.16 -40.84
C8A NDP T . 12.08 -7.04 -40.26
N7A NDP T . 11.43 -6.32 -41.14
C5A NDP T . 11.51 -6.89 -42.36
C6A NDP T . 11.01 -6.57 -43.65
N6A NDP T . 10.26 -5.44 -43.86
N1A NDP T . 11.28 -7.40 -44.67
C2A NDP T . 12.02 -8.51 -44.50
N3A NDP T . 12.51 -8.84 -43.30
C4A NDP T . 12.28 -8.08 -42.21
O3 NDP T . 11.61 -10.96 -35.13
PN NDP T . 10.68 -10.98 -33.93
O1N NDP T . 9.90 -9.83 -33.47
O2N NDP T . 10.25 -12.46 -33.49
O5D NDP T . 9.62 -11.14 -35.18
C5D NDP T . 8.33 -10.72 -34.69
C4D NDP T . 7.14 -10.79 -35.62
O4D NDP T . 6.62 -12.16 -35.47
C3D NDP T . 6.10 -9.90 -34.95
O3D NDP T . 5.47 -9.03 -35.89
C2D NDP T . 5.10 -10.69 -34.20
O2D NDP T . 3.77 -10.33 -34.56
C1D NDP T . 5.48 -12.14 -34.52
N1N NDP T . 5.68 -12.89 -33.24
C2N NDP T . 6.81 -12.75 -32.40
C3N NDP T . 6.87 -13.37 -31.14
C7N NDP T . 8.02 -13.25 -30.27
O7N NDP T . 8.99 -12.60 -30.59
N7N NDP T . 8.03 -13.87 -29.05
C4N NDP T . 5.71 -14.20 -30.65
C5N NDP T . 4.63 -14.40 -31.71
C6N NDP T . 4.66 -13.78 -32.88
P2B NDP T . 16.59 -7.13 -40.44
O1X NDP T . 17.40 -7.44 -39.23
O2X NDP T . 17.55 -6.72 -41.67
O3X NDP T . 15.65 -5.88 -40.09
PG GTP U . 13.81 -29.03 -29.35
O1G GTP U . 14.80 -28.30 -30.19
O2G GTP U . 12.86 -29.97 -30.27
O3G GTP U . 12.96 -27.90 -28.57
O3B GTP U . 14.63 -30.04 -28.34
PB GTP U . 15.47 -29.06 -27.47
O1B GTP U . 16.06 -28.00 -28.34
O2B GTP U . 14.41 -28.41 -26.43
O3A GTP U . 16.57 -29.74 -26.48
PA GTP U . 17.11 -28.32 -26.05
O1A GTP U . 16.95 -28.96 -24.65
O2A GTP U . 18.38 -28.64 -26.94
O5' GTP U . 18.06 -27.38 -25.23
C5' GTP U . 17.22 -26.41 -25.85
C4' GTP U . 17.23 -24.92 -25.75
O4' GTP U . 18.46 -24.42 -26.41
C3' GTP U . 16.02 -24.57 -26.63
O3' GTP U . 15.05 -23.78 -25.93
C2' GTP U . 16.55 -23.89 -27.87
O2' GTP U . 15.96 -22.60 -28.06
C1' GTP U . 18.07 -23.80 -27.73
N9 GTP U . 18.75 -24.41 -28.90
C8 GTP U . 19.16 -25.72 -29.06
N7 GTP U . 19.76 -25.89 -30.22
C5 GTP U . 19.77 -24.71 -30.89
C6 GTP U . 20.26 -24.26 -32.17
O6 GTP U . 20.83 -25.03 -32.95
N1 GTP U . 20.07 -22.94 -32.52
C2 GTP U . 19.43 -22.08 -31.66
N2 GTP U . 19.24 -20.77 -32.00
N3 GTP U . 18.97 -22.47 -30.47
C4 GTP U . 19.12 -23.74 -30.05
CAH GWD V . 14.53 4.59 -13.50
CAO GWD V . 14.39 5.69 -14.33
BRAC GWD V . 12.97 6.93 -14.06
CAM GWD V . 15.37 5.96 -15.28
OAB GWD V . 15.24 7.02 -16.12
CAP GWD V . 16.51 5.14 -15.36
BRAD GWD V . 17.89 5.58 -16.58
CAI GWD V . 16.64 4.05 -14.52
CAQ GWD V . 15.65 3.76 -13.59
CAF GWD V . 15.72 2.72 -12.66
CAS GWD V . 16.69 1.75 -12.46
CAU GWD V . 17.96 1.54 -13.01
CAK GWD V . 18.70 2.14 -14.02
CAN GWD V . 19.98 1.67 -14.33
IAE GWD V . 21.04 2.44 -15.97
CAG GWD V . 20.51 0.60 -13.61
CAJ GWD V . 19.77 0.00 -12.61
CAT GWD V . 18.49 0.47 -12.30
NAL GWD V . 17.62 0.04 -11.39
CAR GWD V . 16.54 0.80 -11.46
OAA GWD V . 15.57 0.72 -10.71
N GLU W . -24.23 -20.61 2.80
CA GLU W . -23.22 -21.62 2.53
C GLU W . -22.57 -22.06 3.84
O GLU W . -22.94 -23.08 4.40
CB GLU W . -22.15 -21.06 1.60
CG GLU W . -20.91 -21.89 1.48
CD GLU W . -19.67 -21.03 1.25
OE1 GLU W . -19.43 -20.09 2.06
OE2 GLU W . -18.95 -21.30 0.28
PA NDP X . -32.41 -20.88 -2.48
O1A NDP X . -32.73 -21.23 -3.85
O2A NDP X . -33.12 -19.53 -1.94
O5B NDP X . -33.75 -21.79 -1.98
C5B NDP X . -35.03 -21.43 -2.55
C4B NDP X . -36.23 -22.30 -2.03
O4B NDP X . -36.36 -22.28 -0.55
C3B NDP X . -37.49 -21.68 -2.62
O3B NDP X . -38.19 -22.57 -3.48
C2B NDP X . -38.27 -21.24 -1.34
O2B NDP X . -39.65 -21.14 -1.55
C1B NDP X . -37.82 -22.27 -0.27
N9A NDP X . -38.13 -21.78 1.14
C8A NDP X . -37.46 -20.78 1.81
N7A NDP X . -37.94 -20.56 3.00
C5A NDP X . -38.96 -21.39 3.23
C6A NDP X . -39.85 -21.61 4.33
N6A NDP X . -39.75 -20.85 5.49
N1A NDP X . -40.79 -22.56 4.21
C2A NDP X . -40.91 -23.31 3.09
N3A NDP X . -40.11 -23.15 2.04
C4A NDP X . -39.12 -22.21 2.04
O3 NDP X . -31.92 -21.84 -1.32
PN NDP X . -30.49 -21.40 -0.97
O1N NDP X . -30.20 -20.30 -0.02
O2N NDP X . -29.27 -22.46 -1.25
O5D NDP X . -30.87 -22.40 0.27
C5D NDP X . -30.00 -22.12 1.37
C4D NDP X . -30.14 -22.96 2.63
O4D NDP X . -29.28 -24.13 2.31
C3D NDP X . -29.39 -22.19 3.72
O3D NDP X . -30.17 -22.11 4.92
C2D NDP X . -28.07 -22.81 4.01
O2D NDP X . -27.86 -23.09 5.38
C1D NDP X . -28.08 -24.07 3.16
N1N NDP X . -26.78 -24.14 2.47
C2N NDP X . -26.51 -23.53 1.24
C3N NDP X . -25.30 -23.75 0.60
C7N NDP X . -25.02 -23.14 -0.68
O7N NDP X . -25.84 -22.42 -1.21
N7N NDP X . -23.85 -23.36 -1.31
C4N NDP X . -24.25 -24.64 1.22
C5N NDP X . -24.62 -25.12 2.62
C6N NDP X . -25.79 -24.87 3.15
P2B NDP X . -39.94 -19.59 -1.94
O1X NDP X . -39.17 -19.23 -3.16
O2X NDP X . -41.53 -19.41 -2.21
O3X NDP X . -39.48 -18.63 -0.71
PG GTP Y . -23.64 -33.75 -12.77
O1G GTP Y . -22.47 -34.01 -11.93
O2G GTP Y . -24.63 -32.73 -12.01
O3G GTP Y . -24.42 -35.10 -13.11
O3B GTP Y . -23.18 -33.05 -14.11
PB GTP Y . -22.16 -33.83 -15.12
O1B GTP Y . -22.55 -34.45 -16.43
O2B GTP Y . -20.65 -33.29 -15.13
O3A GTP Y . -22.66 -32.46 -15.63
PA GTP Y . -22.52 -31.74 -17.02
O1A GTP Y . -21.11 -31.57 -17.42
O2A GTP Y . -23.44 -32.46 -18.12
O5' GTP Y . -23.24 -30.63 -16.23
C5' GTP Y . -23.82 -29.43 -16.52
C4' GTP Y . -23.95 -29.45 -14.95
O4' GTP Y . -24.23 -28.06 -15.33
C3' GTP Y . -24.47 -28.90 -13.50
O3' GTP Y . -23.34 -28.41 -12.75
C2' GTP Y . -25.55 -27.84 -13.55
O2' GTP Y . -25.26 -26.63 -12.87
C1' GTP Y . -25.66 -27.72 -14.93
N9 GTP Y . -26.89 -28.51 -15.40
C8 GTP Y . -27.03 -29.41 -16.43
N7 GTP Y . -28.26 -29.86 -16.48
C5 GTP Y . -29.00 -29.29 -15.51
C6 GTP Y . -30.39 -29.40 -15.10
O6 GTP Y . -31.16 -30.14 -15.69
N1 GTP Y . -30.82 -28.64 -14.03
C2 GTP Y . -29.94 -27.80 -13.37
N2 GTP Y . -30.42 -27.08 -12.32
N3 GTP Y . -28.66 -27.70 -13.73
C4 GTP Y . -28.16 -28.42 -14.78
CAH GWD Z . -19.61 1.57 -5.32
CAO GWD Z . -20.59 2.15 -4.52
BRAC GWD Z . -20.09 3.05 -2.92
CAM GWD Z . -21.89 2.20 -4.97
OAB GWD Z . -22.87 2.73 -4.17
CAP GWD Z . -22.21 1.71 -6.22
BRAD GWD Z . -24.00 1.87 -6.86
CAI GWD Z . -21.25 1.12 -7.02
CAQ GWD Z . -19.93 1.06 -6.57
CAF GWD Z . -18.88 0.55 -7.33
CAS GWD Z . -18.86 -0.01 -8.61
CAU GWD Z . -19.82 -0.16 -9.60
CAK GWD Z . -21.18 0.11 -9.68
CAN GWD Z . -21.89 -0.17 -10.85
IAE GWD Z . -23.96 0.15 -10.93
CAG GWD Z . -21.23 -0.69 -11.95
CAJ GWD Z . -19.86 -0.97 -11.87
CAT GWD Z . -19.17 -0.71 -10.70
NAL GWD Z . -17.88 -0.87 -10.41
CAR GWD Z . -17.66 -0.46 -9.16
OAA GWD Z . -16.57 -0.42 -8.59
N GLU AA . 24.66 16.60 8.22
CA GLU AA . 24.40 17.71 9.11
C GLU AA . 24.54 17.24 10.57
O GLU AA . 24.53 18.04 11.50
CB GLU AA . 23.01 18.31 8.86
CG GLU AA . 21.82 17.35 9.03
CD GLU AA . 20.45 17.93 8.60
OE1 GLU AA . 19.48 17.15 8.55
OE2 GLU AA . 20.33 19.14 8.31
PA NDP BA . 32.48 20.46 3.31
O1A NDP BA . 32.57 21.59 2.37
O2A NDP BA . 33.09 19.10 2.69
O5B NDP BA . 33.97 20.90 3.90
C5B NDP BA . 35.04 20.97 2.96
C4B NDP BA . 36.32 21.37 3.71
O4B NDP BA . 36.66 20.45 4.81
C3B NDP BA . 37.44 21.33 2.70
O3B NDP BA . 38.07 22.61 2.58
C2B NDP BA . 38.36 20.23 3.29
O2B NDP BA . 39.70 20.36 2.83
C1B NDP BA . 38.11 20.45 4.80
N9A NDP BA . 38.71 19.34 5.58
C8A NDP BA . 38.27 18.04 5.65
N7A NDP BA . 39.05 17.34 6.42
C5A NDP BA . 40.02 18.14 6.91
C6A NDP BA . 41.12 17.95 7.77
N6A NDP BA . 41.38 16.73 8.31
N1A NDP BA . 41.92 18.99 8.05
C2A NDP BA . 41.68 20.22 7.51
N3A NDP BA . 40.65 20.42 6.70
C4A NDP BA . 39.81 19.43 6.36
O3 NDP BA . 32.45 20.56 4.87
PN NDP BA . 31.12 19.93 5.29
O1N NDP BA . 31.02 18.49 5.60
O2N NDP BA . 29.99 20.95 5.84
O5D NDP BA . 31.81 20.15 6.79
C5D NDP BA . 31.14 19.28 7.68
C4D NDP BA . 31.51 19.25 9.15
O4D NDP BA . 30.75 20.32 9.81
C3D NDP BA . 30.90 17.95 9.63
O3D NDP BA . 31.90 17.18 10.27
C2D NDP BA . 29.75 18.17 10.52
O2D NDP BA . 29.88 17.50 11.76
C1D NDP BA . 29.66 19.68 10.64
N1N NDP BA . 28.28 20.07 10.27
C2N NDP BA . 27.85 20.15 8.93
C3N NDP BA . 26.56 20.55 8.61
C7N NDP BA . 26.11 20.64 7.23
O7N NDP BA . 26.87 20.37 6.33
N7N NDP BA . 24.86 21.03 6.92
C4N NDP BA . 25.56 20.90 9.70
C5N NDP BA . 26.14 20.76 11.09
C6N NDP BA . 27.39 20.38 11.32
P2B NDP BA . 39.86 19.30 1.61
O1X NDP BA . 38.85 19.54 0.56
O2X NDP BA . 41.37 19.42 0.99
O3X NDP BA . 39.68 17.78 2.18
PG GTP CA . 23.36 36.80 3.64
O1G GTP CA . 22.33 36.79 4.67
O2G GTP CA . 24.57 35.86 4.06
O3G GTP CA . 23.93 38.30 3.43
O3B GTP CA . 22.84 36.29 2.28
PB GTP CA . 21.57 37.12 1.68
O1B GTP CA . 20.36 36.90 2.47
O2B GTP CA . 21.88 38.70 1.49
O3A GTP CA . 21.50 36.31 0.38
PA GTP CA . 20.48 36.61 -0.74
O1A GTP CA . 20.96 37.15 -2.04
O2A GTP CA . 19.16 35.71 -0.95
O5' GTP CA . 21.40 35.29 -0.82
C5' GTP CA . 21.16 34.19 -1.67
C4' GTP CA . 22.43 33.38 -1.35
O4' GTP CA . 23.23 33.44 -0.19
C3' GTP CA . 22.58 31.87 -1.76
O3' GTP CA . 22.11 31.52 -3.07
C2' GTP CA . 24.14 31.74 -1.53
O2' GTP CA . 24.78 31.27 -2.73
C1' GTP CA . 24.30 33.25 -1.15
N9 GTP CA . 25.61 33.93 -1.05
C8 GTP CA . 25.71 35.28 -0.90
N7 GTP CA . 26.94 35.66 -0.88
C5 GTP CA . 27.73 34.59 -1.03
C6 GTP CA . 29.14 34.40 -1.09
O6 GTP CA . 29.91 35.37 -1.00
N1 GTP CA . 29.61 33.13 -1.25
C2 GTP CA . 28.73 32.05 -1.34
N2 GTP CA . 29.21 30.79 -1.50
N3 GTP CA . 27.42 32.22 -1.29
C4 GTP CA . 26.88 33.44 -1.14
CAH GWD DA . 17.88 2.70 -9.07
CAO GWD DA . 18.89 1.77 -8.81
BRAC GWD DA . 18.49 0.15 -7.91
CAM GWD DA . 20.15 1.96 -9.36
OAB GWD DA . 21.14 1.06 -9.11
CAP GWD DA . 20.39 3.06 -10.19
BRAD GWD DA . 22.08 3.24 -11.01
CAI GWD DA . 19.38 3.99 -10.43
CAQ GWD DA . 18.12 3.82 -9.89
CAF GWD DA . 17.04 4.65 -10.13
CAS GWD DA . 16.94 5.79 -10.91
CAU GWD DA . 17.82 6.46 -11.75
CAK GWD DA . 19.16 6.29 -12.11
CAN GWD DA . 19.76 7.14 -13.02
IAE GWD DA . 21.80 6.97 -13.47
CAG GWD DA . 19.03 8.19 -13.57
CAJ GWD DA . 17.70 8.37 -13.21
CAT GWD DA . 17.09 7.50 -12.30
NAL GWD DA . 15.85 7.49 -11.83
CAR GWD DA . 15.72 6.47 -11.00
OAA GWD DA . 14.69 6.12 -10.43
#